data_7S0C
#
_entry.id   7S0C
#
_cell.length_a   1.00
_cell.length_b   1.00
_cell.length_c   1.00
_cell.angle_alpha   90.00
_cell.angle_beta   90.00
_cell.angle_gamma   90.00
#
_symmetry.space_group_name_H-M   'P 1'
#
loop_
_entity.id
_entity.type
_entity.pdbx_description
1 polymer 'Spike glycoprotein'
2 polymer 'N-612-017 Fab Heavy Chain'
3 polymer 'N-612-017 Light Chain'
4 branched 2-acetamido-2-deoxy-beta-D-glucopyranose-(1-4)-2-acetamido-2-deoxy-beta-D-glucopyranose
5 non-polymer 2-acetamido-2-deoxy-beta-D-glucopyranose
#
loop_
_entity_poly.entity_id
_entity_poly.type
_entity_poly.pdbx_seq_one_letter_code
_entity_poly.pdbx_strand_id
1 'polypeptide(L)'
;MFVFLVLLPLVSSQCVNLTTRTQLPPAYTNSFTRGVYYPDKVFRSSVLHSTQDLFLPFFSNVTWFHAIHVSGTNGTKRFD
NPVLPFNDGVYFASTEKSNIIRGWIFGTTLDSKTQSLLIVNNATNVVIKVCEFQFCNDPFLGVYYHKNNKSWMESEFRVY
SSANNCTFEYVSQPFLMDLEGKQGNFKNLREFVFKNIDGYFKIYSKHTPINLVRDLPQGFSALEPLVDLPIGINITRFQT
LLALHRSYLTPGDSSSGWTAGAAAYYVGYLQPRTFLLKYNENGTITDAVDCALDPLSETKCTLKSFTVEKGIYQTSNFRV
QPTESIVRFPNITNLCPFGEVFNATRFASVYAWNRKRISNCVADYSVLYNSASFSTFKCYGVSPTKLNDLCFTNVYADSF
VIRGDEVRQIAPGQTGKIADYNYKLPDDFTGCVIAWNSNNLDSKVGGNYNYLYRLFRKSNLKPFERDISTEIYQAGSTPC
NGVEGFNCYFPLQSYGFQPTNGVGYQPYRVVVLSFELLHAPATVCGPKKSTNLVKNKCVNFNFNGLTGTGVLTESNKKFL
PFQQFGRDIADTTDAVRDPQTLEILDITPCSFGGVSVITPGTNTSNQVAVLYQDVNCTEVPVAIHADQLTPTWRVYSTGS
NVFQTRAGCLIGAEHVNNSYECDIPIGAGICASYQTQTNSPASVASQSIIAYTMSLGAENSVAYSNNSIAIPTNFTISVT
TEILPVSMTKTSVDCTMYICGDSTECSNLLLQYGSFCTQLNRALTGIAVEQDKNTQEVFAQVKQIYKTPPIKDFGGFNFS
QILPDPSKPSKRSPIEDLLFNKVTLADAGFIKQYGDCLGDIAARDLICAQKFNGLTVLPPLLTDEMIAQYTSALLAGTIT
SGWTFGAGPALQIPFPMQMAYRFNGIGVTQNVLYENQKLIANQFNSAIGKIQDSLSSTPSALGKLQDVVNQNAQALNTLV
KQLSSNFGAISSVLNDILSRLDPPEAEVQIDRLITGRLQSLQTYVTQQLIRAAEIRASANLAATKMSECVLGQSKRVDFC
GKGYHLMSFPQSAPHGVVFLHVTYVPAQEKNFTTAPAICHDGKAHFPREGVFVSNGTHWFVTQRNFYEPQIITTDNTFVS
GNCDVVIGIVNNTVYDPLQPELDSFKEELDKYFKNHTSPDVDLGDISGINASVVNIQKEIDRLNEVAKNLNESLIDLQEL
GKYEQYIKWPSGRLVPRGSPGSGYIPEAPRDGQAYVRKDGEWVLLSTFLGHHHHHHGLNDIFEAQKIEWHE
;
B,A,C
2 'polypeptide(L)'
;EVQLVESGGGLVQPGGSLRLSCAASGFTFSSYAMHWVRQAPGKGLEWVSAIWGSGSNTYYADSVKGRFTISRDNSKNTLY
LQMNSLRAEDTAVYYCARGRDLAAFTKTAFDVWGQGTLVTVSSASTKGPSVFPLAPSSKSTSGGTAALGCLVKDYFPEPV
TVSWNSGALTSGVHTFPAVLQSSGLYSLSSVVTVPSSSLGTQTYICNVNHKPSNTKVDKRVEPKSCDKTH
;
H,M
3 'polypeptide(L)'
;DIQMTQSPSSLSASVGDRVTITCQASQDISNYLNWYQQKPGKAPKLLIYDASNLETGVPSRFSGSGSGTDFTFTISSLQP
EDIATYYCQQHDALPWTFGQGTKVEIKRTVAAPSVFIFPPSDEQLKSGTASVVCLLNNFYPREAKVQWKVDNALQSGNSQ
ESVTEQDSKDSTYSLSSTLTLSKADYEKHKVYACEVTHQGLSSPVTKSFNRGEC
;
L,N
#
loop_
_chem_comp.id
_chem_comp.type
_chem_comp.name
_chem_comp.formula
NAG D-saccharide, beta linking 2-acetamido-2-deoxy-beta-D-glucopyranose 'C8 H15 N O6'
#
# COMPACT_ATOMS: atom_id res chain seq x y z
N ALA A 27 44.19 13.54 -26.92
CA ALA A 27 45.01 12.64 -26.13
C ALA A 27 44.23 12.11 -24.93
N TYR A 28 44.54 10.87 -24.53
CA TYR A 28 43.87 10.23 -23.41
C TYR A 28 44.90 9.55 -22.53
N THR A 29 44.57 9.42 -21.25
CA THR A 29 45.39 8.68 -20.30
C THR A 29 44.45 7.81 -19.47
N ASN A 30 45.02 6.83 -18.77
CA ASN A 30 44.24 5.94 -17.93
C ASN A 30 44.26 6.47 -16.51
N SER A 31 43.07 6.71 -15.97
CA SER A 31 42.67 7.25 -14.67
C SER A 31 42.92 6.33 -13.52
N PHE A 32 43.67 5.27 -13.79
CA PHE A 32 43.95 4.16 -12.88
C PHE A 32 43.02 4.12 -11.67
N THR A 33 43.56 4.34 -10.47
CA THR A 33 42.77 4.28 -9.25
C THR A 33 42.74 5.65 -8.54
N ARG A 34 43.04 6.72 -9.26
CA ARG A 34 43.03 8.04 -8.66
C ARG A 34 41.61 8.62 -8.64
N GLY A 35 41.41 9.62 -7.79
CA GLY A 35 40.16 10.33 -7.72
C GLY A 35 39.20 9.93 -6.60
N VAL A 36 39.69 9.38 -5.50
CA VAL A 36 38.85 9.01 -4.36
C VAL A 36 38.92 10.12 -3.32
N TYR A 37 37.76 10.54 -2.82
CA TYR A 37 37.67 11.59 -1.81
C TYR A 37 36.74 11.15 -0.69
N TYR A 38 36.83 11.84 0.44
CA TYR A 38 35.97 11.52 1.58
C TYR A 38 34.54 11.94 1.26
N PRO A 39 33.60 10.99 1.19
CA PRO A 39 32.25 11.34 0.74
C PRO A 39 31.39 12.11 1.74
N ASP A 40 31.67 12.06 3.04
CA ASP A 40 30.66 12.52 3.98
C ASP A 40 31.15 13.34 5.17
N LYS A 41 32.45 13.57 5.32
CA LYS A 41 33.00 14.35 6.43
C LYS A 41 32.74 13.70 7.78
N VAL A 42 32.44 12.41 7.81
CA VAL A 42 32.21 11.66 9.04
C VAL A 42 33.42 10.76 9.27
N PHE A 43 33.96 10.79 10.48
CA PHE A 43 35.13 9.98 10.78
C PHE A 43 34.71 8.52 10.98
N ARG A 44 35.44 7.62 10.34
CA ARG A 44 35.26 6.18 10.50
C ARG A 44 36.64 5.55 10.54
N SER A 45 36.75 4.40 11.21
CA SER A 45 38.06 3.80 11.31
C SER A 45 37.98 2.28 11.33
N SER A 46 39.01 1.65 10.77
CA SER A 46 39.11 0.20 10.63
C SER A 46 37.80 -0.42 10.17
N VAL A 47 37.22 0.14 9.11
CA VAL A 47 35.90 -0.29 8.65
C VAL A 47 35.82 -0.19 7.14
N LEU A 48 35.04 -1.08 6.55
CA LEU A 48 34.77 -1.06 5.13
C LEU A 48 33.38 -0.47 5.00
N HIS A 49 33.29 0.72 4.40
CA HIS A 49 32.02 1.42 4.27
C HIS A 49 31.63 1.50 2.81
N SER A 50 30.41 1.08 2.49
CA SER A 50 29.88 1.15 1.14
C SER A 50 29.05 2.41 1.02
N THR A 51 29.41 3.28 0.08
CA THR A 51 28.72 4.53 -0.08
C THR A 51 28.55 4.85 -1.55
N GLN A 52 27.47 5.54 -1.87
CA GLN A 52 27.16 5.92 -3.24
C GLN A 52 27.23 7.43 -3.31
N ASP A 53 28.10 7.94 -4.17
CA ASP A 53 28.22 9.36 -4.42
C ASP A 53 28.94 9.53 -5.75
N LEU A 54 29.21 10.77 -6.14
CA LEU A 54 29.83 11.05 -7.42
C LEU A 54 31.34 10.88 -7.29
N PHE A 55 31.86 9.76 -7.78
CA PHE A 55 33.27 9.46 -7.78
C PHE A 55 33.78 9.33 -9.20
N LEU A 56 35.09 9.47 -9.34
CA LEU A 56 35.73 9.28 -10.64
C LEU A 56 35.85 7.78 -10.92
N PRO A 57 35.24 7.27 -11.97
CA PRO A 57 35.29 5.82 -12.24
C PRO A 57 36.73 5.35 -12.43
N PHE A 58 37.02 4.18 -11.88
CA PHE A 58 38.35 3.62 -12.01
C PHE A 58 38.64 3.22 -13.45
N PHE A 59 39.88 3.42 -13.87
CA PHE A 59 40.34 3.09 -15.22
C PHE A 59 39.55 3.83 -16.30
N SER A 60 39.00 5.00 -15.95
CA SER A 60 38.34 5.84 -16.95
C SER A 60 39.38 6.49 -17.86
N ASN A 61 38.89 7.08 -18.96
CA ASN A 61 39.74 7.86 -19.86
C ASN A 61 39.77 9.29 -19.37
N VAL A 62 40.96 9.75 -18.97
CA VAL A 62 41.15 11.10 -18.45
C VAL A 62 41.87 11.91 -19.52
N THR A 63 41.25 13.00 -19.96
CA THR A 63 41.82 13.78 -21.05
C THR A 63 43.11 14.45 -20.59
N TRP A 64 44.17 14.31 -21.39
CA TRP A 64 45.47 14.89 -21.07
C TRP A 64 45.73 16.07 -22.00
N PHE A 65 45.85 17.25 -21.41
CA PHE A 65 46.13 18.47 -22.16
C PHE A 65 47.53 18.98 -21.83
N HIS A 66 48.12 19.69 -22.80
CA HIS A 66 49.45 20.24 -22.65
C HIS A 66 49.42 21.76 -22.78
N PHE A 79 51.36 25.44 -25.43
CA PHE A 79 50.27 24.93 -24.61
C PHE A 79 48.97 25.68 -24.87
N ASP A 80 47.85 24.99 -24.67
CA ASP A 80 46.52 25.56 -24.85
C ASP A 80 45.67 25.24 -23.63
N ASN A 81 44.48 25.83 -23.60
CA ASN A 81 43.54 25.63 -22.49
C ASN A 81 42.12 25.79 -23.01
N PRO A 82 41.57 24.73 -23.60
CA PRO A 82 40.20 24.81 -24.13
C PRO A 82 39.17 24.90 -23.01
N VAL A 83 37.95 25.24 -23.41
CA VAL A 83 36.82 25.30 -22.50
C VAL A 83 36.23 23.90 -22.36
N LEU A 84 36.10 23.43 -21.13
CA LEU A 84 35.60 22.08 -20.97
C LEU A 84 34.26 22.07 -20.28
N PRO A 85 33.40 21.10 -20.60
CA PRO A 85 32.15 20.95 -19.85
C PRO A 85 32.42 20.62 -18.40
N PHE A 86 31.52 21.09 -17.52
CA PHE A 86 31.59 20.79 -16.10
C PHE A 86 30.70 19.62 -15.70
N ASN A 87 29.60 19.41 -16.43
CA ASN A 87 28.57 18.43 -16.12
C ASN A 87 28.22 18.35 -14.64
N ASP A 88 28.56 17.25 -13.98
CA ASP A 88 28.19 17.05 -12.59
C ASP A 88 29.38 17.08 -11.63
N GLY A 89 30.54 17.50 -12.08
CA GLY A 89 31.72 17.54 -11.24
C GLY A 89 32.92 17.17 -12.09
N VAL A 90 34.07 17.76 -11.77
CA VAL A 90 35.28 17.57 -12.56
C VAL A 90 36.42 17.18 -11.64
N TYR A 91 37.19 16.19 -12.07
CA TYR A 91 38.46 15.82 -11.47
C TYR A 91 39.57 16.50 -12.25
N PHE A 92 40.48 17.15 -11.54
CA PHE A 92 41.57 17.90 -12.14
C PHE A 92 42.87 17.45 -11.51
N ALA A 93 43.91 17.30 -12.32
CA ALA A 93 45.20 16.91 -11.75
C ALA A 93 46.31 17.57 -12.55
N SER A 94 47.41 17.87 -11.87
CA SER A 94 48.56 18.41 -12.57
C SER A 94 49.86 18.03 -11.89
N THR A 95 50.91 17.92 -12.68
CA THR A 95 52.25 17.65 -12.18
C THR A 95 53.21 18.77 -12.51
N ASN A 99 54.15 26.12 -10.70
CA ASN A 99 52.88 26.75 -10.36
C ASN A 99 52.33 27.54 -11.54
N ILE A 100 52.28 26.88 -12.70
CA ILE A 100 51.78 27.54 -13.91
C ILE A 100 50.27 27.74 -13.82
N ILE A 101 49.54 26.76 -13.29
CA ILE A 101 48.10 26.90 -13.10
C ILE A 101 47.85 27.64 -11.80
N ARG A 102 47.11 28.75 -11.89
CA ARG A 102 46.86 29.60 -10.75
C ARG A 102 45.39 29.77 -10.42
N GLY A 103 44.49 29.23 -11.24
CA GLY A 103 43.08 29.38 -10.93
C GLY A 103 42.19 28.63 -11.89
N TRP A 104 40.90 28.78 -11.64
CA TRP A 104 39.84 28.16 -12.41
C TRP A 104 38.67 29.14 -12.54
N ILE A 105 37.91 28.96 -13.62
CA ILE A 105 36.70 29.72 -13.89
C ILE A 105 35.58 28.73 -14.14
N PHE A 106 34.45 28.93 -13.48
CA PHE A 106 33.28 28.08 -13.60
C PHE A 106 32.08 28.94 -13.94
N GLY A 107 31.23 28.49 -14.85
CA GLY A 107 30.03 29.25 -15.13
C GLY A 107 29.20 28.61 -16.23
N THR A 108 28.19 29.36 -16.67
CA THR A 108 27.34 28.94 -17.77
C THR A 108 27.78 29.60 -19.08
N THR A 109 27.57 30.92 -19.18
CA THR A 109 27.72 31.64 -20.44
C THR A 109 28.91 32.58 -20.45
N LEU A 110 29.39 33.00 -19.27
CA LEU A 110 30.53 33.91 -19.14
C LEU A 110 30.30 35.18 -19.94
N ASP A 111 31.37 35.95 -20.18
CA ASP A 111 31.29 37.21 -20.91
C ASP A 111 30.27 38.17 -20.31
N SER A 112 30.10 38.12 -18.99
CA SER A 112 29.21 38.96 -18.19
C SER A 112 27.74 38.68 -18.42
N LYS A 113 27.37 37.73 -19.28
CA LYS A 113 25.95 37.46 -19.43
C LYS A 113 25.38 36.67 -18.25
N THR A 114 26.23 35.93 -17.54
CA THR A 114 25.83 35.20 -16.35
C THR A 114 26.95 35.32 -15.33
N GLN A 115 26.63 35.04 -14.07
CA GLN A 115 27.62 35.08 -13.00
C GLN A 115 28.51 33.85 -13.04
N SER A 116 29.80 34.04 -12.83
CA SER A 116 30.79 32.98 -12.98
C SER A 116 31.75 33.00 -11.80
N LEU A 117 31.93 31.85 -11.16
CA LEU A 117 32.88 31.69 -10.07
C LEU A 117 34.32 31.72 -10.60
N LEU A 118 35.17 32.50 -9.96
CA LEU A 118 36.60 32.55 -10.28
C LEU A 118 37.41 32.33 -9.01
N ILE A 119 38.30 31.34 -9.04
CA ILE A 119 39.21 31.05 -7.92
C ILE A 119 40.64 31.17 -8.42
N VAL A 120 41.41 32.06 -7.78
CA VAL A 120 42.80 32.34 -8.17
C VAL A 120 43.71 32.39 -6.95
N ASN A 121 44.43 31.29 -6.72
CA ASN A 121 45.37 31.16 -5.61
C ASN A 121 46.67 31.94 -5.83
N ASN A 122 46.57 33.23 -6.10
CA ASN A 122 47.75 34.06 -6.32
C ASN A 122 48.23 34.75 -5.05
N ALA A 123 49.52 35.13 -5.09
CA ALA A 123 50.20 35.92 -4.06
C ALA A 123 49.90 35.45 -2.64
N THR A 124 50.03 34.14 -2.41
CA THR A 124 49.86 33.56 -1.08
C THR A 124 48.47 33.77 -0.48
N ASN A 125 47.57 34.45 -1.18
CA ASN A 125 46.19 34.63 -0.71
C ASN A 125 45.25 34.20 -1.83
N VAL A 126 44.66 33.01 -1.69
CA VAL A 126 43.73 32.55 -2.73
C VAL A 126 42.42 33.30 -2.59
N VAL A 127 41.93 33.84 -3.70
CA VAL A 127 40.72 34.65 -3.67
C VAL A 127 39.67 33.98 -4.54
N ILE A 128 38.45 33.92 -4.01
CA ILE A 128 37.31 33.34 -4.68
C ILE A 128 36.28 34.46 -4.81
N LYS A 129 35.83 34.70 -6.03
CA LYS A 129 34.87 35.78 -6.28
C LYS A 129 33.83 35.29 -7.28
N VAL A 130 32.61 35.84 -7.20
CA VAL A 130 31.58 35.40 -8.14
C VAL A 130 30.93 36.59 -8.87
N CYS A 131 31.69 37.63 -9.16
CA CYS A 131 31.09 38.76 -9.85
C CYS A 131 30.69 38.36 -11.29
N GLU A 132 29.93 39.24 -11.91
CA GLU A 132 29.46 39.11 -13.29
C GLU A 132 30.59 39.41 -14.27
N PHE A 133 31.56 38.49 -14.31
CA PHE A 133 32.78 38.68 -15.09
C PHE A 133 32.55 38.61 -16.59
N GLN A 134 33.29 39.45 -17.32
CA GLN A 134 33.41 39.36 -18.76
C GLN A 134 34.71 38.61 -19.02
N PHE A 135 34.60 37.38 -19.49
CA PHE A 135 35.78 36.55 -19.70
C PHE A 135 36.39 36.79 -21.06
N CYS A 136 37.71 36.68 -21.13
CA CYS A 136 38.44 36.85 -22.37
C CYS A 136 38.25 35.65 -23.28
N ASN A 137 38.66 35.82 -24.54
CA ASN A 137 38.70 34.69 -25.47
C ASN A 137 39.68 33.64 -24.97
N ASP A 138 40.79 34.09 -24.38
CA ASP A 138 41.78 33.19 -23.76
C ASP A 138 42.23 33.87 -22.48
N PRO A 139 41.43 33.80 -21.42
CA PRO A 139 41.80 34.45 -20.16
C PRO A 139 43.10 33.92 -19.59
N PHE A 140 43.88 34.83 -19.01
CA PHE A 140 45.16 34.50 -18.41
C PHE A 140 45.48 35.53 -17.34
N LEU A 141 46.33 35.14 -16.40
CA LEU A 141 46.59 35.93 -15.21
C LEU A 141 47.93 36.64 -15.35
N GLY A 142 47.94 37.94 -15.07
CA GLY A 142 49.15 38.73 -15.15
C GLY A 142 48.92 40.11 -15.71
N GLU A 156 49.05 42.92 -13.51
CA GLU A 156 48.29 42.44 -12.36
C GLU A 156 47.36 41.28 -12.75
N PHE A 157 46.30 41.61 -13.46
CA PHE A 157 45.28 40.64 -13.86
C PHE A 157 44.41 41.28 -14.94
N ARG A 158 43.69 40.42 -15.66
CA ARG A 158 42.78 40.88 -16.71
C ARG A 158 41.47 40.12 -16.78
N VAL A 159 41.43 38.84 -16.43
CA VAL A 159 40.21 38.04 -16.52
C VAL A 159 39.12 38.59 -15.61
N TYR A 160 39.49 39.36 -14.59
CA TYR A 160 38.54 39.86 -13.59
C TYR A 160 38.21 41.33 -13.82
N SER A 161 38.06 41.72 -15.08
CA SER A 161 37.69 43.08 -15.44
C SER A 161 36.18 43.17 -15.58
N SER A 162 35.67 44.38 -15.39
CA SER A 162 34.23 44.65 -15.42
C SER A 162 33.52 43.78 -14.38
N ALA A 163 34.00 43.92 -13.14
CA ALA A 163 33.46 43.21 -11.98
C ALA A 163 32.30 44.03 -11.42
N ASN A 164 31.08 43.63 -11.76
CA ASN A 164 29.89 44.34 -11.32
C ASN A 164 28.84 43.32 -10.90
N ASN A 165 27.95 43.74 -10.00
CA ASN A 165 26.91 42.87 -9.46
C ASN A 165 27.50 41.76 -8.60
N CYS A 166 28.62 42.04 -7.95
CA CYS A 166 29.34 41.03 -7.17
C CYS A 166 28.43 40.45 -6.10
N THR A 167 28.43 39.12 -5.96
CA THR A 167 27.57 38.46 -5.00
C THR A 167 28.34 37.63 -3.96
N PHE A 168 29.66 37.49 -4.08
CA PHE A 168 30.37 36.66 -3.12
C PHE A 168 31.86 36.95 -3.17
N GLU A 169 32.48 36.98 -1.99
CA GLU A 169 33.92 37.20 -1.85
C GLU A 169 34.45 36.35 -0.72
N TYR A 170 35.57 35.66 -0.95
CA TYR A 170 36.15 34.81 0.08
C TYR A 170 37.65 34.74 -0.16
N VAL A 171 38.43 34.73 0.92
CA VAL A 171 39.89 34.64 0.82
C VAL A 171 40.43 33.59 1.77
N SER A 172 41.39 32.79 1.30
CA SER A 172 41.90 31.67 2.07
C SER A 172 43.41 31.60 1.90
N GLN A 173 44.02 30.65 2.62
CA GLN A 173 45.47 30.45 2.66
C GLN A 173 45.95 29.33 1.74
N PRO A 174 46.32 29.64 0.50
CA PRO A 174 46.40 28.60 -0.54
C PRO A 174 47.65 27.76 -0.37
N PHE A 175 47.57 26.52 -0.85
CA PHE A 175 48.64 25.55 -0.68
C PHE A 175 49.11 25.06 -2.05
N LEU A 176 50.41 24.75 -2.12
CA LEU A 176 51.03 24.32 -3.36
C LEU A 176 51.97 23.15 -3.13
N LYS A 187 57.74 17.07 -9.15
CA LYS A 187 57.94 16.15 -8.05
C LYS A 187 56.74 16.13 -7.10
N ASN A 188 55.76 16.97 -7.40
CA ASN A 188 54.54 17.05 -6.61
C ASN A 188 53.34 17.05 -7.54
N LEU A 189 52.42 16.11 -7.31
CA LEU A 189 51.20 15.98 -8.09
C LEU A 189 50.04 16.53 -7.28
N ARG A 190 49.22 17.37 -7.92
CA ARG A 190 48.15 18.12 -7.27
C ARG A 190 46.81 17.70 -7.84
N GLU A 191 46.00 17.00 -7.04
CA GLU A 191 44.68 16.56 -7.43
C GLU A 191 43.61 17.43 -6.78
N PHE A 192 42.58 17.75 -7.55
CA PHE A 192 41.44 18.52 -7.11
C PHE A 192 40.17 17.84 -7.62
N VAL A 193 39.09 18.02 -6.88
CA VAL A 193 37.76 17.59 -7.28
C VAL A 193 36.80 18.74 -7.02
N PHE A 194 36.00 19.08 -8.02
CA PHE A 194 35.04 20.17 -7.93
C PHE A 194 33.65 19.58 -8.16
N LYS A 195 32.76 19.76 -7.20
CA LYS A 195 31.39 19.28 -7.39
C LYS A 195 30.41 20.31 -6.87
N ASN A 196 29.23 20.36 -7.50
CA ASN A 196 28.17 21.27 -7.09
C ASN A 196 26.91 20.46 -6.74
N ILE A 197 26.57 20.43 -5.46
CA ILE A 197 25.46 19.63 -4.96
C ILE A 197 24.49 20.50 -4.17
N ASP A 198 23.27 20.64 -4.67
CA ASP A 198 22.19 21.39 -4.01
C ASP A 198 22.64 22.80 -3.61
N GLY A 199 23.43 23.43 -4.46
CA GLY A 199 23.90 24.77 -4.23
C GLY A 199 25.19 24.88 -3.46
N TYR A 200 25.75 23.77 -2.99
CA TYR A 200 26.99 23.77 -2.25
C TYR A 200 28.10 23.35 -3.20
N PHE A 201 29.06 24.25 -3.43
CA PHE A 201 30.19 23.97 -4.31
C PHE A 201 31.35 23.48 -3.46
N LYS A 202 31.64 22.19 -3.53
CA LYS A 202 32.68 21.56 -2.72
C LYS A 202 33.95 21.35 -3.54
N ILE A 203 35.07 21.79 -2.99
CA ILE A 203 36.39 21.62 -3.56
C ILE A 203 37.22 20.77 -2.63
N TYR A 204 37.78 19.68 -3.17
CA TYR A 204 38.64 18.73 -2.49
C TYR A 204 40.00 18.73 -3.17
N SER A 205 41.07 18.48 -2.41
CA SER A 205 42.38 18.46 -3.04
C SER A 205 43.38 17.71 -2.17
N LYS A 206 44.44 17.25 -2.82
CA LYS A 206 45.57 16.60 -2.17
C LYS A 206 46.82 16.77 -3.02
N HIS A 207 47.93 17.12 -2.37
CA HIS A 207 49.22 17.20 -3.01
C HIS A 207 50.10 16.06 -2.52
N THR A 208 50.75 15.36 -3.45
CA THR A 208 51.50 14.17 -3.08
C THR A 208 52.83 14.10 -3.82
N PRO A 209 53.89 13.61 -3.17
CA PRO A 209 55.17 13.46 -3.87
C PRO A 209 55.11 12.35 -4.92
N ILE A 210 55.89 12.54 -5.98
CA ILE A 210 55.93 11.58 -7.08
C ILE A 210 57.29 11.68 -7.77
N ASN A 211 57.65 10.63 -8.50
CA ASN A 211 58.92 10.57 -9.22
C ASN A 211 58.71 10.11 -10.66
N LEU A 212 57.61 10.54 -11.28
CA LEU A 212 57.32 10.18 -12.66
C LEU A 212 56.59 11.33 -13.33
N VAL A 213 56.76 11.43 -14.65
CA VAL A 213 56.11 12.47 -15.43
C VAL A 213 55.43 11.85 -16.64
N ARG A 214 55.41 10.51 -16.69
CA ARG A 214 54.81 9.82 -17.83
C ARG A 214 53.30 9.74 -17.70
N ASP A 215 52.81 9.10 -16.64
CA ASP A 215 51.38 8.91 -16.43
C ASP A 215 51.08 9.01 -14.95
N LEU A 216 49.80 8.88 -14.61
CA LEU A 216 49.37 8.95 -13.23
C LEU A 216 49.90 7.75 -12.46
N PRO A 217 50.34 7.94 -11.21
CA PRO A 217 50.89 6.83 -10.44
C PRO A 217 49.87 5.73 -10.19
N GLN A 218 50.37 4.50 -10.12
CA GLN A 218 49.55 3.34 -9.80
C GLN A 218 49.05 3.33 -8.36
N GLY A 219 49.57 4.19 -7.50
CA GLY A 219 49.21 4.17 -6.10
C GLY A 219 47.81 4.68 -5.82
N PHE A 220 47.49 4.75 -4.53
CA PHE A 220 46.17 5.11 -4.06
C PHE A 220 46.31 6.24 -3.05
N SER A 221 45.45 7.25 -3.16
CA SER A 221 45.46 8.36 -2.23
C SER A 221 44.08 9.00 -2.22
N ALA A 222 43.51 9.16 -1.02
CA ALA A 222 42.20 9.77 -0.87
C ALA A 222 42.33 11.28 -0.73
N LEU A 223 41.35 12.00 -1.26
CA LEU A 223 41.40 13.45 -1.28
C LEU A 223 40.53 14.01 -0.16
N GLU A 224 41.12 14.84 0.66
CA GLU A 224 40.47 15.53 1.75
C GLU A 224 39.78 16.80 1.25
N PRO A 225 38.68 17.21 1.86
CA PRO A 225 38.05 18.46 1.46
C PRO A 225 38.85 19.67 1.92
N LEU A 226 38.74 20.75 1.16
CA LEU A 226 39.33 22.03 1.54
C LEU A 226 38.32 23.13 1.68
N VAL A 227 37.39 23.29 0.73
CA VAL A 227 36.40 24.35 0.90
C VAL A 227 35.04 23.85 0.47
N ASP A 228 34.00 24.41 1.09
CA ASP A 228 32.62 24.17 0.68
C ASP A 228 31.95 25.54 0.66
N LEU A 229 31.73 26.08 -0.54
CA LEU A 229 31.20 27.43 -0.70
C LEU A 229 29.72 27.36 -1.06
N PRO A 230 28.84 27.97 -0.28
CA PRO A 230 27.41 27.92 -0.61
C PRO A 230 27.02 28.95 -1.68
N ILE A 231 27.57 28.78 -2.89
CA ILE A 231 27.31 29.75 -3.95
C ILE A 231 25.95 29.50 -4.60
N GLY A 232 25.68 28.25 -4.96
CA GLY A 232 24.52 27.91 -5.77
C GLY A 232 24.41 28.63 -7.10
N ILE A 233 25.42 28.53 -7.95
CA ILE A 233 25.35 29.03 -9.32
C ILE A 233 25.32 27.86 -10.29
N ASN A 234 24.52 27.99 -11.34
CA ASN A 234 24.56 27.04 -12.46
C ASN A 234 25.95 27.02 -13.07
N ILE A 235 26.75 26.00 -12.76
CA ILE A 235 28.02 25.77 -13.42
C ILE A 235 27.89 24.59 -14.36
N THR A 236 28.14 24.83 -15.64
CA THR A 236 28.04 23.78 -16.64
C THR A 236 29.24 23.75 -17.58
N ARG A 237 30.09 24.78 -17.56
CA ARG A 237 31.30 24.83 -18.36
C ARG A 237 32.37 25.45 -17.49
N PHE A 238 33.64 25.19 -17.80
CA PHE A 238 34.71 25.75 -16.98
C PHE A 238 35.95 26.03 -17.81
N GLN A 239 36.84 26.83 -17.21
CA GLN A 239 38.12 27.18 -17.82
C GLN A 239 39.19 27.29 -16.74
N THR A 240 40.42 26.99 -17.13
CA THR A 240 41.58 27.05 -16.24
C THR A 240 42.34 28.35 -16.48
N LEU A 241 43.26 28.66 -15.57
CA LEU A 241 44.11 29.84 -15.68
C LEU A 241 45.57 29.43 -15.59
N LEU A 242 46.34 29.73 -16.64
CA LEU A 242 47.74 29.39 -16.73
C LEU A 242 48.59 30.64 -16.54
N ALA A 243 49.86 30.43 -16.17
CA ALA A 243 50.83 31.51 -16.09
C ALA A 243 51.62 31.54 -17.40
N LEU A 244 51.05 32.23 -18.38
CA LEU A 244 51.68 32.33 -19.70
C LEU A 244 52.76 33.40 -19.65
N HIS A 245 54.02 32.98 -19.71
CA HIS A 245 55.14 33.90 -19.63
C HIS A 245 55.86 33.90 -20.96
N ARG A 246 55.99 35.08 -21.56
CA ARG A 246 56.60 35.20 -22.89
C ARG A 246 57.17 36.60 -23.09
N GLY A 261 58.65 26.28 -19.52
CA GLY A 261 58.09 25.09 -20.14
C GLY A 261 56.58 25.00 -20.03
N ALA A 262 55.94 24.44 -21.05
CA ALA A 262 54.50 24.29 -21.04
C ALA A 262 54.07 23.31 -19.96
N ALA A 263 52.90 23.57 -19.38
CA ALA A 263 52.35 22.75 -18.31
C ALA A 263 51.27 21.84 -18.87
N ALA A 264 51.19 20.64 -18.30
CA ALA A 264 50.20 19.64 -18.70
C ALA A 264 49.32 19.29 -17.52
N TYR A 265 48.07 18.94 -17.82
CA TYR A 265 47.12 18.59 -16.78
C TYR A 265 46.15 17.55 -17.31
N TYR A 266 45.44 16.93 -16.37
CA TYR A 266 44.46 15.89 -16.68
C TYR A 266 43.09 16.29 -16.17
N VAL A 267 42.07 16.02 -16.98
CA VAL A 267 40.69 16.31 -16.62
C VAL A 267 39.86 15.04 -16.78
N GLY A 268 39.19 14.64 -15.70
CA GLY A 268 38.24 13.54 -15.72
C GLY A 268 36.87 14.01 -15.25
N TYR A 269 35.89 13.13 -15.42
CA TYR A 269 34.51 13.44 -15.06
C TYR A 269 34.01 12.39 -14.08
N LEU A 270 33.18 12.84 -13.14
CA LEU A 270 32.66 11.99 -12.08
C LEU A 270 31.37 11.32 -12.53
N GLN A 271 31.10 10.16 -11.93
CA GLN A 271 29.88 9.43 -12.19
C GLN A 271 29.29 8.92 -10.88
N PRO A 272 27.98 8.72 -10.82
CA PRO A 272 27.32 8.29 -9.56
C PRO A 272 27.50 6.81 -9.27
N ARG A 273 28.75 6.37 -9.15
CA ARG A 273 29.02 4.97 -8.83
C ARG A 273 29.23 4.78 -7.33
N THR A 274 28.96 3.56 -6.87
CA THR A 274 29.07 3.19 -5.47
C THR A 274 30.43 2.56 -5.20
N PHE A 275 31.10 3.01 -4.15
CA PHE A 275 32.44 2.57 -3.80
C PHE A 275 32.47 1.96 -2.41
N LEU A 276 33.34 0.97 -2.25
CA LEU A 276 33.69 0.42 -0.94
C LEU A 276 34.98 1.07 -0.51
N LEU A 277 34.94 1.80 0.60
CA LEU A 277 36.06 2.56 1.12
C LEU A 277 36.64 1.86 2.35
N LYS A 278 37.96 1.69 2.37
CA LYS A 278 38.65 1.03 3.48
C LYS A 278 39.24 2.11 4.39
N TYR A 279 38.70 2.24 5.60
CA TYR A 279 39.18 3.18 6.61
C TYR A 279 40.11 2.44 7.57
N ASN A 280 41.30 2.98 7.77
CA ASN A 280 42.31 2.37 8.64
C ASN A 280 42.06 2.70 10.11
N GLU A 281 43.01 2.26 10.94
CA GLU A 281 42.97 2.54 12.38
C GLU A 281 43.04 4.03 12.66
N ASN A 282 43.57 4.81 11.73
CA ASN A 282 43.76 6.24 11.91
C ASN A 282 42.68 7.04 11.19
N GLY A 283 41.91 6.38 10.34
CA GLY A 283 40.78 6.97 9.68
C GLY A 283 41.04 7.46 8.27
N THR A 284 42.18 7.09 7.69
CA THR A 284 42.52 7.45 6.31
C THR A 284 42.07 6.37 5.34
N ILE A 285 41.48 6.79 4.23
CA ILE A 285 41.07 5.82 3.21
C ILE A 285 42.31 5.30 2.51
N THR A 286 42.51 3.99 2.55
CA THR A 286 43.71 3.40 1.96
C THR A 286 43.43 2.60 0.69
N ASP A 287 42.20 2.14 0.50
CA ASP A 287 41.80 1.44 -0.71
C ASP A 287 40.31 1.63 -0.93
N ALA A 288 39.87 1.29 -2.13
CA ALA A 288 38.47 1.40 -2.49
C ALA A 288 38.23 0.52 -3.71
N VAL A 289 37.03 -0.01 -3.79
CA VAL A 289 36.64 -0.87 -4.90
C VAL A 289 35.36 -0.31 -5.53
N ASP A 290 35.41 -0.10 -6.85
CA ASP A 290 34.28 0.42 -7.61
C ASP A 290 33.37 -0.74 -8.00
N CYS A 291 32.21 -0.82 -7.36
CA CYS A 291 31.32 -1.98 -7.49
C CYS A 291 30.77 -2.18 -8.91
N ALA A 292 30.97 -1.24 -9.81
CA ALA A 292 30.50 -1.40 -11.18
C ALA A 292 31.64 -1.48 -12.19
N LEU A 293 32.88 -1.62 -11.73
CA LEU A 293 34.00 -1.65 -12.65
C LEU A 293 34.06 -2.96 -13.41
N ASP A 294 33.81 -4.07 -12.74
CA ASP A 294 33.92 -5.40 -13.33
C ASP A 294 33.24 -6.40 -12.38
N PRO A 295 32.94 -7.61 -12.85
CA PRO A 295 32.27 -8.59 -11.98
C PRO A 295 33.01 -8.87 -10.69
N LEU A 296 34.34 -8.87 -10.71
CA LEU A 296 35.07 -9.15 -9.48
C LEU A 296 34.84 -8.07 -8.43
N SER A 297 34.80 -6.80 -8.86
CA SER A 297 34.53 -5.73 -7.91
C SER A 297 33.11 -5.80 -7.37
N GLU A 298 32.16 -6.21 -8.21
CA GLU A 298 30.79 -6.41 -7.73
C GLU A 298 30.77 -7.50 -6.67
N THR A 299 31.54 -8.57 -6.89
CA THR A 299 31.64 -9.62 -5.88
C THR A 299 32.27 -9.09 -4.60
N LYS A 300 33.30 -8.27 -4.74
CA LYS A 300 33.95 -7.68 -3.57
C LYS A 300 32.97 -6.88 -2.74
N CYS A 301 32.12 -6.08 -3.41
CA CYS A 301 31.14 -5.27 -2.68
C CYS A 301 30.01 -6.11 -2.08
N THR A 302 29.53 -7.12 -2.81
CA THR A 302 28.42 -7.92 -2.28
C THR A 302 28.81 -8.62 -0.97
N LEU A 303 30.06 -9.06 -0.85
CA LEU A 303 30.51 -9.63 0.42
C LEU A 303 31.06 -8.57 1.36
N LYS A 304 31.15 -7.32 0.92
CA LYS A 304 31.71 -6.23 1.71
C LYS A 304 33.07 -6.62 2.26
N SER A 305 33.94 -7.06 1.36
CA SER A 305 35.29 -7.47 1.70
C SER A 305 36.19 -7.21 0.50
N PHE A 306 37.47 -7.00 0.76
CA PHE A 306 38.44 -6.79 -0.30
C PHE A 306 39.09 -8.09 -0.75
N THR A 307 38.81 -9.21 -0.10
CA THR A 307 39.28 -10.52 -0.53
C THR A 307 38.10 -11.47 -0.58
N VAL A 308 37.99 -12.22 -1.66
CA VAL A 308 36.89 -13.16 -1.88
C VAL A 308 37.46 -14.57 -1.98
N GLU A 309 36.94 -15.47 -1.14
CA GLU A 309 37.38 -16.85 -1.17
C GLU A 309 36.80 -17.57 -2.40
N LYS A 310 37.46 -18.66 -2.76
CA LYS A 310 37.03 -19.45 -3.92
C LYS A 310 35.59 -19.90 -3.77
N GLY A 311 34.82 -19.80 -4.84
CA GLY A 311 33.45 -20.26 -4.84
C GLY A 311 32.61 -19.53 -5.86
N ILE A 312 31.30 -19.74 -5.73
CA ILE A 312 30.29 -19.11 -6.57
C ILE A 312 29.48 -18.14 -5.72
N TYR A 313 29.38 -16.90 -6.16
CA TYR A 313 28.66 -15.88 -5.43
C TYR A 313 27.60 -15.26 -6.31
N GLN A 314 26.43 -15.02 -5.73
CA GLN A 314 25.34 -14.35 -6.41
C GLN A 314 25.37 -12.89 -5.98
N THR A 315 25.59 -11.99 -6.93
CA THR A 315 25.81 -10.59 -6.61
C THR A 315 24.69 -9.67 -7.07
N SER A 316 23.98 -10.02 -8.14
CA SER A 316 22.89 -9.19 -8.63
C SER A 316 22.01 -10.06 -9.51
N ASN A 317 21.07 -9.43 -10.20
CA ASN A 317 20.16 -10.16 -11.07
C ASN A 317 20.01 -9.42 -12.39
N PHE A 318 20.26 -10.14 -13.48
CA PHE A 318 20.06 -9.56 -14.80
C PHE A 318 18.59 -9.67 -15.17
N ARG A 319 18.03 -8.57 -15.64
CA ARG A 319 16.64 -8.53 -16.09
C ARG A 319 16.58 -7.61 -17.29
N VAL A 320 16.09 -8.13 -18.41
CA VAL A 320 15.97 -7.32 -19.62
C VAL A 320 14.78 -6.38 -19.44
N GLN A 321 15.01 -5.13 -19.66
CA GLN A 321 13.94 -4.16 -19.50
C GLN A 321 13.17 -3.99 -20.79
N PRO A 322 11.89 -3.64 -20.71
CA PRO A 322 11.11 -3.53 -21.94
C PRO A 322 11.59 -2.37 -22.78
N THR A 323 11.40 -2.50 -24.09
CA THR A 323 11.88 -1.49 -25.02
C THR A 323 10.82 -0.48 -25.41
N GLU A 324 9.56 -0.90 -25.51
CA GLU A 324 8.48 0.00 -25.87
C GLU A 324 7.18 -0.46 -25.23
N SER A 325 6.26 0.49 -25.06
CA SER A 325 4.94 0.21 -24.52
C SER A 325 3.90 0.14 -25.63
N ILE A 326 2.95 -0.77 -25.45
CA ILE A 326 1.85 -0.97 -26.39
C ILE A 326 0.54 -0.89 -25.61
N VAL A 327 -0.36 -0.01 -26.04
CA VAL A 327 -1.65 0.17 -25.40
C VAL A 327 -2.73 -0.27 -26.38
N ARG A 328 -3.57 -1.22 -25.93
CA ARG A 328 -4.63 -1.78 -26.75
C ARG A 328 -5.94 -1.60 -25.99
N PHE A 329 -6.88 -0.91 -26.61
CA PHE A 329 -8.20 -0.59 -26.05
C PHE A 329 -9.19 -0.81 -27.17
N PRO A 330 -10.46 -1.03 -26.85
CA PRO A 330 -11.40 -1.52 -27.88
C PRO A 330 -11.49 -0.58 -29.07
N ASN A 331 -11.70 -1.19 -30.23
CA ASN A 331 -12.01 -0.56 -31.50
C ASN A 331 -12.99 0.58 -31.26
N ILE A 332 -12.62 1.78 -31.67
CA ILE A 332 -13.48 2.94 -31.46
C ILE A 332 -14.92 2.69 -31.90
N THR A 333 -15.85 2.72 -30.94
CA THR A 333 -17.23 2.31 -31.19
C THR A 333 -18.07 3.51 -31.62
N ASN A 334 -19.30 3.58 -31.10
CA ASN A 334 -20.22 4.65 -31.45
C ASN A 334 -19.67 6.01 -31.00
N LEU A 335 -19.93 7.02 -31.82
CA LEU A 335 -19.51 8.38 -31.53
C LEU A 335 -20.68 9.19 -31.00
N CYS A 336 -20.39 10.07 -30.05
CA CYS A 336 -21.44 10.91 -29.51
C CYS A 336 -21.78 11.98 -30.55
N PRO A 337 -23.06 12.30 -30.73
CA PRO A 337 -23.44 13.24 -31.80
C PRO A 337 -23.14 14.70 -31.49
N PHE A 338 -21.86 15.00 -31.30
CA PHE A 338 -21.46 16.38 -31.08
C PHE A 338 -21.49 17.15 -32.38
N GLY A 339 -21.31 16.44 -33.51
CA GLY A 339 -21.54 17.05 -34.81
C GLY A 339 -22.94 17.59 -34.94
N GLU A 340 -23.93 16.82 -34.50
CA GLU A 340 -25.33 17.21 -34.62
C GLU A 340 -25.68 18.36 -33.69
N VAL A 341 -24.83 18.63 -32.69
CA VAL A 341 -25.14 19.64 -31.70
C VAL A 341 -24.49 20.94 -32.15
N PHE A 342 -23.16 20.95 -32.33
CA PHE A 342 -22.50 22.21 -32.68
C PHE A 342 -22.86 22.65 -34.09
N ASN A 343 -23.06 21.69 -35.01
CA ASN A 343 -23.40 21.98 -36.39
C ASN A 343 -24.87 21.65 -36.65
N ALA A 344 -25.71 21.92 -35.65
CA ALA A 344 -27.15 21.83 -35.83
C ALA A 344 -27.61 22.78 -36.92
N THR A 345 -28.34 22.24 -37.90
CA THR A 345 -28.87 23.07 -38.98
C THR A 345 -29.51 24.34 -38.42
N ARG A 346 -30.21 24.21 -37.30
CA ARG A 346 -30.81 25.34 -36.59
C ARG A 346 -30.61 25.11 -35.10
N PHE A 347 -30.11 26.12 -34.41
CA PHE A 347 -29.92 26.05 -32.96
C PHE A 347 -31.18 26.46 -32.21
N ALA A 348 -31.32 25.95 -31.00
CA ALA A 348 -32.47 26.35 -30.21
C ALA A 348 -32.27 27.76 -29.65
N SER A 349 -33.40 28.38 -29.34
CA SER A 349 -33.47 29.67 -28.69
C SER A 349 -33.13 29.64 -27.21
N VAL A 350 -32.69 30.80 -26.71
CA VAL A 350 -32.31 30.91 -25.31
C VAL A 350 -33.54 30.79 -24.40
N TYR A 351 -34.74 31.16 -24.89
CA TYR A 351 -35.97 31.06 -24.10
C TYR A 351 -36.37 29.58 -23.97
N ALA A 352 -35.85 28.71 -24.86
CA ALA A 352 -36.05 27.24 -24.89
C ALA A 352 -34.71 26.58 -25.20
N TRP A 353 -33.71 26.79 -24.37
CA TRP A 353 -32.44 26.21 -24.75
C TRP A 353 -32.57 24.70 -24.75
N ASN A 354 -31.83 24.06 -25.64
CA ASN A 354 -31.92 22.62 -25.80
C ASN A 354 -31.01 21.93 -24.80
N ARG A 355 -31.45 20.76 -24.35
CA ARG A 355 -30.71 19.93 -23.41
C ARG A 355 -30.78 18.53 -24.01
N LYS A 356 -29.71 18.14 -24.69
CA LYS A 356 -29.59 16.81 -25.25
C LYS A 356 -28.78 15.98 -24.27
N ARG A 357 -29.27 14.79 -23.96
CA ARG A 357 -28.58 13.93 -23.01
C ARG A 357 -27.70 12.97 -23.77
N ILE A 358 -26.40 12.97 -23.46
CA ILE A 358 -25.42 12.13 -24.11
C ILE A 358 -24.88 11.15 -23.09
N SER A 359 -24.94 9.87 -23.43
CA SER A 359 -24.46 8.79 -22.58
C SER A 359 -24.10 7.59 -23.46
N ASN A 360 -23.38 6.65 -22.84
CA ASN A 360 -22.99 5.39 -23.48
C ASN A 360 -22.30 5.61 -24.83
N CYS A 361 -21.26 6.43 -24.81
CA CYS A 361 -20.52 6.72 -26.04
C CYS A 361 -19.15 7.26 -25.66
N VAL A 362 -18.28 7.34 -26.66
CA VAL A 362 -16.95 7.92 -26.50
C VAL A 362 -16.98 9.32 -27.10
N ALA A 363 -16.66 10.32 -26.27
CA ALA A 363 -16.69 11.70 -26.71
C ALA A 363 -15.26 12.16 -26.94
N ASP A 364 -14.92 12.34 -28.21
CA ASP A 364 -13.58 12.79 -28.60
C ASP A 364 -13.60 14.31 -28.69
N TYR A 365 -12.97 14.96 -27.73
CA TYR A 365 -12.95 16.41 -27.66
C TYR A 365 -11.74 17.03 -28.36
N SER A 366 -10.85 16.21 -28.93
CA SER A 366 -9.66 16.76 -29.56
C SER A 366 -9.97 17.46 -30.89
N VAL A 367 -10.93 16.94 -31.66
CA VAL A 367 -11.28 17.59 -32.92
C VAL A 367 -11.95 18.94 -32.67
N LEU A 368 -12.89 18.98 -31.71
CA LEU A 368 -13.56 20.23 -31.37
C LEU A 368 -12.60 21.20 -30.70
N TYR A 369 -11.68 20.68 -29.89
CA TYR A 369 -10.72 21.53 -29.20
C TYR A 369 -9.75 22.17 -30.18
N ASN A 370 -9.25 21.39 -31.15
CA ASN A 370 -8.29 21.91 -32.11
C ASN A 370 -8.98 22.79 -33.14
N SER A 371 -10.26 22.56 -33.38
CA SER A 371 -11.02 23.33 -34.36
C SER A 371 -10.96 24.82 -34.05
N ALA A 372 -10.60 25.61 -35.04
CA ALA A 372 -10.46 27.05 -34.91
C ALA A 372 -11.75 27.81 -35.18
N SER A 373 -12.84 27.10 -35.53
CA SER A 373 -14.09 27.77 -35.85
C SER A 373 -14.80 28.33 -34.62
N PHE A 374 -14.41 27.92 -33.42
CA PHE A 374 -15.05 28.40 -32.21
C PHE A 374 -14.42 29.71 -31.75
N SER A 375 -15.26 30.64 -31.27
CA SER A 375 -14.75 31.92 -30.81
C SER A 375 -14.17 31.82 -29.40
N THR A 376 -14.81 31.02 -28.52
CA THR A 376 -14.33 30.83 -27.16
C THR A 376 -14.64 29.41 -26.72
N PHE A 377 -13.77 28.89 -25.85
CA PHE A 377 -13.90 27.53 -25.32
C PHE A 377 -13.34 27.56 -23.89
N LYS A 378 -14.21 27.86 -22.93
CA LYS A 378 -13.80 28.00 -21.54
C LYS A 378 -14.27 26.81 -20.69
N CYS A 379 -13.32 26.10 -20.09
CA CYS A 379 -13.59 24.96 -19.24
C CYS A 379 -13.25 25.32 -17.80
N TYR A 380 -14.15 24.99 -16.88
CA TYR A 380 -13.95 25.21 -15.46
C TYR A 380 -13.82 23.88 -14.73
N GLY A 381 -12.86 23.81 -13.79
CA GLY A 381 -12.64 22.60 -13.03
C GLY A 381 -11.52 21.70 -13.52
N VAL A 382 -11.56 21.32 -14.79
CA VAL A 382 -10.57 20.43 -15.37
C VAL A 382 -9.94 21.11 -16.57
N SER A 383 -8.68 20.76 -16.84
CA SER A 383 -8.01 21.28 -18.01
C SER A 383 -8.49 20.54 -19.26
N PRO A 384 -8.60 21.23 -20.40
CA PRO A 384 -9.19 20.61 -21.59
C PRO A 384 -8.42 19.42 -22.15
N THR A 385 -7.15 19.27 -21.79
CA THR A 385 -6.33 18.20 -22.37
C THR A 385 -6.40 16.89 -21.60
N LYS A 386 -6.94 16.90 -20.38
CA LYS A 386 -7.12 15.67 -19.64
C LYS A 386 -8.52 15.06 -19.79
N LEU A 387 -9.45 15.74 -20.47
CA LEU A 387 -10.77 15.17 -20.68
C LEU A 387 -10.74 13.87 -21.48
N ASN A 388 -9.65 13.61 -22.21
CA ASN A 388 -9.56 12.35 -22.94
C ASN A 388 -9.31 11.17 -22.01
N ASP A 389 -8.76 11.41 -20.82
CA ASP A 389 -8.53 10.33 -19.86
C ASP A 389 -9.67 10.21 -18.87
N LEU A 390 -10.22 11.33 -18.42
CA LEU A 390 -11.28 11.34 -17.43
C LEU A 390 -12.57 10.77 -18.00
N CYS A 391 -13.44 10.31 -17.11
CA CYS A 391 -14.73 9.74 -17.46
C CYS A 391 -15.84 10.35 -16.61
N PHE A 392 -17.04 10.39 -17.18
CA PHE A 392 -18.18 11.03 -16.56
C PHE A 392 -19.38 10.10 -16.68
N THR A 393 -20.33 10.26 -15.76
CA THR A 393 -21.51 9.40 -15.80
C THR A 393 -22.46 9.81 -16.90
N ASN A 394 -22.69 11.11 -17.07
CA ASN A 394 -23.60 11.59 -18.10
C ASN A 394 -23.18 12.99 -18.49
N VAL A 395 -23.49 13.39 -19.73
CA VAL A 395 -23.21 14.76 -20.14
C VAL A 395 -24.47 15.33 -20.78
N TYR A 396 -24.76 16.58 -20.48
CA TYR A 396 -25.92 17.26 -21.04
C TYR A 396 -25.41 18.43 -21.87
N ALA A 397 -25.98 18.60 -23.07
CA ALA A 397 -25.59 19.67 -23.98
C ALA A 397 -26.73 20.67 -24.11
N ASP A 398 -26.51 21.86 -23.55
CA ASP A 398 -27.46 22.96 -23.64
C ASP A 398 -27.05 23.85 -24.83
N SER A 399 -27.92 23.93 -25.82
CA SER A 399 -27.65 24.67 -27.05
C SER A 399 -28.60 25.85 -27.16
N PHE A 400 -28.05 27.05 -27.37
CA PHE A 400 -28.90 28.23 -27.54
C PHE A 400 -28.14 29.33 -28.26
N VAL A 401 -28.89 30.31 -28.76
CA VAL A 401 -28.34 31.49 -29.42
C VAL A 401 -28.55 32.69 -28.52
N ILE A 402 -27.50 33.49 -28.34
CA ILE A 402 -27.56 34.73 -27.58
C ILE A 402 -26.90 35.84 -28.42
N ARG A 403 -26.65 36.99 -27.81
CA ARG A 403 -26.05 38.12 -28.50
C ARG A 403 -24.75 38.52 -27.82
N GLY A 404 -23.86 39.12 -28.61
CA GLY A 404 -22.56 39.54 -28.09
C GLY A 404 -22.64 40.39 -26.84
N ASP A 405 -23.68 41.22 -26.72
CA ASP A 405 -23.84 42.04 -25.53
C ASP A 405 -24.07 41.20 -24.29
N GLU A 406 -24.42 39.92 -24.46
CA GLU A 406 -24.64 39.01 -23.36
C GLU A 406 -23.84 37.73 -23.48
N VAL A 407 -23.04 37.57 -24.54
CA VAL A 407 -22.28 36.34 -24.72
C VAL A 407 -21.39 36.04 -23.52
N ARG A 408 -20.88 37.09 -22.87
CA ARG A 408 -20.11 36.92 -21.65
C ARG A 408 -20.93 36.39 -20.48
N GLN A 409 -22.26 36.53 -20.54
CA GLN A 409 -23.10 36.19 -19.39
C GLN A 409 -23.22 34.69 -19.14
N ILE A 410 -22.74 33.84 -20.03
CA ILE A 410 -22.83 32.40 -19.80
C ILE A 410 -21.69 31.95 -18.91
N ALA A 411 -21.91 32.02 -17.60
CA ALA A 411 -20.91 31.68 -16.60
C ALA A 411 -21.60 31.57 -15.25
N PRO A 412 -21.03 30.81 -14.31
CA PRO A 412 -21.68 30.65 -13.01
C PRO A 412 -21.68 31.95 -12.23
N GLY A 413 -22.77 32.20 -11.51
CA GLY A 413 -22.89 33.38 -10.67
C GLY A 413 -22.92 34.70 -11.42
N GLN A 414 -23.63 34.75 -12.54
CA GLN A 414 -23.73 35.96 -13.34
C GLN A 414 -25.14 36.53 -13.23
N THR A 415 -25.25 37.85 -13.40
CA THR A 415 -26.51 38.56 -13.28
C THR A 415 -26.86 39.24 -14.60
N GLY A 416 -28.15 39.59 -14.74
CA GLY A 416 -28.65 40.22 -15.94
C GLY A 416 -30.00 39.67 -16.33
N LYS A 417 -30.66 40.29 -17.33
CA LYS A 417 -31.98 39.83 -17.75
C LYS A 417 -31.93 38.38 -18.18
N ILE A 418 -30.89 38.00 -18.91
CA ILE A 418 -30.73 36.63 -19.38
C ILE A 418 -30.38 35.72 -18.20
N ALA A 419 -29.42 36.14 -17.39
CA ALA A 419 -29.01 35.32 -16.25
C ALA A 419 -30.11 35.19 -15.22
N ASP A 420 -30.99 36.19 -15.08
CA ASP A 420 -32.03 36.13 -14.06
C ASP A 420 -33.32 35.49 -14.53
N TYR A 421 -33.71 35.66 -15.80
CA TYR A 421 -34.97 35.11 -16.28
C TYR A 421 -34.81 34.05 -17.36
N ASN A 422 -33.63 33.95 -17.97
CA ASN A 422 -33.37 33.05 -19.08
C ASN A 422 -32.34 32.03 -18.60
N TYR A 423 -31.74 31.30 -19.54
CA TYR A 423 -30.76 30.26 -19.21
C TYR A 423 -29.86 30.66 -18.05
N LYS A 424 -29.90 29.88 -16.98
CA LYS A 424 -29.24 30.17 -15.72
C LYS A 424 -28.20 29.10 -15.40
N LEU A 425 -26.94 29.53 -15.15
CA LEU A 425 -25.95 28.51 -14.83
C LEU A 425 -25.98 28.25 -13.32
N PRO A 426 -25.71 27.00 -12.91
CA PRO A 426 -25.77 26.68 -11.48
C PRO A 426 -24.60 27.29 -10.71
N ASP A 427 -24.80 27.37 -9.40
CA ASP A 427 -23.83 28.00 -8.50
C ASP A 427 -22.53 27.20 -8.40
N ASP A 428 -22.61 25.88 -8.48
CA ASP A 428 -21.46 25.01 -8.29
C ASP A 428 -20.84 24.58 -9.62
N PHE A 429 -20.02 23.53 -9.57
CA PHE A 429 -19.24 23.08 -10.71
C PHE A 429 -20.11 22.70 -11.91
N THR A 430 -19.79 23.27 -13.06
CA THR A 430 -20.41 22.97 -14.34
C THR A 430 -19.31 22.46 -15.27
N GLY A 431 -19.65 22.17 -16.53
CA GLY A 431 -18.65 21.65 -17.46
C GLY A 431 -17.94 22.76 -18.21
N CYS A 432 -18.17 22.87 -19.52
CA CYS A 432 -17.48 23.82 -20.36
C CYS A 432 -18.48 24.62 -21.20
N VAL A 433 -18.11 25.86 -21.49
CA VAL A 433 -18.91 26.74 -22.34
C VAL A 433 -18.16 26.95 -23.66
N ILE A 434 -18.85 26.72 -24.77
CA ILE A 434 -18.29 26.86 -26.11
C ILE A 434 -19.16 27.87 -26.84
N ALA A 435 -18.52 28.80 -27.54
CA ALA A 435 -19.28 29.83 -28.23
C ALA A 435 -18.59 30.22 -29.52
N TRP A 436 -19.39 30.63 -30.50
CA TRP A 436 -18.82 31.16 -31.73
C TRP A 436 -19.77 32.16 -32.38
N ASN A 437 -19.18 33.10 -33.11
CA ASN A 437 -19.95 34.12 -33.81
C ASN A 437 -20.70 33.50 -35.00
N SER A 438 -22.00 33.78 -35.08
CA SER A 438 -22.86 33.26 -36.14
C SER A 438 -23.50 34.38 -36.94
N ASN A 439 -22.79 35.51 -37.09
CA ASN A 439 -23.33 36.64 -37.82
C ASN A 439 -23.75 36.31 -39.24
N ASN A 440 -23.10 35.35 -39.89
CA ASN A 440 -23.48 35.01 -41.25
C ASN A 440 -24.84 34.34 -41.32
N LEU A 441 -25.27 33.69 -40.24
CA LEU A 441 -26.54 32.96 -40.21
C LEU A 441 -27.61 33.63 -39.36
N ASP A 442 -27.26 34.16 -38.19
CA ASP A 442 -28.24 34.68 -37.27
C ASP A 442 -28.33 36.20 -37.25
N SER A 443 -27.55 36.90 -38.07
CA SER A 443 -27.66 38.36 -38.12
C SER A 443 -28.39 38.81 -39.38
N TYR A 449 -35.59 39.11 -37.59
CA TYR A 449 -36.09 39.32 -36.23
C TYR A 449 -36.62 38.01 -35.68
N ASN A 450 -36.26 36.93 -36.34
CA ASN A 450 -36.71 35.61 -35.95
C ASN A 450 -36.20 35.22 -34.56
N TYR A 451 -35.06 35.77 -34.14
CA TYR A 451 -34.48 35.43 -32.86
C TYR A 451 -34.87 36.49 -31.84
N LEU A 452 -35.47 36.07 -30.72
CA LEU A 452 -35.85 36.98 -29.64
C LEU A 452 -35.27 36.43 -28.33
N TYR A 453 -35.34 37.23 -27.27
CA TYR A 453 -34.85 36.78 -25.97
C TYR A 453 -35.70 37.32 -24.85
N ARG A 454 -35.67 36.62 -23.72
CA ARG A 454 -36.43 37.06 -22.55
C ARG A 454 -35.66 38.10 -21.75
N PRO A 491 -42.64 42.06 -21.34
CA PRO A 491 -41.55 41.35 -20.68
C PRO A 491 -40.54 40.72 -21.66
N LEU A 492 -40.92 40.61 -22.93
CA LEU A 492 -40.11 39.98 -23.95
C LEU A 492 -39.50 41.04 -24.86
N GLN A 493 -38.21 40.91 -25.14
CA GLN A 493 -37.51 41.79 -26.06
C GLN A 493 -36.88 41.01 -27.20
N SER A 494 -36.83 41.63 -28.38
CA SER A 494 -36.25 41.01 -29.56
C SER A 494 -34.86 41.58 -29.81
N TYR A 495 -33.99 40.78 -30.41
CA TYR A 495 -32.64 41.24 -30.70
C TYR A 495 -32.66 42.12 -31.95
N GLY A 496 -31.93 43.23 -31.89
CA GLY A 496 -31.87 44.12 -33.03
C GLY A 496 -30.73 43.71 -33.93
N PHE A 497 -30.89 42.57 -34.62
CA PHE A 497 -29.83 42.02 -35.46
C PHE A 497 -29.70 42.89 -36.71
N GLN A 498 -28.65 43.72 -36.75
CA GLN A 498 -28.36 44.54 -37.92
C GLN A 498 -27.04 44.08 -38.53
N PRO A 499 -27.06 43.32 -39.63
CA PRO A 499 -25.79 42.82 -40.18
C PRO A 499 -25.00 43.93 -40.85
N THR A 500 -24.30 44.72 -40.02
CA THR A 500 -23.48 45.82 -40.51
C THR A 500 -22.10 45.78 -39.87
N VAL A 503 -19.75 43.33 -33.55
CA VAL A 503 -19.21 42.28 -32.70
C VAL A 503 -19.90 42.30 -31.33
N GLY A 504 -20.02 43.48 -30.73
CA GLY A 504 -20.64 43.57 -29.42
C GLY A 504 -22.12 43.25 -29.42
N TYR A 505 -22.78 43.44 -30.56
CA TYR A 505 -24.20 43.16 -30.69
C TYR A 505 -24.49 41.94 -31.56
N GLN A 506 -23.48 41.35 -32.18
CA GLN A 506 -23.68 40.24 -33.09
C GLN A 506 -24.16 39.01 -32.33
N PRO A 507 -24.87 38.11 -33.01
CA PRO A 507 -25.32 36.88 -32.34
C PRO A 507 -24.19 35.87 -32.19
N TYR A 508 -24.21 35.16 -31.07
CA TYR A 508 -23.27 34.09 -30.79
C TYR A 508 -24.02 32.82 -30.42
N ARG A 509 -23.53 31.69 -30.93
CA ARG A 509 -24.11 30.38 -30.64
C ARG A 509 -23.31 29.77 -29.50
N VAL A 510 -24.00 29.43 -28.41
CA VAL A 510 -23.38 28.92 -27.19
C VAL A 510 -23.90 27.51 -26.89
N VAL A 511 -22.97 26.60 -26.59
CA VAL A 511 -23.26 25.24 -26.17
C VAL A 511 -22.55 25.02 -24.83
N VAL A 512 -23.31 24.65 -23.81
CA VAL A 512 -22.80 24.37 -22.48
C VAL A 512 -22.84 22.86 -22.25
N LEU A 513 -21.69 22.29 -21.92
CA LEU A 513 -21.58 20.87 -21.62
C LEU A 513 -21.52 20.71 -20.10
N SER A 514 -22.58 20.18 -19.52
CA SER A 514 -22.67 19.92 -18.09
C SER A 514 -22.36 18.46 -17.82
N PHE A 515 -21.43 18.20 -16.91
CA PHE A 515 -20.96 16.85 -16.63
C PHE A 515 -21.48 16.38 -15.29
N GLU A 516 -22.14 15.22 -15.28
CA GLU A 516 -22.59 14.54 -14.07
C GLU A 516 -21.64 13.37 -13.83
N LEU A 517 -20.84 13.45 -12.76
CA LEU A 517 -19.81 12.47 -12.48
C LEU A 517 -20.15 11.56 -11.29
N LEU A 518 -21.38 11.62 -10.76
CA LEU A 518 -21.68 10.85 -9.56
C LEU A 518 -23.07 10.26 -9.50
N HIS A 519 -24.01 10.65 -10.36
CA HIS A 519 -25.40 10.25 -10.21
C HIS A 519 -25.66 8.78 -10.52
N ALA A 520 -24.67 8.08 -11.08
CA ALA A 520 -24.85 6.73 -11.61
C ALA A 520 -23.49 6.15 -11.95
N PRO A 521 -23.38 4.86 -12.28
CA PRO A 521 -22.10 4.36 -12.81
C PRO A 521 -21.69 5.16 -14.03
N ALA A 522 -20.40 5.38 -14.18
CA ALA A 522 -19.91 6.21 -15.27
C ALA A 522 -19.87 5.43 -16.57
N THR A 523 -20.33 6.08 -17.64
CA THR A 523 -20.45 5.45 -18.96
C THR A 523 -19.85 6.26 -20.09
N VAL A 524 -19.54 7.54 -19.88
CA VAL A 524 -19.00 8.40 -20.93
C VAL A 524 -17.54 8.71 -20.59
N CYS A 525 -16.64 8.11 -21.36
CA CYS A 525 -15.21 8.23 -21.19
C CYS A 525 -14.63 8.95 -22.41
N GLY A 526 -13.50 9.61 -22.21
CA GLY A 526 -12.84 10.25 -23.32
C GLY A 526 -12.20 9.20 -24.20
N PRO A 527 -11.67 9.62 -25.35
CA PRO A 527 -11.08 8.65 -26.26
C PRO A 527 -9.68 8.25 -25.83
N LYS A 528 -9.32 7.01 -26.14
CA LYS A 528 -8.00 6.50 -25.85
C LYS A 528 -7.43 5.95 -27.14
N LYS A 529 -6.25 6.44 -27.51
CA LYS A 529 -5.62 6.00 -28.75
C LYS A 529 -4.98 4.62 -28.60
N SER A 530 -5.11 3.82 -29.64
CA SER A 530 -4.49 2.51 -29.70
C SER A 530 -3.07 2.66 -30.25
N THR A 531 -2.27 1.62 -30.05
CA THR A 531 -0.95 1.54 -30.63
C THR A 531 -0.76 0.16 -31.23
N ASN A 532 0.30 0.01 -32.00
CA ASN A 532 0.58 -1.28 -32.63
C ASN A 532 1.17 -2.22 -31.59
N LEU A 533 0.96 -3.51 -31.80
CA LEU A 533 1.44 -4.53 -30.88
C LEU A 533 2.69 -5.16 -31.49
N VAL A 534 3.73 -5.30 -30.68
CA VAL A 534 5.00 -5.88 -31.11
C VAL A 534 5.18 -7.22 -30.42
N LYS A 535 5.44 -8.25 -31.20
CA LYS A 535 5.53 -9.62 -30.72
C LYS A 535 6.99 -10.07 -30.57
N ASN A 536 7.17 -11.10 -29.75
CA ASN A 536 8.46 -11.74 -29.50
C ASN A 536 9.51 -10.79 -28.90
N LYS A 537 9.07 -9.75 -28.21
CA LYS A 537 9.99 -8.84 -27.53
C LYS A 537 9.41 -8.46 -26.19
N CYS A 538 10.29 -8.17 -25.23
CA CYS A 538 9.82 -7.72 -23.92
C CYS A 538 9.24 -6.33 -24.11
N VAL A 539 7.93 -6.19 -23.87
CA VAL A 539 7.22 -4.94 -24.08
C VAL A 539 6.37 -4.66 -22.85
N ASN A 540 6.06 -3.39 -22.66
CA ASN A 540 5.17 -2.96 -21.58
C ASN A 540 3.78 -2.80 -22.15
N PHE A 541 2.90 -3.75 -21.86
CA PHE A 541 1.58 -3.80 -22.47
C PHE A 541 0.51 -3.28 -21.52
N ASN A 542 -0.60 -2.83 -22.13
CA ASN A 542 -1.79 -2.37 -21.42
C ASN A 542 -3.00 -2.81 -22.24
N PHE A 543 -3.66 -3.88 -21.81
CA PHE A 543 -4.83 -4.45 -22.47
C PHE A 543 -6.07 -4.18 -21.63
N ASN A 544 -6.91 -3.25 -22.07
CA ASN A 544 -8.17 -2.91 -21.41
C ASN A 544 -7.99 -2.68 -19.91
N GLY A 545 -6.89 -2.03 -19.55
CA GLY A 545 -6.60 -1.71 -18.17
C GLY A 545 -5.70 -2.68 -17.43
N LEU A 546 -5.43 -3.86 -17.99
CA LEU A 546 -4.50 -4.78 -17.36
C LEU A 546 -3.11 -4.44 -17.90
N THR A 547 -2.20 -4.06 -17.02
CA THR A 547 -0.89 -3.62 -17.44
C THR A 547 0.16 -4.60 -16.97
N GLY A 548 1.31 -4.57 -17.63
CA GLY A 548 2.36 -5.50 -17.29
C GLY A 548 3.48 -5.45 -18.30
N THR A 549 4.48 -6.29 -18.06
CA THR A 549 5.63 -6.39 -18.96
C THR A 549 5.84 -7.85 -19.32
N GLY A 550 6.10 -8.10 -20.60
CA GLY A 550 6.32 -9.46 -21.04
C GLY A 550 6.44 -9.54 -22.54
N VAL A 551 6.67 -10.76 -23.00
CA VAL A 551 6.76 -11.09 -24.42
C VAL A 551 5.40 -11.58 -24.87
N LEU A 552 4.87 -10.97 -25.92
CA LEU A 552 3.58 -11.34 -26.50
C LEU A 552 3.83 -12.23 -27.71
N THR A 553 3.27 -13.43 -27.69
CA THR A 553 3.48 -14.37 -28.78
C THR A 553 2.15 -14.98 -29.23
N GLU A 554 2.20 -15.62 -30.39
CA GLU A 554 1.02 -16.31 -30.92
C GLU A 554 0.68 -17.50 -30.04
N SER A 555 -0.60 -17.86 -30.02
CA SER A 555 -1.06 -18.94 -29.15
C SER A 555 -2.08 -19.83 -29.83
N ASN A 556 -2.28 -21.00 -29.23
CA ASN A 556 -3.26 -21.99 -29.67
C ASN A 556 -4.26 -22.31 -28.56
N LYS A 557 -4.44 -21.40 -27.61
CA LYS A 557 -5.41 -21.55 -26.53
C LYS A 557 -6.76 -21.02 -26.98
N LYS A 558 -7.75 -21.90 -27.06
CA LYS A 558 -9.07 -21.55 -27.60
C LYS A 558 -9.87 -20.79 -26.55
N PHE A 559 -9.75 -19.46 -26.57
CA PHE A 559 -10.59 -18.61 -25.73
C PHE A 559 -12.03 -18.65 -26.21
N LEU A 560 -12.96 -18.60 -25.27
CA LEU A 560 -14.35 -18.57 -25.70
C LEU A 560 -14.69 -17.15 -26.13
N PRO A 561 -15.73 -16.98 -26.97
CA PRO A 561 -16.06 -15.64 -27.49
C PRO A 561 -16.26 -14.56 -26.44
N PHE A 562 -16.64 -14.91 -25.22
CA PHE A 562 -16.95 -13.91 -24.20
C PHE A 562 -15.79 -13.59 -23.27
N GLN A 563 -14.72 -14.38 -23.27
CA GLN A 563 -13.61 -14.13 -22.37
C GLN A 563 -12.53 -13.28 -23.04
N GLN A 564 -11.96 -12.37 -22.28
CA GLN A 564 -10.95 -11.44 -22.79
C GLN A 564 -9.52 -11.79 -22.40
N PHE A 565 -9.28 -12.23 -21.17
CA PHE A 565 -7.94 -12.68 -20.84
C PHE A 565 -8.03 -13.92 -19.97
N GLY A 566 -7.04 -14.78 -20.12
CA GLY A 566 -6.95 -16.01 -19.34
C GLY A 566 -5.79 -15.99 -18.38
N ARG A 567 -5.96 -16.68 -17.26
CA ARG A 567 -4.93 -16.74 -16.25
C ARG A 567 -4.58 -18.19 -15.96
N ASP A 568 -3.32 -18.41 -15.63
CA ASP A 568 -2.81 -19.72 -15.26
C ASP A 568 -3.21 -20.06 -13.83
N ILE A 569 -2.75 -21.22 -13.35
CA ILE A 569 -2.81 -21.46 -11.92
C ILE A 569 -2.01 -20.35 -11.22
N ALA A 570 -2.37 -20.12 -9.95
CA ALA A 570 -1.70 -19.19 -9.02
C ALA A 570 -2.19 -17.77 -9.20
N ASP A 571 -3.23 -17.55 -10.01
CA ASP A 571 -3.80 -16.21 -10.25
C ASP A 571 -2.79 -15.23 -10.84
N THR A 572 -2.41 -15.51 -12.10
CA THR A 572 -1.52 -14.63 -12.85
C THR A 572 -1.90 -14.79 -14.32
N THR A 573 -1.64 -13.76 -15.12
CA THR A 573 -2.11 -13.77 -16.50
C THR A 573 -1.23 -14.67 -17.35
N ASP A 574 -1.85 -15.56 -18.12
CA ASP A 574 -1.12 -16.39 -19.07
C ASP A 574 -1.30 -15.92 -20.49
N ALA A 575 -2.49 -15.42 -20.83
CA ALA A 575 -2.77 -14.95 -22.17
C ALA A 575 -3.90 -13.93 -22.09
N VAL A 576 -4.08 -13.20 -23.19
CA VAL A 576 -5.06 -12.12 -23.27
C VAL A 576 -5.57 -12.05 -24.70
N ARG A 577 -6.75 -11.48 -24.87
CA ARG A 577 -7.33 -11.32 -26.20
C ARG A 577 -7.19 -9.87 -26.62
N ASP A 578 -6.59 -9.65 -27.77
CA ASP A 578 -6.34 -8.29 -28.18
C ASP A 578 -7.65 -7.70 -28.67
N PRO A 579 -7.86 -6.39 -28.52
CA PRO A 579 -9.01 -5.76 -29.15
C PRO A 579 -8.64 -5.32 -30.56
N GLN A 580 -9.66 -4.84 -31.28
CA GLN A 580 -9.55 -4.35 -32.64
C GLN A 580 -9.34 -5.50 -33.62
N THR A 581 -8.66 -6.57 -33.20
CA THR A 581 -8.39 -7.69 -34.08
C THR A 581 -8.82 -9.03 -33.53
N LEU A 582 -9.17 -9.13 -32.25
CA LEU A 582 -9.72 -10.34 -31.64
C LEU A 582 -8.83 -11.56 -31.88
N GLU A 583 -7.70 -11.59 -31.17
CA GLU A 583 -6.77 -12.70 -31.29
C GLU A 583 -6.23 -13.00 -29.90
N ILE A 584 -5.65 -14.18 -29.74
CA ILE A 584 -5.25 -14.69 -28.44
C ILE A 584 -3.73 -14.65 -28.37
N LEU A 585 -3.20 -13.78 -27.53
CA LEU A 585 -1.76 -13.59 -27.34
C LEU A 585 -1.31 -14.18 -26.01
N ASP A 586 -0.30 -15.04 -26.04
CA ASP A 586 0.29 -15.56 -24.82
C ASP A 586 1.32 -14.58 -24.31
N ILE A 587 1.36 -14.41 -22.98
CA ILE A 587 2.28 -13.49 -22.33
C ILE A 587 3.25 -14.33 -21.54
N THR A 588 4.52 -14.30 -21.94
CA THR A 588 5.57 -15.00 -21.22
C THR A 588 6.52 -13.95 -20.70
N PRO A 589 6.76 -13.85 -19.38
CA PRO A 589 7.64 -12.80 -18.88
C PRO A 589 8.98 -12.84 -19.61
N CYS A 590 9.50 -11.67 -19.95
CA CYS A 590 10.81 -11.64 -20.58
C CYS A 590 11.85 -12.17 -19.60
N SER A 591 12.84 -12.88 -20.15
CA SER A 591 13.84 -13.57 -19.36
C SER A 591 14.56 -12.68 -18.36
N PHE A 592 14.76 -13.24 -17.16
CA PHE A 592 15.50 -12.62 -16.08
C PHE A 592 16.08 -13.74 -15.23
N GLY A 593 17.02 -13.39 -14.38
CA GLY A 593 17.61 -14.40 -13.50
C GLY A 593 18.81 -13.84 -12.80
N GLY A 594 19.23 -14.55 -11.76
CA GLY A 594 20.39 -14.14 -11.01
C GLY A 594 21.68 -14.28 -11.79
N VAL A 595 22.68 -13.51 -11.38
CA VAL A 595 24.00 -13.54 -12.00
C VAL A 595 24.99 -14.02 -10.95
N SER A 596 25.73 -15.07 -11.28
CA SER A 596 26.70 -15.65 -10.36
C SER A 596 28.11 -15.44 -10.87
N VAL A 597 29.04 -15.24 -9.95
CA VAL A 597 30.44 -14.99 -10.28
C VAL A 597 31.27 -16.18 -9.82
N ILE A 598 32.03 -16.74 -10.74
CA ILE A 598 32.96 -17.84 -10.47
C ILE A 598 34.33 -17.21 -10.30
N THR A 599 34.93 -17.39 -9.13
CA THR A 599 36.23 -16.79 -8.92
C THR A 599 37.14 -17.75 -8.17
N PRO A 600 38.41 -17.83 -8.57
CA PRO A 600 39.35 -18.69 -7.82
C PRO A 600 39.70 -18.10 -6.47
N GLY A 601 39.82 -16.79 -6.40
CA GLY A 601 40.13 -16.10 -5.16
C GLY A 601 41.15 -15.02 -5.42
N THR A 602 41.08 -13.96 -4.63
CA THR A 602 42.01 -12.85 -4.82
C THR A 602 43.44 -13.25 -4.47
N ASN A 603 43.63 -14.39 -3.83
CA ASN A 603 44.96 -14.89 -3.52
C ASN A 603 45.52 -15.74 -4.65
N THR A 604 44.76 -15.95 -5.72
CA THR A 604 45.21 -16.74 -6.86
C THR A 604 45.20 -15.96 -8.16
N SER A 605 44.06 -15.37 -8.52
CA SER A 605 43.95 -14.60 -9.75
C SER A 605 42.74 -13.71 -9.67
N ASN A 606 42.77 -12.62 -10.44
CA ASN A 606 41.66 -11.70 -10.53
C ASN A 606 40.75 -12.00 -11.71
N GLN A 607 40.89 -13.16 -12.33
CA GLN A 607 40.03 -13.56 -13.44
C GLN A 607 38.77 -14.21 -12.89
N VAL A 608 37.62 -13.84 -13.45
CA VAL A 608 36.34 -14.37 -13.02
C VAL A 608 35.51 -14.76 -14.23
N ALA A 609 34.55 -15.64 -13.98
CA ALA A 609 33.59 -16.10 -14.96
C ALA A 609 32.19 -15.72 -14.50
N VAL A 610 31.29 -15.45 -15.44
CA VAL A 610 29.95 -15.00 -15.08
C VAL A 610 28.94 -16.02 -15.60
N LEU A 611 28.06 -16.46 -14.71
CA LEU A 611 27.02 -17.42 -15.03
C LEU A 611 25.66 -16.72 -15.04
N TYR A 612 24.98 -16.79 -16.19
CA TYR A 612 23.61 -16.31 -16.34
C TYR A 612 22.72 -17.54 -16.17
N GLN A 613 22.01 -17.62 -15.03
CA GLN A 613 21.34 -18.86 -14.66
C GLN A 613 20.12 -19.20 -15.50
N ASP A 614 19.13 -18.33 -15.57
CA ASP A 614 17.94 -18.65 -16.35
C ASP A 614 17.63 -17.61 -17.42
N VAL A 615 18.64 -17.11 -18.10
CA VAL A 615 18.43 -16.46 -19.37
C VAL A 615 19.32 -17.15 -20.39
N ASN A 616 18.89 -17.15 -21.65
CA ASN A 616 19.89 -17.47 -22.65
C ASN A 616 20.69 -16.22 -22.93
N CYS A 617 21.95 -16.41 -23.28
CA CYS A 617 22.87 -15.32 -23.54
C CYS A 617 23.01 -15.00 -25.01
N THR A 618 22.22 -15.63 -25.86
CA THR A 618 22.27 -15.34 -27.29
C THR A 618 21.59 -14.01 -27.55
N GLU A 619 21.31 -13.33 -26.46
CA GLU A 619 20.86 -11.95 -26.37
C GLU A 619 21.54 -11.37 -25.13
N VAL A 620 21.67 -10.05 -25.10
CA VAL A 620 22.38 -9.40 -24.01
C VAL A 620 21.66 -9.61 -22.68
N SER A 640 36.42 -15.14 -22.37
CA SER A 640 35.78 -14.61 -23.57
C SER A 640 34.90 -15.67 -24.23
N ASN A 641 35.05 -16.91 -23.79
CA ASN A 641 34.26 -18.00 -24.34
C ASN A 641 32.90 -18.05 -23.65
N VAL A 642 31.91 -18.55 -24.39
CA VAL A 642 30.54 -18.65 -23.92
C VAL A 642 30.10 -20.11 -24.06
N PHE A 643 29.68 -20.74 -22.96
CA PHE A 643 29.26 -22.12 -22.97
C PHE A 643 27.89 -22.26 -22.34
N GLN A 644 26.95 -22.83 -23.09
CA GLN A 644 25.59 -23.05 -22.62
C GLN A 644 25.53 -24.35 -21.83
N THR A 645 25.01 -24.29 -20.61
CA THR A 645 24.83 -25.46 -19.75
C THR A 645 23.37 -25.49 -19.32
N ARG A 646 22.98 -26.62 -18.70
CA ARG A 646 21.58 -26.75 -18.35
C ARG A 646 21.25 -25.89 -17.15
N ALA A 647 22.26 -25.36 -16.46
CA ALA A 647 22.08 -24.41 -15.37
C ALA A 647 22.06 -22.97 -15.84
N GLY A 648 22.42 -22.72 -17.09
CA GLY A 648 22.51 -21.40 -17.69
C GLY A 648 23.76 -21.31 -18.54
N CYS A 649 24.05 -20.13 -19.06
CA CYS A 649 25.23 -19.96 -19.91
C CYS A 649 26.35 -19.27 -19.13
N LEU A 650 27.50 -19.93 -19.08
CA LEU A 650 28.67 -19.45 -18.36
C LEU A 650 29.61 -18.82 -19.37
N ILE A 651 29.96 -17.55 -19.16
CA ILE A 651 30.83 -16.78 -20.03
C ILE A 651 32.13 -16.50 -19.31
N GLY A 652 33.23 -16.76 -20.00
CA GLY A 652 34.57 -16.51 -19.49
C GLY A 652 35.31 -17.77 -19.11
N ALA A 653 34.60 -18.88 -18.94
CA ALA A 653 35.20 -20.16 -18.62
C ALA A 653 35.24 -21.00 -19.89
N GLU A 654 36.37 -21.64 -20.14
CA GLU A 654 36.50 -22.51 -21.30
C GLU A 654 35.98 -23.91 -21.00
N HIS A 655 35.20 -24.44 -21.94
CA HIS A 655 34.65 -25.79 -21.80
C HIS A 655 35.68 -26.82 -22.24
N VAL A 656 36.04 -27.72 -21.35
CA VAL A 656 37.01 -28.78 -21.63
C VAL A 656 36.29 -30.12 -21.56
N ASN A 657 36.54 -30.97 -22.56
CA ASN A 657 35.78 -32.21 -22.67
C ASN A 657 36.18 -33.20 -21.57
N ASN A 658 37.45 -33.22 -21.19
CA ASN A 658 37.91 -34.18 -20.20
C ASN A 658 37.48 -33.76 -18.80
N SER A 659 37.02 -34.73 -18.02
CA SER A 659 36.48 -34.51 -16.68
C SER A 659 37.56 -34.51 -15.61
N TYR A 660 37.25 -33.85 -14.50
CA TYR A 660 38.11 -33.71 -13.34
C TYR A 660 37.23 -33.75 -12.10
N GLU A 661 37.86 -33.72 -10.93
CA GLU A 661 37.10 -33.63 -9.70
C GLU A 661 36.46 -32.26 -9.60
N CYS A 662 35.22 -32.22 -9.11
CA CYS A 662 34.50 -30.96 -9.06
C CYS A 662 35.15 -30.04 -8.04
N ASP A 663 35.31 -28.77 -8.41
CA ASP A 663 35.90 -27.77 -7.52
C ASP A 663 34.88 -26.71 -7.12
N ILE A 664 34.47 -25.86 -8.06
CA ILE A 664 33.44 -24.86 -7.83
C ILE A 664 32.14 -25.41 -8.44
N PRO A 665 31.14 -25.76 -7.65
CA PRO A 665 29.91 -26.28 -8.23
C PRO A 665 29.13 -25.21 -8.96
N ILE A 666 28.65 -25.54 -10.15
CA ILE A 666 27.78 -24.68 -10.93
C ILE A 666 26.35 -25.20 -10.97
N GLY A 667 26.18 -26.47 -11.27
CA GLY A 667 24.88 -27.09 -11.35
C GLY A 667 24.77 -27.98 -12.57
N ALA A 668 23.80 -28.89 -12.52
CA ALA A 668 23.53 -29.83 -13.60
C ALA A 668 24.76 -30.66 -13.96
N GLY A 669 25.57 -30.99 -12.96
CA GLY A 669 26.71 -31.84 -13.18
C GLY A 669 27.97 -31.14 -13.65
N ILE A 670 27.91 -29.83 -13.90
CA ILE A 670 29.05 -29.09 -14.41
C ILE A 670 29.67 -28.26 -13.27
N CYS A 671 30.99 -28.34 -13.16
CA CYS A 671 31.75 -27.59 -12.16
C CYS A 671 32.89 -26.86 -12.85
N ALA A 672 33.44 -25.88 -12.15
CA ALA A 672 34.46 -25.01 -12.73
C ALA A 672 35.32 -24.35 -11.66
N VAL A 684 39.95 -23.17 -11.44
CA VAL A 684 41.04 -22.64 -12.23
C VAL A 684 42.11 -23.69 -12.41
N ALA A 685 42.69 -23.74 -13.61
CA ALA A 685 43.73 -24.71 -13.94
C ALA A 685 44.36 -24.30 -15.26
N SER A 686 45.65 -24.58 -15.38
CA SER A 686 46.43 -24.22 -16.57
C SER A 686 46.24 -22.74 -16.91
N GLN A 687 46.51 -21.88 -15.93
CA GLN A 687 46.48 -20.42 -16.03
C GLN A 687 45.14 -19.85 -16.51
N SER A 688 44.05 -20.61 -16.44
CA SER A 688 42.76 -20.08 -16.87
C SER A 688 41.64 -20.80 -16.15
N ILE A 689 40.46 -20.17 -16.16
CA ILE A 689 39.25 -20.79 -15.62
C ILE A 689 38.64 -21.72 -16.67
N ILE A 690 38.34 -22.95 -16.26
CA ILE A 690 37.78 -23.96 -17.14
C ILE A 690 36.45 -24.43 -16.56
N ALA A 691 35.59 -24.94 -17.44
CA ALA A 691 34.31 -25.51 -17.05
C ALA A 691 34.21 -26.89 -17.66
N TYR A 692 33.70 -27.84 -16.90
CA TYR A 692 33.72 -29.24 -17.31
C TYR A 692 32.64 -30.01 -16.57
N THR A 693 32.35 -31.21 -17.07
CA THR A 693 31.46 -32.13 -16.38
C THR A 693 32.25 -32.81 -15.28
N MET A 694 31.71 -32.84 -14.07
CA MET A 694 32.46 -33.39 -12.94
C MET A 694 32.59 -34.89 -13.08
N SER A 695 33.76 -35.40 -12.68
CA SER A 695 33.97 -36.84 -12.62
C SER A 695 33.45 -37.38 -11.29
N LEU A 696 32.97 -38.61 -11.33
CA LEU A 696 32.44 -39.26 -10.14
C LEU A 696 33.47 -40.14 -9.44
N GLY A 697 34.69 -40.20 -9.98
CA GLY A 697 35.73 -41.05 -9.46
C GLY A 697 36.35 -41.89 -10.56
N ALA A 698 37.46 -42.52 -10.21
CA ALA A 698 38.16 -43.32 -11.20
C ALA A 698 37.30 -44.52 -11.58
N GLU A 699 37.27 -44.83 -12.86
CA GLU A 699 36.48 -45.95 -13.34
C GLU A 699 37.32 -47.22 -13.24
N ASN A 700 36.74 -48.24 -12.62
CA ASN A 700 37.41 -49.52 -12.50
C ASN A 700 36.36 -50.61 -12.44
N SER A 701 36.79 -51.82 -12.71
CA SER A 701 35.92 -52.98 -12.66
C SER A 701 36.62 -54.00 -11.78
N VAL A 702 35.82 -54.79 -11.10
CA VAL A 702 36.34 -55.77 -10.17
C VAL A 702 36.34 -57.11 -10.87
N ALA A 703 37.44 -57.85 -10.75
CA ALA A 703 37.57 -59.09 -11.49
C ALA A 703 36.67 -60.16 -10.89
N TYR A 704 35.36 -59.98 -11.03
CA TYR A 704 34.44 -60.94 -10.46
C TYR A 704 34.48 -62.25 -11.23
N SER A 705 34.46 -63.35 -10.47
CA SER A 705 34.32 -64.67 -11.03
C SER A 705 33.55 -65.51 -10.02
N ASN A 706 33.33 -66.78 -10.33
CA ASN A 706 32.60 -67.64 -9.39
C ASN A 706 33.53 -68.49 -8.55
N ASN A 707 34.84 -68.20 -8.59
CA ASN A 707 35.83 -69.01 -7.89
C ASN A 707 37.12 -68.21 -7.72
N SER A 708 37.01 -66.92 -7.42
CA SER A 708 38.18 -66.10 -7.16
C SER A 708 37.89 -65.11 -6.06
N ILE A 709 38.77 -65.03 -5.08
CA ILE A 709 38.62 -64.11 -3.95
C ILE A 709 39.91 -63.33 -3.83
N ALA A 710 39.82 -62.05 -3.51
CA ALA A 710 40.99 -61.24 -3.24
C ALA A 710 41.09 -61.06 -1.75
N ILE A 711 42.23 -61.45 -1.17
CA ILE A 711 42.45 -61.33 0.27
C ILE A 711 43.67 -60.45 0.50
N PRO A 712 43.58 -59.47 1.39
CA PRO A 712 44.71 -58.58 1.63
C PRO A 712 45.85 -59.33 2.28
N THR A 713 47.04 -58.80 2.09
CA THR A 713 48.25 -59.39 2.62
C THR A 713 48.97 -58.47 3.58
N ASN A 714 48.51 -57.24 3.73
CA ASN A 714 49.20 -56.25 4.54
C ASN A 714 48.18 -55.19 4.93
N PHE A 715 47.96 -55.06 6.23
CA PHE A 715 47.24 -53.92 6.79
C PHE A 715 48.00 -52.62 6.55
N THR A 716 47.25 -51.53 6.51
CA THR A 716 47.78 -50.23 6.89
C THR A 716 46.84 -49.64 7.91
N ILE A 717 47.40 -49.01 8.93
CA ILE A 717 46.61 -48.34 9.95
C ILE A 717 46.59 -46.86 9.62
N SER A 718 45.39 -46.32 9.49
CA SER A 718 45.22 -44.93 9.11
C SER A 718 44.54 -44.19 10.23
N VAL A 719 44.75 -42.88 10.26
CA VAL A 719 44.09 -41.99 11.19
C VAL A 719 43.37 -40.94 10.36
N THR A 720 42.09 -40.78 10.62
CA THR A 720 41.29 -39.79 9.94
C THR A 720 40.77 -38.80 10.97
N THR A 721 40.48 -37.59 10.52
CA THR A 721 40.00 -36.55 11.40
C THR A 721 38.59 -36.16 10.99
N GLU A 722 37.64 -36.27 11.92
CA GLU A 722 36.29 -35.79 11.69
C GLU A 722 35.99 -34.73 12.72
N ILE A 723 35.59 -33.57 12.25
CA ILE A 723 35.40 -32.38 13.07
C ILE A 723 33.91 -32.08 13.17
N LEU A 724 33.40 -31.97 14.40
CA LEU A 724 31.99 -31.72 14.62
C LEU A 724 31.79 -30.53 15.56
N PRO A 725 30.94 -29.57 15.20
CA PRO A 725 30.62 -28.50 16.15
C PRO A 725 29.74 -29.02 17.26
N VAL A 726 29.91 -28.45 18.45
CA VAL A 726 29.13 -28.85 19.62
C VAL A 726 28.30 -27.71 20.20
N SER A 727 28.84 -26.49 20.19
CA SER A 727 28.16 -25.37 20.81
C SER A 727 28.37 -24.10 20.00
N MET A 728 27.62 -23.06 20.36
CA MET A 728 27.71 -21.75 19.73
C MET A 728 27.84 -20.71 20.83
N THR A 729 28.30 -19.52 20.47
CA THR A 729 28.40 -18.44 21.44
C THR A 729 27.03 -18.13 22.03
N LYS A 730 26.97 -18.09 23.36
CA LYS A 730 25.72 -17.85 24.09
C LYS A 730 25.37 -16.37 24.10
N THR A 731 24.83 -15.91 22.98
CA THR A 731 24.45 -14.50 22.89
C THR A 731 23.12 -14.25 23.59
N SER A 732 22.91 -13.00 23.98
CA SER A 732 21.67 -12.59 24.61
C SER A 732 21.36 -11.15 24.22
N VAL A 733 20.10 -10.90 23.86
CA VAL A 733 19.66 -9.56 23.46
C VAL A 733 18.56 -9.08 24.40
N ASP A 734 18.79 -7.92 25.00
CA ASP A 734 17.84 -7.22 25.86
C ASP A 734 16.92 -6.30 25.05
N CYS A 735 15.64 -6.66 24.90
CA CYS A 735 14.77 -5.90 24.00
C CYS A 735 14.77 -4.41 24.31
N THR A 736 14.82 -4.03 25.59
CA THR A 736 14.69 -2.62 25.87
C THR A 736 15.92 -1.86 25.39
N MET A 737 17.12 -2.35 25.68
CA MET A 737 18.30 -1.66 25.18
C MET A 737 18.43 -1.78 23.66
N TYR A 738 18.06 -2.93 23.10
CA TYR A 738 18.16 -3.10 21.66
C TYR A 738 17.16 -2.23 20.90
N ILE A 739 15.88 -2.37 21.24
CA ILE A 739 14.82 -1.69 20.50
C ILE A 739 14.73 -0.23 20.91
N CYS A 740 14.87 0.07 22.20
CA CYS A 740 14.67 1.43 22.67
C CYS A 740 15.96 2.01 23.25
N GLY A 741 16.49 1.42 24.31
CA GLY A 741 17.66 2.03 24.92
C GLY A 741 17.32 2.71 26.22
N ASP A 742 17.97 3.82 26.46
CA ASP A 742 17.74 4.66 27.63
C ASP A 742 16.55 5.60 27.48
N SER A 743 15.41 5.11 27.00
CA SER A 743 14.22 5.95 26.83
C SER A 743 13.03 5.26 27.45
N THR A 744 12.50 5.86 28.51
CA THR A 744 11.35 5.29 29.22
C THR A 744 10.09 5.32 28.38
N GLU A 745 9.86 6.41 27.64
CA GLU A 745 8.67 6.49 26.80
C GLU A 745 8.66 5.43 25.70
N CYS A 746 9.82 5.14 25.11
CA CYS A 746 9.85 4.10 24.10
C CYS A 746 9.54 2.74 24.72
N SER A 747 10.07 2.49 25.91
CA SER A 747 9.73 1.27 26.63
C SER A 747 8.24 1.20 26.94
N ASN A 748 7.64 2.33 27.33
CA ASN A 748 6.20 2.36 27.58
C ASN A 748 5.39 2.03 26.34
N LEU A 749 5.86 2.46 25.16
CA LEU A 749 5.17 2.05 23.93
C LEU A 749 5.42 0.57 23.64
N LEU A 750 6.62 0.09 23.94
CA LEU A 750 6.92 -1.33 23.72
C LEU A 750 6.04 -2.21 24.58
N LEU A 751 5.70 -1.76 25.79
CA LEU A 751 4.86 -2.57 26.68
C LEU A 751 3.48 -2.83 26.09
N GLN A 752 3.07 -2.09 25.07
CA GLN A 752 1.78 -2.32 24.45
C GLN A 752 1.76 -3.60 23.62
N TYR A 753 2.91 -4.23 23.42
CA TYR A 753 3.01 -5.47 22.66
C TYR A 753 3.02 -6.69 23.57
N GLY A 754 2.84 -6.47 24.87
CA GLY A 754 2.79 -7.56 25.82
C GLY A 754 4.06 -8.34 25.99
N SER A 755 3.94 -9.66 25.91
CA SER A 755 4.98 -10.61 26.27
C SER A 755 5.97 -10.94 25.17
N PHE A 756 5.99 -10.18 24.06
CA PHE A 756 6.95 -10.49 23.01
C PHE A 756 8.38 -10.53 23.54
N CYS A 757 8.70 -9.62 24.46
CA CYS A 757 10.03 -9.57 25.02
C CYS A 757 10.31 -10.71 25.97
N THR A 758 9.38 -11.01 26.88
CA THR A 758 9.66 -12.11 27.78
C THR A 758 9.81 -13.40 26.98
N GLN A 759 9.10 -13.51 25.85
CA GLN A 759 9.22 -14.72 25.05
C GLN A 759 10.53 -14.76 24.26
N LEU A 760 11.05 -13.59 23.85
CA LEU A 760 12.31 -13.63 23.11
C LEU A 760 13.48 -13.82 24.06
N ASN A 761 13.42 -13.19 25.23
CA ASN A 761 14.45 -13.39 26.23
C ASN A 761 14.44 -14.83 26.72
N ARG A 762 13.25 -15.42 26.86
CA ARG A 762 13.15 -16.82 27.22
C ARG A 762 13.74 -17.73 26.16
N ALA A 763 13.46 -17.46 24.88
CA ALA A 763 14.04 -18.28 23.82
C ALA A 763 15.56 -18.20 23.81
N LEU A 764 16.12 -16.99 23.95
CA LEU A 764 17.57 -16.85 23.92
C LEU A 764 18.21 -17.48 25.16
N THR A 765 17.54 -17.39 26.33
CA THR A 765 18.04 -18.08 27.51
C THR A 765 18.01 -19.59 27.30
N GLY A 766 16.95 -20.10 26.66
CA GLY A 766 16.88 -21.52 26.37
C GLY A 766 18.05 -21.97 25.52
N ILE A 767 18.41 -21.16 24.51
CA ILE A 767 19.54 -21.54 23.68
C ILE A 767 20.83 -21.48 24.47
N ALA A 768 21.02 -20.42 25.26
CA ALA A 768 22.24 -20.27 26.04
C ALA A 768 22.44 -21.44 27.01
N VAL A 769 21.38 -21.88 27.68
CA VAL A 769 21.52 -23.02 28.58
C VAL A 769 21.75 -24.31 27.79
N GLU A 770 21.07 -24.46 26.66
CA GLU A 770 21.22 -25.69 25.91
C GLU A 770 22.62 -25.85 25.36
N GLN A 771 23.36 -24.74 25.14
CA GLN A 771 24.73 -24.90 24.68
C GLN A 771 25.61 -25.53 25.77
N ASP A 772 25.32 -25.22 27.03
CA ASP A 772 26.10 -25.81 28.11
C ASP A 772 25.68 -27.25 28.32
N LYS A 773 24.40 -27.54 28.09
CA LYS A 773 23.95 -28.93 28.11
C LYS A 773 24.64 -29.74 27.02
N ASN A 774 24.80 -29.15 25.83
CA ASN A 774 25.53 -29.81 24.75
C ASN A 774 26.95 -30.12 25.14
N THR A 775 27.64 -29.13 25.74
CA THR A 775 29.03 -29.36 26.14
C THR A 775 29.12 -30.46 27.19
N GLN A 776 28.22 -30.45 28.17
CA GLN A 776 28.24 -31.48 29.20
C GLN A 776 27.98 -32.86 28.62
N GLU A 777 27.00 -32.96 27.72
CA GLU A 777 26.68 -34.25 27.14
C GLU A 777 27.79 -34.78 26.25
N VAL A 778 28.53 -33.91 25.58
CA VAL A 778 29.60 -34.40 24.71
C VAL A 778 30.84 -34.76 25.50
N PHE A 779 31.28 -33.89 26.41
CA PHE A 779 32.56 -34.10 27.06
C PHE A 779 32.48 -34.74 28.43
N ALA A 780 31.45 -34.44 29.23
CA ALA A 780 31.36 -34.93 30.61
C ALA A 780 30.76 -36.34 30.65
N GLN A 781 31.46 -37.27 30.01
CA GLN A 781 31.02 -38.66 29.98
C GLN A 781 31.81 -39.54 30.94
N VAL A 782 32.75 -38.98 31.68
CA VAL A 782 33.57 -39.73 32.63
C VAL A 782 33.32 -39.20 34.02
N LYS A 783 33.02 -40.11 34.95
CA LYS A 783 32.73 -39.71 36.32
C LYS A 783 33.98 -39.27 37.06
N GLN A 784 35.16 -39.69 36.60
CA GLN A 784 36.40 -39.41 37.30
C GLN A 784 37.44 -38.92 36.30
N ILE A 785 38.42 -38.20 36.82
CA ILE A 785 39.50 -37.65 35.99
C ILE A 785 40.67 -38.63 36.03
N TYR A 786 40.91 -39.30 34.90
CA TYR A 786 41.99 -40.25 34.78
C TYR A 786 43.27 -39.55 34.34
N LYS A 787 44.41 -40.18 34.64
CA LYS A 787 45.70 -39.61 34.27
C LYS A 787 46.61 -40.70 33.75
N THR A 788 47.41 -40.35 32.77
CA THR A 788 48.36 -41.26 32.17
C THR A 788 49.54 -41.42 33.13
N PRO A 789 50.22 -42.56 33.11
CA PRO A 789 51.40 -42.71 33.95
C PRO A 789 52.54 -41.84 33.45
N PRO A 790 53.51 -41.51 34.30
CA PRO A 790 54.63 -40.67 33.84
C PRO A 790 55.54 -41.36 32.84
N ILE A 791 55.50 -42.69 32.75
CA ILE A 791 56.37 -43.42 31.83
C ILE A 791 55.52 -43.89 30.65
N LYS A 792 55.89 -43.43 29.46
CA LYS A 792 55.14 -43.72 28.23
C LYS A 792 55.66 -45.00 27.58
N ASP A 793 55.60 -46.09 28.32
CA ASP A 793 56.01 -47.39 27.79
C ASP A 793 54.77 -48.12 27.25
N PHE A 794 54.29 -47.63 26.10
CA PHE A 794 53.09 -48.17 25.48
C PHE A 794 53.41 -49.12 24.34
N GLY A 795 54.51 -49.87 24.45
CA GLY A 795 54.83 -50.83 23.42
C GLY A 795 55.30 -50.24 22.13
N GLY A 796 55.81 -49.01 22.15
CA GLY A 796 56.24 -48.33 20.95
C GLY A 796 55.25 -47.33 20.42
N PHE A 797 54.06 -47.26 20.99
CA PHE A 797 53.05 -46.31 20.54
C PHE A 797 53.35 -44.93 21.11
N ASN A 798 53.25 -43.92 20.27
CA ASN A 798 53.52 -42.53 20.64
C ASN A 798 52.24 -41.73 20.74
N PHE A 799 51.91 -41.31 21.95
CA PHE A 799 50.71 -40.54 22.22
C PHE A 799 51.05 -39.10 22.58
N SER A 800 52.32 -38.73 22.45
CA SER A 800 52.75 -37.41 22.89
C SER A 800 52.12 -36.29 22.10
N GLN A 801 51.52 -36.58 20.96
CA GLN A 801 50.93 -35.51 20.18
C GLN A 801 49.47 -35.28 20.54
N ILE A 802 48.89 -36.14 21.36
CA ILE A 802 47.49 -36.00 21.77
C ILE A 802 47.35 -35.83 23.28
N LEU A 803 48.33 -36.23 24.08
CA LEU A 803 48.27 -36.06 25.51
C LEU A 803 48.68 -34.64 25.87
N PRO A 804 48.24 -34.12 27.02
CA PRO A 804 48.63 -32.76 27.41
C PRO A 804 50.14 -32.62 27.54
N ASP A 805 50.64 -31.48 27.09
CA ASP A 805 52.06 -31.16 27.16
C ASP A 805 52.28 -30.23 28.34
N PRO A 806 52.97 -30.68 29.39
CA PRO A 806 53.14 -29.82 30.58
C PRO A 806 53.82 -28.49 30.31
N SER A 807 54.43 -28.29 29.15
CA SER A 807 55.16 -27.06 28.86
C SER A 807 54.25 -25.91 28.45
N LYS A 808 52.99 -26.16 28.19
CA LYS A 808 52.11 -25.05 27.90
C LYS A 808 51.37 -24.60 29.15
N PRO A 809 50.95 -23.33 29.19
CA PRO A 809 50.20 -22.83 30.34
C PRO A 809 48.87 -23.54 30.58
N SER A 810 48.00 -23.57 29.58
CA SER A 810 46.69 -24.18 29.72
C SER A 810 46.71 -25.69 29.55
N LYS A 811 47.90 -26.29 29.42
CA LYS A 811 48.06 -27.74 29.34
C LYS A 811 47.18 -28.34 28.26
N ARG A 812 47.53 -28.02 27.02
CA ARG A 812 46.91 -28.60 25.84
C ARG A 812 47.91 -29.47 25.09
N SER A 813 47.39 -30.41 24.32
CA SER A 813 48.24 -31.24 23.51
C SER A 813 48.65 -30.49 22.25
N PRO A 814 49.69 -30.94 21.56
CA PRO A 814 50.09 -30.24 20.32
C PRO A 814 49.00 -30.16 19.27
N ILE A 815 48.29 -31.24 19.00
CA ILE A 815 47.21 -31.18 18.01
C ILE A 815 46.11 -30.23 18.48
N GLU A 816 45.75 -30.33 19.75
CA GLU A 816 44.72 -29.48 20.32
C GLU A 816 45.13 -28.01 20.30
N ASP A 817 46.41 -27.74 20.61
CA ASP A 817 46.92 -26.37 20.51
C ASP A 817 46.87 -25.88 19.07
N LEU A 818 47.17 -26.75 18.12
CA LEU A 818 47.11 -26.37 16.71
C LEU A 818 45.67 -26.03 16.31
N LEU A 819 44.70 -26.78 16.83
CA LEU A 819 43.30 -26.52 16.52
C LEU A 819 42.82 -25.20 17.11
N PHE A 820 43.25 -24.87 18.33
CA PHE A 820 42.87 -23.58 18.89
C PHE A 820 43.50 -22.38 18.19
N ASN A 821 44.59 -22.56 17.45
CA ASN A 821 45.21 -21.45 16.73
C ASN A 821 44.73 -21.28 15.29
N LYS A 822 43.83 -22.12 14.79
CA LYS A 822 43.36 -21.93 13.42
C LYS A 822 41.92 -21.43 13.31
N VAL A 823 41.05 -21.71 14.25
CA VAL A 823 39.70 -21.16 14.22
C VAL A 823 39.69 -19.85 15.02
N THR A 824 39.24 -18.79 14.37
CA THR A 824 39.31 -17.45 14.93
C THR A 824 37.90 -16.97 15.27
N LEU A 825 37.79 -16.28 16.40
CA LEU A 825 36.50 -15.76 16.84
C LEU A 825 36.43 -14.25 16.62
N GLN A 850 28.28 -4.46 17.98
CA GLN A 850 28.20 -5.91 17.93
C GLN A 850 27.89 -6.49 19.31
N LYS A 851 28.42 -5.83 20.34
CA LYS A 851 28.22 -6.27 21.72
C LYS A 851 28.23 -5.04 22.62
N PHE A 852 27.50 -4.00 22.21
CA PHE A 852 27.45 -2.74 22.94
C PHE A 852 26.05 -2.37 23.41
N ASN A 853 25.06 -2.33 22.53
CA ASN A 853 23.72 -1.88 22.91
C ASN A 853 22.75 -3.06 22.97
N GLY A 854 22.66 -3.66 24.15
CA GLY A 854 21.74 -4.73 24.46
C GLY A 854 22.20 -6.10 24.04
N LEU A 855 23.35 -6.22 23.39
CA LEU A 855 23.90 -7.49 22.95
C LEU A 855 25.03 -7.87 23.90
N THR A 856 24.89 -9.02 24.54
CA THR A 856 25.94 -9.51 25.43
C THR A 856 26.20 -10.96 25.11
N VAL A 857 27.37 -11.44 25.52
CA VAL A 857 27.78 -12.81 25.29
C VAL A 857 28.10 -13.42 26.64
N LEU A 858 27.47 -14.47 26.94
CA LEU A 858 27.72 -15.09 28.22
C LEU A 858 28.87 -16.08 28.08
N PRO A 859 29.69 -16.24 29.11
CA PRO A 859 30.78 -17.18 29.02
C PRO A 859 30.27 -18.60 29.17
N PRO A 860 30.94 -19.57 28.56
CA PRO A 860 30.52 -20.95 28.75
C PRO A 860 30.82 -21.42 30.16
N LEU A 861 30.06 -22.42 30.60
CA LEU A 861 30.27 -22.95 31.95
C LEU A 861 31.58 -23.72 32.04
N LEU A 862 31.91 -24.49 31.02
CA LEU A 862 33.15 -25.24 30.98
C LEU A 862 34.19 -24.45 30.21
N THR A 863 35.24 -24.02 30.89
CA THR A 863 36.27 -23.25 30.21
C THR A 863 37.10 -24.18 29.32
N ASP A 864 37.81 -23.58 28.38
CA ASP A 864 38.60 -24.37 27.45
C ASP A 864 39.63 -25.21 28.17
N GLU A 865 40.17 -24.72 29.28
CA GLU A 865 41.11 -25.53 30.05
C GLU A 865 40.39 -26.73 30.66
N MET A 866 39.18 -26.54 31.16
CA MET A 866 38.47 -27.64 31.79
C MET A 866 37.93 -28.63 30.76
N ILE A 867 37.54 -28.15 29.59
CA ILE A 867 37.15 -29.07 28.52
C ILE A 867 38.35 -29.87 28.09
N ALA A 868 39.51 -29.22 27.95
CA ALA A 868 40.73 -29.93 27.63
C ALA A 868 41.06 -30.97 28.69
N GLN A 869 40.78 -30.66 29.96
CA GLN A 869 41.01 -31.65 31.01
C GLN A 869 40.04 -32.83 30.90
N TYR A 870 38.81 -32.59 30.47
CA TYR A 870 37.90 -33.72 30.23
C TYR A 870 38.40 -34.59 29.09
N THR A 871 38.87 -33.98 28.00
CA THR A 871 39.39 -34.78 26.91
C THR A 871 40.66 -35.50 27.31
N SER A 872 41.46 -34.89 28.19
CA SER A 872 42.63 -35.59 28.73
C SER A 872 42.21 -36.80 29.55
N ALA A 873 41.18 -36.65 30.39
CA ALA A 873 40.70 -37.78 31.17
C ALA A 873 40.18 -38.89 30.27
N LEU A 874 39.47 -38.53 29.20
CA LEU A 874 38.96 -39.56 28.29
C LEU A 874 40.10 -40.25 27.57
N LEU A 875 41.11 -39.49 27.18
CA LEU A 875 42.26 -40.08 26.50
C LEU A 875 43.06 -40.98 27.43
N ALA A 876 43.30 -40.53 28.67
CA ALA A 876 44.05 -41.36 29.62
C ALA A 876 43.28 -42.64 29.94
N GLY A 877 41.97 -42.54 30.07
CA GLY A 877 41.17 -43.73 30.32
C GLY A 877 41.25 -44.71 29.15
N THR A 878 41.05 -44.20 27.93
CA THR A 878 41.12 -45.06 26.76
C THR A 878 42.49 -45.69 26.62
N ILE A 879 43.55 -44.94 26.92
CA ILE A 879 44.90 -45.45 26.74
C ILE A 879 45.23 -46.51 27.78
N THR A 880 44.82 -46.31 29.03
CA THR A 880 45.22 -47.22 30.09
C THR A 880 44.24 -48.35 30.36
N SER A 881 42.98 -48.23 29.93
CA SER A 881 41.97 -49.20 30.30
C SER A 881 41.08 -49.64 29.14
N GLY A 882 41.34 -49.21 27.91
CA GLY A 882 40.48 -49.58 26.80
C GLY A 882 39.07 -49.05 26.96
N TRP A 883 38.09 -49.93 26.75
CA TRP A 883 36.70 -49.55 26.86
C TRP A 883 36.12 -49.86 28.23
N THR A 884 36.90 -50.46 29.11
CA THR A 884 36.35 -50.90 30.39
C THR A 884 35.96 -49.73 31.28
N PHE A 885 36.62 -48.58 31.15
CA PHE A 885 36.25 -47.44 31.96
C PHE A 885 34.91 -46.85 31.53
N GLY A 886 34.44 -47.17 30.34
CA GLY A 886 33.10 -46.76 29.92
C GLY A 886 32.00 -47.58 30.55
N ALA A 887 32.19 -48.91 30.57
CA ALA A 887 31.16 -49.80 31.10
C ALA A 887 31.08 -49.74 32.62
N GLY A 888 32.23 -49.70 33.30
CA GLY A 888 32.24 -49.66 34.74
C GLY A 888 33.51 -49.06 35.29
N PRO A 889 34.22 -49.83 36.12
CA PRO A 889 35.47 -49.33 36.69
C PRO A 889 36.61 -49.46 35.69
N ALA A 890 37.59 -48.58 35.83
CA ALA A 890 38.73 -48.55 34.91
C ALA A 890 39.68 -49.69 35.26
N LEU A 891 39.79 -50.66 34.35
CA LEU A 891 40.64 -51.83 34.51
C LEU A 891 41.86 -51.64 33.62
N GLN A 892 43.04 -51.49 34.23
CA GLN A 892 44.24 -51.30 33.41
C GLN A 892 44.51 -52.54 32.56
N ILE A 893 45.06 -52.29 31.38
CA ILE A 893 45.47 -53.33 30.43
C ILE A 893 46.67 -52.79 29.66
N PRO A 894 47.69 -53.60 29.40
CA PRO A 894 48.79 -53.13 28.56
C PRO A 894 48.26 -52.69 27.21
N PHE A 895 48.77 -51.57 26.71
CA PHE A 895 48.21 -51.02 25.49
C PHE A 895 48.37 -51.95 24.29
N PRO A 896 49.50 -52.63 24.09
CA PRO A 896 49.55 -53.57 22.96
C PRO A 896 48.53 -54.69 23.07
N MET A 897 48.23 -55.16 24.28
CA MET A 897 47.20 -56.19 24.42
C MET A 897 45.81 -55.62 24.18
N GLN A 898 45.58 -54.37 24.58
CA GLN A 898 44.34 -53.69 24.26
C GLN A 898 44.15 -53.56 22.76
N MET A 899 45.20 -53.14 22.07
CA MET A 899 45.13 -53.02 20.62
C MET A 899 44.94 -54.39 19.98
N ALA A 900 45.53 -55.44 20.57
CA ALA A 900 45.32 -56.79 20.06
C ALA A 900 43.85 -57.19 20.15
N TYR A 901 43.19 -56.84 21.25
CA TYR A 901 41.76 -57.14 21.32
C TYR A 901 40.96 -56.27 20.36
N ARG A 902 41.34 -55.02 20.19
CA ARG A 902 40.66 -54.20 19.19
C ARG A 902 40.83 -54.80 17.79
N PHE A 903 41.96 -55.46 17.53
CA PHE A 903 42.13 -56.20 16.29
C PHE A 903 41.21 -57.41 16.25
N ASN A 904 41.10 -58.13 17.37
CA ASN A 904 40.19 -59.27 17.42
C ASN A 904 38.76 -58.83 17.13
N GLY A 905 38.40 -57.62 17.53
CA GLY A 905 37.06 -57.12 17.31
C GLY A 905 36.68 -56.87 15.86
N ILE A 906 37.65 -56.82 14.96
CA ILE A 906 37.37 -56.59 13.54
C ILE A 906 37.62 -57.83 12.69
N GLY A 907 37.74 -58.99 13.32
CA GLY A 907 37.90 -60.22 12.56
C GLY A 907 39.32 -60.51 12.13
N VAL A 908 40.31 -59.99 12.83
CA VAL A 908 41.71 -60.25 12.56
C VAL A 908 42.29 -60.86 13.83
N THR A 909 42.85 -62.05 13.70
CA THR A 909 43.40 -62.75 14.85
C THR A 909 44.44 -61.87 15.53
N GLN A 910 44.42 -61.88 16.86
CA GLN A 910 45.32 -61.08 17.67
C GLN A 910 46.79 -61.36 17.42
N ASN A 911 47.15 -62.52 16.88
CA ASN A 911 48.56 -62.77 16.61
C ASN A 911 49.11 -61.87 15.52
N VAL A 912 48.23 -61.32 14.66
CA VAL A 912 48.69 -60.43 13.61
C VAL A 912 49.35 -59.19 14.19
N LEU A 913 48.75 -58.63 15.24
CA LEU A 913 49.36 -57.46 15.87
C LEU A 913 50.69 -57.81 16.51
N TYR A 914 50.73 -58.90 17.28
CA TYR A 914 51.93 -59.21 18.04
C TYR A 914 53.11 -59.50 17.14
N GLU A 915 52.89 -60.22 16.05
CA GLU A 915 54.01 -60.44 15.14
C GLU A 915 54.42 -59.17 14.41
N ASN A 916 53.47 -58.25 14.20
CA ASN A 916 53.74 -56.99 13.50
C ASN A 916 53.72 -55.77 14.41
N GLN A 917 53.95 -55.96 15.71
CA GLN A 917 53.80 -54.87 16.68
C GLN A 917 54.69 -53.67 16.35
N LYS A 918 55.92 -53.91 15.90
CA LYS A 918 56.80 -52.80 15.57
C LYS A 918 56.27 -52.01 14.37
N LEU A 919 55.81 -52.72 13.34
CA LEU A 919 55.25 -52.03 12.19
C LEU A 919 54.02 -51.25 12.61
N ILE A 920 53.09 -51.92 13.28
CA ILE A 920 51.84 -51.29 13.66
C ILE A 920 52.11 -50.00 14.42
N ALA A 921 53.04 -50.05 15.38
CA ALA A 921 53.40 -48.87 16.15
C ALA A 921 53.98 -47.76 15.28
N ASN A 922 54.85 -48.13 14.34
CA ASN A 922 55.46 -47.12 13.48
C ASN A 922 54.41 -46.48 12.58
N GLN A 923 53.46 -47.27 12.08
CA GLN A 923 52.40 -46.74 11.24
C GLN A 923 51.50 -45.82 12.02
N PHE A 924 51.16 -46.20 13.26
CA PHE A 924 50.34 -45.33 14.09
C PHE A 924 51.04 -44.01 14.37
N ASN A 925 52.33 -44.07 14.74
CA ASN A 925 53.06 -42.84 15.00
C ASN A 925 53.16 -41.96 13.77
N SER A 926 53.38 -42.58 12.60
CA SER A 926 53.49 -41.78 11.39
C SER A 926 52.15 -41.14 11.03
N ALA A 927 51.04 -41.87 11.21
CA ALA A 927 49.74 -41.28 10.94
C ALA A 927 49.45 -40.12 11.86
N ILE A 928 49.77 -40.26 13.16
CA ILE A 928 49.53 -39.16 14.09
C ILE A 928 50.41 -37.96 13.73
N GLY A 929 51.67 -38.21 13.38
CA GLY A 929 52.52 -37.11 12.94
C GLY A 929 52.00 -36.44 11.69
N LYS A 930 51.43 -37.23 10.77
CA LYS A 930 50.91 -36.69 9.53
C LYS A 930 49.69 -35.82 9.78
N ILE A 931 48.93 -36.12 10.83
CA ILE A 931 47.70 -35.35 11.10
C ILE A 931 48.05 -33.88 11.32
N GLN A 932 49.09 -33.61 12.10
CA GLN A 932 49.45 -32.22 12.41
C GLN A 932 49.80 -31.46 11.15
N ASP A 933 50.61 -32.07 10.28
CA ASP A 933 50.98 -31.39 9.03
C ASP A 933 49.76 -31.22 8.13
N SER A 934 48.86 -32.19 8.14
CA SER A 934 47.68 -32.13 7.29
C SER A 934 46.80 -30.96 7.69
N LEU A 935 46.46 -30.89 8.97
CA LEU A 935 45.64 -29.78 9.44
C LEU A 935 46.38 -28.44 9.40
N SER A 936 47.71 -28.45 9.56
CA SER A 936 48.49 -27.22 9.47
C SER A 936 48.71 -26.73 8.04
N SER A 937 48.42 -27.57 7.04
CA SER A 937 48.69 -27.21 5.66
C SER A 937 47.46 -27.20 4.77
N THR A 938 46.36 -27.83 5.16
CA THR A 938 45.17 -27.87 4.34
C THR A 938 44.16 -26.89 4.91
N PRO A 939 43.96 -25.72 4.30
CA PRO A 939 42.94 -24.80 4.81
C PRO A 939 41.55 -25.41 4.68
N SER A 940 40.58 -24.75 5.30
CA SER A 940 39.18 -25.20 5.30
C SER A 940 39.00 -26.50 6.07
N ALA A 941 40.10 -27.10 6.54
CA ALA A 941 40.01 -28.34 7.30
C ALA A 941 39.15 -28.17 8.54
N LEU A 942 39.13 -26.97 9.12
CA LEU A 942 38.31 -26.64 10.27
C LEU A 942 37.05 -25.88 9.85
N GLY A 943 36.65 -26.01 8.60
CA GLY A 943 35.51 -25.28 8.08
C GLY A 943 34.21 -25.51 8.82
N LYS A 944 33.99 -26.71 9.35
CA LYS A 944 32.73 -26.98 10.03
C LYS A 944 32.51 -26.11 11.26
N LEU A 945 33.59 -25.65 11.91
CA LEU A 945 33.51 -24.74 13.05
C LEU A 945 33.65 -23.29 12.66
N GLN A 946 34.43 -23.01 11.62
CA GLN A 946 34.55 -21.63 11.20
C GLN A 946 33.24 -21.16 10.58
N ASP A 947 32.53 -22.06 9.89
CA ASP A 947 31.25 -21.71 9.30
C ASP A 947 30.19 -21.43 10.36
N VAL A 948 30.19 -22.17 11.48
CA VAL A 948 29.24 -21.84 12.54
C VAL A 948 29.58 -20.50 13.17
N VAL A 949 30.87 -20.26 13.42
CA VAL A 949 31.25 -18.96 14.01
C VAL A 949 30.86 -17.83 13.05
N ASN A 950 31.12 -18.04 11.75
CA ASN A 950 30.81 -17.02 10.76
C ASN A 950 29.32 -16.79 10.65
N GLN A 951 28.52 -17.85 10.70
CA GLN A 951 27.08 -17.68 10.59
C GLN A 951 26.53 -16.91 11.79
N ASN A 952 27.06 -17.18 12.99
CA ASN A 952 26.57 -16.45 14.15
C ASN A 952 27.03 -15.00 14.11
N ALA A 953 28.26 -14.77 13.64
CA ALA A 953 28.74 -13.39 13.52
C ALA A 953 27.94 -12.63 12.47
N GLN A 954 27.60 -13.28 11.36
CA GLN A 954 26.83 -12.62 10.31
C GLN A 954 25.41 -12.31 10.78
N ALA A 955 24.78 -13.24 11.50
CA ALA A 955 23.45 -12.98 12.03
C ALA A 955 23.48 -11.84 13.03
N LEU A 956 24.50 -11.80 13.89
CA LEU A 956 24.57 -10.72 14.87
C LEU A 956 24.90 -9.40 14.20
N ASN A 957 25.73 -9.44 13.15
CA ASN A 957 26.08 -8.22 12.43
C ASN A 957 24.88 -7.64 11.71
N THR A 958 24.06 -8.49 11.08
CA THR A 958 22.85 -7.96 10.44
C THR A 958 21.87 -7.45 11.48
N LEU A 959 21.78 -8.12 12.62
CA LEU A 959 20.91 -7.65 13.69
C LEU A 959 21.32 -6.25 14.13
N VAL A 960 22.63 -6.00 14.27
CA VAL A 960 23.09 -4.68 14.64
C VAL A 960 22.83 -3.68 13.52
N LYS A 961 23.14 -4.08 12.28
CA LYS A 961 22.98 -3.18 11.14
C LYS A 961 21.54 -2.75 10.95
N GLN A 962 20.58 -3.56 11.39
CA GLN A 962 19.19 -3.15 11.26
C GLN A 962 18.87 -1.88 12.04
N LEU A 963 19.70 -1.51 13.01
CA LEU A 963 19.46 -0.26 13.73
C LEU A 963 19.65 0.97 12.83
N SER A 964 20.34 0.82 11.70
CA SER A 964 20.50 1.95 10.80
C SER A 964 19.29 2.16 9.90
N SER A 965 18.36 1.22 9.87
CA SER A 965 17.21 1.32 8.98
C SER A 965 16.14 2.20 9.60
N ASN A 966 15.40 2.89 8.74
CA ASN A 966 14.35 3.79 9.16
C ASN A 966 13.02 3.09 9.35
N PHE A 967 12.72 2.09 8.52
CA PHE A 967 11.41 1.44 8.48
C PHE A 967 10.29 2.45 8.25
N GLY A 968 10.62 3.57 7.60
CA GLY A 968 9.65 4.61 7.33
C GLY A 968 9.72 5.77 8.30
N ALA A 969 10.47 5.65 9.39
CA ALA A 969 10.58 6.72 10.35
C ALA A 969 11.41 7.87 9.79
N ILE A 970 11.25 9.05 10.41
CA ILE A 970 11.97 10.22 9.93
C ILE A 970 13.47 10.09 10.16
N SER A 971 13.88 9.29 11.13
CA SER A 971 15.30 9.10 11.36
C SER A 971 15.51 7.80 12.12
N SER A 972 16.63 7.14 11.84
CA SER A 972 16.93 5.87 12.48
C SER A 972 17.39 6.05 13.92
N VAL A 973 17.82 7.24 14.30
CA VAL A 973 18.28 7.49 15.67
C VAL A 973 17.05 7.86 16.50
N LEU A 974 16.71 6.98 17.43
CA LEU A 974 15.50 7.16 18.23
C LEU A 974 15.60 8.40 19.12
N ASN A 975 16.79 8.66 19.66
CA ASN A 975 16.94 9.80 20.56
C ASN A 975 16.77 11.14 19.84
N ASP A 976 17.14 11.24 18.55
CA ASP A 976 16.98 12.54 17.89
C ASP A 976 15.50 12.84 17.61
N ILE A 977 14.71 11.81 17.31
CA ILE A 977 13.28 12.06 17.11
C ILE A 977 12.65 12.41 18.45
N LEU A 978 13.03 11.72 19.53
CA LEU A 978 12.47 12.14 20.81
C LEU A 978 12.91 13.56 21.17
N SER A 979 14.10 13.96 20.74
CA SER A 979 14.59 15.31 21.02
C SER A 979 14.02 16.37 20.09
N ARG A 980 13.36 16.01 19.01
CA ARG A 980 12.79 17.02 18.13
C ARG A 980 11.26 16.97 17.99
N LEU A 981 10.62 15.83 18.23
CA LEU A 981 9.18 15.71 18.07
C LEU A 981 8.45 15.62 19.41
N ASP A 982 7.27 16.23 19.46
CA ASP A 982 6.44 16.16 20.66
C ASP A 982 5.86 14.76 20.78
N PRO A 983 5.61 14.28 22.01
CA PRO A 983 5.07 12.93 22.21
C PRO A 983 3.90 12.58 21.32
N PRO A 984 2.89 13.47 21.15
CA PRO A 984 1.73 13.03 20.34
C PRO A 984 2.05 12.66 18.90
N GLU A 985 3.13 13.18 18.33
CA GLU A 985 3.55 12.80 16.99
C GLU A 985 4.81 11.96 16.98
N ALA A 986 5.68 12.13 17.97
CA ALA A 986 6.84 11.27 18.11
C ALA A 986 6.42 9.83 18.33
N GLU A 987 5.27 9.62 18.98
CA GLU A 987 4.78 8.27 19.24
C GLU A 987 4.53 7.48 17.96
N VAL A 988 4.07 8.12 16.89
CA VAL A 988 3.85 7.36 15.65
C VAL A 988 5.18 6.92 15.04
N GLN A 989 6.17 7.81 15.03
CA GLN A 989 7.47 7.46 14.45
C GLN A 989 8.13 6.37 15.29
N ILE A 990 7.99 6.49 16.61
CA ILE A 990 8.58 5.49 17.49
C ILE A 990 7.86 4.16 17.32
N ASP A 991 6.54 4.17 17.20
CA ASP A 991 5.81 2.93 16.98
C ASP A 991 6.26 2.24 15.70
N ARG A 992 6.54 3.03 14.65
CA ARG A 992 7.03 2.43 13.41
C ARG A 992 8.42 1.82 13.61
N LEU A 993 9.26 2.50 14.37
CA LEU A 993 10.60 2.00 14.63
C LEU A 993 10.53 0.76 15.51
N ILE A 994 9.60 0.74 16.47
CA ILE A 994 9.37 -0.42 17.33
C ILE A 994 8.95 -1.61 16.50
N THR A 995 8.01 -1.40 15.58
CA THR A 995 7.53 -2.51 14.78
C THR A 995 8.67 -3.08 13.93
N GLY A 996 9.46 -2.21 13.30
CA GLY A 996 10.55 -2.70 12.48
C GLY A 996 11.62 -3.43 13.27
N ARG A 997 12.02 -2.88 14.41
CA ARG A 997 13.07 -3.55 15.19
C ARG A 997 12.56 -4.80 15.88
N LEU A 998 11.30 -4.83 16.32
CA LEU A 998 10.78 -6.03 16.95
C LEU A 998 10.65 -7.16 15.95
N GLN A 999 10.20 -6.87 14.73
CA GLN A 999 10.14 -7.95 13.74
C GLN A 999 11.53 -8.38 13.30
N SER A 1000 12.50 -7.46 13.22
CA SER A 1000 13.86 -7.88 12.92
C SER A 1000 14.44 -8.77 14.02
N LEU A 1001 14.18 -8.42 15.29
CA LEU A 1001 14.62 -9.25 16.40
C LEU A 1001 13.94 -10.62 16.36
N GLN A 1002 12.66 -10.66 16.01
CA GLN A 1002 11.97 -11.94 15.93
C GLN A 1002 12.57 -12.80 14.83
N THR A 1003 12.95 -12.19 13.71
CA THR A 1003 13.60 -12.96 12.66
C THR A 1003 14.94 -13.52 13.13
N TYR A 1004 15.73 -12.68 13.80
CA TYR A 1004 17.00 -13.14 14.36
C TYR A 1004 16.79 -14.31 15.32
N VAL A 1005 15.84 -14.18 16.25
CA VAL A 1005 15.59 -15.22 17.23
C VAL A 1005 15.12 -16.51 16.56
N THR A 1006 14.23 -16.43 15.58
CA THR A 1006 13.77 -17.63 14.90
C THR A 1006 14.92 -18.35 14.19
N GLN A 1007 15.76 -17.58 13.48
CA GLN A 1007 16.88 -18.20 12.80
C GLN A 1007 17.86 -18.79 13.81
N GLN A 1008 18.01 -18.14 14.96
CA GLN A 1008 18.87 -18.67 16.01
C GLN A 1008 18.30 -19.94 16.61
N LEU A 1009 16.98 -20.04 16.72
CA LEU A 1009 16.37 -21.26 17.23
C LEU A 1009 16.58 -22.42 16.29
N ILE A 1010 16.47 -22.17 14.98
CA ILE A 1010 16.71 -23.24 14.01
C ILE A 1010 18.18 -23.63 14.01
N ARG A 1011 19.08 -22.64 14.00
CA ARG A 1011 20.51 -22.93 14.02
C ARG A 1011 20.90 -23.66 15.30
N ALA A 1012 20.27 -23.31 16.42
CA ALA A 1012 20.51 -24.00 17.67
C ALA A 1012 20.04 -25.45 17.60
N ALA A 1013 18.91 -25.69 16.93
CA ALA A 1013 18.46 -27.07 16.77
C ALA A 1013 19.43 -27.87 15.91
N GLU A 1014 19.99 -27.24 14.89
CA GLU A 1014 20.99 -27.93 14.07
C GLU A 1014 22.25 -28.23 14.87
N ILE A 1015 22.73 -27.27 15.65
CA ILE A 1015 23.92 -27.48 16.47
C ILE A 1015 23.64 -28.53 17.54
N ARG A 1016 22.44 -28.52 18.11
CA ARG A 1016 22.06 -29.54 19.08
C ARG A 1016 22.08 -30.93 18.46
N ALA A 1017 21.56 -31.06 17.24
CA ALA A 1017 21.63 -32.35 16.57
C ALA A 1017 23.08 -32.76 16.35
N SER A 1018 23.93 -31.81 15.97
CA SER A 1018 25.35 -32.12 15.79
C SER A 1018 26.00 -32.51 17.11
N ALA A 1019 25.67 -31.83 18.19
CA ALA A 1019 26.20 -32.16 19.51
C ALA A 1019 25.74 -33.54 19.97
N ASN A 1020 24.49 -33.90 19.70
CA ASN A 1020 24.00 -35.23 20.03
C ASN A 1020 24.76 -36.27 19.23
N LEU A 1021 25.02 -35.98 17.96
CA LEU A 1021 25.79 -36.89 17.14
C LEU A 1021 27.22 -37.01 17.67
N ALA A 1022 27.81 -35.89 18.09
CA ALA A 1022 29.14 -35.91 18.65
C ALA A 1022 29.20 -36.70 19.95
N ALA A 1023 28.18 -36.58 20.79
CA ALA A 1023 28.15 -37.35 22.03
C ALA A 1023 27.99 -38.84 21.74
N THR A 1024 27.17 -39.19 20.74
CA THR A 1024 27.03 -40.57 20.35
C THR A 1024 28.33 -41.12 19.78
N LYS A 1025 29.00 -40.33 18.95
CA LYS A 1025 30.28 -40.73 18.40
C LYS A 1025 31.33 -40.90 19.49
N MET A 1026 31.38 -39.97 20.44
CA MET A 1026 32.29 -40.06 21.56
C MET A 1026 32.04 -41.34 22.35
N SER A 1027 30.79 -41.64 22.64
CA SER A 1027 30.51 -42.85 23.41
C SER A 1027 30.83 -44.10 22.62
N GLU A 1028 30.43 -44.16 21.36
CA GLU A 1028 30.51 -45.38 20.58
C GLU A 1028 31.77 -45.50 19.74
N CYS A 1029 32.71 -44.60 19.91
CA CYS A 1029 33.95 -44.64 19.16
C CYS A 1029 35.13 -44.47 20.09
N VAL A 1030 35.04 -43.53 21.03
CA VAL A 1030 36.11 -43.29 22.00
C VAL A 1030 35.98 -44.23 23.19
N LEU A 1031 34.78 -44.34 23.74
CA LEU A 1031 34.55 -45.10 24.95
C LEU A 1031 34.47 -46.60 24.69
N GLY A 1032 34.12 -47.01 23.48
CA GLY A 1032 34.05 -48.40 23.10
C GLY A 1032 34.76 -48.64 21.78
N GLN A 1033 34.22 -49.60 21.02
CA GLN A 1033 34.66 -49.89 19.67
C GLN A 1033 33.40 -50.15 18.85
N SER A 1034 33.28 -49.47 17.72
CA SER A 1034 32.06 -49.50 16.93
C SER A 1034 32.15 -50.54 15.81
N LYS A 1035 31.14 -51.38 15.71
CA LYS A 1035 31.03 -52.34 14.63
C LYS A 1035 30.21 -51.82 13.48
N ARG A 1036 29.57 -50.66 13.62
CA ARG A 1036 28.76 -50.12 12.54
C ARG A 1036 29.67 -49.36 11.59
N VAL A 1037 29.65 -49.80 10.32
CA VAL A 1037 30.61 -49.34 9.32
C VAL A 1037 30.47 -47.86 9.00
N ASP A 1038 31.62 -47.22 8.83
CA ASP A 1038 31.81 -45.81 8.47
C ASP A 1038 31.22 -44.83 9.49
N PHE A 1039 30.80 -45.31 10.65
CA PHE A 1039 30.38 -44.37 11.68
C PHE A 1039 31.59 -43.73 12.35
N CYS A 1040 32.71 -44.45 12.43
CA CYS A 1040 33.92 -43.95 13.06
C CYS A 1040 35.05 -43.93 12.03
N GLY A 1041 34.81 -43.26 10.91
CA GLY A 1041 35.79 -43.12 9.86
C GLY A 1041 35.84 -44.28 8.89
N LYS A 1042 36.56 -44.05 7.79
CA LYS A 1042 36.73 -45.06 6.75
C LYS A 1042 37.65 -46.18 7.22
N GLY A 1043 37.23 -47.41 6.97
CA GLY A 1043 38.00 -48.57 7.38
C GLY A 1043 37.28 -49.33 8.48
N TYR A 1044 37.95 -50.35 8.98
CA TYR A 1044 37.44 -51.11 10.11
C TYR A 1044 37.90 -50.38 11.36
N HIS A 1045 36.95 -49.96 12.17
CA HIS A 1045 37.29 -49.11 13.31
C HIS A 1045 38.11 -49.86 14.33
N LEU A 1046 39.19 -49.24 14.77
CA LEU A 1046 39.97 -49.77 15.88
C LEU A 1046 39.75 -48.95 17.14
N MET A 1047 40.08 -47.67 17.14
CA MET A 1047 39.90 -46.91 18.37
C MET A 1047 39.83 -45.43 18.02
N SER A 1048 39.43 -44.59 18.96
CA SER A 1048 39.34 -43.17 18.65
C SER A 1048 39.90 -42.30 19.76
N PHE A 1049 40.26 -41.08 19.37
CA PHE A 1049 40.87 -40.07 20.21
C PHE A 1049 40.05 -38.79 20.20
N PRO A 1050 39.56 -38.31 21.33
CA PRO A 1050 38.87 -37.02 21.34
C PRO A 1050 39.85 -35.89 21.49
N GLN A 1051 39.53 -34.76 20.87
CA GLN A 1051 40.31 -33.55 21.03
C GLN A 1051 39.33 -32.39 21.10
N SER A 1052 39.58 -31.47 21.99
CA SER A 1052 38.71 -30.32 22.07
C SER A 1052 39.10 -29.28 21.02
N ALA A 1053 38.14 -28.46 20.65
CA ALA A 1053 38.39 -27.34 19.75
C ALA A 1053 37.40 -26.26 20.12
N PRO A 1054 37.68 -25.01 19.77
CA PRO A 1054 36.72 -23.94 20.09
C PRO A 1054 35.34 -24.25 19.55
N HIS A 1055 34.38 -24.33 20.45
CA HIS A 1055 32.99 -24.61 20.12
C HIS A 1055 32.83 -25.91 19.34
N GLY A 1056 33.68 -26.90 19.60
CA GLY A 1056 33.53 -28.15 18.88
C GLY A 1056 34.48 -29.21 19.38
N VAL A 1057 34.41 -30.37 18.71
CA VAL A 1057 35.24 -31.52 19.03
C VAL A 1057 35.80 -32.10 17.75
N VAL A 1058 37.02 -32.61 17.83
CA VAL A 1058 37.71 -33.24 16.71
C VAL A 1058 38.02 -34.67 17.11
N PHE A 1059 37.62 -35.63 16.28
CA PHE A 1059 37.88 -37.03 16.57
C PHE A 1059 38.98 -37.52 15.64
N LEU A 1060 39.96 -38.20 16.22
CA LEU A 1060 41.02 -38.87 15.49
C LEU A 1060 40.66 -40.35 15.50
N HIS A 1061 40.26 -40.88 14.38
CA HIS A 1061 39.84 -42.28 14.30
C HIS A 1061 40.98 -43.11 13.75
N VAL A 1062 41.39 -44.11 14.51
CA VAL A 1062 42.43 -45.03 14.11
C VAL A 1062 41.71 -46.26 13.60
N THR A 1063 41.92 -46.55 12.32
CA THR A 1063 41.20 -47.59 11.61
C THR A 1063 42.17 -48.51 10.89
N TYR A 1064 41.71 -49.73 10.67
CA TYR A 1064 42.44 -50.77 9.97
C TYR A 1064 41.96 -50.78 8.53
N VAL A 1065 42.87 -50.61 7.59
CA VAL A 1065 42.57 -50.55 6.16
C VAL A 1065 43.35 -51.62 5.42
N PRO A 1066 42.68 -52.60 4.80
CA PRO A 1066 43.41 -53.70 4.19
C PRO A 1066 44.13 -53.19 2.95
N ALA A 1067 45.29 -53.76 2.68
CA ALA A 1067 46.08 -53.32 1.55
C ALA A 1067 46.91 -54.46 0.99
N GLN A 1068 47.62 -54.15 -0.09
CA GLN A 1068 47.61 -54.90 -1.35
C GLN A 1068 47.07 -56.31 -1.28
N GLU A 1069 45.95 -56.51 -1.98
CA GLU A 1069 45.24 -57.78 -2.04
C GLU A 1069 45.94 -58.73 -3.00
N LYS A 1070 45.67 -60.02 -2.83
CA LYS A 1070 46.15 -61.02 -3.76
C LYS A 1070 45.01 -61.93 -4.19
N ASN A 1071 44.99 -62.27 -5.48
CA ASN A 1071 43.98 -63.18 -6.01
C ASN A 1071 44.25 -64.58 -5.48
N PHE A 1072 43.18 -65.31 -5.18
CA PHE A 1072 43.27 -66.74 -4.92
C PHE A 1072 42.04 -67.45 -5.44
N THR A 1073 42.22 -68.71 -5.84
CA THR A 1073 41.10 -69.53 -6.25
C THR A 1073 40.44 -70.10 -4.99
N THR A 1074 39.11 -70.16 -4.99
CA THR A 1074 38.37 -70.61 -3.82
C THR A 1074 37.34 -71.65 -4.18
N ALA A 1075 36.73 -72.20 -3.12
CA ALA A 1075 35.66 -73.16 -3.21
C ALA A 1075 34.91 -73.03 -1.90
N PRO A 1076 33.59 -73.14 -1.89
CA PRO A 1076 32.85 -72.98 -0.64
C PRO A 1076 32.99 -74.16 0.31
N ALA A 1077 33.40 -75.33 -0.16
CA ALA A 1077 33.48 -76.48 0.71
C ALA A 1077 34.48 -77.47 0.11
N ILE A 1078 34.95 -78.39 0.95
CA ILE A 1078 35.94 -79.38 0.53
C ILE A 1078 35.36 -80.77 0.72
N CYS A 1079 35.43 -81.60 -0.32
CA CYS A 1079 34.99 -82.98 -0.18
C CYS A 1079 36.17 -83.82 0.29
N HIS A 1080 35.96 -84.55 1.38
CA HIS A 1080 36.94 -85.50 1.89
C HIS A 1080 36.17 -86.79 2.17
N ASP A 1081 36.56 -87.85 1.48
CA ASP A 1081 35.95 -89.18 1.62
C ASP A 1081 34.43 -89.14 1.48
N GLY A 1082 33.91 -88.14 0.77
CA GLY A 1082 32.49 -88.01 0.50
C GLY A 1082 31.79 -87.01 1.39
N LYS A 1083 32.41 -86.64 2.50
CA LYS A 1083 31.90 -85.69 3.47
C LYS A 1083 32.30 -84.26 3.09
N ALA A 1084 31.40 -83.31 3.32
CA ALA A 1084 31.65 -81.90 2.99
C ALA A 1084 32.11 -81.11 4.19
N HIS A 1085 33.30 -80.53 4.09
CA HIS A 1085 33.92 -79.72 5.13
C HIS A 1085 33.81 -78.23 4.79
N PHE A 1086 33.36 -77.43 5.77
CA PHE A 1086 33.29 -75.98 5.65
C PHE A 1086 34.20 -75.33 6.69
N PRO A 1087 34.82 -74.20 6.39
CA PRO A 1087 35.68 -73.55 7.38
C PRO A 1087 34.88 -73.00 8.55
N ARG A 1088 35.42 -73.14 9.76
CA ARG A 1088 34.74 -72.53 10.90
C ARG A 1088 34.95 -71.02 10.90
N GLU A 1089 36.15 -70.58 10.58
CA GLU A 1089 36.45 -69.18 10.39
C GLU A 1089 37.39 -69.06 9.20
N GLY A 1090 37.20 -68.01 8.41
CA GLY A 1090 38.01 -67.84 7.23
C GLY A 1090 37.43 -68.55 6.02
N VAL A 1091 38.23 -68.59 4.96
CA VAL A 1091 37.86 -69.15 3.68
C VAL A 1091 38.97 -70.07 3.19
N PHE A 1092 38.60 -70.97 2.28
CA PHE A 1092 39.56 -71.83 1.61
C PHE A 1092 40.12 -71.10 0.41
N VAL A 1093 41.44 -71.10 0.27
CA VAL A 1093 42.09 -70.46 -0.86
C VAL A 1093 43.16 -71.40 -1.40
N SER A 1094 43.50 -71.21 -2.66
CA SER A 1094 44.54 -72.02 -3.28
C SER A 1094 45.55 -71.08 -3.92
N ASN A 1095 46.83 -71.47 -3.87
CA ASN A 1095 47.82 -70.72 -4.65
C ASN A 1095 47.98 -71.32 -6.03
N GLY A 1096 46.99 -72.10 -6.48
CA GLY A 1096 47.05 -72.84 -7.72
C GLY A 1096 47.23 -74.31 -7.43
N THR A 1097 48.22 -74.66 -6.60
CA THR A 1097 48.54 -76.07 -6.39
C THR A 1097 48.14 -76.61 -5.02
N HIS A 1098 48.09 -75.78 -3.99
CA HIS A 1098 47.77 -76.24 -2.65
C HIS A 1098 46.66 -75.42 -2.02
N TRP A 1099 45.82 -76.08 -1.23
CA TRP A 1099 44.68 -75.47 -0.56
C TRP A 1099 45.02 -75.16 0.90
N PHE A 1100 44.59 -73.99 1.35
CA PHE A 1100 44.82 -73.50 2.70
C PHE A 1100 43.56 -72.84 3.23
N VAL A 1101 43.55 -72.61 4.54
CA VAL A 1101 42.48 -71.88 5.22
C VAL A 1101 43.06 -70.57 5.71
N THR A 1102 42.34 -69.47 5.50
CA THR A 1102 42.86 -68.20 5.96
C THR A 1102 41.72 -67.31 6.41
N GLN A 1103 41.99 -66.46 7.40
CA GLN A 1103 41.02 -65.45 7.78
C GLN A 1103 40.81 -64.46 6.64
N ARG A 1104 39.58 -64.00 6.48
CA ARG A 1104 39.25 -63.13 5.35
C ARG A 1104 39.97 -61.79 5.38
N ASN A 1105 40.27 -61.25 6.55
CA ASN A 1105 40.80 -59.90 6.64
C ASN A 1105 42.32 -59.84 6.73
N PHE A 1106 43.03 -60.94 6.49
CA PHE A 1106 44.48 -60.89 6.40
C PHE A 1106 45.06 -62.23 5.96
N TYR A 1107 45.81 -62.23 4.87
CA TYR A 1107 46.28 -63.48 4.30
C TYR A 1107 47.17 -64.21 5.28
N GLU A 1108 46.76 -65.40 5.69
CA GLU A 1108 47.53 -66.22 6.62
C GLU A 1108 47.15 -67.66 6.37
N PRO A 1109 47.78 -68.28 5.38
CA PRO A 1109 47.37 -69.64 4.97
C PRO A 1109 47.69 -70.65 6.05
N GLN A 1110 46.73 -71.52 6.33
CA GLN A 1110 46.90 -72.60 7.28
C GLN A 1110 46.46 -73.89 6.61
N ILE A 1111 47.06 -75.00 7.03
CA ILE A 1111 46.68 -76.30 6.48
C ILE A 1111 45.28 -76.64 6.93
N ILE A 1112 44.50 -77.25 6.04
CA ILE A 1112 43.14 -77.64 6.37
C ILE A 1112 43.19 -78.87 7.28
N THR A 1113 42.59 -78.75 8.47
CA THR A 1113 42.58 -79.83 9.44
C THR A 1113 41.17 -79.94 10.01
N THR A 1114 40.97 -80.96 10.85
CA THR A 1114 39.68 -81.13 11.51
C THR A 1114 39.43 -80.08 12.59
N ASP A 1115 40.45 -79.33 13.02
CA ASP A 1115 40.26 -78.37 14.10
C ASP A 1115 40.04 -76.95 13.62
N ASN A 1116 40.22 -76.67 12.33
CA ASN A 1116 39.87 -75.37 11.76
C ASN A 1116 38.67 -75.48 10.85
N THR A 1117 38.24 -76.70 10.53
CA THR A 1117 37.10 -76.94 9.65
C THR A 1117 36.02 -77.68 10.45
N PHE A 1118 34.79 -77.68 9.94
CA PHE A 1118 33.71 -78.44 10.54
C PHE A 1118 32.91 -79.14 9.44
N VAL A 1119 32.21 -80.20 9.84
CA VAL A 1119 31.51 -81.07 8.91
C VAL A 1119 30.02 -80.81 8.96
N SER A 1120 29.40 -80.70 7.78
CA SER A 1120 27.95 -80.60 7.66
C SER A 1120 27.54 -81.13 6.30
N GLY A 1121 26.71 -82.16 6.28
CA GLY A 1121 26.23 -82.72 5.03
C GLY A 1121 27.31 -83.51 4.31
N ASN A 1122 27.19 -83.56 2.98
CA ASN A 1122 28.17 -84.22 2.15
C ASN A 1122 28.39 -83.38 0.90
N CYS A 1123 29.41 -83.74 0.11
CA CYS A 1123 29.74 -82.92 -1.06
C CYS A 1123 28.75 -83.01 -2.20
N ASP A 1124 27.81 -83.95 -2.19
CA ASP A 1124 26.98 -84.10 -3.37
C ASP A 1124 25.81 -83.13 -3.40
N VAL A 1125 25.71 -82.25 -2.41
CA VAL A 1125 24.64 -81.27 -2.32
C VAL A 1125 25.11 -79.88 -2.70
N VAL A 1126 26.35 -79.52 -2.34
CA VAL A 1126 26.89 -78.21 -2.63
C VAL A 1126 27.31 -78.15 -4.09
N ILE A 1127 26.89 -77.09 -4.80
CA ILE A 1127 27.26 -76.96 -6.21
C ILE A 1127 28.69 -76.46 -6.41
N GLY A 1128 29.38 -76.04 -5.36
CA GLY A 1128 30.75 -75.61 -5.50
C GLY A 1128 31.66 -76.40 -4.59
N ILE A 1129 32.46 -77.31 -5.13
CA ILE A 1129 33.24 -78.21 -4.31
C ILE A 1129 34.49 -78.60 -5.07
N VAL A 1130 35.59 -78.72 -4.34
CA VAL A 1130 36.84 -79.25 -4.86
C VAL A 1130 37.25 -80.41 -3.97
N ASN A 1131 37.95 -81.37 -4.54
CA ASN A 1131 38.36 -82.56 -3.79
C ASN A 1131 39.76 -82.30 -3.27
N ASN A 1132 39.90 -82.20 -1.95
CA ASN A 1132 41.19 -82.09 -1.31
C ASN A 1132 41.22 -83.01 -0.10
N THR A 1133 42.37 -83.04 0.57
CA THR A 1133 42.57 -83.88 1.73
C THR A 1133 42.61 -83.02 2.98
N VAL A 1134 42.07 -83.53 4.08
CA VAL A 1134 41.98 -82.79 5.34
C VAL A 1134 42.74 -83.63 6.36
N TYR A 1135 43.68 -83.00 7.06
CA TYR A 1135 44.59 -83.73 7.92
C TYR A 1135 44.09 -83.76 9.36
N ASP A 1136 44.06 -84.94 9.95
CA ASP A 1136 43.52 -85.13 11.29
C ASP A 1136 44.72 -85.34 12.21
N PRO A 1137 44.99 -84.43 13.15
CA PRO A 1137 46.16 -84.57 14.04
C PRO A 1137 46.25 -85.90 14.76
N LEU A 1138 45.14 -86.65 14.79
CA LEU A 1138 45.20 -87.95 15.43
C LEU A 1138 45.97 -88.93 14.55
N GLN A 1139 45.87 -88.78 13.23
CA GLN A 1139 46.60 -89.66 12.33
C GLN A 1139 48.08 -89.65 12.74
N PRO A 1140 48.76 -88.50 12.80
CA PRO A 1140 50.15 -88.51 13.26
C PRO A 1140 50.32 -88.81 14.75
N GLU A 1141 49.29 -88.62 15.60
CA GLU A 1141 49.54 -88.95 16.99
C GLU A 1141 49.48 -90.45 17.27
N LEU A 1142 48.68 -91.20 16.52
CA LEU A 1142 48.61 -92.65 16.74
C LEU A 1142 49.67 -93.43 15.99
N ASP A 1143 50.13 -92.92 14.84
CA ASP A 1143 51.19 -93.59 14.09
C ASP A 1143 52.55 -93.46 14.76
N ALA B 27 9.64 11.49 65.17
CA ALA B 27 9.97 10.07 65.22
C ALA B 27 9.33 9.34 64.04
N TYR B 28 10.02 8.31 63.55
CA TYR B 28 9.60 7.52 62.40
C TYR B 28 9.70 6.05 62.74
N THR B 29 8.87 5.24 62.09
CA THR B 29 8.94 3.80 62.28
C THR B 29 8.83 3.11 60.93
N ASN B 30 9.19 1.83 60.88
CA ASN B 30 9.11 1.09 59.64
C ASN B 30 7.81 0.29 59.52
N SER B 31 7.06 0.55 58.45
CA SER B 31 5.84 -0.20 58.23
C SER B 31 6.19 -1.63 57.86
N PHE B 32 5.49 -2.60 58.41
CA PHE B 32 5.88 -3.96 58.11
C PHE B 32 5.29 -4.39 56.79
N THR B 33 4.16 -5.10 56.82
CA THR B 33 3.50 -5.55 55.61
C THR B 33 2.13 -4.92 55.43
N ARG B 34 1.88 -3.79 56.11
CA ARG B 34 0.61 -3.10 55.96
C ARG B 34 0.61 -2.21 54.72
N GLY B 35 -0.59 -1.81 54.34
CA GLY B 35 -0.80 -0.89 53.24
C GLY B 35 -1.11 -1.54 51.92
N VAL B 36 -1.67 -2.75 51.93
CA VAL B 36 -2.00 -3.48 50.71
C VAL B 36 -3.51 -3.45 50.53
N TYR B 37 -3.97 -3.15 49.33
CA TYR B 37 -5.39 -3.06 49.05
C TYR B 37 -5.71 -3.77 47.75
N TYR B 38 -6.98 -4.06 47.55
CA TYR B 38 -7.41 -4.72 46.33
C TYR B 38 -7.31 -3.73 45.17
N PRO B 39 -6.46 -3.99 44.18
CA PRO B 39 -6.19 -2.97 43.16
C PRO B 39 -7.31 -2.72 42.17
N ASP B 40 -8.21 -3.67 41.92
CA ASP B 40 -9.13 -3.47 40.81
C ASP B 40 -10.54 -3.99 41.06
N LYS B 41 -10.90 -4.41 42.27
CA LYS B 41 -12.26 -4.82 42.58
C LYS B 41 -12.72 -6.03 41.77
N VAL B 42 -11.78 -6.81 41.24
CA VAL B 42 -12.06 -8.02 40.48
C VAL B 42 -11.69 -9.24 41.32
N PHE B 43 -12.59 -10.21 41.35
CA PHE B 43 -12.38 -11.42 42.13
C PHE B 43 -11.44 -12.37 41.40
N ARG B 44 -10.46 -12.88 42.12
CA ARG B 44 -9.57 -13.93 41.65
C ARG B 44 -9.34 -14.87 42.82
N SER B 45 -9.01 -16.12 42.54
CA SER B 45 -8.83 -17.06 43.63
C SER B 45 -7.73 -18.05 43.30
N SER B 46 -7.03 -18.48 44.36
CA SER B 46 -5.93 -19.44 44.27
C SER B 46 -4.98 -19.11 43.12
N VAL B 47 -4.57 -17.84 43.05
CA VAL B 47 -3.73 -17.38 41.95
C VAL B 47 -2.83 -16.26 42.43
N LEU B 48 -1.65 -16.18 41.82
CA LEU B 48 -0.68 -15.11 42.07
C LEU B 48 -0.77 -14.12 40.92
N HIS B 49 -1.23 -12.90 41.21
CA HIS B 49 -1.43 -11.90 40.18
C HIS B 49 -0.53 -10.70 40.43
N SER B 50 0.14 -10.25 39.37
CA SER B 50 1.04 -9.11 39.42
C SER B 50 0.28 -7.84 39.05
N THR B 51 0.38 -6.82 39.90
CA THR B 51 -0.36 -5.58 39.70
C THR B 51 0.56 -4.38 39.88
N GLN B 52 0.33 -3.35 39.07
CA GLN B 52 1.05 -2.10 39.16
C GLN B 52 0.04 -1.00 39.49
N ASP B 53 0.19 -0.41 40.67
CA ASP B 53 -0.62 0.68 41.23
C ASP B 53 0.18 1.29 42.37
N LEU B 54 -0.43 2.26 43.04
CA LEU B 54 0.22 2.97 44.14
C LEU B 54 0.02 2.17 45.43
N PHE B 55 1.07 1.49 45.86
CA PHE B 55 1.05 0.71 47.09
C PHE B 55 2.04 1.31 48.08
N LEU B 56 1.84 1.02 49.35
CA LEU B 56 2.78 1.48 50.35
C LEU B 56 4.01 0.59 50.34
N PRO B 57 5.19 1.13 50.05
CA PRO B 57 6.39 0.29 50.00
C PRO B 57 6.62 -0.43 51.31
N PHE B 58 7.01 -1.70 51.22
CA PHE B 58 7.28 -2.48 52.42
C PHE B 58 8.54 -1.96 53.11
N PHE B 59 8.49 -1.95 54.44
CA PHE B 59 9.59 -1.49 55.28
C PHE B 59 9.97 -0.04 55.02
N SER B 60 9.06 0.75 54.47
CA SER B 60 9.31 2.16 54.26
C SER B 60 9.18 2.92 55.58
N ASN B 61 9.68 4.15 55.59
CA ASN B 61 9.58 4.98 56.78
C ASN B 61 8.22 5.69 56.82
N VAL B 62 7.52 5.55 57.93
CA VAL B 62 6.23 6.17 58.14
C VAL B 62 6.33 7.09 59.35
N THR B 63 5.76 8.28 59.22
CA THR B 63 5.81 9.27 60.28
C THR B 63 4.80 8.91 61.36
N TRP B 64 5.25 8.89 62.61
CA TRP B 64 4.43 8.52 63.75
C TRP B 64 4.10 9.78 64.55
N PHE B 65 2.81 10.04 64.73
CA PHE B 65 2.35 11.11 65.61
C PHE B 65 1.64 10.50 66.81
N HIS B 66 1.81 11.14 67.96
CA HIS B 66 1.20 10.70 69.20
C HIS B 66 0.48 11.85 69.89
N ASP B 80 -2.35 18.44 68.47
CA ASP B 80 -1.31 19.11 67.71
C ASP B 80 -0.83 18.23 66.55
N ASN B 81 -1.43 18.42 65.38
CA ASN B 81 -1.11 17.62 64.20
C ASN B 81 -0.84 18.54 63.01
N PRO B 82 0.39 18.60 62.51
CA PRO B 82 0.68 19.51 61.40
C PRO B 82 -0.02 19.06 60.12
N VAL B 83 0.03 19.95 59.13
CA VAL B 83 -0.59 19.69 57.85
C VAL B 83 0.40 18.93 56.98
N LEU B 84 -0.05 17.84 56.38
CA LEU B 84 0.83 16.99 55.60
C LEU B 84 0.45 17.01 54.11
N PRO B 85 1.42 16.88 53.22
CA PRO B 85 1.09 16.73 51.80
C PRO B 85 0.34 15.44 51.54
N PHE B 86 -0.53 15.48 50.53
CA PHE B 86 -1.27 14.31 50.08
C PHE B 86 -0.61 13.64 48.88
N ASN B 87 0.07 14.41 48.04
CA ASN B 87 0.66 13.98 46.77
C ASN B 87 -0.24 13.02 46.01
N ASP B 88 0.27 11.85 45.64
CA ASP B 88 -0.51 10.89 44.87
C ASP B 88 -1.23 9.86 45.72
N GLY B 89 -1.30 10.06 47.03
CA GLY B 89 -1.97 9.11 47.89
C GLY B 89 -1.32 8.99 49.25
N VAL B 90 -2.15 8.72 50.26
CA VAL B 90 -1.72 8.69 51.64
C VAL B 90 -2.17 7.39 52.28
N TYR B 91 -1.27 6.76 53.03
CA TYR B 91 -1.62 5.64 53.89
C TYR B 91 -1.77 6.17 55.32
N PHE B 92 -2.86 5.80 55.97
CA PHE B 92 -3.13 6.27 57.32
C PHE B 92 -3.43 5.07 58.20
N ALA B 93 -2.96 5.11 59.43
CA ALA B 93 -3.25 4.03 60.37
C ALA B 93 -3.43 4.68 61.73
N SER B 94 -4.26 4.08 62.57
CA SER B 94 -4.38 4.63 63.91
C SER B 94 -4.70 3.55 64.93
N THR B 95 -4.29 3.83 66.18
CA THR B 95 -4.55 2.95 67.30
C THR B 95 -4.59 3.76 68.59
N ASN B 99 -13.46 6.86 70.67
CA ASN B 99 -13.70 7.62 69.44
C ASN B 99 -12.80 8.85 69.40
N ILE B 100 -11.51 8.65 69.67
CA ILE B 100 -10.58 9.76 69.68
C ILE B 100 -10.27 10.22 68.26
N ILE B 101 -10.13 9.27 67.34
CA ILE B 101 -9.85 9.61 65.94
C ILE B 101 -11.16 9.95 65.25
N ARG B 102 -11.18 11.11 64.61
CA ARG B 102 -12.36 11.66 63.95
C ARG B 102 -12.06 11.92 62.48
N GLY B 103 -12.85 12.80 61.86
CA GLY B 103 -12.75 13.11 60.45
C GLY B 103 -11.40 13.53 59.92
N TRP B 104 -11.36 13.85 58.63
CA TRP B 104 -10.15 14.24 57.93
C TRP B 104 -10.48 15.39 56.99
N ILE B 105 -9.47 16.22 56.71
CA ILE B 105 -9.60 17.37 55.84
C ILE B 105 -8.62 17.20 54.69
N PHE B 106 -9.10 17.38 53.47
CA PHE B 106 -8.26 17.27 52.28
C PHE B 106 -8.47 18.51 51.42
N GLY B 107 -7.41 18.99 50.81
CA GLY B 107 -7.56 20.12 49.91
C GLY B 107 -6.24 20.52 49.29
N THR B 108 -6.21 21.76 48.80
CA THR B 108 -5.00 22.34 48.21
C THR B 108 -4.59 23.62 48.92
N THR B 109 -5.53 24.54 49.14
CA THR B 109 -5.22 25.83 49.73
C THR B 109 -5.97 26.14 51.01
N LEU B 110 -7.08 25.44 51.29
CA LEU B 110 -7.96 25.73 52.42
C LEU B 110 -8.10 27.23 52.67
N ASP B 111 -8.38 27.96 51.59
CA ASP B 111 -8.55 29.41 51.67
C ASP B 111 -9.75 29.89 50.86
N SER B 112 -10.76 29.03 50.72
CA SER B 112 -12.02 29.28 50.03
C SER B 112 -11.86 29.43 48.52
N LYS B 113 -10.63 29.31 48.00
CA LYS B 113 -10.41 29.43 46.56
C LYS B 113 -10.63 28.12 45.81
N THR B 114 -10.54 26.98 46.48
CA THR B 114 -10.78 25.69 45.85
C THR B 114 -11.59 24.80 46.80
N GLN B 115 -12.21 23.77 46.24
CA GLN B 115 -13.02 22.85 47.02
C GLN B 115 -12.14 21.95 47.89
N SER B 116 -12.60 21.65 49.10
CA SER B 116 -11.83 20.84 50.02
C SER B 116 -12.72 19.78 50.67
N LEU B 117 -12.29 18.53 50.54
CA LEU B 117 -13.03 17.40 51.08
C LEU B 117 -13.02 17.41 52.62
N LEU B 118 -14.19 17.17 53.19
CA LEU B 118 -14.43 17.08 54.63
C LEU B 118 -15.06 15.73 54.94
N ILE B 119 -14.45 14.97 55.85
CA ILE B 119 -15.02 13.72 56.36
C ILE B 119 -15.20 13.88 57.85
N VAL B 120 -16.43 13.72 58.34
CA VAL B 120 -16.71 13.78 59.76
C VAL B 120 -17.61 12.62 60.15
N ASN B 121 -17.29 11.99 61.29
CA ASN B 121 -18.00 10.82 61.76
C ASN B 121 -18.72 11.24 63.04
N ASN B 122 -19.95 11.73 62.88
CA ASN B 122 -20.81 12.13 63.98
C ASN B 122 -22.08 11.30 63.99
N ALA B 123 -22.50 10.92 65.20
CA ALA B 123 -23.79 10.32 65.49
C ALA B 123 -24.24 9.28 64.46
N THR B 124 -23.37 8.31 64.19
CA THR B 124 -23.67 7.16 63.34
C THR B 124 -24.02 7.55 61.90
N ASN B 125 -23.96 8.83 61.56
CA ASN B 125 -24.15 9.26 60.16
C ASN B 125 -22.92 10.06 59.74
N VAL B 126 -22.03 9.41 58.99
CA VAL B 126 -20.81 10.04 58.49
C VAL B 126 -21.14 10.96 57.33
N VAL B 127 -20.62 12.18 57.39
CA VAL B 127 -20.90 13.20 56.39
C VAL B 127 -19.62 13.63 55.69
N ILE B 128 -19.69 13.71 54.36
CA ILE B 128 -18.59 14.14 53.50
C ILE B 128 -19.09 15.32 52.69
N LYS B 129 -18.33 16.40 52.72
CA LYS B 129 -18.71 17.62 52.00
C LYS B 129 -17.51 18.20 51.27
N VAL B 130 -17.76 18.96 50.21
CA VAL B 130 -16.64 19.52 49.46
C VAL B 130 -16.75 21.04 49.38
N CYS B 131 -17.33 21.66 50.40
CA CYS B 131 -17.53 23.10 50.36
C CYS B 131 -16.17 23.82 50.50
N GLU B 132 -16.17 25.13 50.21
CA GLU B 132 -14.96 25.94 50.33
C GLU B 132 -14.77 26.35 51.79
N PHE B 133 -14.41 25.34 52.58
CA PHE B 133 -14.36 25.49 54.03
C PHE B 133 -13.14 26.31 54.45
N GLN B 134 -13.34 27.20 55.42
CA GLN B 134 -12.24 27.89 56.09
C GLN B 134 -11.93 27.15 57.38
N PHE B 135 -10.80 26.44 57.40
CA PHE B 135 -10.45 25.60 58.54
C PHE B 135 -9.70 26.41 59.59
N CYS B 136 -9.91 26.03 60.85
CA CYS B 136 -9.25 26.73 61.95
C CYS B 136 -7.75 26.41 61.97
N ASN B 137 -7.03 27.18 62.79
CA ASN B 137 -5.62 26.91 63.02
C ASN B 137 -5.43 25.55 63.67
N ASP B 138 -6.36 25.14 64.55
CA ASP B 138 -6.35 23.82 65.15
C ASP B 138 -7.76 23.26 65.24
N PRO B 139 -8.23 22.63 64.17
CA PRO B 139 -9.58 22.04 64.18
C PRO B 139 -9.72 20.96 65.24
N PHE B 140 -10.87 20.96 65.92
CA PHE B 140 -11.16 19.95 66.92
C PHE B 140 -12.67 19.83 67.16
N PHE B 157 -17.22 22.23 64.86
CA PHE B 157 -18.09 22.86 63.89
C PHE B 157 -17.47 24.13 63.33
N ARG B 158 -16.59 24.75 64.11
CA ARG B 158 -15.98 26.01 63.70
C ARG B 158 -15.15 25.83 62.43
N VAL B 159 -14.37 24.74 62.36
CA VAL B 159 -13.52 24.48 61.20
C VAL B 159 -14.32 24.33 59.93
N TYR B 160 -15.61 24.03 60.03
CA TYR B 160 -16.47 23.82 58.86
C TYR B 160 -17.40 25.01 58.62
N SER B 161 -16.94 26.22 58.86
CA SER B 161 -17.72 27.42 58.57
C SER B 161 -17.43 27.92 57.16
N SER B 162 -18.27 28.87 56.71
CA SER B 162 -18.17 29.47 55.38
C SER B 162 -18.27 28.42 54.27
N ALA B 163 -19.30 27.58 54.35
CA ALA B 163 -19.53 26.52 53.38
C ALA B 163 -20.31 27.09 52.20
N ASN B 164 -19.61 27.43 51.12
CA ASN B 164 -20.30 27.98 49.95
C ASN B 164 -19.71 27.43 48.66
N ASN B 165 -20.58 27.37 47.65
CA ASN B 165 -20.32 26.92 46.28
C ASN B 165 -19.93 25.45 46.19
N CYS B 166 -20.28 24.64 47.21
CA CYS B 166 -19.99 23.22 47.17
C CYS B 166 -20.84 22.47 46.16
N THR B 167 -20.20 21.51 45.49
CA THR B 167 -20.78 20.75 44.39
C THR B 167 -20.98 19.27 44.70
N PHE B 168 -20.67 18.82 45.92
CA PHE B 168 -20.85 17.40 46.24
C PHE B 168 -20.96 17.21 47.74
N GLU B 169 -21.92 16.37 48.12
CA GLU B 169 -22.21 16.00 49.50
C GLU B 169 -22.62 14.54 49.53
N TYR B 170 -22.19 13.84 50.57
CA TYR B 170 -22.49 12.41 50.68
C TYR B 170 -22.66 12.06 52.16
N VAL B 171 -23.57 11.12 52.43
CA VAL B 171 -23.87 10.67 53.78
C VAL B 171 -23.84 9.15 53.80
N SER B 172 -23.38 8.57 54.90
CA SER B 172 -23.28 7.11 54.97
C SER B 172 -23.31 6.67 56.43
N GLN B 173 -23.03 5.37 56.65
CA GLN B 173 -23.00 4.50 57.82
C GLN B 173 -21.55 4.38 58.29
N PRO B 174 -21.27 4.53 59.57
CA PRO B 174 -19.89 4.60 60.03
C PRO B 174 -19.22 3.25 60.16
N PHE B 175 -17.94 3.32 60.48
CA PHE B 175 -17.05 2.19 60.70
C PHE B 175 -16.11 2.49 61.87
N LEU B 176 -15.68 1.42 62.54
CA LEU B 176 -14.80 1.50 63.70
C LEU B 176 -15.48 2.24 64.85
N LYS B 187 -6.16 -0.80 71.40
CA LYS B 187 -6.25 -2.25 71.22
C LYS B 187 -6.82 -2.60 69.86
N ASN B 188 -7.16 -1.57 69.09
CA ASN B 188 -7.76 -1.75 67.77
C ASN B 188 -7.04 -0.88 66.75
N LEU B 189 -6.57 -1.49 65.66
CA LEU B 189 -5.85 -0.79 64.62
C LEU B 189 -6.76 -0.59 63.42
N ARG B 190 -6.83 0.66 62.95
CA ARG B 190 -7.66 1.04 61.81
C ARG B 190 -6.75 1.54 60.70
N GLU B 191 -6.66 0.80 59.60
CA GLU B 191 -5.84 1.21 58.47
C GLU B 191 -6.74 1.76 57.38
N PHE B 192 -6.28 2.83 56.74
CA PHE B 192 -6.98 3.54 55.67
C PHE B 192 -6.00 3.81 54.54
N VAL B 193 -6.54 3.89 53.33
CA VAL B 193 -5.78 4.31 52.16
C VAL B 193 -6.62 5.32 51.39
N PHE B 194 -6.02 6.46 51.04
CA PHE B 194 -6.70 7.51 50.31
C PHE B 194 -5.91 7.76 49.03
N LYS B 195 -6.57 7.63 47.88
CA LYS B 195 -5.92 7.92 46.62
C LYS B 195 -6.83 8.74 45.71
N ASN B 196 -6.20 9.55 44.85
CA ASN B 196 -6.92 10.33 43.85
C ASN B 196 -6.37 9.95 42.48
N ILE B 197 -7.18 9.24 41.69
CA ILE B 197 -6.77 8.79 40.37
C ILE B 197 -7.83 9.19 39.35
N ASP B 198 -7.44 10.01 38.38
CA ASP B 198 -8.32 10.45 37.28
C ASP B 198 -9.65 11.01 37.79
N GLY B 199 -9.58 11.77 38.88
CA GLY B 199 -10.74 12.42 39.44
C GLY B 199 -11.54 11.60 40.42
N TYR B 200 -11.18 10.33 40.62
CA TYR B 200 -11.87 9.48 41.58
C TYR B 200 -11.05 9.42 42.86
N PHE B 201 -11.67 9.80 43.98
CA PHE B 201 -11.07 9.72 45.31
C PHE B 201 -11.52 8.42 45.96
N LYS B 202 -10.61 7.45 46.02
CA LYS B 202 -10.91 6.13 46.57
C LYS B 202 -10.40 6.01 48.00
N ILE B 203 -11.26 5.52 48.88
CA ILE B 203 -10.99 5.30 50.29
C ILE B 203 -11.12 3.82 50.58
N TYR B 204 -10.07 3.24 51.16
CA TYR B 204 -10.00 1.84 51.53
C TYR B 204 -9.79 1.78 53.03
N SER B 205 -10.31 0.74 53.68
CA SER B 205 -10.13 0.69 55.13
C SER B 205 -10.37 -0.71 55.68
N LYS B 206 -9.78 -0.94 56.86
CA LYS B 206 -9.99 -2.16 57.64
C LYS B 206 -9.74 -1.88 59.12
N HIS B 207 -10.62 -2.43 59.95
CA HIS B 207 -10.52 -2.38 61.41
C HIS B 207 -10.15 -3.76 61.91
N THR B 208 -9.16 -3.84 62.80
CA THR B 208 -8.71 -5.15 63.27
C THR B 208 -8.28 -5.07 64.73
N PRO B 209 -8.54 -6.09 65.53
CA PRO B 209 -8.08 -6.05 66.93
C PRO B 209 -6.58 -6.20 67.03
N ILE B 210 -6.01 -5.54 68.04
CA ILE B 210 -4.57 -5.57 68.29
C ILE B 210 -4.34 -5.83 69.78
N ASN B 211 -3.15 -6.36 70.08
CA ASN B 211 -2.75 -6.64 71.45
C ASN B 211 -1.34 -6.14 71.73
N LEU B 212 -0.91 -5.09 71.04
CA LEU B 212 0.43 -4.55 71.22
C LEU B 212 0.43 -3.10 70.77
N VAL B 213 0.66 -2.18 71.71
CA VAL B 213 0.69 -0.75 71.41
C VAL B 213 2.11 -0.21 71.31
N ARG B 214 3.12 -1.04 71.58
CA ARG B 214 4.51 -0.55 71.50
C ARG B 214 4.86 -0.15 70.07
N ASP B 215 4.42 -0.93 69.09
CA ASP B 215 4.68 -0.63 67.68
C ASP B 215 3.53 -1.16 66.86
N LEU B 216 3.64 -1.00 65.54
CA LEU B 216 2.60 -1.50 64.65
C LEU B 216 2.59 -3.02 64.71
N PRO B 217 1.42 -3.65 64.85
CA PRO B 217 1.37 -5.10 65.01
C PRO B 217 1.93 -5.84 63.80
N GLN B 218 2.54 -7.00 64.08
CA GLN B 218 3.14 -7.83 63.06
C GLN B 218 2.07 -8.75 62.48
N GLY B 219 2.03 -8.81 61.15
CA GLY B 219 1.07 -9.67 60.49
C GLY B 219 0.81 -9.14 59.09
N PHE B 220 -0.15 -9.78 58.42
CA PHE B 220 -0.52 -9.35 57.08
C PHE B 220 -2.04 -9.20 56.99
N SER B 221 -2.48 -8.12 56.35
CA SER B 221 -3.90 -7.84 56.26
C SER B 221 -4.17 -7.02 55.00
N ALA B 222 -5.12 -7.46 54.20
CA ALA B 222 -5.51 -6.79 52.97
C ALA B 222 -6.58 -5.76 53.29
N LEU B 223 -6.54 -4.63 52.58
CA LEU B 223 -7.50 -3.56 52.80
C LEU B 223 -8.56 -3.58 51.70
N GLU B 224 -9.84 -3.69 52.10
CA GLU B 224 -10.93 -3.69 51.17
C GLU B 224 -11.37 -2.27 50.80
N PRO B 225 -11.90 -2.07 49.60
CA PRO B 225 -12.44 -0.76 49.23
C PRO B 225 -13.73 -0.47 49.99
N LEU B 226 -13.91 0.79 50.36
CA LEU B 226 -15.12 1.20 51.05
C LEU B 226 -15.84 2.34 50.36
N VAL B 227 -15.13 3.35 49.87
CA VAL B 227 -15.78 4.49 49.23
C VAL B 227 -15.04 4.86 47.96
N ASP B 228 -15.79 5.32 46.97
CA ASP B 228 -15.21 5.82 45.72
C ASP B 228 -16.05 7.04 45.34
N LEU B 229 -15.51 8.23 45.60
CA LEU B 229 -16.23 9.47 45.36
C LEU B 229 -15.65 10.20 44.15
N PRO B 230 -16.43 10.44 43.11
CA PRO B 230 -15.92 11.17 41.92
C PRO B 230 -15.90 12.69 42.06
N ILE B 231 -15.04 13.21 42.93
CA ILE B 231 -15.06 14.67 43.13
C ILE B 231 -14.28 15.36 42.02
N GLY B 232 -13.15 14.80 41.62
CA GLY B 232 -12.33 15.41 40.60
C GLY B 232 -11.60 16.68 41.01
N ILE B 233 -11.25 16.82 42.29
CA ILE B 233 -10.62 18.03 42.81
C ILE B 233 -9.11 17.80 42.89
N ASN B 234 -8.34 18.82 42.54
CA ASN B 234 -6.89 18.78 42.71
C ASN B 234 -6.57 18.80 44.20
N ILE B 235 -6.09 17.67 44.71
CA ILE B 235 -5.76 17.48 46.11
C ILE B 235 -4.26 17.41 46.27
N THR B 236 -3.71 18.22 47.18
CA THR B 236 -2.28 18.19 47.46
C THR B 236 -1.93 18.06 48.95
N ARG B 237 -2.83 18.39 49.86
CA ARG B 237 -2.53 18.40 51.28
C ARG B 237 -3.70 17.84 52.07
N PHE B 238 -3.41 17.31 53.26
CA PHE B 238 -4.45 16.78 54.13
C PHE B 238 -4.03 16.95 55.59
N GLN B 239 -5.02 16.84 56.47
CA GLN B 239 -4.83 16.90 57.91
C GLN B 239 -5.87 16.04 58.61
N THR B 240 -5.55 15.57 59.80
CA THR B 240 -6.47 14.77 60.60
C THR B 240 -7.18 15.63 61.64
N LEU B 241 -8.25 15.06 62.20
CA LEU B 241 -9.06 15.72 63.24
C LEU B 241 -9.15 14.80 64.45
N LEU B 242 -8.76 15.31 65.62
CA LEU B 242 -8.87 14.58 66.86
C LEU B 242 -9.93 15.22 67.76
N ALA B 243 -10.58 14.39 68.57
CA ALA B 243 -11.69 14.84 69.39
C ALA B 243 -11.17 15.57 70.62
N LEU B 244 -11.72 16.75 70.88
CA LEU B 244 -11.35 17.53 72.06
C LEU B 244 -12.25 17.18 73.23
N HIS B 245 -11.79 17.54 74.43
CA HIS B 245 -12.57 17.30 75.63
C HIS B 245 -12.44 18.47 76.61
N GLY B 261 -1.46 13.87 76.38
CA GLY B 261 -1.44 12.62 75.62
C GLY B 261 -2.79 12.28 75.00
N ALA B 262 -2.74 11.54 73.90
CA ALA B 262 -3.95 11.11 73.20
C ALA B 262 -3.63 9.80 72.50
N ALA B 263 -4.47 9.40 71.55
CA ALA B 263 -4.19 8.21 70.76
C ALA B 263 -3.03 8.46 69.81
N ALA B 264 -2.65 7.44 69.04
CA ALA B 264 -1.51 7.55 68.15
C ALA B 264 -1.92 7.17 66.73
N TYR B 265 -1.23 7.75 65.75
CA TYR B 265 -1.49 7.36 64.37
C TYR B 265 -0.19 7.43 63.57
N TYR B 266 -0.22 6.74 62.43
CA TYR B 266 0.92 6.61 61.54
C TYR B 266 0.51 7.08 60.15
N VAL B 267 1.43 7.74 59.45
CA VAL B 267 1.19 8.26 58.12
C VAL B 267 2.29 7.76 57.20
N GLY B 268 1.89 7.12 56.10
CA GLY B 268 2.81 6.66 55.09
C GLY B 268 2.46 7.27 53.74
N TYR B 269 3.34 7.03 52.77
CA TYR B 269 3.21 7.60 51.45
C TYR B 269 3.23 6.48 50.42
N LEU B 270 2.43 6.63 49.38
CA LEU B 270 2.32 5.60 48.35
C LEU B 270 3.33 5.85 47.25
N GLN B 271 3.78 4.76 46.64
CA GLN B 271 4.71 4.81 45.53
C GLN B 271 4.24 3.88 44.44
N PRO B 272 4.57 4.16 43.18
CA PRO B 272 4.11 3.31 42.05
C PRO B 272 4.91 2.02 41.93
N ARG B 273 4.88 1.21 42.99
CA ARG B 273 5.58 -0.07 42.95
C ARG B 273 4.66 -1.20 42.52
N THR B 274 5.28 -2.24 41.97
CA THR B 274 4.57 -3.42 41.49
C THR B 274 4.55 -4.50 42.56
N PHE B 275 3.38 -5.08 42.81
CA PHE B 275 3.22 -6.10 43.85
C PHE B 275 2.71 -7.39 43.25
N LEU B 276 3.15 -8.51 43.83
CA LEU B 276 2.56 -9.81 43.54
C LEU B 276 1.60 -10.16 44.67
N LEU B 277 0.33 -10.32 44.34
CA LEU B 277 -0.74 -10.59 45.29
C LEU B 277 -1.14 -12.05 45.20
N LYS B 278 -1.20 -12.74 46.35
CA LYS B 278 -1.64 -14.12 46.42
C LYS B 278 -3.11 -14.18 46.84
N TYR B 279 -3.98 -14.58 45.93
CA TYR B 279 -5.39 -14.76 46.25
C TYR B 279 -5.62 -16.23 46.61
N ASN B 280 -6.24 -16.45 47.77
CA ASN B 280 -6.53 -17.78 48.25
C ASN B 280 -7.82 -18.33 47.63
N GLU B 281 -8.23 -19.51 48.09
CA GLU B 281 -9.42 -20.16 47.57
C GLU B 281 -10.70 -19.40 47.88
N ASN B 282 -10.67 -18.46 48.82
CA ASN B 282 -11.85 -17.66 49.13
C ASN B 282 -11.90 -16.35 48.36
N GLY B 283 -10.81 -15.99 47.68
CA GLY B 283 -10.71 -14.70 47.03
C GLY B 283 -10.18 -13.58 47.90
N THR B 284 -9.51 -13.92 48.99
CA THR B 284 -8.90 -12.93 49.88
C THR B 284 -7.39 -12.94 49.67
N ILE B 285 -6.78 -11.77 49.73
CA ILE B 285 -5.32 -11.71 49.63
C ILE B 285 -4.74 -12.24 50.93
N THR B 286 -3.91 -13.27 50.82
CA THR B 286 -3.27 -13.89 51.97
C THR B 286 -1.79 -13.57 52.07
N ASP B 287 -1.14 -13.20 50.97
CA ASP B 287 0.26 -12.78 51.04
C ASP B 287 0.54 -11.88 49.85
N ALA B 288 1.68 -11.20 49.91
CA ALA B 288 2.08 -10.33 48.82
C ALA B 288 3.57 -10.06 48.95
N VAL B 289 4.21 -9.87 47.79
CA VAL B 289 5.63 -9.55 47.74
C VAL B 289 5.84 -8.28 46.94
N ASP B 290 6.63 -7.37 47.50
CA ASP B 290 6.95 -6.11 46.83
C ASP B 290 8.07 -6.39 45.84
N CYS B 291 7.73 -6.32 44.55
CA CYS B 291 8.61 -6.76 43.48
C CYS B 291 9.92 -5.98 43.41
N ALA B 292 10.03 -4.85 44.11
CA ALA B 292 11.24 -4.05 44.13
C ALA B 292 11.93 -4.00 45.49
N LEU B 293 11.53 -4.84 46.44
CA LEU B 293 12.07 -4.72 47.79
C LEU B 293 13.52 -5.21 47.86
N ASP B 294 13.83 -6.34 47.23
CA ASP B 294 15.16 -6.91 47.31
C ASP B 294 15.33 -8.01 46.27
N PRO B 295 16.55 -8.49 46.00
CA PRO B 295 16.74 -9.50 44.95
C PRO B 295 15.86 -10.73 45.10
N LEU B 296 15.60 -11.18 46.33
CA LEU B 296 14.76 -12.36 46.49
C LEU B 296 13.35 -12.07 46.02
N SER B 297 12.83 -10.89 46.37
CA SER B 297 11.50 -10.50 45.90
C SER B 297 11.48 -10.34 44.39
N GLU B 298 12.59 -9.86 43.81
CA GLU B 298 12.66 -9.75 42.36
C GLU B 298 12.55 -11.12 41.71
N THR B 299 13.23 -12.13 42.27
CA THR B 299 13.09 -13.49 41.74
C THR B 299 11.67 -14.01 41.93
N LYS B 300 11.07 -13.72 43.08
CA LYS B 300 9.70 -14.13 43.34
C LYS B 300 8.78 -13.57 42.28
N CYS B 301 8.99 -12.30 41.93
CA CYS B 301 8.15 -11.62 40.95
C CYS B 301 8.39 -12.17 39.55
N THR B 302 9.66 -12.37 39.18
CA THR B 302 9.99 -12.88 37.85
C THR B 302 9.44 -14.28 37.63
N LEU B 303 9.50 -15.13 38.66
CA LEU B 303 9.00 -16.50 38.54
C LEU B 303 7.52 -16.61 38.86
N LYS B 304 6.87 -15.51 39.27
CA LYS B 304 5.45 -15.51 39.61
C LYS B 304 5.13 -16.64 40.60
N SER B 305 5.94 -16.73 41.64
CA SER B 305 5.73 -17.73 42.67
C SER B 305 6.36 -17.24 43.97
N PHE B 306 5.83 -17.73 45.08
CA PHE B 306 6.37 -17.39 46.39
C PHE B 306 7.45 -18.36 46.83
N THR B 307 7.74 -19.39 46.04
CA THR B 307 8.82 -20.32 46.30
C THR B 307 9.69 -20.37 45.05
N VAL B 308 11.00 -20.23 45.23
CA VAL B 308 11.93 -20.25 44.12
C VAL B 308 12.86 -21.45 44.30
N GLU B 309 12.92 -22.31 43.29
CA GLU B 309 13.80 -23.45 43.32
C GLU B 309 15.26 -23.01 43.17
N LYS B 310 16.16 -23.88 43.62
CA LYS B 310 17.58 -23.59 43.54
C LYS B 310 18.01 -23.35 42.12
N GLY B 311 18.78 -22.29 41.90
CA GLY B 311 19.28 -21.99 40.58
C GLY B 311 19.60 -20.51 40.44
N ILE B 312 19.88 -20.14 39.19
CA ILE B 312 20.23 -18.78 38.80
C ILE B 312 19.10 -18.22 37.94
N TYR B 313 18.59 -17.05 38.33
CA TYR B 313 17.50 -16.41 37.62
C TYR B 313 17.92 -15.00 37.24
N GLN B 314 17.54 -14.57 36.04
CA GLN B 314 17.80 -13.22 35.58
C GLN B 314 16.54 -12.39 35.83
N THR B 315 16.67 -11.35 36.65
CA THR B 315 15.50 -10.61 37.09
C THR B 315 15.41 -9.19 36.58
N SER B 316 16.51 -8.51 36.31
CA SER B 316 16.44 -7.14 35.82
C SER B 316 17.78 -6.78 35.17
N ASN B 317 17.96 -5.49 34.91
CA ASN B 317 19.15 -4.99 34.25
C ASN B 317 19.66 -3.78 35.01
N PHE B 318 20.94 -3.81 35.37
CA PHE B 318 21.58 -2.69 36.04
C PHE B 318 22.09 -1.73 34.99
N ARG B 319 21.82 -0.44 35.19
CA ARG B 319 22.32 0.63 34.34
C ARG B 319 22.60 1.85 35.19
N VAL B 320 23.82 2.39 35.08
CA VAL B 320 24.17 3.58 35.83
C VAL B 320 23.39 4.76 35.26
N GLN B 321 22.78 5.54 36.12
CA GLN B 321 22.01 6.67 35.63
C GLN B 321 22.88 7.92 35.53
N PRO B 322 22.55 8.84 34.63
CA PRO B 322 23.35 10.06 34.51
C PRO B 322 23.20 10.94 35.75
N THR B 323 24.25 11.69 36.03
CA THR B 323 24.28 12.58 37.20
C THR B 323 23.94 14.02 36.87
N GLU B 324 24.38 14.53 35.72
CA GLU B 324 24.07 15.89 35.32
C GLU B 324 24.09 15.98 33.81
N SER B 325 23.48 17.03 33.28
CA SER B 325 23.47 17.29 31.85
C SER B 325 24.50 18.35 31.49
N ILE B 326 25.12 18.17 30.33
CA ILE B 326 26.05 19.15 29.79
C ILE B 326 25.65 19.47 28.35
N VAL B 327 25.34 20.73 28.09
CA VAL B 327 24.94 21.21 26.77
C VAL B 327 26.01 22.18 26.29
N ARG B 328 26.59 21.89 25.12
CA ARG B 328 27.58 22.77 24.52
C ARG B 328 27.21 23.12 23.09
N PHE B 329 27.20 24.41 22.80
CA PHE B 329 26.98 24.93 21.45
C PHE B 329 28.14 25.86 21.16
N PRO B 330 28.26 26.35 19.91
CA PRO B 330 29.37 27.28 19.60
C PRO B 330 29.24 28.64 20.28
N ASN B 331 30.25 29.50 20.10
CA ASN B 331 30.26 30.79 20.79
C ASN B 331 29.19 31.75 20.31
N ILE B 332 28.63 31.51 19.12
CA ILE B 332 27.74 32.45 18.42
C ILE B 332 26.74 33.08 19.37
N THR B 333 26.58 34.40 19.26
CA THR B 333 25.71 35.18 20.15
C THR B 333 24.88 36.22 19.43
N ASN B 334 25.34 36.76 18.29
CA ASN B 334 24.49 37.57 17.43
C ASN B 334 23.18 36.83 17.15
N LEU B 335 22.09 37.57 17.07
CA LEU B 335 20.79 36.95 16.89
C LEU B 335 20.41 36.92 15.42
N CYS B 336 19.64 35.90 15.06
CA CYS B 336 19.21 35.71 13.69
C CYS B 336 18.26 36.83 13.26
N PRO B 337 18.44 37.38 12.06
CA PRO B 337 17.60 38.50 11.62
C PRO B 337 16.18 38.13 11.24
N PHE B 338 15.41 37.54 12.15
CA PHE B 338 14.02 37.28 11.77
C PHE B 338 13.19 38.55 11.75
N GLY B 339 13.77 39.68 12.15
CA GLY B 339 13.05 40.93 12.21
C GLY B 339 13.24 41.61 10.88
N GLU B 340 13.70 40.81 9.92
CA GLU B 340 13.83 41.22 8.56
C GLU B 340 13.02 40.31 7.65
N VAL B 341 12.51 39.18 8.16
CA VAL B 341 11.69 38.28 7.38
C VAL B 341 10.23 38.34 7.81
N PHE B 342 9.97 38.35 9.11
CA PHE B 342 8.62 38.44 9.65
C PHE B 342 8.18 39.89 9.76
N ASN B 343 9.11 40.79 10.07
CA ASN B 343 8.78 42.22 10.16
C ASN B 343 9.20 42.89 8.85
N ALA B 344 8.99 42.23 7.71
CA ALA B 344 9.31 42.85 6.43
C ALA B 344 8.16 43.66 5.87
N THR B 345 8.49 44.52 4.91
CA THR B 345 7.56 45.49 4.37
C THR B 345 6.96 45.09 3.03
N ARG B 346 7.58 44.16 2.29
CA ARG B 346 7.14 43.86 0.93
C ARG B 346 6.66 42.42 0.70
N PHE B 347 7.55 41.43 0.69
CA PHE B 347 7.22 40.03 0.40
C PHE B 347 7.08 39.78 -1.10
N ALA B 348 7.93 38.91 -1.64
CA ALA B 348 7.86 38.49 -3.03
C ALA B 348 6.51 37.88 -3.39
N SER B 349 6.22 37.85 -4.68
CA SER B 349 5.05 37.17 -5.20
C SER B 349 5.30 35.66 -5.16
N VAL B 350 4.21 34.89 -5.11
CA VAL B 350 4.36 33.44 -4.94
C VAL B 350 4.97 32.75 -6.15
N TYR B 351 4.81 33.29 -7.37
CA TYR B 351 5.48 32.64 -8.50
C TYR B 351 6.98 32.83 -8.45
N ALA B 352 7.45 33.85 -7.73
CA ALA B 352 8.87 34.18 -7.62
C ALA B 352 9.14 34.56 -6.16
N TRP B 353 8.90 33.59 -5.28
CA TRP B 353 9.03 33.78 -3.84
C TRP B 353 10.47 34.10 -3.44
N ASN B 354 10.61 34.82 -2.33
CA ASN B 354 11.92 35.20 -1.85
C ASN B 354 12.52 34.09 -0.99
N ARG B 355 13.84 33.96 -1.04
CA ARG B 355 14.58 32.96 -0.26
C ARG B 355 15.77 33.60 0.44
N LYS B 356 15.61 33.85 1.74
CA LYS B 356 16.68 34.47 2.53
C LYS B 356 17.44 33.35 3.24
N ARG B 357 18.77 33.41 3.14
CA ARG B 357 19.64 32.42 3.74
C ARG B 357 20.03 32.87 5.14
N ILE B 358 19.80 32.00 6.13
CA ILE B 358 20.15 32.29 7.51
C ILE B 358 21.21 31.30 7.98
N SER B 359 22.32 31.83 8.47
CA SER B 359 23.44 31.05 8.95
C SER B 359 24.24 31.88 9.96
N ASN B 360 25.06 31.18 10.74
CA ASN B 360 25.97 31.81 11.71
C ASN B 360 25.26 32.80 12.62
N CYS B 361 24.19 32.34 13.25
CA CYS B 361 23.42 33.20 14.15
C CYS B 361 22.65 32.34 15.15
N VAL B 362 22.16 32.99 16.19
CA VAL B 362 21.37 32.35 17.24
C VAL B 362 19.90 32.64 16.96
N ALA B 363 19.14 31.57 16.79
CA ALA B 363 17.72 31.65 16.42
C ALA B 363 16.86 31.32 17.64
N ASP B 364 16.24 32.34 18.22
CA ASP B 364 15.30 32.16 19.33
C ASP B 364 13.90 31.97 18.77
N TYR B 365 13.41 30.73 18.79
CA TYR B 365 12.06 30.45 18.29
C TYR B 365 11.00 30.50 19.38
N SER B 366 11.38 30.67 20.65
CA SER B 366 10.36 30.72 21.69
C SER B 366 9.63 32.05 21.67
N VAL B 367 10.35 33.13 21.38
CA VAL B 367 9.72 34.46 21.32
C VAL B 367 8.77 34.53 20.13
N LEU B 368 9.21 34.06 18.97
CA LEU B 368 8.38 34.09 17.78
C LEU B 368 7.19 33.14 17.88
N TYR B 369 7.38 31.98 18.50
CA TYR B 369 6.24 31.07 18.67
C TYR B 369 5.25 31.63 19.69
N ASN B 370 5.75 32.18 20.79
CA ASN B 370 4.94 32.80 21.83
C ASN B 370 4.40 34.17 21.42
N SER B 371 3.69 34.23 20.31
CA SER B 371 3.17 35.53 19.88
C SER B 371 1.67 35.52 19.63
N ALA B 372 1.12 34.44 19.11
CA ALA B 372 -0.28 34.25 18.76
C ALA B 372 -0.73 35.15 17.63
N SER B 373 0.13 36.03 17.13
CA SER B 373 -0.22 36.95 16.07
C SER B 373 -0.34 36.26 14.72
N PHE B 374 0.10 35.02 14.62
CA PHE B 374 0.09 34.27 13.37
C PHE B 374 -1.24 33.55 13.19
N SER B 375 -1.73 33.53 11.95
CA SER B 375 -2.97 32.85 11.65
C SER B 375 -2.80 31.34 11.56
N THR B 376 -1.65 30.87 11.12
CA THR B 376 -1.41 29.44 11.06
C THR B 376 0.06 29.18 11.33
N PHE B 377 0.33 28.06 12.01
CA PHE B 377 1.70 27.69 12.40
C PHE B 377 1.75 26.17 12.39
N LYS B 378 2.07 25.59 11.25
CA LYS B 378 2.10 24.15 11.08
C LYS B 378 3.54 23.71 10.90
N CYS B 379 4.03 22.86 11.79
CA CYS B 379 5.41 22.43 11.69
C CYS B 379 5.43 20.98 11.25
N TYR B 380 6.23 20.69 10.22
CA TYR B 380 6.46 19.34 9.72
C TYR B 380 7.91 18.99 10.01
N GLY B 381 8.17 17.75 10.38
CA GLY B 381 9.57 17.47 10.66
C GLY B 381 9.88 17.56 12.13
N VAL B 382 9.82 18.78 12.70
CA VAL B 382 10.12 19.00 14.10
C VAL B 382 8.95 19.69 14.76
N SER B 383 8.78 19.44 16.05
CA SER B 383 7.69 20.07 16.80
C SER B 383 8.00 21.55 17.05
N PRO B 384 6.96 22.41 17.07
CA PRO B 384 7.22 23.84 17.27
C PRO B 384 7.87 24.13 18.61
N THR B 385 7.73 23.22 19.55
CA THR B 385 8.29 23.31 20.89
C THR B 385 9.65 22.62 20.89
N LYS B 386 10.47 22.96 21.89
CA LYS B 386 11.78 22.34 22.06
C LYS B 386 12.71 22.65 20.90
N LEU B 387 12.23 23.35 19.87
CA LEU B 387 13.08 23.67 18.73
C LEU B 387 14.28 24.49 19.15
N ASN B 388 14.25 25.10 20.33
CA ASN B 388 15.40 25.84 20.84
C ASN B 388 16.58 24.96 21.23
N ASP B 389 16.35 23.68 21.55
CA ASP B 389 17.46 22.80 21.92
C ASP B 389 18.05 22.06 20.72
N LEU B 390 17.93 22.63 19.53
CA LEU B 390 18.35 21.99 18.29
C LEU B 390 19.28 22.92 17.54
N CYS B 391 20.07 22.32 16.65
CA CYS B 391 21.04 23.04 15.83
C CYS B 391 20.91 22.58 14.40
N PHE B 392 21.17 23.50 13.47
CA PHE B 392 21.03 23.19 12.06
C PHE B 392 22.24 23.76 11.33
N THR B 393 22.52 23.18 10.16
CA THR B 393 23.59 23.71 9.33
C THR B 393 23.15 25.00 8.65
N ASN B 394 21.92 25.03 8.15
CA ASN B 394 21.46 26.20 7.41
C ASN B 394 19.96 26.34 7.59
N VAL B 395 19.47 27.57 7.41
CA VAL B 395 18.04 27.85 7.46
C VAL B 395 17.69 28.64 6.22
N TYR B 396 16.55 28.31 5.60
CA TYR B 396 16.06 29.05 4.46
C TYR B 396 14.70 29.62 4.79
N ALA B 397 14.48 30.88 4.46
CA ALA B 397 13.18 31.52 4.69
C ALA B 397 12.58 31.81 3.32
N ASP B 398 11.52 31.08 2.98
CA ASP B 398 10.76 31.30 1.76
C ASP B 398 9.58 32.21 2.10
N SER B 399 9.58 33.41 1.56
CA SER B 399 8.58 34.41 1.90
C SER B 399 7.76 34.77 0.66
N PHE B 400 6.44 34.68 0.79
CA PHE B 400 5.53 35.03 -0.31
C PHE B 400 4.15 35.29 0.27
N VAL B 401 3.29 35.88 -0.56
CA VAL B 401 1.89 36.16 -0.22
C VAL B 401 1.00 35.22 -1.03
N ILE B 402 0.02 34.62 -0.36
CA ILE B 402 -0.96 33.77 -1.02
C ILE B 402 -2.38 34.11 -0.57
N ARG B 403 -3.33 33.23 -0.85
CA ARG B 403 -4.72 33.43 -0.47
C ARG B 403 -5.19 32.31 0.45
N GLY B 404 -6.19 32.63 1.27
CA GLY B 404 -6.65 31.71 2.31
C GLY B 404 -7.07 30.34 1.80
N ASP B 405 -7.79 30.28 0.68
CA ASP B 405 -8.18 28.97 0.17
C ASP B 405 -6.98 28.16 -0.28
N GLU B 406 -5.84 28.81 -0.53
CA GLU B 406 -4.63 28.13 -0.96
C GLU B 406 -3.62 27.87 0.15
N VAL B 407 -3.82 28.43 1.35
CA VAL B 407 -2.84 28.21 2.42
C VAL B 407 -2.67 26.75 2.75
N ARG B 408 -3.72 25.94 2.57
CA ARG B 408 -3.60 24.51 2.84
C ARG B 408 -2.61 23.83 1.90
N GLN B 409 -2.32 24.44 0.75
CA GLN B 409 -1.41 23.82 -0.21
C GLN B 409 0.06 23.94 0.16
N ILE B 410 0.40 24.82 1.11
CA ILE B 410 1.80 24.95 1.54
C ILE B 410 2.01 23.92 2.64
N ALA B 411 2.28 22.69 2.21
CA ALA B 411 2.50 21.54 3.07
C ALA B 411 3.08 20.42 2.20
N PRO B 412 3.83 19.49 2.76
CA PRO B 412 4.37 18.41 1.94
C PRO B 412 3.27 17.57 1.32
N GLY B 413 3.48 17.17 0.08
CA GLY B 413 2.57 16.29 -0.62
C GLY B 413 1.19 16.86 -0.88
N GLN B 414 1.11 18.15 -1.21
CA GLN B 414 -0.15 18.82 -1.46
C GLN B 414 -0.30 19.13 -2.93
N THR B 415 -1.55 19.23 -3.37
CA THR B 415 -1.87 19.52 -4.76
C THR B 415 -2.61 20.85 -4.80
N GLY B 416 -2.65 21.47 -5.97
CA GLY B 416 -3.29 22.77 -6.13
C GLY B 416 -2.50 23.69 -7.02
N LYS B 417 -3.07 24.85 -7.35
CA LYS B 417 -2.41 25.78 -8.25
C LYS B 417 -1.05 26.22 -7.71
N ILE B 418 -0.97 26.49 -6.41
CA ILE B 418 0.30 26.94 -5.83
C ILE B 418 1.27 25.77 -5.72
N ALA B 419 0.80 24.65 -5.17
CA ALA B 419 1.68 23.51 -4.98
C ALA B 419 2.17 22.94 -6.30
N ASP B 420 1.37 23.03 -7.36
CA ASP B 420 1.79 22.47 -8.62
C ASP B 420 2.54 23.43 -9.53
N TYR B 421 2.17 24.71 -9.54
CA TYR B 421 2.75 25.66 -10.47
C TYR B 421 3.58 26.78 -9.85
N ASN B 422 3.46 27.03 -8.55
CA ASN B 422 4.18 28.13 -7.93
C ASN B 422 5.22 27.69 -6.90
N TYR B 423 4.83 26.91 -5.89
CA TYR B 423 5.77 26.48 -4.87
C TYR B 423 5.41 25.07 -4.46
N LYS B 424 6.34 24.14 -4.63
CA LYS B 424 6.10 22.74 -4.32
C LYS B 424 7.08 22.32 -3.24
N LEU B 425 6.54 21.82 -2.14
CA LEU B 425 7.31 21.36 -0.99
C LEU B 425 7.64 19.88 -1.16
N PRO B 426 8.81 19.42 -0.73
CA PRO B 426 9.15 18.00 -0.89
C PRO B 426 8.38 17.15 0.11
N ASP B 427 8.33 15.85 -0.16
CA ASP B 427 7.63 14.96 0.75
C ASP B 427 8.33 14.86 2.09
N ASP B 428 9.65 15.03 2.10
CA ASP B 428 10.47 14.86 3.30
C ASP B 428 10.73 16.17 4.02
N PHE B 429 9.86 17.15 3.85
CA PHE B 429 10.10 18.49 4.37
C PHE B 429 10.28 18.51 5.87
N THR B 430 11.35 19.16 6.31
CA THR B 430 11.69 19.36 7.72
C THR B 430 11.73 20.86 7.98
N GLY B 431 10.57 21.43 8.27
CA GLY B 431 10.51 22.86 8.53
C GLY B 431 9.18 23.25 9.13
N CYS B 432 8.92 24.54 9.13
CA CYS B 432 7.67 25.07 9.66
C CYS B 432 7.07 26.08 8.70
N VAL B 433 5.75 26.11 8.59
CA VAL B 433 5.03 27.05 7.73
C VAL B 433 4.25 27.99 8.63
N ILE B 434 4.44 29.29 8.41
CA ILE B 434 3.83 30.35 9.19
C ILE B 434 3.03 31.26 8.27
N ALA B 435 1.83 31.64 8.70
CA ALA B 435 0.98 32.50 7.89
C ALA B 435 0.19 33.44 8.80
N TRP B 436 -0.05 34.64 8.30
CA TRP B 436 -0.86 35.61 9.04
C TRP B 436 -1.60 36.53 8.08
N ASN B 437 -2.78 36.97 8.52
CA ASN B 437 -3.64 37.84 7.73
C ASN B 437 -3.05 39.24 7.60
N SER B 438 -3.01 39.74 6.36
CA SER B 438 -2.42 41.04 6.03
C SER B 438 -3.42 42.03 5.42
N ASN B 439 -4.68 41.97 5.83
CA ASN B 439 -5.68 42.87 5.26
C ASN B 439 -5.31 44.33 5.46
N ASN B 440 -4.67 44.67 6.58
CA ASN B 440 -4.32 46.06 6.85
C ASN B 440 -3.20 46.57 5.95
N LEU B 441 -2.41 45.68 5.34
CA LEU B 441 -1.29 46.09 4.49
C LEU B 441 -1.52 45.74 3.03
N ASP B 442 -1.67 44.45 2.71
CA ASP B 442 -1.75 44.03 1.33
C ASP B 442 -3.16 44.02 0.75
N SER B 443 -4.12 44.63 1.42
CA SER B 443 -5.47 44.79 0.88
C SER B 443 -5.75 46.27 0.66
N LYS B 444 -5.59 46.73 -0.57
CA LYS B 444 -5.71 48.13 -0.91
C LYS B 444 -7.09 48.43 -1.50
N VAL B 445 -7.65 49.58 -1.13
CA VAL B 445 -8.92 50.00 -1.71
C VAL B 445 -8.61 50.40 -3.15
N GLY B 446 -9.27 49.74 -4.10
CA GLY B 446 -8.96 49.92 -5.49
C GLY B 446 -8.41 48.69 -6.17
N GLY B 447 -7.95 47.70 -5.39
CA GLY B 447 -7.49 46.46 -6.00
C GLY B 447 -6.00 46.18 -6.03
N ASN B 448 -5.53 45.42 -5.04
CA ASN B 448 -4.16 44.89 -5.06
C ASN B 448 -4.01 43.82 -6.14
N TYR B 449 -2.90 43.88 -6.87
CA TYR B 449 -2.77 43.09 -8.09
C TYR B 449 -1.29 42.92 -8.37
N ASN B 450 -0.47 43.50 -7.50
CA ASN B 450 0.99 43.40 -7.60
C ASN B 450 1.48 41.98 -7.42
N TYR B 451 0.60 41.07 -6.98
CA TYR B 451 0.96 39.69 -6.63
C TYR B 451 0.41 38.78 -7.72
N LEU B 452 1.27 37.94 -8.29
CA LEU B 452 0.84 37.04 -9.35
C LEU B 452 1.11 35.59 -8.97
N TYR B 453 0.35 34.69 -9.59
CA TYR B 453 0.61 33.27 -9.45
C TYR B 453 0.68 32.63 -10.83
N ARG B 454 1.67 31.77 -11.04
CA ARG B 454 1.76 31.05 -12.30
C ARG B 454 0.55 30.15 -12.46
N LEU B 455 -0.19 30.33 -13.55
CA LEU B 455 -1.45 29.61 -13.74
C LEU B 455 -1.37 28.48 -14.74
N PHE B 456 -0.60 28.63 -15.81
CA PHE B 456 -0.52 27.62 -16.87
C PHE B 456 0.94 27.27 -17.11
N ARG B 457 1.44 26.26 -16.39
CA ARG B 457 2.79 25.77 -16.61
C ARG B 457 2.71 24.43 -17.34
N LYS B 458 3.88 23.90 -17.72
CA LYS B 458 3.95 22.69 -18.51
C LYS B 458 3.86 21.44 -17.65
N SER B 459 4.76 21.30 -16.68
N SER B 459 4.76 21.30 -16.68
CA SER B 459 4.81 20.15 -15.79
CA SER B 459 4.81 20.15 -15.79
C SER B 459 4.86 20.62 -14.34
C SER B 459 4.86 20.62 -14.34
N ASN B 460 4.71 19.67 -13.43
CA ASN B 460 4.75 19.97 -12.01
C ASN B 460 6.16 20.38 -11.58
N LEU B 461 6.21 21.29 -10.61
CA LEU B 461 7.48 21.82 -10.14
C LEU B 461 8.25 20.80 -9.29
N LYS B 462 9.56 20.85 -9.40
CA LYS B 462 10.42 20.14 -8.47
C LYS B 462 10.40 20.85 -7.12
N PRO B 463 10.77 20.15 -6.04
CA PRO B 463 10.80 20.80 -4.72
C PRO B 463 11.74 22.00 -4.68
N PHE B 464 11.25 23.09 -4.09
CA PHE B 464 12.01 24.33 -3.88
C PHE B 464 12.51 24.94 -5.18
N GLU B 465 11.81 24.70 -6.28
CA GLU B 465 12.19 25.27 -7.56
C GLU B 465 11.60 26.66 -7.69
N ARG B 466 12.36 27.58 -8.28
CA ARG B 466 11.93 28.95 -8.49
C ARG B 466 11.92 29.20 -9.99
N ASP B 467 10.73 29.28 -10.56
CA ASP B 467 10.53 29.49 -11.99
C ASP B 467 10.09 30.92 -12.23
N ILE B 468 10.82 31.62 -13.10
CA ILE B 468 10.59 33.04 -13.34
C ILE B 468 10.26 33.33 -14.81
N SER B 469 10.34 32.34 -15.70
CA SER B 469 10.09 32.59 -17.11
C SER B 469 8.63 32.99 -17.34
N THR B 470 8.42 33.84 -18.34
CA THR B 470 7.09 34.31 -18.70
C THR B 470 6.73 33.98 -20.14
N GLU B 471 7.28 32.89 -20.69
CA GLU B 471 6.99 32.51 -22.06
C GLU B 471 5.53 32.09 -22.20
N ILE B 472 4.97 32.38 -23.37
CA ILE B 472 3.56 32.08 -23.64
C ILE B 472 3.39 30.58 -23.79
N TYR B 473 2.73 29.96 -22.81
CA TYR B 473 2.44 28.53 -22.86
C TYR B 473 1.28 28.26 -23.81
N GLN B 474 1.47 27.29 -24.70
CA GLN B 474 0.46 26.97 -25.70
C GLN B 474 -0.60 26.04 -25.13
N ALA B 475 -1.85 26.50 -25.15
CA ALA B 475 -2.99 25.70 -24.71
C ALA B 475 -3.67 25.01 -25.88
N GLY B 476 -2.88 24.31 -26.69
CA GLY B 476 -3.40 23.63 -27.87
C GLY B 476 -2.28 23.20 -28.78
N SER B 477 -2.65 22.45 -29.82
CA SER B 477 -1.66 21.96 -30.77
CA SER B 477 -1.66 21.96 -30.77
C SER B 477 -1.01 23.09 -31.53
N THR B 478 -1.78 24.11 -31.88
CA THR B 478 -1.25 25.22 -32.67
C THR B 478 -0.22 25.98 -31.84
N PRO B 479 1.01 26.14 -32.31
CA PRO B 479 2.01 26.89 -31.55
C PRO B 479 1.62 28.35 -31.42
N CYS B 480 1.96 28.93 -30.27
CA CYS B 480 1.69 30.34 -30.04
C CYS B 480 2.62 31.24 -30.84
N ASN B 481 3.91 30.92 -30.88
CA ASN B 481 4.91 31.78 -31.51
C ASN B 481 4.89 33.16 -30.87
N GLY B 482 4.47 33.21 -29.60
CA GLY B 482 4.36 34.42 -28.82
C GLY B 482 2.97 35.01 -28.87
N VAL B 483 2.30 34.89 -30.01
CA VAL B 483 0.98 35.46 -30.24
C VAL B 483 0.04 35.07 -29.10
N GLU B 484 -0.45 36.06 -28.35
CA GLU B 484 -1.40 35.79 -27.27
C GLU B 484 -2.80 35.61 -27.83
N GLY B 485 -2.95 34.73 -28.81
CA GLY B 485 -4.23 34.48 -29.45
C GLY B 485 -4.99 33.33 -28.83
N PHE B 486 -5.81 32.68 -29.64
CA PHE B 486 -6.57 31.52 -29.20
C PHE B 486 -5.62 30.38 -28.81
N ASN B 487 -6.00 29.65 -27.76
CA ASN B 487 -5.17 28.57 -27.21
C ASN B 487 -3.81 29.09 -26.75
N CYS B 488 -3.77 30.36 -26.35
CA CYS B 488 -2.51 30.98 -25.92
C CYS B 488 -2.83 31.99 -24.82
N TYR B 489 -2.45 31.66 -23.58
CA TYR B 489 -2.70 32.53 -22.45
C TYR B 489 -1.40 32.80 -21.71
N PHE B 490 -1.31 33.98 -21.11
CA PHE B 490 -0.15 34.33 -20.31
C PHE B 490 -0.12 33.47 -19.05
N PRO B 491 1.03 32.90 -18.70
CA PRO B 491 1.07 31.96 -17.56
C PRO B 491 0.89 32.61 -16.21
N LEU B 492 0.95 33.94 -16.10
CA LEU B 492 0.80 34.60 -14.81
C LEU B 492 -0.59 35.21 -14.71
N GLN B 493 -1.24 34.97 -13.58
CA GLN B 493 -2.58 35.47 -13.28
C GLN B 493 -2.53 36.25 -11.97
N SER B 494 -3.42 37.21 -11.83
CA SER B 494 -3.47 38.05 -10.64
C SER B 494 -4.56 37.59 -9.68
N TYR B 495 -4.32 37.81 -8.40
CA TYR B 495 -5.29 37.48 -7.35
C TYR B 495 -6.37 38.55 -7.24
N GLY B 496 -5.97 39.81 -7.13
CA GLY B 496 -6.92 40.89 -7.02
C GLY B 496 -7.48 40.90 -5.62
N PHE B 497 -6.63 41.29 -4.67
CA PHE B 497 -6.99 41.28 -3.24
C PHE B 497 -7.82 42.51 -2.92
N GLN B 498 -9.14 42.34 -2.85
CA GLN B 498 -10.03 43.43 -2.51
C GLN B 498 -10.41 43.31 -1.05
N PRO B 499 -10.18 44.34 -0.22
CA PRO B 499 -10.45 44.22 1.21
C PRO B 499 -11.84 43.71 1.52
N THR B 500 -12.82 44.00 0.66
CA THR B 500 -14.21 43.64 0.86
C THR B 500 -14.50 42.18 0.49
N ASN B 501 -13.49 41.41 0.09
CA ASN B 501 -13.70 40.03 -0.30
C ASN B 501 -14.01 39.16 0.92
N GLY B 502 -14.62 38.01 0.66
CA GLY B 502 -14.77 37.00 1.69
C GLY B 502 -13.43 36.55 2.23
N VAL B 503 -13.44 36.10 3.48
CA VAL B 503 -12.18 35.97 4.23
C VAL B 503 -11.26 34.95 3.58
N GLY B 504 -11.82 33.90 2.98
CA GLY B 504 -10.97 32.92 2.34
C GLY B 504 -10.30 33.43 1.08
N TYR B 505 -10.65 34.63 0.64
CA TYR B 505 -10.08 35.28 -0.52
C TYR B 505 -9.10 36.39 -0.13
N GLN B 506 -9.02 36.71 1.15
CA GLN B 506 -8.10 37.72 1.64
C GLN B 506 -6.65 37.25 1.55
N PRO B 507 -5.71 38.17 1.44
CA PRO B 507 -4.29 37.78 1.38
C PRO B 507 -3.73 37.31 2.72
N TYR B 508 -2.80 36.37 2.63
CA TYR B 508 -2.06 35.84 3.76
C TYR B 508 -0.57 35.95 3.46
N ARG B 509 0.20 36.34 4.48
CA ARG B 509 1.64 36.45 4.38
C ARG B 509 2.19 35.13 4.91
N VAL B 510 2.95 34.41 4.10
CA VAL B 510 3.48 33.10 4.43
C VAL B 510 5.00 33.13 4.41
N VAL B 511 5.59 32.60 5.48
CA VAL B 511 7.02 32.42 5.63
C VAL B 511 7.25 30.95 5.95
N VAL B 512 8.02 30.26 5.13
CA VAL B 512 8.35 28.87 5.33
C VAL B 512 9.81 28.80 5.78
N LEU B 513 10.03 28.20 6.94
CA LEU B 513 11.36 27.99 7.50
C LEU B 513 11.77 26.56 7.18
N SER B 514 12.68 26.40 6.25
CA SER B 514 13.22 25.10 5.88
C SER B 514 14.59 24.92 6.51
N PHE B 515 14.80 23.78 7.17
CA PHE B 515 16.02 23.55 7.92
C PHE B 515 16.87 22.54 7.17
N GLU B 516 18.14 22.89 6.91
CA GLU B 516 19.10 21.94 6.36
C GLU B 516 20.03 21.47 7.46
N LEU B 517 19.85 20.22 7.88
CA LEU B 517 20.61 19.61 8.97
C LEU B 517 21.60 18.60 8.40
N LEU B 518 22.86 18.72 8.79
CA LEU B 518 23.93 17.88 8.26
C LEU B 518 25.01 17.64 9.32
N ALA B 520 27.59 19.38 8.11
CA ALA B 520 28.62 20.35 8.42
C ALA B 520 28.46 20.83 9.87
N PRO B 521 29.47 21.54 10.40
CA PRO B 521 29.32 22.13 11.73
C PRO B 521 28.08 23.01 11.86
N ALA B 522 27.48 22.96 13.04
CA ALA B 522 26.22 23.65 13.31
C ALA B 522 26.46 25.15 13.47
N THR B 523 25.58 25.95 12.87
CA THR B 523 25.74 27.40 12.92
C THR B 523 24.46 28.14 13.31
N VAL B 524 23.30 27.49 13.25
CA VAL B 524 22.03 28.10 13.60
C VAL B 524 21.46 27.32 14.79
N CYS B 525 21.35 27.96 15.94
CA CYS B 525 20.94 27.23 17.14
C CYS B 525 20.21 28.15 18.10
N GLY B 526 19.40 27.52 18.95
CA GLY B 526 18.58 28.22 19.91
C GLY B 526 19.36 28.83 21.06
N PRO B 527 18.67 29.62 21.87
CA PRO B 527 19.33 30.27 23.01
C PRO B 527 19.51 29.31 24.17
N LYS B 528 20.63 28.58 24.19
CA LYS B 528 20.92 27.63 25.26
C LYS B 528 22.30 27.93 25.82
N LYS B 529 22.36 28.11 27.14
CA LYS B 529 23.61 28.42 27.79
C LYS B 529 24.46 27.17 27.85
N SER B 530 25.73 27.28 27.46
CA SER B 530 26.63 26.16 27.49
C SER B 530 27.27 26.02 28.87
N THR B 531 27.08 24.86 29.48
CA THR B 531 27.61 24.51 30.78
C THR B 531 29.04 23.98 30.65
N ASN B 532 29.66 23.79 31.81
CA ASN B 532 31.00 23.21 31.87
C ASN B 532 30.91 21.72 31.57
N LEU B 533 32.03 21.15 31.13
CA LEU B 533 32.08 19.76 30.72
C LEU B 533 32.68 18.90 31.81
N VAL B 534 32.02 17.76 32.06
CA VAL B 534 32.43 16.80 33.08
C VAL B 534 32.92 15.52 32.41
N LYS B 535 34.13 15.10 32.77
CA LYS B 535 34.76 13.92 32.19
C LYS B 535 34.61 12.70 33.09
N ASN B 536 34.64 11.52 32.47
CA ASN B 536 34.65 10.22 33.15
C ASN B 536 33.43 9.98 34.03
N LYS B 537 32.27 10.55 33.70
CA LYS B 537 31.05 10.24 34.43
C LYS B 537 29.89 10.08 33.48
N CYS B 538 28.93 9.24 33.87
CA CYS B 538 27.73 9.03 33.06
C CYS B 538 26.89 10.30 33.08
N VAL B 539 26.77 10.95 31.91
CA VAL B 539 26.08 12.21 31.79
C VAL B 539 25.19 12.16 30.56
N ASN B 540 24.12 12.94 30.57
CA ASN B 540 23.22 13.08 29.44
C ASN B 540 23.59 14.38 28.74
N PHE B 541 24.29 14.24 27.61
CA PHE B 541 24.92 15.32 26.88
C PHE B 541 24.10 15.75 25.67
N ASN B 542 24.39 16.97 25.22
CA ASN B 542 23.78 17.58 24.04
C ASN B 542 24.84 18.41 23.32
N PHE B 543 25.39 17.86 22.23
CA PHE B 543 26.42 18.52 21.43
C PHE B 543 25.81 18.97 20.11
N ASN B 544 25.65 20.29 19.95
CA ASN B 544 25.12 20.89 18.71
C ASN B 544 23.85 20.21 18.23
N GLY B 545 22.98 19.83 19.16
CA GLY B 545 21.73 19.20 18.81
C GLY B 545 21.73 17.70 18.84
N LEU B 546 22.89 17.06 18.99
CA LEU B 546 22.97 15.61 19.13
C LEU B 546 22.89 15.27 20.61
N THR B 547 21.87 14.51 20.97
CA THR B 547 21.59 14.23 22.37
C THR B 547 21.94 12.78 22.66
N GLY B 548 22.17 12.48 23.93
CA GLY B 548 22.47 11.11 24.29
C GLY B 548 22.96 11.02 25.71
N THR B 549 23.22 9.79 26.13
CA THR B 549 23.75 9.51 27.46
C THR B 549 25.01 8.66 27.33
N GLY B 550 26.01 8.99 28.13
CA GLY B 550 27.24 8.24 28.12
C GLY B 550 28.32 8.93 28.93
N VAL B 551 29.46 8.27 29.02
CA VAL B 551 30.63 8.82 29.70
C VAL B 551 31.54 9.43 28.66
N LEU B 552 31.91 10.69 28.87
CA LEU B 552 32.75 11.43 27.94
C LEU B 552 34.18 11.35 28.43
N THR B 553 35.07 10.85 27.59
CA THR B 553 36.47 10.74 27.97
C THR B 553 37.37 11.27 26.87
N GLU B 554 38.63 11.48 27.21
CA GLU B 554 39.61 11.87 26.22
C GLU B 554 39.90 10.67 25.32
N SER B 555 40.31 10.93 24.09
CA SER B 555 40.58 9.84 23.16
C SER B 555 41.82 10.13 22.35
N ASN B 556 42.32 9.06 21.72
CA ASN B 556 43.53 9.10 20.89
C ASN B 556 43.17 8.86 19.44
N LYS B 557 41.95 9.19 19.06
CA LYS B 557 41.49 9.05 17.68
C LYS B 557 41.82 10.35 16.95
N LYS B 558 42.69 10.26 15.95
CA LYS B 558 43.17 11.43 15.23
C LYS B 558 42.14 11.84 14.20
N PHE B 559 41.25 12.75 14.59
CA PHE B 559 40.28 13.25 13.64
C PHE B 559 40.97 14.09 12.58
N LEU B 560 40.45 14.03 11.38
CA LEU B 560 40.98 14.96 10.39
C LEU B 560 40.41 16.35 10.65
N PRO B 561 41.14 17.40 10.28
CA PRO B 561 40.72 18.77 10.64
C PRO B 561 39.29 19.12 10.24
N PHE B 562 38.75 18.44 9.24
CA PHE B 562 37.41 18.77 8.74
C PHE B 562 36.30 17.95 9.36
N GLN B 563 36.60 16.88 10.10
CA GLN B 563 35.57 16.03 10.67
C GLN B 563 35.24 16.47 12.08
N GLN B 564 33.95 16.49 12.41
CA GLN B 564 33.50 16.94 13.71
C GLN B 564 33.04 15.82 14.63
N PHE B 565 32.35 14.81 14.11
CA PHE B 565 31.95 13.66 14.89
C PHE B 565 32.12 12.39 14.07
N GLY B 566 32.46 11.30 14.76
CA GLY B 566 32.61 10.00 14.12
C GLY B 566 31.57 9.02 14.64
N ARG B 567 31.13 8.14 13.75
CA ARG B 567 30.19 7.10 14.12
C ARG B 567 30.74 5.73 13.77
N ASP B 568 30.51 4.78 14.66
CA ASP B 568 30.87 3.38 14.46
C ASP B 568 29.77 2.69 13.65
N ILE B 569 29.94 1.38 13.49
CA ILE B 569 29.05 0.53 12.73
C ILE B 569 27.62 0.62 13.23
N ALA B 570 26.69 0.50 12.27
CA ALA B 570 25.26 0.59 12.51
C ALA B 570 24.89 1.98 13.00
N ASP B 571 25.57 2.99 12.43
CA ASP B 571 25.21 4.39 12.60
C ASP B 571 25.12 4.75 14.08
N THR B 572 26.27 4.80 14.74
CA THR B 572 26.19 5.17 16.16
C THR B 572 27.35 6.07 16.52
N THR B 573 27.04 7.21 17.14
CA THR B 573 28.09 8.18 17.43
C THR B 573 29.04 7.62 18.47
N ASP B 574 30.32 7.57 18.12
CA ASP B 574 31.37 7.04 18.98
C ASP B 574 32.23 8.14 19.56
N ALA B 575 32.37 9.25 18.84
CA ALA B 575 33.12 10.39 19.32
C ALA B 575 32.53 11.64 18.69
N VAL B 576 32.84 12.78 19.30
CA VAL B 576 32.31 14.06 18.84
C VAL B 576 33.30 15.12 19.27
N ARG B 577 33.31 16.24 18.55
CA ARG B 577 34.22 17.32 18.90
C ARG B 577 33.39 18.43 19.49
N ASP B 578 33.78 18.87 20.69
CA ASP B 578 33.01 19.86 21.38
C ASP B 578 33.23 21.21 20.71
N PRO B 579 32.29 22.13 20.82
CA PRO B 579 32.54 23.49 20.35
C PRO B 579 33.17 24.28 21.50
N GLN B 580 33.73 25.44 21.12
CA GLN B 580 34.38 26.37 22.04
C GLN B 580 35.80 25.91 22.31
N THR B 581 36.01 24.59 22.48
CA THR B 581 37.34 24.08 22.79
C THR B 581 37.89 23.09 21.77
N LEU B 582 37.09 22.67 20.79
CA LEU B 582 37.54 21.85 19.67
C LEU B 582 38.23 20.56 20.09
N GLU B 583 37.97 20.07 21.30
CA GLU B 583 38.54 18.81 21.74
C GLU B 583 37.83 17.64 21.05
N ILE B 584 38.44 16.46 21.12
CA ILE B 584 37.89 15.24 20.53
C ILE B 584 37.52 14.32 21.68
N LEU B 585 36.22 14.19 21.94
CA LEU B 585 35.71 13.43 23.07
C LEU B 585 35.15 12.09 22.62
N ASP B 586 35.61 11.02 23.24
CA ASP B 586 35.03 9.71 23.01
C ASP B 586 33.81 9.55 23.91
N ILE B 587 32.78 8.91 23.38
CA ILE B 587 31.53 8.67 24.09
C ILE B 587 31.40 7.18 24.31
N THR B 588 31.45 6.75 25.57
CA THR B 588 31.33 5.33 25.88
C THR B 588 30.01 5.09 26.60
N PRO B 589 29.15 4.21 26.12
CA PRO B 589 27.87 3.97 26.80
C PRO B 589 28.12 3.65 28.27
N CYS B 590 27.21 4.12 29.13
CA CYS B 590 27.35 3.87 30.55
C CYS B 590 27.26 2.38 30.83
N SER B 591 28.01 1.93 31.84
CA SER B 591 28.04 0.52 32.19
C SER B 591 26.64 0.01 32.50
N PHE B 592 26.31 -1.14 31.92
CA PHE B 592 25.04 -1.80 32.16
C PHE B 592 25.24 -3.29 31.94
N GLY B 593 24.28 -4.06 32.42
CA GLY B 593 24.34 -5.49 32.26
C GLY B 593 23.21 -6.17 32.99
N GLY B 594 23.04 -7.45 32.71
CA GLY B 594 22.00 -8.20 33.37
C GLY B 594 22.32 -8.45 34.83
N VAL B 595 21.26 -8.69 35.61
CA VAL B 595 21.39 -9.00 37.03
C VAL B 595 20.83 -10.40 37.22
N SER B 596 21.66 -11.28 37.76
CA SER B 596 21.29 -12.68 37.99
C SER B 596 21.29 -12.91 39.48
N VAL B 597 20.38 -13.75 39.96
CA VAL B 597 20.25 -14.02 41.38
C VAL B 597 20.58 -15.48 41.65
N ILE B 598 21.53 -15.69 42.57
CA ILE B 598 21.93 -17.00 43.03
C ILE B 598 21.18 -17.25 44.33
N THR B 599 20.38 -18.31 44.36
CA THR B 599 19.59 -18.59 45.54
C THR B 599 19.53 -20.09 45.80
N PRO B 600 19.68 -20.50 47.06
CA PRO B 600 19.52 -21.92 47.38
C PRO B 600 18.08 -22.37 47.27
N GLY B 601 17.14 -21.53 47.68
CA GLY B 601 15.73 -21.83 47.57
C GLY B 601 15.01 -21.36 48.82
N THR B 602 13.76 -20.95 48.65
CA THR B 602 12.99 -20.48 49.80
C THR B 602 12.68 -21.60 50.78
N ASN B 603 12.92 -22.84 50.40
CA ASN B 603 12.72 -23.99 51.28
C ASN B 603 13.96 -24.29 52.11
N THR B 604 15.03 -23.53 51.91
CA THR B 604 16.26 -23.70 52.68
C THR B 604 16.67 -22.44 53.42
N SER B 605 16.79 -21.32 52.72
CA SER B 605 17.25 -20.08 53.33
C SER B 605 16.85 -18.91 52.46
N ASN B 606 16.77 -17.73 53.07
CA ASN B 606 16.47 -16.51 52.34
C ASN B 606 17.73 -15.77 51.93
N GLN B 607 18.89 -16.43 51.98
CA GLN B 607 20.13 -15.79 51.58
C GLN B 607 20.20 -15.75 50.08
N VAL B 608 20.68 -14.63 49.54
CA VAL B 608 20.77 -14.43 48.11
C VAL B 608 22.13 -13.84 47.75
N ALA B 609 22.58 -14.14 46.54
CA ALA B 609 23.76 -13.52 45.97
C ALA B 609 23.36 -12.91 44.63
N VAL B 610 23.98 -11.79 44.28
CA VAL B 610 23.64 -11.07 43.07
C VAL B 610 24.86 -11.03 42.16
N LEU B 611 24.68 -11.43 40.92
CA LEU B 611 25.75 -11.44 39.93
C LEU B 611 25.43 -10.34 38.93
N TYR B 612 26.33 -9.39 38.77
CA TYR B 612 26.21 -8.36 37.76
C TYR B 612 27.00 -8.83 36.55
N GLN B 613 26.30 -9.17 35.49
CA GLN B 613 26.87 -9.92 34.38
C GLN B 613 27.87 -9.10 33.58
N ASP B 614 29.08 -9.62 33.44
CA ASP B 614 30.14 -8.99 32.65
C ASP B 614 30.41 -7.55 33.06
N VAL B 615 30.42 -7.29 34.36
CA VAL B 615 30.69 -5.95 34.87
C VAL B 615 31.81 -6.06 35.90
N ASN B 616 32.58 -5.00 36.03
CA ASN B 616 33.70 -4.96 36.96
C ASN B 616 33.20 -4.62 38.36
N CYS B 617 33.97 -5.05 39.38
CA CYS B 617 33.55 -4.82 40.76
C CYS B 617 33.96 -3.42 41.20
N THR B 618 33.42 -2.45 40.49
CA THR B 618 33.59 -1.03 40.81
C THR B 618 32.26 -0.31 40.75
N GLU B 619 31.14 -1.05 40.67
CA GLU B 619 29.80 -0.46 40.63
C GLU B 619 28.89 -1.37 41.44
N VAL B 620 28.40 -0.87 42.56
CA VAL B 620 27.52 -1.63 43.44
C VAL B 620 26.23 -2.00 42.71
N ASN B 641 30.48 -10.22 50.74
CA ASN B 641 31.76 -10.33 50.05
C ASN B 641 31.59 -10.10 48.56
N VAL B 642 32.64 -9.59 47.92
CA VAL B 642 32.61 -9.24 46.50
C VAL B 642 33.70 -10.03 45.79
N PHE B 643 33.31 -10.82 44.80
CA PHE B 643 34.22 -11.67 44.04
C PHE B 643 34.09 -11.35 42.56
N GLN B 644 35.20 -10.94 41.94
CA GLN B 644 35.21 -10.69 40.49
C GLN B 644 35.47 -11.99 39.74
N THR B 645 34.58 -12.35 38.82
CA THR B 645 34.71 -13.57 38.04
C THR B 645 34.64 -13.21 36.57
N ARG B 646 34.95 -14.19 35.73
CA ARG B 646 34.97 -13.96 34.30
C ARG B 646 33.56 -13.80 33.75
N ALA B 647 32.55 -14.12 34.54
CA ALA B 647 31.16 -13.94 34.17
C ALA B 647 30.59 -12.61 34.67
N GLY B 648 31.34 -11.87 35.47
CA GLY B 648 30.79 -10.67 36.06
C GLY B 648 31.20 -10.54 37.50
N CYS B 649 30.62 -9.56 38.18
CA CYS B 649 30.97 -9.29 39.57
C CYS B 649 29.89 -9.90 40.46
N LEU B 650 30.27 -10.84 41.33
CA LEU B 650 29.33 -11.53 42.20
C LEU B 650 29.43 -10.97 43.62
N ILE B 651 28.31 -10.50 44.13
CA ILE B 651 28.21 -9.93 45.47
C ILE B 651 27.36 -10.85 46.34
N GLY B 652 27.88 -11.19 47.52
CA GLY B 652 27.14 -11.99 48.48
C GLY B 652 27.65 -13.41 48.62
N ALA B 653 28.46 -13.88 47.69
CA ALA B 653 29.01 -15.22 47.77
C ALA B 653 30.45 -15.16 48.24
N GLU B 654 30.81 -16.04 49.16
CA GLU B 654 32.19 -16.16 49.61
C GLU B 654 32.99 -17.02 48.64
N HIS B 655 34.18 -16.56 48.28
CA HIS B 655 35.05 -17.34 47.41
C HIS B 655 35.82 -18.35 48.26
N VAL B 656 35.68 -19.62 47.95
CA VAL B 656 36.32 -20.69 48.70
C VAL B 656 37.32 -21.38 47.78
N ASN B 657 38.53 -21.59 48.29
CA ASN B 657 39.59 -22.18 47.46
C ASN B 657 39.35 -23.64 47.14
N ASN B 658 38.79 -24.41 48.09
CA ASN B 658 38.59 -25.83 47.84
C ASN B 658 37.39 -26.06 46.91
N SER B 659 37.56 -26.99 45.98
CA SER B 659 36.57 -27.28 44.95
C SER B 659 35.55 -28.31 45.41
N TYR B 660 34.39 -28.29 44.75
CA TYR B 660 33.29 -29.22 44.98
C TYR B 660 32.60 -29.46 43.66
N GLU B 661 31.63 -30.37 43.67
CA GLU B 661 30.82 -30.58 42.48
C GLU B 661 29.88 -29.41 42.30
N CYS B 662 29.68 -28.99 41.05
CA CYS B 662 28.91 -27.79 40.79
C CYS B 662 27.45 -27.99 41.17
N ASP B 663 26.86 -26.97 41.79
CA ASP B 663 25.46 -27.00 42.19
C ASP B 663 24.67 -25.95 41.43
N ILE B 664 24.90 -24.67 41.69
CA ILE B 664 24.27 -23.59 40.92
C ILE B 664 25.33 -23.05 39.97
N PRO B 665 25.18 -23.25 38.66
CA PRO B 665 26.21 -22.76 37.74
C PRO B 665 26.15 -21.25 37.59
N ILE B 666 27.32 -20.63 37.57
CA ILE B 666 27.46 -19.20 37.32
C ILE B 666 28.07 -18.94 35.95
N GLY B 667 29.16 -19.61 35.63
CA GLY B 667 29.85 -19.43 34.37
C GLY B 667 31.35 -19.37 34.54
N ALA B 668 32.06 -19.64 33.45
CA ALA B 668 33.51 -19.62 33.43
C ALA B 668 34.10 -20.56 34.48
N GLY B 669 33.44 -21.69 34.71
CA GLY B 669 33.94 -22.67 35.64
C GLY B 669 33.56 -22.46 37.09
N ILE B 670 32.90 -21.37 37.42
CA ILE B 670 32.56 -21.05 38.80
C ILE B 670 31.09 -21.33 39.06
N CYS B 671 30.80 -21.99 40.18
CA CYS B 671 29.46 -22.32 40.63
C CYS B 671 29.29 -21.89 42.07
N ALA B 672 28.04 -21.87 42.52
CA ALA B 672 27.72 -21.42 43.86
C ALA B 672 26.38 -21.95 44.34
N VAL B 684 24.75 -23.54 48.86
CA VAL B 684 24.80 -23.11 50.25
C VAL B 684 25.54 -24.17 51.08
N ALA B 685 26.38 -23.69 51.99
CA ALA B 685 27.20 -24.53 52.85
C ALA B 685 27.77 -23.65 53.95
N SER B 686 27.94 -24.22 55.14
CA SER B 686 28.38 -23.46 56.31
C SER B 686 27.51 -22.23 56.53
N GLN B 687 26.19 -22.42 56.38
CA GLN B 687 25.14 -21.40 56.55
C GLN B 687 25.37 -20.16 55.70
N SER B 688 26.06 -20.30 54.57
CA SER B 688 26.26 -19.15 53.70
C SER B 688 26.49 -19.62 52.27
N ILE B 689 26.36 -18.69 51.34
CA ILE B 689 26.57 -18.98 49.92
C ILE B 689 28.07 -18.90 49.64
N ILE B 690 28.59 -19.91 48.96
CA ILE B 690 30.00 -19.97 48.60
C ILE B 690 30.14 -20.04 47.10
N ALA B 691 31.27 -19.58 46.59
CA ALA B 691 31.57 -19.61 45.17
C ALA B 691 32.92 -20.29 44.98
N TYR B 692 33.03 -21.14 43.96
CA TYR B 692 34.23 -21.95 43.83
C TYR B 692 34.40 -22.40 42.38
N THR B 693 35.60 -22.87 42.07
CA THR B 693 35.89 -23.49 40.80
C THR B 693 35.42 -24.93 40.82
N MET B 694 34.69 -25.34 39.77
CA MET B 694 34.06 -26.65 39.79
C MET B 694 35.07 -27.77 39.78
N SER B 695 34.79 -28.82 40.54
CA SER B 695 35.60 -30.01 40.43
C SER B 695 35.03 -30.83 39.27
N LEU B 696 35.90 -31.50 38.55
CA LEU B 696 35.45 -32.29 37.41
C LEU B 696 35.21 -33.75 37.76
N GLY B 697 35.41 -34.12 39.03
CA GLY B 697 35.29 -35.49 39.46
C GLY B 697 36.48 -35.92 40.27
N ALA B 698 36.33 -37.10 40.88
CA ALA B 698 37.40 -37.62 41.72
C ALA B 698 38.61 -37.96 40.85
N GLU B 699 39.79 -37.67 41.37
CA GLU B 699 41.03 -37.91 40.66
C GLU B 699 41.52 -39.32 40.98
N ASN B 700 41.82 -40.12 39.95
CA ASN B 700 42.30 -41.47 40.19
C ASN B 700 43.22 -41.95 39.08
N SER B 701 44.51 -42.03 39.37
CA SER B 701 45.43 -42.57 38.39
C SER B 701 45.20 -44.07 38.28
N VAL B 702 45.43 -44.60 37.10
CA VAL B 702 45.25 -46.02 36.85
C VAL B 702 46.61 -46.68 36.93
N ALA B 703 46.68 -47.82 37.63
CA ALA B 703 47.95 -48.50 37.85
C ALA B 703 48.39 -49.20 36.58
N TYR B 704 48.71 -48.38 35.58
CA TYR B 704 49.12 -48.91 34.29
C TYR B 704 50.53 -49.47 34.37
N SER B 705 50.72 -50.62 33.71
CA SER B 705 52.01 -51.24 33.57
C SER B 705 51.97 -52.02 32.27
N ASN B 706 53.12 -52.51 31.82
CA ASN B 706 53.17 -53.22 30.56
C ASN B 706 52.92 -54.72 30.71
N ASN B 707 52.55 -55.16 31.91
CA ASN B 707 52.40 -56.59 32.19
C ASN B 707 51.45 -56.77 33.35
N SER B 708 50.43 -55.93 33.45
CA SER B 708 49.44 -56.02 34.50
C SER B 708 48.05 -55.82 33.94
N ILE B 709 47.13 -56.70 34.33
CA ILE B 709 45.74 -56.69 33.90
C ILE B 709 44.83 -56.68 35.11
N ALA B 710 43.74 -55.92 35.04
CA ALA B 710 42.73 -55.97 36.08
C ALA B 710 41.54 -56.72 35.50
N ILE B 711 41.11 -57.78 36.18
CA ILE B 711 39.98 -58.58 35.75
C ILE B 711 38.94 -58.60 36.85
N PRO B 712 37.69 -58.31 36.57
CA PRO B 712 36.66 -58.40 37.59
C PRO B 712 36.39 -59.84 37.99
N THR B 713 36.24 -60.04 39.30
CA THR B 713 35.96 -61.32 39.92
C THR B 713 34.48 -61.51 40.18
N ASN B 714 33.69 -60.43 40.11
CA ASN B 714 32.29 -60.45 40.45
C ASN B 714 31.60 -59.30 39.76
N PHE B 715 30.31 -59.42 39.56
CA PHE B 715 29.55 -58.48 38.76
C PHE B 715 28.55 -57.73 39.64
N THR B 716 27.81 -56.84 39.00
CA THR B 716 26.56 -56.35 39.53
C THR B 716 25.61 -56.10 38.37
N ILE B 717 24.35 -56.46 38.56
CA ILE B 717 23.33 -56.22 37.55
C ILE B 717 22.62 -54.96 37.98
N SER B 718 22.64 -53.95 37.12
CA SER B 718 22.07 -52.66 37.48
C SER B 718 20.93 -52.33 36.53
N VAL B 719 20.02 -51.49 37.01
CA VAL B 719 18.92 -50.99 36.20
C VAL B 719 18.95 -49.48 36.24
N THR B 720 18.91 -48.88 35.06
CA THR B 720 18.89 -47.43 34.92
C THR B 720 17.57 -47.04 34.27
N THR B 721 17.13 -45.82 34.52
CA THR B 721 15.88 -45.32 33.96
C THR B 721 16.17 -44.17 33.02
N GLU B 722 15.73 -44.30 31.78
CA GLU B 722 15.89 -43.26 30.77
C GLU B 722 14.51 -42.77 30.36
N ILE B 723 14.28 -41.47 30.46
CA ILE B 723 12.97 -40.87 30.21
C ILE B 723 13.07 -40.06 28.93
N LEU B 724 12.21 -40.37 27.96
CA LEU B 724 12.24 -39.68 26.68
C LEU B 724 10.83 -39.22 26.34
N PRO B 725 10.65 -37.97 25.95
CA PRO B 725 9.33 -37.55 25.45
C PRO B 725 9.09 -38.16 24.09
N VAL B 726 7.83 -38.48 23.82
CA VAL B 726 7.41 -39.05 22.55
C VAL B 726 6.40 -38.16 21.84
N SER B 727 5.51 -37.53 22.57
CA SER B 727 4.48 -36.71 21.96
C SER B 727 4.22 -35.49 22.83
N MET B 728 3.47 -34.55 22.27
CA MET B 728 3.05 -33.34 22.96
C MET B 728 1.55 -33.15 22.75
N THR B 729 0.94 -32.31 23.57
CA THR B 729 -0.49 -32.05 23.45
C THR B 729 -0.85 -31.55 22.05
N LYS B 730 -1.86 -32.18 21.47
CA LYS B 730 -2.32 -31.89 20.11
C LYS B 730 -3.18 -30.63 20.15
N THR B 731 -2.52 -29.49 20.24
CA THR B 731 -3.25 -28.23 20.26
C THR B 731 -3.67 -27.84 18.85
N SER B 732 -4.73 -27.03 18.77
CA SER B 732 -5.21 -26.49 17.51
C SER B 732 -5.82 -25.12 17.78
N VAL B 733 -5.46 -24.14 16.94
CA VAL B 733 -5.98 -22.79 17.09
C VAL B 733 -6.70 -22.38 15.81
N ASP B 734 -7.93 -21.92 15.96
CA ASP B 734 -8.72 -21.36 14.86
C ASP B 734 -8.34 -19.89 14.72
N CYS B 735 -7.59 -19.55 13.66
CA CYS B 735 -7.05 -18.20 13.54
C CYS B 735 -8.16 -17.16 13.62
N THR B 736 -9.32 -17.47 13.03
CA THR B 736 -10.39 -16.49 12.96
C THR B 736 -10.98 -16.23 14.34
N MET B 737 -11.25 -17.28 15.10
CA MET B 737 -11.81 -17.07 16.42
C MET B 737 -10.79 -16.45 17.36
N TYR B 738 -9.51 -16.81 17.23
CA TYR B 738 -8.50 -16.22 18.10
C TYR B 738 -8.22 -14.76 17.82
N ILE B 739 -7.85 -14.42 16.59
CA ILE B 739 -7.48 -13.02 16.35
C ILE B 739 -8.72 -12.16 16.16
N CYS B 740 -9.70 -12.65 15.42
CA CYS B 740 -10.79 -11.80 14.99
C CYS B 740 -12.10 -12.32 15.55
N GLY B 741 -12.09 -12.58 16.86
CA GLY B 741 -13.22 -13.15 17.59
C GLY B 741 -14.62 -12.69 17.25
N ASP B 742 -15.44 -13.64 16.80
CA ASP B 742 -16.87 -13.54 16.46
C ASP B 742 -17.32 -12.21 15.88
N SER B 743 -16.56 -11.65 14.94
CA SER B 743 -16.90 -10.36 14.35
C SER B 743 -16.88 -10.51 12.84
N THR B 744 -18.04 -10.37 12.19
CA THR B 744 -18.06 -10.48 10.73
C THR B 744 -17.38 -9.28 10.08
N GLU B 745 -17.57 -8.07 10.62
CA GLU B 745 -16.94 -6.90 10.03
C GLU B 745 -15.43 -7.04 10.06
N CYS B 746 -14.90 -7.57 11.17
CA CYS B 746 -13.49 -7.86 11.28
C CYS B 746 -13.07 -9.03 10.39
N SER B 747 -13.91 -10.06 10.29
CA SER B 747 -13.56 -11.19 9.44
C SER B 747 -13.34 -10.75 8.00
N ASN B 748 -14.16 -9.81 7.53
CA ASN B 748 -14.00 -9.30 6.17
C ASN B 748 -12.63 -8.64 5.98
N LEU B 749 -12.12 -7.98 7.01
CA LEU B 749 -10.76 -7.44 6.92
C LEU B 749 -9.73 -8.55 6.97
N LEU B 750 -9.99 -9.58 7.77
CA LEU B 750 -9.06 -10.69 7.89
C LEU B 750 -8.91 -11.43 6.56
N LEU B 751 -9.99 -11.49 5.78
CA LEU B 751 -9.92 -12.14 4.48
C LEU B 751 -8.97 -11.42 3.53
N GLN B 752 -8.59 -10.19 3.85
CA GLN B 752 -7.68 -9.43 2.99
C GLN B 752 -6.25 -9.92 3.06
N TYR B 753 -5.92 -10.81 4.00
CA TYR B 753 -4.57 -11.33 4.14
C TYR B 753 -4.38 -12.67 3.45
N GLY B 754 -5.37 -13.12 2.70
CA GLY B 754 -5.24 -14.37 1.95
C GLY B 754 -5.14 -15.60 2.83
N SER B 755 -4.10 -16.39 2.58
CA SER B 755 -3.91 -17.71 3.16
C SER B 755 -3.19 -17.71 4.50
N PHE B 756 -3.01 -16.54 5.12
CA PHE B 756 -2.34 -16.51 6.41
C PHE B 756 -2.98 -17.47 7.40
N CYS B 757 -4.30 -17.60 7.36
CA CYS B 757 -4.96 -18.56 8.25
C CYS B 757 -4.73 -20.01 7.81
N THR B 758 -4.88 -20.28 6.52
CA THR B 758 -4.73 -21.65 6.06
C THR B 758 -3.34 -22.18 6.35
N GLN B 759 -2.32 -21.32 6.35
CA GLN B 759 -0.97 -21.82 6.63
C GLN B 759 -0.79 -22.20 8.09
N LEU B 760 -1.50 -21.53 9.01
CA LEU B 760 -1.35 -21.87 10.41
C LEU B 760 -2.24 -23.04 10.79
N ASN B 761 -3.45 -23.10 10.25
CA ASN B 761 -4.28 -24.26 10.49
C ASN B 761 -3.63 -25.50 9.92
N ARG B 762 -3.01 -25.38 8.75
CA ARG B 762 -2.29 -26.49 8.15
C ARG B 762 -1.09 -26.91 9.00
N ALA B 763 -0.31 -25.95 9.49
CA ALA B 763 0.84 -26.30 10.32
C ALA B 763 0.42 -27.00 11.61
N LEU B 764 -0.63 -26.49 12.26
CA LEU B 764 -1.07 -27.10 13.50
C LEU B 764 -1.66 -28.48 13.26
N THR B 765 -2.36 -28.67 12.14
CA THR B 765 -2.85 -30.01 11.80
C THR B 765 -1.68 -30.95 11.55
N GLY B 766 -0.64 -30.45 10.87
CA GLY B 766 0.54 -31.27 10.65
C GLY B 766 1.16 -31.73 11.95
N ILE B 767 1.25 -30.83 12.93
CA ILE B 767 1.83 -31.21 14.21
C ILE B 767 0.93 -32.22 14.92
N ALA B 768 -0.39 -31.97 14.93
CA ALA B 768 -1.31 -32.90 15.58
C ALA B 768 -1.22 -34.30 14.98
N VAL B 769 -1.08 -34.39 13.66
CA VAL B 769 -0.97 -35.70 13.01
C VAL B 769 0.37 -36.35 13.35
N GLU B 770 1.45 -35.56 13.33
CA GLU B 770 2.76 -36.12 13.60
C GLU B 770 2.91 -36.59 15.04
N GLN B 771 2.15 -36.04 15.99
CA GLN B 771 2.28 -36.57 17.35
C GLN B 771 1.69 -37.97 17.47
N ASP B 772 0.67 -38.28 16.66
CA ASP B 772 0.13 -39.62 16.67
C ASP B 772 1.04 -40.54 15.90
N LYS B 773 1.69 -40.02 14.85
CA LYS B 773 2.69 -40.81 14.15
C LYS B 773 3.84 -41.17 15.08
N ASN B 774 4.26 -40.21 15.92
CA ASN B 774 5.31 -40.47 16.90
C ASN B 774 4.93 -41.58 17.86
N THR B 775 3.72 -41.49 18.43
CA THR B 775 3.30 -42.52 19.37
C THR B 775 3.20 -43.88 18.67
N GLN B 776 2.67 -43.90 17.46
CA GLN B 776 2.54 -45.16 16.73
C GLN B 776 3.91 -45.78 16.44
N GLU B 777 4.88 -44.97 16.01
CA GLU B 777 6.20 -45.51 15.71
C GLU B 777 6.93 -45.98 16.96
N VAL B 778 6.72 -45.31 18.08
CA VAL B 778 7.46 -45.72 19.28
C VAL B 778 6.85 -46.97 19.90
N PHE B 779 5.52 -47.01 20.04
CA PHE B 779 4.90 -48.12 20.75
C PHE B 779 4.39 -49.24 19.87
N ALA B 780 3.85 -48.94 18.69
CA ALA B 780 3.28 -49.99 17.84
C ALA B 780 4.36 -50.68 17.01
N GLN B 781 5.27 -51.34 17.72
CA GLN B 781 6.35 -52.08 17.10
C GLN B 781 6.12 -53.57 17.09
N VAL B 782 4.99 -54.04 17.61
CA VAL B 782 4.64 -55.46 17.62
C VAL B 782 3.35 -55.64 16.82
N LYS B 783 3.39 -56.59 15.89
CA LYS B 783 2.23 -56.86 15.06
C LYS B 783 1.12 -57.57 15.80
N GLN B 784 1.44 -58.25 16.91
CA GLN B 784 0.44 -58.97 17.67
C GLN B 784 0.63 -58.70 19.15
N ILE B 785 -0.46 -58.85 19.90
CA ILE B 785 -0.46 -58.53 21.33
C ILE B 785 -0.09 -59.80 22.06
N TYR B 786 1.10 -59.83 22.64
CA TYR B 786 1.57 -60.96 23.40
C TYR B 786 1.08 -60.85 24.84
N LYS B 787 1.01 -62.00 25.51
CA LYS B 787 0.50 -62.06 26.86
C LYS B 787 1.40 -62.95 27.70
N THR B 788 1.58 -62.55 28.95
CA THR B 788 2.45 -63.30 29.85
C THR B 788 1.72 -64.57 30.29
N PRO B 789 2.45 -65.62 30.64
CA PRO B 789 1.79 -66.85 31.10
C PRO B 789 1.18 -66.63 32.48
N PRO B 790 0.17 -67.43 32.85
CA PRO B 790 -0.46 -67.24 34.15
C PRO B 790 0.42 -67.59 35.33
N ILE B 791 1.44 -68.43 35.15
CA ILE B 791 2.35 -68.81 36.23
C ILE B 791 3.69 -68.14 35.98
N LYS B 792 4.15 -67.38 36.96
CA LYS B 792 5.38 -66.59 36.82
C LYS B 792 6.61 -67.40 37.26
N ASP B 793 6.84 -68.50 36.55
CA ASP B 793 7.99 -69.36 36.81
C ASP B 793 9.15 -68.95 35.90
N PHE B 794 9.73 -67.79 36.21
CA PHE B 794 10.79 -67.23 35.39
C PHE B 794 12.17 -67.47 35.98
N GLY B 795 12.37 -68.59 36.67
CA GLY B 795 13.69 -68.93 37.15
C GLY B 795 14.17 -68.06 38.29
N GLY B 796 13.26 -67.44 39.03
CA GLY B 796 13.62 -66.56 40.11
C GLY B 796 13.56 -65.08 39.79
N PHE B 797 13.32 -64.72 38.52
CA PHE B 797 13.25 -63.34 38.12
C PHE B 797 11.82 -62.87 38.34
N ASN B 798 11.65 -61.72 38.99
CA ASN B 798 10.34 -61.29 39.45
C ASN B 798 9.94 -59.98 38.76
N PHE B 799 9.00 -60.08 37.83
CA PHE B 799 8.64 -58.95 36.98
C PHE B 799 7.30 -58.35 37.39
N SER B 800 6.75 -58.76 38.54
CA SER B 800 5.49 -58.22 39.00
C SER B 800 5.51 -56.71 39.13
N GLN B 801 6.68 -56.09 39.10
CA GLN B 801 6.75 -54.64 39.22
C GLN B 801 6.70 -53.94 37.88
N ILE B 802 6.78 -54.69 36.78
CA ILE B 802 6.68 -54.11 35.45
C ILE B 802 5.56 -54.71 34.62
N LEU B 803 5.03 -55.86 34.99
CA LEU B 803 3.89 -56.43 34.29
C LEU B 803 2.59 -55.84 34.83
N PRO B 804 1.54 -55.77 34.01
CA PRO B 804 0.29 -55.17 34.48
C PRO B 804 -0.25 -55.91 35.69
N ASP B 805 -0.83 -55.15 36.61
CA ASP B 805 -1.35 -55.70 37.86
C ASP B 805 -2.84 -55.92 37.71
N PRO B 806 -3.33 -57.16 37.63
CA PRO B 806 -4.76 -57.39 37.45
C PRO B 806 -5.63 -56.86 38.57
N SER B 807 -5.07 -56.57 39.74
CA SER B 807 -5.88 -56.09 40.85
C SER B 807 -6.17 -54.60 40.80
N LYS B 808 -5.61 -53.93 39.91
CA LYS B 808 -5.74 -52.49 39.70
C LYS B 808 -6.92 -52.22 38.77
N PRO B 809 -7.59 -51.07 38.93
CA PRO B 809 -8.72 -50.78 38.03
C PRO B 809 -8.27 -50.63 36.58
N SER B 810 -6.98 -50.44 36.35
CA SER B 810 -6.42 -50.23 35.03
C SER B 810 -5.26 -51.20 34.88
N LYS B 811 -5.18 -51.84 33.72
CA LYS B 811 -4.09 -52.79 33.48
C LYS B 811 -2.80 -52.03 33.28
N ARG B 812 -2.34 -51.36 34.33
CA ARG B 812 -1.06 -50.68 34.36
C ARG B 812 -0.15 -51.38 35.35
N SER B 813 1.15 -51.28 35.12
CA SER B 813 2.12 -51.81 36.05
C SER B 813 2.36 -50.84 37.19
N PRO B 814 2.92 -51.31 38.30
CA PRO B 814 3.15 -50.39 39.43
C PRO B 814 4.08 -49.23 39.10
N ILE B 815 5.20 -49.47 38.42
CA ILE B 815 6.12 -48.37 38.10
C ILE B 815 5.46 -47.37 37.15
N GLU B 816 4.80 -47.85 36.10
CA GLU B 816 4.14 -46.93 35.18
C GLU B 816 3.01 -46.18 35.89
N ASP B 817 2.30 -46.86 36.80
CA ASP B 817 1.25 -46.17 37.54
C ASP B 817 1.85 -45.10 38.44
N LEU B 818 3.03 -45.36 39.00
CA LEU B 818 3.71 -44.32 39.78
C LEU B 818 4.08 -43.14 38.90
N LEU B 819 4.51 -43.43 37.66
CA LEU B 819 4.87 -42.34 36.77
C LEU B 819 3.65 -41.51 36.39
N PHE B 820 2.50 -42.17 36.18
CA PHE B 820 1.30 -41.42 35.91
C PHE B 820 0.82 -40.65 37.13
N ASN B 821 1.18 -41.09 38.34
CA ASN B 821 0.82 -40.34 39.53
C ASN B 821 1.89 -39.33 39.93
N LYS B 822 2.98 -39.21 39.17
CA LYS B 822 4.08 -38.33 39.52
C LYS B 822 4.15 -37.08 38.66
N VAL B 823 3.78 -37.17 37.39
CA VAL B 823 3.74 -36.02 36.51
C VAL B 823 2.31 -35.49 36.46
N THR B 824 2.17 -34.19 36.71
CA THR B 824 0.87 -33.53 36.82
C THR B 824 0.72 -32.50 35.70
N LEU B 825 -0.48 -32.41 35.15
CA LEU B 825 -0.77 -31.48 34.07
C LEU B 825 -1.56 -30.29 34.60
N GLN B 850 -11.24 -26.09 31.94
CA GLN B 850 -10.57 -25.07 31.14
C GLN B 850 -11.13 -25.01 29.72
N LYS B 851 -11.37 -23.80 29.24
CA LYS B 851 -11.94 -23.55 27.93
C LYS B 851 -11.48 -22.18 27.48
N PHE B 852 -11.02 -22.09 26.23
CA PHE B 852 -10.49 -20.84 25.71
C PHE B 852 -11.31 -20.39 24.50
N ASN B 853 -10.83 -19.33 23.86
CA ASN B 853 -11.57 -18.64 22.79
C ASN B 853 -10.99 -18.98 21.42
N GLY B 854 -11.25 -20.20 20.98
CA GLY B 854 -10.73 -20.70 19.73
C GLY B 854 -9.53 -21.62 19.86
N LEU B 855 -9.14 -21.94 21.09
CA LEU B 855 -8.07 -22.88 21.37
C LEU B 855 -8.69 -24.21 21.75
N THR B 856 -8.32 -25.27 21.03
CA THR B 856 -8.87 -26.57 21.33
C THR B 856 -7.72 -27.57 21.46
N VAL B 857 -8.01 -28.69 22.09
CA VAL B 857 -7.06 -29.76 22.28
C VAL B 857 -7.67 -31.03 21.72
N LEU B 858 -7.03 -31.59 20.83
CA LEU B 858 -7.56 -32.83 20.30
C LEU B 858 -7.07 -33.99 21.14
N PRO B 859 -7.87 -35.04 21.30
CA PRO B 859 -7.40 -36.17 22.08
C PRO B 859 -6.41 -36.97 21.26
N PRO B 860 -5.49 -37.69 21.91
CA PRO B 860 -4.58 -38.54 21.15
C PRO B 860 -5.32 -39.72 20.55
N LEU B 861 -4.74 -40.28 19.50
CA LEU B 861 -5.36 -41.44 18.87
C LEU B 861 -5.22 -42.67 19.74
N LEU B 862 -4.07 -42.86 20.37
CA LEU B 862 -3.83 -43.99 21.25
C LEU B 862 -4.09 -43.53 22.67
N THR B 863 -5.11 -44.10 23.30
CA THR B 863 -5.37 -43.74 24.69
C THR B 863 -4.33 -44.41 25.58
N ASP B 864 -4.25 -43.91 26.82
CA ASP B 864 -3.27 -44.45 27.75
C ASP B 864 -3.48 -45.93 28.00
N GLU B 865 -4.74 -46.39 27.98
CA GLU B 865 -5.00 -47.82 28.14
C GLU B 865 -4.40 -48.63 27.00
N MET B 866 -4.53 -48.14 25.76
CA MET B 866 -3.98 -48.86 24.63
C MET B 866 -2.46 -48.77 24.59
N ILE B 867 -1.89 -47.64 24.99
CA ILE B 867 -0.44 -47.53 25.05
C ILE B 867 0.11 -48.47 26.11
N ALA B 868 -0.54 -48.53 27.27
CA ALA B 868 -0.15 -49.48 28.29
C ALA B 868 -0.30 -50.90 27.79
N GLN B 869 -1.32 -51.17 26.97
CA GLN B 869 -1.46 -52.49 26.39
C GLN B 869 -0.32 -52.82 25.44
N TYR B 870 0.16 -51.82 24.68
CA TYR B 870 1.31 -52.06 23.83
C TYR B 870 2.56 -52.33 24.64
N THR B 871 2.78 -51.59 25.73
CA THR B 871 3.96 -51.87 26.54
C THR B 871 3.84 -53.22 27.24
N SER B 872 2.62 -53.62 27.60
CA SER B 872 2.43 -54.96 28.16
C SER B 872 2.74 -56.03 27.13
N ALA B 873 2.31 -55.84 25.88
CA ALA B 873 2.64 -56.79 24.83
C ALA B 873 4.13 -56.86 24.61
N LEU B 874 4.80 -55.71 24.63
CA LEU B 874 6.24 -55.68 24.42
C LEU B 874 6.96 -56.40 25.56
N LEU B 875 6.50 -56.19 26.79
CA LEU B 875 7.15 -56.82 27.93
C LEU B 875 6.91 -58.32 27.95
N ALA B 876 5.69 -58.76 27.63
CA ALA B 876 5.44 -60.19 27.54
C ALA B 876 6.23 -60.84 26.43
N GLY B 877 6.36 -60.17 25.29
CA GLY B 877 7.16 -60.71 24.21
C GLY B 877 8.63 -60.83 24.59
N THR B 878 9.18 -59.77 25.19
CA THR B 878 10.57 -59.80 25.62
C THR B 878 10.81 -60.85 26.70
N ILE B 879 9.86 -61.02 27.62
CA ILE B 879 10.01 -61.98 28.70
C ILE B 879 9.95 -63.41 28.18
N THR B 880 9.02 -63.69 27.27
CA THR B 880 8.78 -65.07 26.87
C THR B 880 9.56 -65.50 25.64
N SER B 881 10.06 -64.57 24.83
CA SER B 881 10.73 -64.97 23.59
C SER B 881 12.03 -64.23 23.30
N GLY B 882 12.54 -63.42 24.22
CA GLY B 882 13.76 -62.68 23.97
C GLY B 882 13.62 -61.70 22.82
N TRP B 883 14.58 -61.74 21.90
CA TRP B 883 14.58 -60.85 20.76
C TRP B 883 13.94 -61.46 19.53
N THR B 884 13.53 -62.72 19.60
CA THR B 884 13.03 -63.38 18.42
C THR B 884 11.69 -62.82 17.95
N PHE B 885 10.90 -62.25 18.86
CA PHE B 885 9.63 -61.67 18.42
C PHE B 885 9.83 -60.41 17.62
N GLY B 886 10.99 -59.78 17.75
CA GLY B 886 11.32 -58.61 16.95
C GLY B 886 11.67 -58.95 15.52
N ALA B 887 12.48 -59.99 15.33
CA ALA B 887 12.92 -60.38 14.00
C ALA B 887 11.80 -61.06 13.20
N GLY B 888 11.04 -61.94 13.84
CA GLY B 888 9.98 -62.64 13.16
C GLY B 888 8.93 -63.14 14.12
N PRO B 889 8.71 -64.45 14.15
CA PRO B 889 7.70 -65.00 15.05
C PRO B 889 8.26 -65.15 16.46
N ALA B 890 7.36 -65.10 17.43
CA ALA B 890 7.76 -65.20 18.83
C ALA B 890 8.01 -66.66 19.16
N LEU B 891 9.26 -66.98 19.46
CA LEU B 891 9.69 -68.32 19.82
C LEU B 891 9.93 -68.35 21.32
N GLN B 892 9.12 -69.09 22.06
CA GLN B 892 9.31 -69.14 23.50
C GLN B 892 10.66 -69.76 23.84
N ILE B 893 11.27 -69.25 24.89
CA ILE B 893 12.55 -69.74 25.41
C ILE B 893 12.49 -69.51 26.91
N PRO B 894 12.92 -70.46 27.74
CA PRO B 894 12.94 -70.21 29.18
C PRO B 894 13.76 -68.97 29.48
N PHE B 895 13.25 -68.14 30.38
CA PHE B 895 13.91 -66.86 30.64
C PHE B 895 15.34 -67.04 31.14
N PRO B 896 15.67 -68.01 32.00
CA PRO B 896 17.08 -68.16 32.37
C PRO B 896 17.97 -68.43 31.16
N MET B 897 17.49 -69.20 30.18
CA MET B 897 18.32 -69.44 29.01
C MET B 897 18.41 -68.19 28.14
N GLN B 898 17.36 -67.38 28.12
CA GLN B 898 17.42 -66.09 27.45
C GLN B 898 18.50 -65.21 28.08
N MET B 899 18.51 -65.13 29.40
CA MET B 899 19.53 -64.32 30.07
C MET B 899 20.91 -64.91 29.87
N ALA B 900 21.03 -66.23 29.80
CA ALA B 900 22.34 -66.83 29.53
C ALA B 900 22.84 -66.42 28.16
N TYR B 901 21.95 -66.37 27.17
CA TYR B 901 22.40 -65.93 25.85
C TYR B 901 22.69 -64.44 25.84
N ARG B 902 21.91 -63.63 26.55
CA ARG B 902 22.24 -62.21 26.65
C ARG B 902 23.59 -62.01 27.33
N PHE B 903 23.95 -62.88 28.28
CA PHE B 903 25.28 -62.85 28.87
C PHE B 903 26.34 -63.25 27.85
N ASN B 904 26.05 -64.28 27.05
CA ASN B 904 26.97 -64.67 26.00
C ASN B 904 27.20 -63.52 25.02
N GLY B 905 26.18 -62.71 24.79
CA GLY B 905 26.29 -61.57 23.89
C GLY B 905 27.22 -60.47 24.35
N ILE B 906 27.61 -60.45 25.62
CA ILE B 906 28.51 -59.41 26.12
C ILE B 906 29.88 -59.97 26.48
N GLY B 907 30.19 -61.17 26.01
CA GLY B 907 31.51 -61.74 26.24
C GLY B 907 31.67 -62.45 27.57
N VAL B 908 30.58 -62.90 28.17
CA VAL B 908 30.61 -63.67 29.40
C VAL B 908 29.94 -65.00 29.11
N THR B 909 30.67 -66.09 29.27
CA THR B 909 30.12 -67.40 28.94
C THR B 909 28.90 -67.69 29.79
N GLN B 910 27.92 -68.35 29.17
CA GLN B 910 26.63 -68.62 29.80
C GLN B 910 26.73 -69.32 31.14
N ASN B 911 27.81 -70.05 31.41
CA ASN B 911 27.86 -70.79 32.67
C ASN B 911 27.93 -69.86 33.87
N VAL B 912 28.33 -68.61 33.66
CA VAL B 912 28.39 -67.65 34.76
C VAL B 912 26.99 -67.41 35.30
N LEU B 913 26.00 -67.26 34.41
CA LEU B 913 24.63 -67.09 34.84
C LEU B 913 24.12 -68.32 35.57
N TYR B 914 24.35 -69.50 34.99
CA TYR B 914 23.76 -70.71 35.55
C TYR B 914 24.32 -71.02 36.93
N GLU B 915 25.62 -70.84 37.13
CA GLU B 915 26.16 -71.03 38.46
C GLU B 915 25.72 -69.93 39.44
N ASN B 916 25.45 -68.72 38.95
CA ASN B 916 25.06 -67.60 39.79
C ASN B 916 23.60 -67.19 39.60
N GLN B 917 22.76 -68.08 39.11
CA GLN B 917 21.38 -67.72 38.78
C GLN B 917 20.63 -67.13 39.97
N LYS B 918 20.79 -67.68 41.17
CA LYS B 918 20.04 -67.17 42.31
C LYS B 918 20.50 -65.76 42.68
N LEU B 919 21.81 -65.53 42.67
CA LEU B 919 22.33 -64.20 42.98
C LEU B 919 21.92 -63.19 41.93
N ILE B 920 22.01 -63.56 40.66
CA ILE B 920 21.63 -62.65 39.58
C ILE B 920 20.15 -62.30 39.68
N ALA B 921 19.30 -63.29 39.94
CA ALA B 921 17.88 -63.02 40.07
C ALA B 921 17.61 -62.08 41.24
N ASN B 922 18.30 -62.30 42.36
CA ASN B 922 18.09 -61.44 43.52
C ASN B 922 18.58 -60.03 43.26
N GLN B 923 19.70 -59.89 42.56
CA GLN B 923 20.19 -58.56 42.23
C GLN B 923 19.25 -57.84 41.30
N PHE B 924 18.69 -58.56 40.32
CA PHE B 924 17.72 -57.96 39.42
C PHE B 924 16.48 -57.48 40.17
N ASN B 925 15.94 -58.32 41.06
CA ASN B 925 14.78 -57.93 41.84
C ASN B 925 15.08 -56.74 42.75
N SER B 926 16.27 -56.71 43.35
CA SER B 926 16.64 -55.60 44.22
C SER B 926 16.78 -54.32 43.41
N ALA B 927 17.37 -54.41 42.21
CA ALA B 927 17.51 -53.26 41.36
C ALA B 927 16.16 -52.70 40.96
N ILE B 928 15.20 -53.58 40.64
CA ILE B 928 13.86 -53.10 40.30
C ILE B 928 13.21 -52.43 41.50
N GLY B 929 13.36 -53.01 42.69
CA GLY B 929 12.83 -52.38 43.88
C GLY B 929 13.44 -51.00 44.11
N LYS B 930 14.75 -50.88 43.83
CA LYS B 930 15.40 -49.59 43.98
C LYS B 930 14.87 -48.59 42.95
N ILE B 931 14.53 -49.06 41.76
CA ILE B 931 13.97 -48.16 40.76
C ILE B 931 12.63 -47.62 41.23
N GLN B 932 11.83 -48.50 41.84
CA GLN B 932 10.55 -48.06 42.38
C GLN B 932 10.75 -47.04 43.49
N ASP B 933 11.69 -47.30 44.39
CA ASP B 933 11.92 -46.37 45.50
C ASP B 933 12.46 -45.04 45.00
N SER B 934 13.33 -45.07 43.99
CA SER B 934 13.90 -43.84 43.45
C SER B 934 12.83 -43.00 42.79
N LEU B 935 11.99 -43.61 41.98
CA LEU B 935 10.92 -42.84 41.34
C LEU B 935 9.89 -42.36 42.36
N SER B 936 9.63 -43.13 43.42
CA SER B 936 8.67 -42.72 44.43
C SER B 936 9.22 -41.70 45.43
N SER B 937 10.53 -41.49 45.50
CA SER B 937 11.08 -40.60 46.50
C SER B 937 11.87 -39.41 45.95
N THR B 938 12.37 -39.49 44.73
CA THR B 938 13.19 -38.42 44.19
C THR B 938 12.37 -37.58 43.24
N PRO B 939 11.94 -36.38 43.62
CA PRO B 939 11.24 -35.51 42.67
C PRO B 939 12.17 -35.06 41.56
N SER B 940 11.56 -34.44 40.54
CA SER B 940 12.26 -33.94 39.35
C SER B 940 12.82 -35.09 38.50
N ALA B 941 12.70 -36.32 38.99
CA ALA B 941 13.17 -37.47 38.23
C ALA B 941 12.50 -37.56 36.86
N LEU B 942 11.26 -37.07 36.76
CA LEU B 942 10.51 -37.05 35.52
C LEU B 942 10.54 -35.68 34.86
N GLY B 943 11.52 -34.85 35.21
CA GLY B 943 11.57 -33.50 34.70
C GLY B 943 11.59 -33.41 33.20
N LYS B 944 12.20 -34.39 32.53
CA LYS B 944 12.24 -34.36 31.07
C LYS B 944 10.84 -34.44 30.47
N LEU B 945 9.90 -35.08 31.15
CA LEU B 945 8.53 -35.15 30.68
C LEU B 945 7.67 -34.01 31.18
N GLN B 946 7.92 -33.52 32.38
CA GLN B 946 7.21 -32.35 32.89
C GLN B 946 7.54 -31.10 32.10
N ASP B 947 8.78 -31.00 31.60
CA ASP B 947 9.21 -29.78 30.92
C ASP B 947 8.44 -29.53 29.64
N VAL B 948 8.10 -30.57 28.88
CA VAL B 948 7.33 -30.35 27.65
C VAL B 948 5.91 -29.90 27.99
N VAL B 949 5.29 -30.51 29.00
CA VAL B 949 3.96 -30.09 29.41
C VAL B 949 3.97 -28.65 29.90
N ASN B 950 5.01 -28.26 30.64
CA ASN B 950 5.08 -26.90 31.14
C ASN B 950 5.32 -25.92 30.01
N GLN B 951 6.18 -26.27 29.06
CA GLN B 951 6.46 -25.37 27.96
C GLN B 951 5.24 -25.18 27.08
N ASN B 952 4.47 -26.24 26.86
CA ASN B 952 3.27 -26.10 26.03
C ASN B 952 2.18 -25.32 26.75
N ALA B 953 2.04 -25.55 28.06
CA ALA B 953 1.06 -24.79 28.82
C ALA B 953 1.44 -23.31 28.86
N GLN B 954 2.74 -23.03 29.00
CA GLN B 954 3.22 -21.66 29.02
C GLN B 954 3.03 -21.00 27.66
N ALA B 955 3.26 -21.73 26.58
CA ALA B 955 3.05 -21.17 25.25
C ALA B 955 1.57 -20.82 25.04
N LEU B 956 0.66 -21.68 25.50
CA LEU B 956 -0.75 -21.33 25.37
C LEU B 956 -1.13 -20.17 26.28
N ASN B 957 -0.55 -20.11 27.47
CA ASN B 957 -0.85 -19.01 28.38
C ASN B 957 -0.38 -17.68 27.79
N THR B 958 0.79 -17.69 27.16
CA THR B 958 1.28 -16.47 26.52
C THR B 958 0.42 -16.11 25.32
N LEU B 959 -0.01 -17.11 24.54
CA LEU B 959 -0.89 -16.84 23.42
C LEU B 959 -2.20 -16.21 23.88
N VAL B 960 -2.76 -16.69 24.98
CA VAL B 960 -3.99 -16.12 25.51
C VAL B 960 -3.76 -14.71 26.04
N LYS B 961 -2.69 -14.53 26.82
CA LYS B 961 -2.42 -13.20 27.37
C LYS B 961 -2.19 -12.17 26.29
N GLN B 962 -1.65 -12.58 25.14
CA GLN B 962 -1.48 -11.63 24.04
C GLN B 962 -2.80 -11.05 23.55
N LEU B 963 -3.93 -11.70 23.86
CA LEU B 963 -5.21 -11.12 23.51
C LEU B 963 -5.54 -9.86 24.30
N SER B 964 -4.89 -9.66 25.45
CA SER B 964 -5.07 -8.46 26.26
C SER B 964 -4.20 -7.30 25.80
N SER B 965 -3.34 -7.49 24.82
CA SER B 965 -2.45 -6.44 24.37
C SER B 965 -3.13 -5.54 23.34
N ASN B 966 -2.76 -4.27 23.37
CA ASN B 966 -3.34 -3.25 22.51
C ASN B 966 -2.66 -3.15 21.15
N PHE B 967 -1.35 -3.38 21.10
CA PHE B 967 -0.56 -3.23 19.87
C PHE B 967 -0.71 -1.84 19.26
N GLY B 968 -1.03 -0.85 20.08
CA GLY B 968 -1.19 0.52 19.63
C GLY B 968 -2.63 0.95 19.45
N ALA B 969 -3.58 0.02 19.50
CA ALA B 969 -4.98 0.35 19.39
C ALA B 969 -5.49 0.98 20.67
N ILE B 970 -6.62 1.68 20.57
CA ILE B 970 -7.18 2.34 21.75
C ILE B 970 -7.69 1.34 22.78
N SER B 971 -8.02 0.12 22.38
CA SER B 971 -8.45 -0.88 23.34
C SER B 971 -8.24 -2.28 22.77
N SER B 972 -7.96 -3.22 23.66
CA SER B 972 -7.71 -4.60 23.28
C SER B 972 -8.97 -5.37 22.93
N VAL B 973 -10.15 -4.91 23.36
CA VAL B 973 -11.41 -5.57 23.08
C VAL B 973 -12.02 -4.96 21.82
N LEU B 974 -12.16 -5.79 20.78
CA LEU B 974 -12.68 -5.30 19.50
C LEU B 974 -14.08 -4.72 19.63
N ASN B 975 -14.91 -5.28 20.49
CA ASN B 975 -16.29 -4.83 20.59
C ASN B 975 -16.40 -3.39 21.07
N ASP B 976 -15.51 -2.97 21.98
CA ASP B 976 -15.64 -1.60 22.47
C ASP B 976 -15.09 -0.57 21.51
N ILE B 977 -14.04 -0.89 20.75
CA ILE B 977 -13.56 0.04 19.75
C ILE B 977 -14.55 0.12 18.60
N LEU B 978 -15.11 -1.02 18.19
CA LEU B 978 -16.14 -1.00 17.16
C LEU B 978 -17.39 -0.28 17.61
N SER B 979 -17.73 -0.36 18.90
CA SER B 979 -18.89 0.32 19.45
C SER B 979 -18.65 1.78 19.77
N ARG B 980 -17.41 2.25 19.75
CA ARG B 980 -17.14 3.67 20.03
C ARG B 980 -16.58 4.46 18.87
N LEU B 981 -15.95 3.81 17.89
CA LEU B 981 -15.43 4.48 16.72
C LEU B 981 -16.24 4.13 15.49
N ASP B 982 -16.41 5.11 14.60
CA ASP B 982 -17.12 4.87 13.35
C ASP B 982 -16.26 4.03 12.41
N PRO B 983 -16.89 3.23 11.55
CA PRO B 983 -16.16 2.29 10.67
C PRO B 983 -14.95 2.91 9.97
N PRO B 984 -15.04 4.09 9.37
CA PRO B 984 -13.86 4.61 8.66
C PRO B 984 -12.64 4.82 9.55
N GLU B 985 -12.81 5.00 10.85
CA GLU B 985 -11.67 5.10 11.76
C GLU B 985 -11.50 3.87 12.62
N ALA B 986 -12.60 3.16 12.91
CA ALA B 986 -12.49 1.91 13.65
C ALA B 986 -11.72 0.86 12.87
N GLU B 987 -11.82 0.89 11.54
CA GLU B 987 -11.13 -0.10 10.71
C GLU B 987 -9.62 -0.04 10.86
N VAL B 988 -9.04 1.14 11.07
CA VAL B 988 -7.59 1.20 11.25
C VAL B 988 -7.20 0.52 12.57
N GLN B 989 -7.99 0.74 13.63
CA GLN B 989 -7.69 0.13 14.91
C GLN B 989 -7.88 -1.38 14.82
N ILE B 990 -8.89 -1.81 14.07
CA ILE B 990 -9.14 -3.24 13.92
C ILE B 990 -8.00 -3.87 13.16
N ASP B 991 -7.52 -3.21 12.10
CA ASP B 991 -6.37 -3.69 11.38
C ASP B 991 -5.15 -3.79 12.29
N ARG B 992 -5.02 -2.85 13.23
CA ARG B 992 -3.89 -2.89 14.16
C ARG B 992 -3.98 -4.12 15.06
N LEU B 993 -5.19 -4.43 15.55
CA LEU B 993 -5.34 -5.60 16.40
C LEU B 993 -5.13 -6.88 15.59
N ILE B 994 -5.62 -6.90 14.34
CA ILE B 994 -5.44 -8.06 13.48
C ILE B 994 -3.96 -8.30 13.22
N THR B 995 -3.21 -7.25 12.88
CA THR B 995 -1.79 -7.45 12.60
C THR B 995 -1.05 -7.93 13.85
N GLY B 996 -1.33 -7.31 15.01
CA GLY B 996 -0.63 -7.72 16.21
C GLY B 996 -0.95 -9.14 16.63
N ARG B 997 -2.24 -9.52 16.57
CA ARG B 997 -2.62 -10.86 16.96
C ARG B 997 -2.15 -11.90 15.96
N LEU B 998 -2.12 -11.55 14.67
CA LEU B 998 -1.62 -12.47 13.67
C LEU B 998 -0.13 -12.70 13.86
N GLN B 999 0.63 -11.63 14.19
CA GLN B 999 2.05 -11.81 14.47
C GLN B 999 2.26 -12.66 15.69
N SER B 1000 1.42 -12.50 16.72
CA SER B 1000 1.52 -13.36 17.90
C SER B 1000 1.23 -14.81 17.55
N LEU B 1001 0.20 -15.05 16.73
CA LEU B 1001 -0.11 -16.40 16.30
C LEU B 1001 1.03 -17.00 15.48
N GLN B 1002 1.63 -16.20 14.60
CA GLN B 1002 2.77 -16.67 13.82
C GLN B 1002 3.93 -17.06 14.72
N THR B 1003 4.16 -16.27 15.79
CA THR B 1003 5.23 -16.61 16.72
C THR B 1003 4.94 -17.92 17.42
N TYR B 1004 3.71 -18.08 17.90
CA TYR B 1004 3.30 -19.32 18.56
C TYR B 1004 3.47 -20.52 17.65
N VAL B 1005 2.96 -20.42 16.42
CA VAL B 1005 3.03 -21.54 15.48
C VAL B 1005 4.47 -21.87 15.13
N THR B 1006 5.31 -20.86 14.89
CA THR B 1006 6.71 -21.14 14.57
C THR B 1006 7.41 -21.85 15.72
N GLN B 1007 7.21 -21.37 16.95
CA GLN B 1007 7.85 -22.04 18.07
C GLN B 1007 7.29 -23.43 18.26
N GLN B 1008 6.00 -23.63 17.97
CA GLN B 1008 5.42 -24.97 18.05
C GLN B 1008 6.02 -25.88 16.99
N LEU B 1009 6.33 -25.34 15.80
CA LEU B 1009 6.96 -26.17 14.77
C LEU B 1009 8.36 -26.58 15.18
N ILE B 1010 9.12 -25.66 15.79
CA ILE B 1010 10.46 -26.02 16.26
C ILE B 1010 10.39 -27.02 17.40
N ARG B 1011 9.51 -26.78 18.37
CA ARG B 1011 9.36 -27.72 19.48
C ARG B 1011 8.85 -29.07 19.00
N ALA B 1012 7.95 -29.08 18.01
CA ALA B 1012 7.50 -30.33 17.43
C ALA B 1012 8.64 -31.06 16.75
N ALA B 1013 9.53 -30.33 16.08
CA ALA B 1013 10.68 -30.99 15.47
C ALA B 1013 11.59 -31.58 16.53
N GLU B 1014 11.75 -30.89 17.66
CA GLU B 1014 12.57 -31.42 18.74
C GLU B 1014 11.94 -32.68 19.34
N ILE B 1015 10.62 -32.63 19.57
CA ILE B 1015 9.92 -33.79 20.11
C ILE B 1015 9.95 -34.94 19.12
N ARG B 1016 9.83 -34.64 17.81
CA ARG B 1016 9.94 -35.67 16.80
C ARG B 1016 11.32 -36.32 16.82
N ALA B 1017 12.38 -35.53 16.97
CA ALA B 1017 13.70 -36.11 17.07
C ALA B 1017 13.80 -37.01 18.30
N SER B 1018 13.22 -36.57 19.41
CA SER B 1018 13.23 -37.39 20.62
C SER B 1018 12.41 -38.67 20.43
N ALA B 1019 11.27 -38.57 19.75
CA ALA B 1019 10.45 -39.73 19.46
C ALA B 1019 11.17 -40.71 18.54
N ASN B 1020 11.90 -40.21 17.55
CA ASN B 1020 12.68 -41.08 16.70
C ASN B 1020 13.78 -41.77 17.50
N LEU B 1021 14.41 -41.04 18.42
CA LEU B 1021 15.41 -41.65 19.29
C LEU B 1021 14.77 -42.71 20.18
N ALA B 1022 13.58 -42.41 20.70
CA ALA B 1022 12.87 -43.36 21.55
C ALA B 1022 12.48 -44.61 20.77
N ALA B 1023 12.04 -44.46 19.53
CA ALA B 1023 11.71 -45.62 18.71
C ALA B 1023 12.96 -46.43 18.40
N THR B 1024 14.07 -45.75 18.15
CA THR B 1024 15.33 -46.46 17.94
C THR B 1024 15.74 -47.23 19.18
N LYS B 1025 15.65 -46.59 20.35
CA LYS B 1025 15.99 -47.27 21.60
C LYS B 1025 15.07 -48.43 21.87
N MET B 1026 13.77 -48.26 21.62
CA MET B 1026 12.83 -49.35 21.80
C MET B 1026 13.19 -50.52 20.92
N SER B 1027 13.49 -50.26 19.64
CA SER B 1027 13.84 -51.36 18.76
C SER B 1027 15.17 -52.00 19.14
N GLU B 1028 16.19 -51.20 19.43
CA GLU B 1028 17.53 -51.71 19.68
C GLU B 1028 17.84 -52.00 21.14
N CYS B 1029 16.89 -51.93 21.99
CA CYS B 1029 17.14 -52.18 23.40
C CYS B 1029 16.11 -53.14 23.95
N VAL B 1030 14.84 -52.93 23.60
CA VAL B 1030 13.77 -53.81 24.05
C VAL B 1030 13.65 -55.01 23.13
N LEU B 1031 13.62 -54.78 21.82
CA LEU B 1031 13.43 -55.86 20.87
C LEU B 1031 14.69 -56.66 20.62
N GLY B 1032 15.86 -56.10 20.86
CA GLY B 1032 17.10 -56.83 20.65
C GLY B 1032 18.03 -56.70 21.85
N GLN B 1033 19.31 -56.71 21.54
CA GLN B 1033 20.38 -56.45 22.51
C GLN B 1033 21.39 -55.57 21.80
N SER B 1034 21.76 -54.46 22.43
CA SER B 1034 22.58 -53.45 21.79
C SER B 1034 24.04 -53.60 22.13
N LYS B 1035 24.87 -53.55 21.09
CA LYS B 1035 26.32 -53.54 21.17
C LYS B 1035 26.84 -52.12 21.17
N ARG B 1036 25.93 -51.15 21.05
CA ARG B 1036 26.26 -49.74 21.03
C ARG B 1036 26.45 -49.28 22.47
N VAL B 1037 27.66 -48.88 22.81
CA VAL B 1037 27.98 -48.59 24.20
C VAL B 1037 27.28 -47.31 24.64
N ASP B 1038 26.76 -47.31 25.86
CA ASP B 1038 26.04 -46.20 26.48
C ASP B 1038 24.81 -45.77 25.70
N PHE B 1039 24.40 -46.54 24.69
CA PHE B 1039 23.14 -46.25 24.03
C PHE B 1039 21.95 -46.72 24.87
N CYS B 1040 22.10 -47.86 25.55
CA CYS B 1040 21.04 -48.40 26.38
C CYS B 1040 21.52 -48.45 27.83
N GLY B 1041 22.00 -47.32 28.33
CA GLY B 1041 22.46 -47.18 29.70
C GLY B 1041 23.92 -47.56 29.89
N LYS B 1042 24.45 -47.14 31.03
CA LYS B 1042 25.85 -47.40 31.38
C LYS B 1042 26.07 -48.86 31.72
N GLY B 1043 27.13 -49.43 31.17
CA GLY B 1043 27.48 -50.81 31.38
C GLY B 1043 27.30 -51.60 30.11
N TYR B 1044 27.48 -52.91 30.24
CA TYR B 1044 27.26 -53.81 29.11
C TYR B 1044 25.78 -54.14 29.09
N HIS B 1045 25.12 -53.77 28.00
CA HIS B 1045 23.67 -53.90 27.92
C HIS B 1045 23.26 -55.36 27.91
N LEU B 1046 22.28 -55.69 28.74
CA LEU B 1046 21.66 -57.01 28.72
C LEU B 1046 20.26 -56.94 28.12
N MET B 1047 19.34 -56.20 28.72
CA MET B 1047 17.98 -56.21 28.18
C MET B 1047 17.28 -54.93 28.64
N SER B 1048 16.14 -54.64 28.04
CA SER B 1048 15.43 -53.43 28.45
C SER B 1048 13.93 -53.65 28.56
N PHE B 1049 13.31 -52.78 29.35
CA PHE B 1049 11.89 -52.79 29.65
C PHE B 1049 11.22 -51.48 29.27
N PRO B 1050 10.21 -51.48 28.41
CA PRO B 1050 9.50 -50.24 28.13
C PRO B 1050 8.43 -49.99 29.17
N GLN B 1051 8.20 -48.73 29.46
CA GLN B 1051 7.10 -48.34 30.35
C GLN B 1051 6.48 -47.09 29.76
N SER B 1052 5.17 -47.02 29.80
CA SER B 1052 4.51 -45.83 29.30
C SER B 1052 4.51 -44.74 30.37
N ALA B 1053 4.43 -43.50 29.91
CA ALA B 1053 4.28 -42.36 30.81
C ALA B 1053 3.54 -41.30 30.03
N PRO B 1054 2.92 -40.34 30.71
CA PRO B 1054 2.21 -39.30 29.97
C PRO B 1054 3.13 -38.60 28.99
N HIS B 1055 2.73 -38.61 27.72
CA HIS B 1055 3.48 -38.00 26.65
C HIS B 1055 4.92 -38.50 26.57
N GLY B 1056 5.17 -39.74 26.96
CA GLY B 1056 6.54 -40.20 26.87
C GLY B 1056 6.72 -41.66 27.23
N VAL B 1057 7.98 -42.09 27.19
CA VAL B 1057 8.33 -43.47 27.48
C VAL B 1057 9.50 -43.48 28.45
N VAL B 1058 9.51 -44.47 29.33
CA VAL B 1058 10.58 -44.68 30.28
C VAL B 1058 11.17 -46.06 30.02
N PHE B 1059 12.47 -46.14 29.85
CA PHE B 1059 13.15 -47.39 29.62
C PHE B 1059 13.90 -47.79 30.87
N LEU B 1060 13.70 -49.03 31.29
CA LEU B 1060 14.47 -49.61 32.38
C LEU B 1060 15.52 -50.48 31.71
N HIS B 1061 16.76 -50.04 31.75
CA HIS B 1061 17.85 -50.72 31.09
C HIS B 1061 18.56 -51.59 32.13
N VAL B 1062 18.59 -52.89 31.87
CA VAL B 1062 19.25 -53.85 32.73
C VAL B 1062 20.59 -54.14 32.09
N THR B 1063 21.67 -53.81 32.81
CA THR B 1063 23.02 -53.88 32.29
C THR B 1063 23.93 -54.61 33.27
N TYR B 1064 24.99 -55.18 32.72
CA TYR B 1064 26.01 -55.92 33.46
C TYR B 1064 27.19 -54.99 33.70
N VAL B 1065 27.51 -54.74 34.96
CA VAL B 1065 28.59 -53.83 35.33
C VAL B 1065 29.60 -54.59 36.18
N PRO B 1066 30.85 -54.73 35.76
CA PRO B 1066 31.84 -55.35 36.64
C PRO B 1066 31.95 -54.54 37.93
N ALA B 1067 32.06 -55.24 39.06
CA ALA B 1067 32.07 -54.56 40.35
C ALA B 1067 33.41 -54.65 41.07
N GLN B 1068 33.90 -55.85 41.35
CA GLN B 1068 35.13 -56.06 42.08
C GLN B 1068 36.18 -56.60 41.13
N GLU B 1069 37.40 -56.12 41.23
CA GLU B 1069 38.42 -56.49 40.26
C GLU B 1069 39.71 -56.80 41.00
N LYS B 1070 40.55 -57.62 40.35
CA LYS B 1070 41.83 -57.99 40.91
C LYS B 1070 42.93 -57.72 39.90
N ASN B 1071 44.10 -57.39 40.44
CA ASN B 1071 45.31 -57.17 39.66
C ASN B 1071 46.03 -58.51 39.44
N PHE B 1072 46.38 -58.78 38.19
CA PHE B 1072 47.11 -59.98 37.81
C PHE B 1072 48.26 -59.59 36.90
N THR B 1073 49.29 -60.41 36.90
CA THR B 1073 50.35 -60.24 35.91
C THR B 1073 49.90 -60.95 34.65
N THR B 1074 50.18 -60.37 33.49
CA THR B 1074 49.75 -60.98 32.24
C THR B 1074 50.91 -61.04 31.27
N ALA B 1075 50.66 -61.69 30.13
CA ALA B 1075 51.60 -61.76 29.03
C ALA B 1075 50.82 -62.02 27.77
N PRO B 1076 51.19 -61.42 26.64
CA PRO B 1076 50.40 -61.60 25.41
C PRO B 1076 50.50 -62.96 24.78
N ALA B 1077 51.51 -63.76 25.10
CA ALA B 1077 51.63 -65.08 24.50
C ALA B 1077 52.45 -65.96 25.40
N ILE B 1078 52.32 -67.27 25.21
CA ILE B 1078 53.03 -68.26 26.02
C ILE B 1078 53.92 -69.08 25.11
N CYS B 1079 55.20 -69.17 25.44
CA CYS B 1079 56.13 -69.93 24.62
C CYS B 1079 56.19 -71.35 25.16
N HIS B 1080 55.93 -72.32 24.30
CA HIS B 1080 56.02 -73.73 24.66
C HIS B 1080 56.73 -74.48 23.54
N ASP B 1081 57.86 -75.09 23.86
CA ASP B 1081 58.72 -75.86 22.94
C ASP B 1081 59.00 -75.12 21.62
N GLY B 1082 58.95 -73.79 21.67
CA GLY B 1082 59.23 -72.94 20.53
C GLY B 1082 58.02 -72.36 19.83
N LYS B 1083 56.83 -72.92 20.06
CA LYS B 1083 55.62 -72.39 19.49
C LYS B 1083 55.04 -71.32 20.41
N ALA B 1084 54.47 -70.28 19.81
CA ALA B 1084 53.87 -69.19 20.55
C ALA B 1084 52.37 -69.44 20.59
N HIS B 1085 51.82 -69.56 21.80
CA HIS B 1085 50.41 -69.81 22.02
C HIS B 1085 49.72 -68.51 22.39
N PHE B 1086 48.61 -68.25 21.73
CA PHE B 1086 47.74 -67.11 21.94
C PHE B 1086 46.39 -67.63 22.41
N PRO B 1087 45.67 -66.88 23.23
CA PRO B 1087 44.37 -67.37 23.70
C PRO B 1087 43.34 -67.32 22.59
N ARG B 1088 42.50 -68.36 22.53
CA ARG B 1088 41.41 -68.34 21.57
C ARG B 1088 40.35 -67.36 22.02
N GLU B 1089 40.05 -67.37 23.31
CA GLU B 1089 39.18 -66.39 23.96
C GLU B 1089 39.77 -66.11 25.33
N GLY B 1090 39.70 -64.88 25.77
CA GLY B 1090 40.29 -64.54 27.04
C GLY B 1090 41.75 -64.17 26.91
N VAL B 1091 42.39 -64.02 28.07
CA VAL B 1091 43.77 -63.60 28.17
C VAL B 1091 44.50 -64.48 29.17
N PHE B 1092 45.83 -64.48 29.06
CA PHE B 1092 46.67 -65.19 30.01
C PHE B 1092 46.92 -64.28 31.20
N VAL B 1093 46.78 -64.83 32.40
CA VAL B 1093 47.00 -64.10 33.63
C VAL B 1093 47.81 -64.98 34.57
N SER B 1094 48.42 -64.35 35.55
CA SER B 1094 49.17 -65.09 36.55
C SER B 1094 48.75 -64.63 37.94
N ASN B 1095 48.63 -65.59 38.85
CA ASN B 1095 48.45 -65.28 40.27
C ASN B 1095 49.80 -65.17 40.97
N GLY B 1096 50.87 -65.02 40.20
CA GLY B 1096 52.23 -64.93 40.69
C GLY B 1096 53.03 -66.19 40.39
N THR B 1097 52.43 -67.35 40.63
CA THR B 1097 53.13 -68.62 40.49
C THR B 1097 52.69 -69.46 39.31
N HIS B 1098 51.41 -69.40 38.93
CA HIS B 1098 50.87 -70.21 37.86
C HIS B 1098 50.08 -69.37 36.87
N TRP B 1099 50.18 -69.72 35.59
CA TRP B 1099 49.51 -69.03 34.51
C TRP B 1099 48.20 -69.71 34.14
N PHE B 1100 47.16 -68.91 33.92
CA PHE B 1100 45.84 -69.39 33.59
C PHE B 1100 45.28 -68.56 32.44
N VAL B 1101 44.21 -69.07 31.83
CA VAL B 1101 43.49 -68.38 30.78
C VAL B 1101 42.12 -68.03 31.34
N THR B 1102 41.68 -66.79 31.11
CA THR B 1102 40.37 -66.40 31.63
C THR B 1102 39.70 -65.44 30.68
N GLN B 1103 38.37 -65.48 30.67
CA GLN B 1103 37.60 -64.48 29.93
C GLN B 1103 37.82 -63.11 30.56
N ARG B 1104 37.89 -62.09 29.72
CA ARG B 1104 38.21 -60.75 30.21
C ARG B 1104 37.17 -60.17 31.16
N ASN B 1105 35.89 -60.50 30.98
CA ASN B 1105 34.85 -59.82 31.73
C ASN B 1105 34.43 -60.54 33.01
N PHE B 1106 35.13 -61.60 33.40
CA PHE B 1106 34.83 -62.28 34.65
C PHE B 1106 35.98 -63.22 34.98
N TYR B 1107 36.56 -63.07 36.17
CA TYR B 1107 37.71 -63.89 36.52
C TYR B 1107 37.31 -65.34 36.67
N GLU B 1108 37.87 -66.19 35.81
CA GLU B 1108 37.57 -67.62 35.81
C GLU B 1108 38.80 -68.33 35.30
N PRO B 1109 39.79 -68.56 36.16
CA PRO B 1109 41.06 -69.13 35.70
C PRO B 1109 40.89 -70.56 35.22
N GLN B 1110 41.51 -70.86 34.09
CA GLN B 1110 41.52 -72.18 33.51
C GLN B 1110 42.96 -72.56 33.21
N ILE B 1111 43.25 -73.86 33.30
CA ILE B 1111 44.58 -74.33 32.92
C ILE B 1111 44.78 -74.15 31.43
N ILE B 1112 46.01 -73.80 31.04
CA ILE B 1112 46.31 -73.57 29.64
C ILE B 1112 46.38 -74.91 28.93
N THR B 1113 45.60 -75.06 27.87
CA THR B 1113 45.54 -76.30 27.12
C THR B 1113 45.61 -75.98 25.64
N THR B 1114 45.75 -77.03 24.82
CA THR B 1114 45.72 -76.82 23.39
C THR B 1114 44.31 -76.52 22.89
N ASP B 1115 43.29 -76.70 23.73
CA ASP B 1115 41.91 -76.48 23.31
C ASP B 1115 41.39 -75.09 23.61
N ASN B 1116 42.15 -74.25 24.32
CA ASN B 1116 41.79 -72.85 24.50
C ASN B 1116 42.77 -71.90 23.85
N THR B 1117 43.92 -72.38 23.40
CA THR B 1117 44.92 -71.56 22.75
C THR B 1117 45.16 -72.04 21.33
N PHE B 1118 45.77 -71.18 20.53
CA PHE B 1118 46.16 -71.50 19.16
C PHE B 1118 47.59 -71.02 18.91
N VAL B 1119 48.24 -71.64 17.93
CA VAL B 1119 49.64 -71.40 17.64
C VAL B 1119 49.78 -70.58 16.37
N SER B 1120 50.66 -69.59 16.41
CA SER B 1120 50.97 -68.77 15.24
C SER B 1120 52.39 -68.23 15.41
N GLY B 1121 53.26 -68.57 14.47
CA GLY B 1121 54.64 -68.12 14.52
C GLY B 1121 55.45 -68.87 15.57
N ASN B 1122 56.49 -68.21 16.06
CA ASN B 1122 57.38 -68.79 17.05
C ASN B 1122 57.77 -67.72 18.08
N CYS B 1123 58.46 -68.16 19.12
CA CYS B 1123 58.79 -67.29 20.26
C CYS B 1123 59.76 -66.15 20.00
N ASP B 1124 60.53 -66.14 18.91
CA ASP B 1124 61.57 -65.11 18.87
C ASP B 1124 61.10 -63.80 18.25
N VAL B 1125 59.85 -63.71 17.79
CA VAL B 1125 59.36 -62.51 17.11
C VAL B 1125 58.41 -61.71 18.00
N VAL B 1126 57.55 -62.37 18.75
CA VAL B 1126 56.56 -61.66 19.55
C VAL B 1126 57.19 -61.12 20.82
N ILE B 1127 56.95 -59.84 21.09
CA ILE B 1127 57.55 -59.17 22.24
C ILE B 1127 56.79 -59.55 23.49
N GLY B 1128 57.48 -59.61 24.62
CA GLY B 1128 56.77 -59.85 25.86
C GLY B 1128 56.20 -61.25 26.00
N ILE B 1129 57.02 -62.23 26.37
CA ILE B 1129 56.54 -63.60 26.42
C ILE B 1129 57.21 -64.31 27.58
N VAL B 1130 56.47 -65.22 28.19
CA VAL B 1130 57.01 -66.09 29.24
C VAL B 1130 56.87 -67.53 28.79
N ASN B 1131 57.73 -68.39 29.32
CA ASN B 1131 57.64 -69.81 29.06
C ASN B 1131 56.83 -70.44 30.19
N ASN B 1132 55.72 -71.06 29.82
CA ASN B 1132 54.95 -71.90 30.70
C ASN B 1132 54.56 -73.12 29.90
N THR B 1133 54.04 -74.12 30.58
CA THR B 1133 53.73 -75.36 29.88
C THR B 1133 52.24 -75.47 29.59
N VAL B 1134 51.93 -76.08 28.45
CA VAL B 1134 50.59 -76.19 27.91
C VAL B 1134 50.30 -77.67 27.78
N TYR B 1135 49.15 -78.09 28.29
CA TYR B 1135 48.83 -79.51 28.36
C TYR B 1135 47.73 -79.87 27.38
N ASP B 1136 47.94 -80.96 26.65
CA ASP B 1136 46.98 -81.40 25.66
C ASP B 1136 46.40 -82.74 26.09
N PRO B 1137 45.08 -82.87 26.18
CA PRO B 1137 44.47 -84.12 26.67
C PRO B 1137 44.96 -85.39 25.99
N LEU B 1138 45.63 -85.27 24.85
CA LEU B 1138 46.08 -86.45 24.15
C LEU B 1138 47.19 -87.16 24.91
N GLN B 1139 48.07 -86.42 25.57
CA GLN B 1139 49.09 -87.06 26.40
C GLN B 1139 48.48 -87.91 27.51
N PRO B 1140 47.63 -87.38 28.40
CA PRO B 1140 47.06 -88.24 29.43
C PRO B 1140 46.12 -89.29 28.88
N GLU B 1141 45.55 -89.10 27.69
CA GLU B 1141 44.70 -90.13 27.12
C GLU B 1141 45.52 -91.26 26.52
N LEU B 1142 46.71 -90.95 26.02
CA LEU B 1142 47.61 -91.95 25.47
C LEU B 1142 48.47 -92.60 26.54
N ASP B 1143 48.77 -91.89 27.62
CA ASP B 1143 49.60 -92.43 28.69
C ASP B 1143 48.78 -93.33 29.61
N ALA C 27 -46.64 -24.19 -6.31
CA ALA C 27 -45.90 -25.38 -6.73
C ALA C 27 -44.41 -25.09 -6.80
N TYR C 28 -43.60 -26.08 -6.47
CA TYR C 28 -42.14 -25.94 -6.43
C TYR C 28 -41.50 -27.09 -7.19
N THR C 29 -40.30 -26.85 -7.70
CA THR C 29 -39.50 -27.89 -8.34
C THR C 29 -38.06 -27.79 -7.87
N ASN C 30 -37.29 -28.84 -8.12
CA ASN C 30 -35.88 -28.91 -7.72
C ASN C 30 -35.05 -28.47 -8.91
N SER C 31 -34.25 -27.41 -8.73
CA SER C 31 -33.36 -26.92 -9.77
C SER C 31 -32.19 -27.85 -10.06
N PHE C 32 -32.10 -28.98 -9.36
CA PHE C 32 -30.98 -29.92 -9.50
C PHE C 32 -29.62 -29.24 -9.50
N THR C 33 -28.93 -29.26 -10.64
CA THR C 33 -27.64 -28.59 -10.78
C THR C 33 -27.67 -27.44 -11.77
N ARG C 34 -28.83 -26.89 -12.07
CA ARG C 34 -28.91 -25.75 -12.97
C ARG C 34 -28.58 -24.45 -12.24
N GLY C 35 -28.29 -23.41 -13.02
CA GLY C 35 -28.04 -22.11 -12.46
C GLY C 35 -26.60 -21.70 -12.29
N VAL C 36 -25.67 -22.25 -13.07
CA VAL C 36 -24.25 -21.91 -12.98
C VAL C 36 -23.89 -21.05 -14.18
N TYR C 37 -23.20 -19.94 -13.92
CA TYR C 37 -22.78 -19.00 -14.94
C TYR C 37 -21.32 -18.64 -14.70
N TYR C 38 -20.66 -18.13 -15.73
CA TYR C 38 -19.25 -17.77 -15.58
C TYR C 38 -19.14 -16.57 -14.66
N PRO C 39 -18.51 -16.72 -13.49
CA PRO C 39 -18.49 -15.62 -12.50
C PRO C 39 -17.61 -14.44 -12.86
N ASP C 40 -16.62 -14.59 -13.73
CA ASP C 40 -15.65 -13.52 -13.89
C ASP C 40 -15.20 -13.20 -15.30
N LYS C 41 -15.63 -13.95 -16.32
CA LYS C 41 -15.28 -13.65 -17.70
C LYS C 41 -13.78 -13.74 -17.97
N VAL C 42 -13.02 -14.42 -17.10
CA VAL C 42 -11.61 -14.70 -17.32
C VAL C 42 -11.42 -16.16 -17.68
N PHE C 43 -10.59 -16.43 -18.68
CA PHE C 43 -10.44 -17.78 -19.20
C PHE C 43 -9.57 -18.59 -18.24
N ARG C 44 -10.03 -19.80 -17.93
CA ARG C 44 -9.26 -20.78 -17.17
C ARG C 44 -9.50 -22.14 -17.78
N SER C 45 -8.54 -23.04 -17.63
CA SER C 45 -8.71 -24.35 -18.24
C SER C 45 -8.03 -25.42 -17.41
N SER C 46 -8.61 -26.62 -17.44
CA SER C 46 -8.11 -27.77 -16.70
C SER C 46 -7.79 -27.40 -15.26
N VAL C 47 -8.73 -26.69 -14.63
CA VAL C 47 -8.47 -26.21 -13.27
C VAL C 47 -9.77 -26.11 -12.50
N LEU C 48 -9.66 -26.29 -11.18
CA LEU C 48 -10.78 -26.16 -10.25
C LEU C 48 -10.66 -24.83 -9.55
N HIS C 49 -11.62 -23.94 -9.77
CA HIS C 49 -11.58 -22.59 -9.22
C HIS C 49 -12.70 -22.38 -8.24
N SER C 50 -12.37 -21.88 -7.06
CA SER C 50 -13.34 -21.59 -6.02
C SER C 50 -13.72 -20.12 -6.09
N THR C 51 -15.02 -19.84 -6.20
CA THR C 51 -15.45 -18.45 -6.25
C THR C 51 -16.74 -18.29 -5.45
N GLN C 52 -16.89 -17.11 -4.86
CA GLN C 52 -18.08 -16.78 -4.10
C GLN C 52 -18.80 -15.65 -4.80
N ASP C 53 -20.06 -15.89 -5.17
CA ASP C 53 -20.93 -14.91 -5.82
C ASP C 53 -22.36 -15.38 -5.65
N LEU C 54 -23.28 -14.66 -6.28
CA LEU C 54 -24.71 -14.97 -6.21
C LEU C 54 -25.00 -16.09 -7.18
N PHE C 55 -25.14 -17.32 -6.66
CA PHE C 55 -25.44 -18.48 -7.48
C PHE C 55 -26.76 -19.12 -7.06
N LEU C 56 -27.31 -19.92 -7.97
CA LEU C 56 -28.48 -20.72 -7.68
C LEU C 56 -28.07 -21.95 -6.89
N PRO C 57 -28.55 -22.13 -5.66
CA PRO C 57 -28.18 -23.32 -4.88
C PRO C 57 -28.61 -24.59 -5.60
N PHE C 58 -27.76 -25.61 -5.51
CA PHE C 58 -28.12 -26.88 -6.13
C PHE C 58 -29.26 -27.52 -5.36
N PHE C 59 -30.15 -28.17 -6.10
CA PHE C 59 -31.33 -28.85 -5.55
C PHE C 59 -32.22 -27.91 -4.74
N SER C 60 -32.13 -26.61 -4.98
CA SER C 60 -33.00 -25.66 -4.30
C SER C 60 -34.40 -25.68 -4.87
N ASN C 61 -35.33 -25.12 -4.10
CA ASN C 61 -36.72 -25.01 -4.53
C ASN C 61 -36.91 -23.79 -5.42
N VAL C 62 -37.48 -24.00 -6.60
CA VAL C 62 -37.75 -22.95 -7.55
C VAL C 62 -39.25 -22.91 -7.82
N THR C 63 -39.80 -21.70 -7.86
CA THR C 63 -41.23 -21.54 -8.04
C THR C 63 -41.60 -21.79 -9.49
N TRP C 64 -42.63 -22.59 -9.71
CA TRP C 64 -43.09 -22.96 -11.04
C TRP C 64 -44.40 -22.24 -11.32
N PHE C 65 -44.41 -21.44 -12.38
CA PHE C 65 -45.59 -20.75 -12.86
C PHE C 65 -46.04 -21.32 -14.19
N HIS C 66 -47.35 -21.26 -14.43
CA HIS C 66 -47.96 -21.80 -15.64
C HIS C 66 -48.72 -20.72 -16.39
N PHE C 79 -53.08 -18.85 -17.85
CA PHE C 79 -51.75 -18.43 -17.46
C PHE C 79 -51.80 -17.16 -16.60
N ASP C 80 -50.96 -17.12 -15.58
CA ASP C 80 -50.87 -15.98 -14.67
C ASP C 80 -49.41 -15.56 -14.54
N ASN C 81 -49.19 -14.27 -14.31
CA ASN C 81 -47.85 -13.72 -14.18
C ASN C 81 -47.88 -12.51 -13.25
N PRO C 82 -47.80 -12.75 -11.95
CA PRO C 82 -47.83 -11.65 -10.98
C PRO C 82 -46.46 -11.01 -10.90
N VAL C 83 -46.37 -9.94 -10.10
CA VAL C 83 -45.09 -9.28 -9.88
C VAL C 83 -44.35 -9.99 -8.75
N LEU C 84 -43.11 -10.38 -9.04
CA LEU C 84 -42.25 -11.21 -8.21
C LEU C 84 -41.15 -10.36 -7.60
N PRO C 85 -40.72 -10.65 -6.38
CA PRO C 85 -39.57 -9.92 -5.83
C PRO C 85 -38.32 -10.21 -6.64
N PHE C 86 -37.46 -9.20 -6.74
CA PHE C 86 -36.18 -9.34 -7.41
C PHE C 86 -35.02 -9.58 -6.47
N ASN C 87 -35.10 -9.05 -5.25
CA ASN C 87 -34.06 -9.08 -4.22
C ASN C 87 -32.66 -8.96 -4.81
N ASP C 88 -31.78 -9.93 -4.57
CA ASP C 88 -30.39 -9.83 -5.00
C ASP C 88 -30.12 -10.48 -6.36
N GLY C 89 -31.14 -10.87 -7.11
CA GLY C 89 -30.93 -11.48 -8.40
C GLY C 89 -31.91 -12.60 -8.64
N VAL C 90 -32.25 -12.83 -9.90
CA VAL C 90 -33.26 -13.82 -10.26
C VAL C 90 -32.70 -14.76 -11.32
N TYR C 91 -32.97 -16.05 -11.14
CA TYR C 91 -32.80 -17.07 -12.18
C TYR C 91 -34.15 -17.33 -12.82
N PHE C 92 -34.18 -17.33 -14.15
CA PHE C 92 -35.41 -17.52 -14.91
C PHE C 92 -35.19 -18.65 -15.92
N ALA C 93 -36.21 -19.48 -16.12
CA ALA C 93 -36.09 -20.52 -17.13
C ALA C 93 -37.43 -20.74 -17.80
N SER C 94 -37.39 -21.12 -19.07
CA SER C 94 -38.63 -21.31 -19.82
C SER C 94 -38.46 -22.41 -20.85
N THR C 95 -39.59 -22.99 -21.27
CA THR C 95 -39.59 -24.02 -22.29
C THR C 95 -40.82 -23.88 -23.18
N ASN C 99 -42.42 -19.51 -28.52
CA ASN C 99 -42.03 -18.12 -28.32
C ASN C 99 -43.07 -17.38 -27.50
N ILE C 100 -43.52 -17.99 -26.40
CA ILE C 100 -44.53 -17.37 -25.56
C ILE C 100 -43.92 -16.24 -24.73
N ILE C 101 -42.72 -16.44 -24.22
CA ILE C 101 -42.07 -15.41 -23.40
C ILE C 101 -41.48 -14.38 -24.33
N ARG C 102 -41.88 -13.11 -24.15
CA ARG C 102 -41.44 -12.06 -25.06
C ARG C 102 -40.68 -10.93 -24.38
N GLY C 103 -40.51 -10.95 -23.06
CA GLY C 103 -39.80 -9.87 -22.42
C GLY C 103 -39.95 -9.90 -20.91
N TRP C 104 -39.29 -8.92 -20.29
CA TRP C 104 -39.28 -8.78 -18.84
C TRP C 104 -39.38 -7.32 -18.44
N ILE C 105 -39.97 -7.09 -17.26
CA ILE C 105 -40.10 -5.77 -16.65
C ILE C 105 -39.48 -5.81 -15.27
N PHE C 106 -38.54 -4.90 -15.01
CA PHE C 106 -37.85 -4.82 -13.73
C PHE C 106 -37.99 -3.40 -13.18
N GLY C 107 -38.18 -3.27 -11.87
CA GLY C 107 -38.21 -1.95 -11.30
C GLY C 107 -38.46 -1.93 -9.81
N THR C 108 -38.83 -0.75 -9.31
CA THR C 108 -39.05 -0.49 -7.90
C THR C 108 -40.50 -0.16 -7.58
N THR C 109 -41.08 0.80 -8.29
CA THR C 109 -42.47 1.20 -8.09
C THR C 109 -43.31 1.11 -9.36
N LEU C 110 -42.69 1.18 -10.53
CA LEU C 110 -43.38 1.15 -11.82
C LEU C 110 -44.46 2.22 -11.88
N ASP C 111 -45.44 2.04 -12.78
CA ASP C 111 -46.54 3.00 -12.95
C ASP C 111 -46.05 4.41 -13.29
N SER C 112 -44.91 4.51 -13.98
CA SER C 112 -44.31 5.76 -14.44
C SER C 112 -43.84 6.68 -13.30
N LYS C 113 -43.87 6.21 -12.06
CA LYS C 113 -43.40 7.05 -10.96
C LYS C 113 -41.90 6.95 -10.75
N THR C 114 -41.27 5.85 -11.18
CA THR C 114 -39.85 5.62 -11.05
C THR C 114 -39.37 4.99 -12.34
N GLN C 115 -38.05 4.96 -12.55
CA GLN C 115 -37.50 4.35 -13.76
C GLN C 115 -37.58 2.83 -13.66
N SER C 116 -37.94 2.20 -14.77
CA SER C 116 -38.09 0.74 -14.79
C SER C 116 -37.53 0.15 -16.07
N LEU C 117 -36.67 -0.85 -15.91
CA LEU C 117 -36.06 -1.54 -17.04
C LEU C 117 -37.12 -2.37 -17.78
N LEU C 118 -37.16 -2.22 -19.10
CA LEU C 118 -38.05 -2.98 -19.97
C LEU C 118 -37.25 -3.65 -21.08
N ILE C 119 -37.36 -4.98 -21.17
CA ILE C 119 -36.71 -5.75 -22.21
C ILE C 119 -37.81 -6.43 -23.03
N VAL C 120 -37.81 -6.19 -24.34
CA VAL C 120 -38.79 -6.79 -25.23
C VAL C 120 -38.07 -7.37 -26.43
N ASN C 121 -38.51 -8.55 -26.88
CA ASN C 121 -37.94 -9.21 -28.06
C ASN C 121 -38.99 -9.11 -29.16
N ASN C 122 -38.89 -8.04 -29.95
CA ASN C 122 -39.82 -7.81 -31.06
C ASN C 122 -39.06 -7.77 -32.38
N ALA C 123 -39.64 -8.45 -33.37
CA ALA C 123 -39.15 -8.43 -34.76
C ALA C 123 -37.64 -8.62 -34.85
N THR C 124 -37.13 -9.62 -34.14
CA THR C 124 -35.73 -10.02 -34.20
C THR C 124 -34.77 -8.95 -33.70
N ASN C 125 -35.30 -7.84 -33.19
CA ASN C 125 -34.50 -6.77 -32.61
C ASN C 125 -34.92 -6.50 -31.16
N VAL C 126 -34.11 -6.94 -30.18
CA VAL C 126 -34.49 -6.75 -28.79
C VAL C 126 -34.23 -5.30 -28.38
N VAL C 127 -35.20 -4.72 -27.68
CA VAL C 127 -35.15 -3.32 -27.26
C VAL C 127 -35.18 -3.27 -25.73
N ILE C 128 -34.27 -2.50 -25.16
CA ILE C 128 -34.14 -2.31 -23.72
C ILE C 128 -34.29 -0.82 -23.45
N LYS C 129 -35.15 -0.48 -22.49
CA LYS C 129 -35.38 0.91 -22.16
C LYS C 129 -35.46 1.06 -20.65
N VAL C 130 -35.17 2.26 -20.16
CA VAL C 130 -35.27 2.51 -18.72
C VAL C 130 -36.18 3.72 -18.53
N CYS C 131 -37.17 3.87 -19.41
CA CYS C 131 -38.08 5.00 -19.34
C CYS C 131 -39.06 4.82 -18.17
N GLU C 132 -39.79 5.89 -17.86
CA GLU C 132 -40.80 5.86 -16.80
C GLU C 132 -42.13 5.30 -17.34
N PHE C 133 -42.11 4.00 -17.65
CA PHE C 133 -43.31 3.38 -18.19
C PHE C 133 -44.38 3.22 -17.12
N GLN C 134 -45.63 3.42 -17.53
CA GLN C 134 -46.79 3.17 -16.67
C GLN C 134 -47.26 1.75 -16.93
N PHE C 135 -47.12 0.89 -15.93
CA PHE C 135 -47.44 -0.51 -16.13
C PHE C 135 -48.93 -0.75 -15.94
N CYS C 136 -49.44 -1.74 -16.66
CA CYS C 136 -50.85 -2.08 -16.61
C CYS C 136 -51.18 -2.78 -15.29
N ASN C 137 -52.48 -2.88 -15.00
CA ASN C 137 -52.89 -3.76 -13.92
C ASN C 137 -52.66 -5.20 -14.31
N ASP C 138 -52.83 -5.52 -15.59
CA ASP C 138 -52.63 -6.87 -16.11
C ASP C 138 -51.85 -6.68 -17.41
N PRO C 139 -50.53 -6.63 -17.32
CA PRO C 139 -49.71 -6.45 -18.53
C PRO C 139 -49.92 -7.57 -19.53
N PHE C 140 -49.95 -7.19 -20.80
CA PHE C 140 -50.15 -8.14 -21.89
C PHE C 140 -49.61 -7.51 -23.16
N LEU C 141 -48.91 -8.32 -23.95
CA LEU C 141 -48.15 -7.84 -25.10
C LEU C 141 -48.75 -8.37 -26.38
N GLY C 142 -48.73 -7.53 -27.43
CA GLY C 142 -49.29 -7.91 -28.72
C GLY C 142 -50.19 -6.84 -29.30
N GLU C 156 -47.72 -3.55 -33.25
CA GLU C 156 -48.29 -2.80 -32.14
C GLU C 156 -48.05 -3.51 -30.82
N PHE C 157 -48.19 -2.77 -29.72
CA PHE C 157 -47.96 -3.32 -28.39
C PHE C 157 -48.63 -2.42 -27.36
N ARG C 158 -48.97 -3.02 -26.22
CA ARG C 158 -49.58 -2.29 -25.11
C ARG C 158 -48.72 -2.27 -23.87
N VAL C 159 -48.10 -3.39 -23.51
CA VAL C 159 -47.24 -3.47 -22.34
C VAL C 159 -46.05 -2.53 -22.44
N TYR C 160 -45.65 -2.15 -23.66
CA TYR C 160 -44.53 -1.25 -23.89
C TYR C 160 -44.99 0.13 -24.34
N SER C 161 -46.12 0.60 -23.84
CA SER C 161 -46.66 1.91 -24.16
C SER C 161 -46.16 2.95 -23.17
N SER C 162 -46.42 4.22 -23.50
CA SER C 162 -46.06 5.37 -22.66
C SER C 162 -44.55 5.41 -22.36
N ALA C 163 -43.76 5.33 -23.43
CA ALA C 163 -42.30 5.42 -23.34
C ALA C 163 -41.90 6.89 -23.35
N ASN C 164 -41.80 7.48 -22.17
CA ASN C 164 -41.47 8.90 -22.04
C ASN C 164 -40.54 9.10 -20.84
N ASN C 165 -39.80 10.21 -20.88
CA ASN C 165 -38.84 10.58 -19.84
C ASN C 165 -37.66 9.61 -19.80
N CYS C 166 -37.34 9.03 -20.94
CA CYS C 166 -36.31 8.01 -21.03
C CYS C 166 -34.95 8.52 -20.55
N THR C 167 -34.28 7.68 -19.77
CA THR C 167 -32.96 7.98 -19.22
C THR C 167 -31.89 7.01 -19.72
N PHE C 168 -32.29 5.95 -20.42
CA PHE C 168 -31.35 4.98 -20.97
C PHE C 168 -32.09 4.18 -22.03
N GLU C 169 -31.42 3.95 -23.16
CA GLU C 169 -32.00 3.17 -24.24
C GLU C 169 -30.90 2.36 -24.90
N TYR C 170 -31.19 1.09 -25.19
CA TYR C 170 -30.18 0.21 -25.75
C TYR C 170 -30.88 -0.74 -26.72
N VAL C 171 -30.20 -1.08 -27.81
CA VAL C 171 -30.75 -1.94 -28.85
C VAL C 171 -29.79 -3.08 -29.16
N SER C 172 -30.30 -4.32 -29.15
CA SER C 172 -29.45 -5.50 -29.28
C SER C 172 -30.09 -6.55 -30.18
N GLN C 173 -29.31 -7.60 -30.42
CA GLN C 173 -29.69 -8.70 -31.30
C GLN C 173 -30.12 -9.87 -30.43
N PRO C 174 -31.41 -10.20 -30.38
CA PRO C 174 -31.92 -11.08 -29.33
C PRO C 174 -31.73 -12.55 -29.62
N PHE C 175 -31.58 -13.31 -28.54
CA PHE C 175 -31.37 -14.75 -28.60
C PHE C 175 -32.41 -15.43 -27.72
N LEU C 176 -32.96 -16.53 -28.22
CA LEU C 176 -34.00 -17.27 -27.52
C LEU C 176 -34.14 -18.66 -28.12
N LYS C 187 -39.73 -27.57 -26.74
CA LYS C 187 -38.70 -28.60 -26.84
C LYS C 187 -37.32 -28.01 -26.60
N ASN C 188 -37.30 -26.75 -26.20
CA ASN C 188 -36.06 -26.01 -25.96
C ASN C 188 -36.16 -25.23 -24.66
N LEU C 189 -35.13 -25.33 -23.83
CA LEU C 189 -35.07 -24.60 -22.58
C LEU C 189 -34.17 -23.38 -22.72
N ARG C 190 -34.68 -22.24 -22.27
CA ARG C 190 -34.02 -20.95 -22.32
C ARG C 190 -33.80 -20.50 -20.88
N GLU C 191 -32.55 -20.48 -20.43
CA GLU C 191 -32.22 -20.07 -19.08
C GLU C 191 -31.62 -18.67 -19.09
N PHE C 192 -31.96 -17.89 -18.07
CA PHE C 192 -31.52 -16.51 -17.94
C PHE C 192 -31.14 -16.25 -16.49
N VAL C 193 -30.20 -15.34 -16.30
CA VAL C 193 -29.79 -14.87 -14.99
C VAL C 193 -29.75 -13.35 -15.03
N PHE C 194 -30.39 -12.72 -14.06
CA PHE C 194 -30.43 -11.26 -13.96
C PHE C 194 -29.88 -10.87 -12.61
N LYS C 195 -28.81 -10.07 -12.60
CA LYS C 195 -28.23 -9.63 -11.35
C LYS C 195 -27.86 -8.16 -11.44
N ASN C 196 -27.91 -7.46 -10.30
CA ASN C 196 -27.55 -6.06 -10.20
C ASN C 196 -26.41 -5.93 -9.20
N ILE C 197 -25.21 -5.61 -9.69
CA ILE C 197 -24.03 -5.47 -8.85
C ILE C 197 -23.39 -4.10 -9.05
N ASP C 198 -23.42 -3.27 -8.00
CA ASP C 198 -22.81 -1.94 -7.99
C ASP C 198 -23.22 -1.08 -9.19
N GLY C 199 -24.48 -1.18 -9.60
CA GLY C 199 -24.97 -0.41 -10.71
C GLY C 199 -24.86 -1.07 -12.06
N TYR C 200 -24.25 -2.24 -12.14
CA TYR C 200 -24.13 -2.99 -13.39
C TYR C 200 -25.23 -4.03 -13.41
N PHE C 201 -26.09 -3.98 -14.42
CA PHE C 201 -27.13 -4.97 -14.57
C PHE C 201 -26.63 -6.03 -15.56
N LYS C 202 -26.30 -7.20 -15.03
CA LYS C 202 -25.72 -8.29 -15.79
C LYS C 202 -26.79 -9.32 -16.16
N ILE C 203 -26.83 -9.66 -17.45
CA ILE C 203 -27.77 -10.62 -18.03
C ILE C 203 -26.95 -11.77 -18.59
N TYR C 204 -27.28 -13.00 -18.18
CA TYR C 204 -26.67 -14.22 -18.65
C TYR C 204 -27.75 -15.10 -19.26
N SER C 205 -27.39 -15.92 -20.24
CA SER C 205 -28.42 -16.77 -20.84
C SER C 205 -27.80 -17.94 -21.59
N LYS C 206 -28.63 -18.96 -21.80
CA LYS C 206 -28.20 -20.14 -22.56
C LYS C 206 -29.42 -20.87 -23.09
N HIS C 207 -29.29 -21.36 -24.34
CA HIS C 207 -30.29 -22.16 -25.04
C HIS C 207 -29.85 -23.61 -25.07
N THR C 208 -30.75 -24.52 -24.75
CA THR C 208 -30.38 -25.93 -24.70
C THR C 208 -31.56 -26.79 -25.11
N PRO C 209 -31.32 -27.93 -25.76
CA PRO C 209 -32.42 -28.84 -26.08
C PRO C 209 -32.95 -29.50 -24.82
N ILE C 210 -34.27 -29.68 -24.77
CA ILE C 210 -34.94 -30.31 -23.63
C ILE C 210 -35.92 -31.34 -24.16
N ASN C 211 -35.93 -32.52 -23.55
CA ASN C 211 -36.75 -33.64 -23.99
C ASN C 211 -37.83 -34.01 -22.97
N LEU C 212 -38.13 -33.12 -22.03
CA LEU C 212 -39.17 -33.39 -21.04
C LEU C 212 -39.72 -32.06 -20.54
N VAL C 213 -40.96 -32.11 -20.05
CA VAL C 213 -41.65 -30.95 -19.52
C VAL C 213 -42.07 -31.13 -18.07
N ARG C 214 -41.79 -32.27 -17.44
CA ARG C 214 -42.24 -32.48 -16.07
C ARG C 214 -41.46 -31.62 -15.09
N ASP C 215 -40.14 -31.51 -15.26
CA ASP C 215 -39.29 -30.79 -14.33
C ASP C 215 -38.04 -30.37 -15.07
N LEU C 216 -37.03 -29.93 -14.32
CA LEU C 216 -35.81 -29.45 -14.95
C LEU C 216 -35.06 -30.61 -15.60
N PRO C 217 -34.30 -30.34 -16.64
CA PRO C 217 -33.44 -31.39 -17.23
C PRO C 217 -32.37 -31.88 -16.25
N GLN C 218 -31.99 -33.15 -16.43
CA GLN C 218 -30.99 -33.79 -15.58
C GLN C 218 -29.56 -33.48 -16.02
N GLY C 219 -29.38 -32.76 -17.10
CA GLY C 219 -28.07 -32.43 -17.61
C GLY C 219 -27.44 -31.27 -16.86
N PHE C 220 -26.28 -30.86 -17.36
CA PHE C 220 -25.50 -29.76 -16.79
C PHE C 220 -25.16 -28.81 -17.91
N SER C 221 -25.29 -27.52 -17.65
CA SER C 221 -24.91 -26.51 -18.63
C SER C 221 -24.64 -25.19 -17.91
N ALA C 222 -23.47 -24.61 -18.18
CA ALA C 222 -23.10 -23.32 -17.64
C ALA C 222 -23.61 -22.23 -18.56
N LEU C 223 -24.03 -21.11 -17.97
CA LEU C 223 -24.63 -20.02 -18.73
C LEU C 223 -23.60 -18.93 -18.97
N GLU C 224 -23.40 -18.59 -20.24
CA GLU C 224 -22.43 -17.58 -20.62
C GLU C 224 -23.02 -16.18 -20.48
N PRO C 225 -22.19 -15.17 -20.19
CA PRO C 225 -22.73 -13.81 -20.08
C PRO C 225 -23.07 -13.25 -21.45
N LEU C 226 -24.13 -12.46 -21.49
CA LEU C 226 -24.55 -11.85 -22.74
C LEU C 226 -24.62 -10.33 -22.70
N VAL C 227 -25.14 -9.73 -21.63
CA VAL C 227 -25.31 -8.28 -21.61
C VAL C 227 -24.88 -7.69 -20.28
N ASP C 228 -24.31 -6.48 -20.32
CA ASP C 228 -23.88 -5.75 -19.13
C ASP C 228 -24.25 -4.28 -19.33
N LEU C 229 -25.30 -3.82 -18.64
CA LEU C 229 -25.79 -2.44 -18.77
C LEU C 229 -25.42 -1.60 -17.56
N PRO C 230 -24.68 -0.50 -17.72
CA PRO C 230 -24.39 0.38 -16.59
C PRO C 230 -25.55 1.35 -16.30
N ILE C 231 -26.71 0.78 -15.95
CA ILE C 231 -27.91 1.59 -15.77
C ILE C 231 -27.96 2.19 -14.36
N GLY C 232 -27.59 1.42 -13.35
CA GLY C 232 -27.62 1.91 -11.97
C GLY C 232 -28.95 2.13 -11.29
N ILE C 233 -29.98 1.35 -11.62
CA ILE C 233 -31.31 1.53 -11.03
C ILE C 233 -31.49 0.51 -9.92
N ASN C 234 -31.94 0.96 -8.76
CA ASN C 234 -32.26 0.06 -7.66
C ASN C 234 -33.51 -0.73 -8.03
N ILE C 235 -33.35 -1.99 -8.38
CA ILE C 235 -34.43 -2.86 -8.80
C ILE C 235 -34.81 -3.77 -7.65
N THR C 236 -36.10 -3.82 -7.31
CA THR C 236 -36.60 -4.61 -6.20
C THR C 236 -37.67 -5.63 -6.59
N ARG C 237 -38.38 -5.45 -7.70
CA ARG C 237 -39.42 -6.37 -8.12
C ARG C 237 -39.36 -6.53 -9.63
N PHE C 238 -39.89 -7.64 -10.13
CA PHE C 238 -39.93 -7.85 -11.57
C PHE C 238 -41.14 -8.68 -11.96
N GLN C 239 -41.48 -8.62 -13.25
CA GLN C 239 -42.57 -9.42 -13.81
C GLN C 239 -42.20 -9.80 -15.24
N THR C 240 -42.76 -10.92 -15.70
CA THR C 240 -42.52 -11.40 -17.06
C THR C 240 -43.65 -11.00 -18.01
N LEU C 241 -43.36 -11.12 -19.30
CA LEU C 241 -44.32 -10.82 -20.36
C LEU C 241 -44.48 -12.05 -21.25
N LEU C 242 -45.73 -12.51 -21.40
CA LEU C 242 -46.05 -13.64 -22.25
C LEU C 242 -46.80 -13.18 -23.48
N ALA C 243 -46.64 -13.91 -24.58
CA ALA C 243 -47.23 -13.53 -25.85
C ALA C 243 -48.69 -13.95 -25.84
N LEU C 244 -49.55 -13.01 -25.42
CA LEU C 244 -50.97 -13.26 -25.25
C LEU C 244 -51.70 -13.04 -26.57
N HIS C 245 -52.49 -14.02 -26.97
CA HIS C 245 -53.28 -13.95 -28.20
C HIS C 245 -54.74 -14.24 -27.87
N ARG C 246 -55.63 -13.39 -28.37
CA ARG C 246 -57.06 -13.54 -28.12
C ARG C 246 -57.87 -13.08 -29.33
N GLY C 261 -53.24 -20.94 -24.78
CA GLY C 261 -51.92 -21.53 -24.97
C GLY C 261 -50.92 -21.07 -23.92
N ALA C 262 -51.17 -21.45 -22.66
CA ALA C 262 -50.27 -21.08 -21.59
C ALA C 262 -48.94 -21.82 -21.70
N ALA C 263 -47.89 -21.18 -21.19
CA ALA C 263 -46.56 -21.78 -21.16
C ALA C 263 -46.02 -21.68 -19.74
N ALA C 264 -45.16 -22.65 -19.40
CA ALA C 264 -44.61 -22.75 -18.05
C ALA C 264 -43.25 -22.08 -17.96
N TYR C 265 -42.95 -21.55 -16.79
CA TYR C 265 -41.63 -20.99 -16.53
C TYR C 265 -41.28 -21.20 -15.06
N TYR C 266 -39.98 -21.09 -14.76
CA TYR C 266 -39.44 -21.35 -13.44
C TYR C 266 -38.64 -20.17 -12.97
N VAL C 267 -38.75 -19.85 -11.67
CA VAL C 267 -38.02 -18.74 -11.07
C VAL C 267 -37.29 -19.19 -9.81
N GLY C 268 -35.98 -18.94 -9.76
CA GLY C 268 -35.17 -19.17 -8.59
C GLY C 268 -34.55 -17.87 -8.11
N TYR C 269 -33.97 -17.91 -6.91
CA TYR C 269 -33.38 -16.73 -6.29
C TYR C 269 -31.94 -17.04 -5.89
N LEU C 270 -31.08 -16.04 -6.02
CA LEU C 270 -29.65 -16.20 -5.74
C LEU C 270 -29.31 -15.81 -4.30
N GLN C 271 -28.25 -16.44 -3.79
CA GLN C 271 -27.65 -16.17 -2.49
C GLN C 271 -26.13 -16.13 -2.64
N PRO C 272 -25.42 -15.43 -1.75
CA PRO C 272 -23.96 -15.29 -1.85
C PRO C 272 -23.19 -16.53 -1.40
N ARG C 273 -23.46 -17.66 -2.05
CA ARG C 273 -22.82 -18.92 -1.70
C ARG C 273 -21.59 -19.16 -2.58
N THR C 274 -20.66 -19.96 -2.06
CA THR C 274 -19.41 -20.29 -2.71
C THR C 274 -19.51 -21.58 -3.49
N PHE C 275 -19.05 -21.57 -4.74
CA PHE C 275 -19.09 -22.71 -5.62
C PHE C 275 -17.69 -23.05 -6.09
N LEU C 276 -17.45 -24.34 -6.33
CA LEU C 276 -16.25 -24.81 -7.00
C LEU C 276 -16.59 -25.14 -8.45
N LEU C 277 -15.98 -24.43 -9.38
CA LEU C 277 -16.25 -24.55 -10.81
C LEU C 277 -15.10 -25.30 -11.48
N LYS C 278 -15.42 -26.30 -12.28
CA LYS C 278 -14.42 -27.08 -13.01
C LYS C 278 -14.32 -26.59 -14.44
N TYR C 279 -13.15 -26.06 -14.82
CA TYR C 279 -12.86 -25.65 -16.18
C TYR C 279 -12.10 -26.75 -16.90
N ASN C 280 -12.60 -27.14 -18.06
CA ASN C 280 -12.06 -28.22 -18.87
C ASN C 280 -10.93 -27.68 -19.75
N GLU C 281 -10.34 -28.55 -20.59
CA GLU C 281 -9.25 -28.14 -21.46
C GLU C 281 -9.67 -27.12 -22.51
N ASN C 282 -10.97 -26.97 -22.76
CA ASN C 282 -11.49 -25.99 -23.70
C ASN C 282 -11.87 -24.69 -23.02
N GLY C 283 -11.93 -24.67 -21.69
CA GLY C 283 -12.32 -23.49 -20.95
C GLY C 283 -13.79 -23.36 -20.70
N THR C 284 -14.55 -24.43 -20.85
CA THR C 284 -15.98 -24.46 -20.54
C THR C 284 -16.20 -25.11 -19.19
N ILE C 285 -17.07 -24.51 -18.39
CA ILE C 285 -17.42 -25.07 -17.09
C ILE C 285 -18.25 -26.34 -17.28
N THR C 286 -17.73 -27.46 -16.81
CA THR C 286 -18.37 -28.75 -17.02
C THR C 286 -18.98 -29.34 -15.76
N ASP C 287 -18.55 -28.89 -14.59
CA ASP C 287 -19.10 -29.38 -13.34
C ASP C 287 -18.90 -28.31 -12.28
N ALA C 288 -19.59 -28.47 -11.16
CA ALA C 288 -19.46 -27.53 -10.06
C ALA C 288 -20.07 -28.17 -8.81
N VAL C 289 -19.54 -27.78 -7.66
CA VAL C 289 -20.04 -28.26 -6.37
C VAL C 289 -20.38 -27.07 -5.47
N ASP C 290 -21.58 -27.11 -4.90
CA ASP C 290 -22.06 -26.08 -3.97
C ASP C 290 -21.51 -26.40 -2.59
N CYS C 291 -20.57 -25.58 -2.11
CA CYS C 291 -19.88 -25.83 -0.85
C CYS C 291 -20.78 -25.84 0.38
N ALA C 292 -22.05 -25.45 0.26
CA ALA C 292 -22.98 -25.53 1.38
C ALA C 292 -24.11 -26.53 1.15
N LEU C 293 -24.02 -27.38 0.13
CA LEU C 293 -25.09 -28.33 -0.13
C LEU C 293 -25.09 -29.46 0.89
N ASP C 294 -23.91 -29.97 1.24
CA ASP C 294 -23.79 -31.15 2.09
C ASP C 294 -22.34 -31.26 2.55
N PRO C 295 -22.09 -32.00 3.64
CA PRO C 295 -20.71 -32.15 4.10
C PRO C 295 -19.75 -32.69 3.07
N LEU C 296 -20.20 -33.58 2.17
CA LEU C 296 -19.28 -34.09 1.16
C LEU C 296 -18.84 -32.98 0.21
N SER C 297 -19.77 -32.13 -0.21
CA SER C 297 -19.41 -31.02 -1.07
C SER C 297 -18.54 -30.01 -0.35
N GLU C 298 -18.78 -29.79 0.94
CA GLU C 298 -17.90 -28.93 1.72
C GLU C 298 -16.49 -29.48 1.75
N THR C 299 -16.35 -30.81 1.88
CA THR C 299 -15.04 -31.44 1.84
C THR C 299 -14.41 -31.26 0.46
N LYS C 300 -15.21 -31.41 -0.59
CA LYS C 300 -14.72 -31.21 -1.95
C LYS C 300 -14.18 -29.81 -2.12
N CYS C 301 -14.89 -28.82 -1.58
CA CYS C 301 -14.50 -27.42 -1.72
C CYS C 301 -13.23 -27.11 -0.93
N THR C 302 -13.14 -27.57 0.31
CA THR C 302 -11.94 -27.28 1.11
C THR C 302 -10.70 -27.90 0.47
N LEU C 303 -10.83 -29.10 -0.09
CA LEU C 303 -9.71 -29.76 -0.74
C LEU C 303 -9.54 -29.34 -2.19
N LYS C 304 -10.41 -28.45 -2.70
CA LYS C 304 -10.34 -27.96 -4.07
C LYS C 304 -10.23 -29.09 -5.08
N SER C 305 -11.05 -30.12 -4.91
CA SER C 305 -11.02 -31.25 -5.81
C SER C 305 -12.37 -31.96 -5.81
N PHE C 306 -12.66 -32.66 -6.90
CA PHE C 306 -13.86 -33.47 -7.02
C PHE C 306 -13.64 -34.91 -6.59
N THR C 307 -12.44 -35.26 -6.16
CA THR C 307 -12.14 -36.58 -5.62
C THR C 307 -11.49 -36.37 -4.26
N VAL C 308 -12.00 -37.07 -3.26
CA VAL C 308 -11.46 -36.99 -1.91
C VAL C 308 -11.01 -38.39 -1.50
N GLU C 309 -9.75 -38.50 -1.10
CA GLU C 309 -9.24 -39.78 -0.65
C GLU C 309 -9.81 -40.12 0.72
N LYS C 310 -9.77 -41.41 1.04
CA LYS C 310 -10.25 -41.88 2.33
C LYS C 310 -9.50 -41.20 3.47
N GLY C 311 -10.24 -40.75 4.46
CA GLY C 311 -9.62 -40.12 5.61
C GLY C 311 -10.58 -39.20 6.32
N ILE C 312 -10.01 -38.42 7.24
CA ILE C 312 -10.73 -37.44 8.04
C ILE C 312 -10.26 -36.06 7.65
N TYR C 313 -11.19 -35.16 7.34
CA TYR C 313 -10.85 -33.82 6.91
C TYR C 313 -11.60 -32.83 7.78
N GLN C 314 -10.95 -31.71 8.10
CA GLN C 314 -11.58 -30.64 8.84
C GLN C 314 -12.05 -29.58 7.85
N THR C 315 -13.35 -29.34 7.81
CA THR C 315 -13.94 -28.48 6.78
C THR C 315 -14.50 -27.17 7.29
N SER C 316 -14.93 -27.10 8.55
CA SER C 316 -15.50 -25.86 9.06
C SER C 316 -15.45 -25.88 10.58
N ASN C 317 -16.14 -24.93 11.19
CA ASN C 317 -16.21 -24.86 12.64
C ASN C 317 -17.64 -24.59 13.08
N PHE C 318 -18.15 -25.45 13.95
CA PHE C 318 -19.49 -25.31 14.50
C PHE C 318 -19.41 -24.40 15.71
N ARG C 319 -20.27 -23.39 15.75
CA ARG C 319 -20.40 -22.52 16.91
C ARG C 319 -21.86 -22.15 17.07
N VAL C 320 -22.43 -22.38 18.25
CA VAL C 320 -23.81 -22.01 18.47
C VAL C 320 -23.90 -20.50 18.61
N GLN C 321 -24.81 -19.93 17.96
CA GLN C 321 -24.94 -18.48 18.01
C GLN C 321 -25.84 -18.07 19.15
N PRO C 322 -25.65 -16.87 19.71
CA PRO C 322 -26.51 -16.42 20.80
C PRO C 322 -27.92 -16.21 20.30
N THR C 323 -28.87 -16.36 21.22
CA THR C 323 -30.29 -16.24 20.88
C THR C 323 -30.86 -14.86 21.17
N GLU C 324 -30.45 -14.23 22.26
CA GLU C 324 -30.95 -12.90 22.57
C GLU C 324 -29.93 -12.16 23.43
N SER C 325 -30.04 -10.83 23.41
CA SER C 325 -29.17 -9.98 24.22
C SER C 325 -29.88 -9.60 25.51
N ILE C 326 -29.12 -9.59 26.60
CA ILE C 326 -29.63 -9.21 27.91
C ILE C 326 -28.72 -8.15 28.51
N VAL C 327 -29.31 -7.06 28.98
CA VAL C 327 -28.59 -5.96 29.62
C VAL C 327 -29.03 -5.90 31.08
N ARG C 328 -28.08 -6.00 32.00
CA ARG C 328 -28.36 -5.95 33.43
C ARG C 328 -27.55 -4.86 34.10
N PHE C 329 -28.22 -4.01 34.85
CA PHE C 329 -27.67 -2.85 35.54
C PHE C 329 -28.28 -2.83 36.92
N PRO C 330 -27.63 -2.17 37.89
CA PRO C 330 -28.27 -1.98 39.19
C PRO C 330 -29.63 -1.31 39.05
N ASN C 331 -30.52 -1.60 40.01
CA ASN C 331 -31.91 -1.23 39.83
C ASN C 331 -32.20 0.16 40.38
N ILE C 332 -33.39 0.36 40.94
CA ILE C 332 -33.78 1.63 41.52
C ILE C 332 -32.80 2.07 42.58
N THR C 333 -32.02 3.09 42.27
CA THR C 333 -31.13 3.80 43.17
C THR C 333 -31.79 5.13 43.53
N ASN C 334 -31.01 6.11 43.96
CA ASN C 334 -31.61 7.41 44.26
C ASN C 334 -32.11 8.05 42.98
N LEU C 335 -33.21 8.76 43.08
CA LEU C 335 -33.82 9.47 41.97
C LEU C 335 -33.53 10.96 42.06
N CYS C 336 -33.28 11.59 40.92
CA CYS C 336 -33.03 13.02 40.93
C CYS C 336 -34.34 13.74 41.23
N PRO C 337 -34.32 14.79 42.03
CA PRO C 337 -35.60 15.45 42.38
C PRO C 337 -36.17 16.32 41.27
N PHE C 338 -36.58 15.69 40.17
CA PHE C 338 -37.27 16.43 39.10
C PHE C 338 -38.64 16.91 39.55
N GLY C 339 -39.30 16.18 40.44
CA GLY C 339 -40.55 16.67 40.99
C GLY C 339 -40.40 17.96 41.77
N GLU C 340 -39.25 18.17 42.40
CA GLU C 340 -39.01 19.39 43.16
C GLU C 340 -38.81 20.62 42.30
N VAL C 341 -38.62 20.48 40.98
CA VAL C 341 -38.49 21.62 40.08
C VAL C 341 -39.74 21.80 39.23
N PHE C 342 -40.25 20.73 38.62
CA PHE C 342 -41.41 20.82 37.75
C PHE C 342 -42.72 20.93 38.52
N ASN C 343 -42.79 20.32 39.70
CA ASN C 343 -43.96 20.38 40.56
C ASN C 343 -43.73 21.29 41.76
N ALA C 344 -43.00 22.37 41.55
CA ALA C 344 -42.66 23.28 42.65
C ALA C 344 -43.88 24.04 43.12
N THR C 345 -43.92 24.32 44.43
CA THR C 345 -45.07 25.00 45.02
C THR C 345 -45.25 26.39 44.43
N ARG C 346 -44.17 27.17 44.36
CA ARG C 346 -44.23 28.51 43.79
C ARG C 346 -42.95 28.77 43.01
N PHE C 347 -43.11 29.27 41.79
CA PHE C 347 -41.99 29.62 40.93
C PHE C 347 -41.59 31.08 41.14
N ALA C 348 -40.30 31.34 40.99
CA ALA C 348 -39.80 32.69 41.15
C ALA C 348 -40.07 33.52 39.90
N SER C 349 -40.01 34.83 40.07
CA SER C 349 -40.12 35.76 38.95
C SER C 349 -38.86 35.73 38.10
N VAL C 350 -39.01 36.11 36.83
CA VAL C 350 -37.87 36.04 35.91
C VAL C 350 -36.77 37.01 36.32
N TYR C 351 -37.11 38.09 37.04
CA TYR C 351 -36.08 39.00 37.52
C TYR C 351 -35.22 38.35 38.59
N ALA C 352 -35.71 37.30 39.24
CA ALA C 352 -34.98 36.59 40.29
C ALA C 352 -35.21 35.10 40.07
N TRP C 353 -34.79 34.62 38.90
CA TRP C 353 -35.01 33.23 38.51
C TRP C 353 -34.23 32.26 39.38
N ASN C 354 -34.83 31.09 39.60
CA ASN C 354 -34.22 30.08 40.46
C ASN C 354 -33.27 29.20 39.64
N ARG C 355 -32.21 28.73 40.31
CA ARG C 355 -31.21 27.88 39.68
C ARG C 355 -30.95 26.68 40.60
N LYS C 356 -31.55 25.54 40.27
CA LYS C 356 -31.34 24.32 41.04
C LYS C 356 -30.31 23.44 40.32
N ARG C 357 -29.29 23.01 41.06
CA ARG C 357 -28.25 22.16 40.50
C ARG C 357 -28.52 20.70 40.84
N ILE C 358 -28.56 19.87 39.81
CA ILE C 358 -28.82 18.43 39.94
C ILE C 358 -27.53 17.69 39.56
N SER C 359 -27.07 16.85 40.50
CA SER C 359 -25.83 16.10 40.36
C SER C 359 -25.87 14.91 41.31
N ASN C 360 -24.95 13.98 41.08
CA ASN C 360 -24.79 12.75 41.88
C ASN C 360 -26.12 12.01 42.04
N CYS C 361 -26.78 11.77 40.91
CA CYS C 361 -28.04 11.05 40.90
C CYS C 361 -28.30 10.57 39.47
N VAL C 362 -29.30 9.71 39.33
CA VAL C 362 -29.73 9.23 38.01
C VAL C 362 -30.97 10.01 37.61
N ALA C 363 -30.88 10.70 36.48
CA ALA C 363 -31.93 11.59 36.02
C ALA C 363 -32.73 10.87 34.95
N ASP C 364 -33.95 10.48 35.29
CA ASP C 364 -34.83 9.77 34.38
C ASP C 364 -35.66 10.79 33.61
N TYR C 365 -35.32 10.99 32.33
CA TYR C 365 -36.00 11.97 31.51
C TYR C 365 -37.16 11.35 30.74
N SER C 366 -37.39 10.05 30.87
CA SER C 366 -38.49 9.42 30.15
C SER C 366 -39.84 9.76 30.76
N VAL C 367 -39.92 9.92 32.08
CA VAL C 367 -41.18 10.26 32.71
C VAL C 367 -41.59 11.68 32.33
N LEU C 368 -40.65 12.62 32.40
CA LEU C 368 -40.94 14.00 32.01
C LEU C 368 -41.19 14.12 30.51
N TYR C 369 -40.50 13.30 29.70
CA TYR C 369 -40.70 13.36 28.26
C TYR C 369 -42.07 12.81 27.87
N ASN C 370 -42.47 11.68 28.46
CA ASN C 370 -43.75 11.07 28.13
C ASN C 370 -44.93 11.79 28.79
N SER C 371 -44.71 12.42 29.94
CA SER C 371 -45.79 13.13 30.62
C SER C 371 -46.36 14.23 29.74
N ALA C 372 -47.69 14.26 29.63
CA ALA C 372 -48.40 15.23 28.81
C ALA C 372 -48.66 16.56 29.53
N SER C 373 -48.20 16.69 30.78
CA SER C 373 -48.50 17.90 31.54
C SER C 373 -47.75 19.12 31.03
N PHE C 374 -46.70 18.94 30.22
CA PHE C 374 -45.94 20.05 29.70
C PHE C 374 -46.56 20.56 28.40
N SER C 375 -46.63 21.89 28.28
CA SER C 375 -47.18 22.50 27.08
C SER C 375 -46.15 22.55 25.95
N THR C 376 -44.88 22.68 26.28
CA THR C 376 -43.80 22.69 25.29
C THR C 376 -42.57 22.02 25.88
N PHE C 377 -41.82 21.34 25.00
CA PHE C 377 -40.58 20.62 25.29
C PHE C 377 -39.70 20.74 24.04
N LYS C 378 -38.95 21.84 23.96
CA LYS C 378 -38.11 22.11 22.80
C LYS C 378 -36.63 22.03 23.15
N CYS C 379 -35.92 21.12 22.49
CA CYS C 379 -34.49 20.92 22.68
C CYS C 379 -33.74 21.36 21.43
N TYR C 380 -32.64 22.08 21.63
CA TYR C 380 -31.73 22.47 20.56
C TYR C 380 -30.41 21.74 20.74
N GLY C 381 -29.86 21.23 19.65
CA GLY C 381 -28.60 20.51 19.72
C GLY C 381 -28.74 19.01 19.76
N VAL C 382 -29.47 18.48 20.74
CA VAL C 382 -29.59 17.05 20.96
C VAL C 382 -31.07 16.66 20.88
N SER C 383 -31.32 15.41 20.45
CA SER C 383 -32.69 14.93 20.36
C SER C 383 -33.21 14.62 21.76
N PRO C 384 -34.48 14.93 22.03
CA PRO C 384 -35.05 14.69 23.36
C PRO C 384 -35.15 13.23 23.77
N THR C 385 -35.07 12.28 22.83
CA THR C 385 -35.28 10.87 23.15
C THR C 385 -34.02 10.11 23.58
N LYS C 386 -32.82 10.66 23.39
CA LYS C 386 -31.61 9.97 23.82
C LYS C 386 -31.07 10.42 25.18
N LEU C 387 -31.66 11.43 25.82
CA LEU C 387 -31.10 11.91 27.08
C LEU C 387 -31.00 10.83 28.16
N ASN C 388 -31.78 9.74 28.04
CA ASN C 388 -31.65 8.65 28.99
C ASN C 388 -30.39 7.82 28.81
N ASP C 389 -29.78 7.86 27.62
CA ASP C 389 -28.59 7.05 27.39
C ASP C 389 -27.30 7.83 27.65
N LEU C 390 -27.25 9.08 27.17
CA LEU C 390 -26.08 9.93 27.35
C LEU C 390 -25.87 10.25 28.83
N CYS C 391 -24.66 10.69 29.16
CA CYS C 391 -24.32 11.14 30.50
C CYS C 391 -23.65 12.50 30.47
N PHE C 392 -23.87 13.26 31.53
CA PHE C 392 -23.46 14.64 31.66
C PHE C 392 -22.73 14.82 32.99
N THR C 393 -21.94 15.88 33.08
CA THR C 393 -21.22 16.11 34.33
C THR C 393 -22.15 16.68 35.39
N ASN C 394 -22.96 17.69 35.02
CA ASN C 394 -23.89 18.33 35.93
C ASN C 394 -25.04 18.92 35.12
N VAL C 395 -26.20 19.08 35.75
CA VAL C 395 -27.33 19.70 35.05
C VAL C 395 -27.89 20.81 35.94
N TYR C 396 -28.23 21.93 35.32
CA TYR C 396 -28.82 23.06 36.02
C TYR C 396 -30.22 23.33 35.49
N ALA C 397 -31.16 23.58 36.39
CA ALA C 397 -32.53 23.90 36.05
C ALA C 397 -32.79 25.36 36.43
N ASP C 398 -32.95 26.20 35.42
CA ASP C 398 -33.30 27.61 35.60
C ASP C 398 -34.81 27.74 35.47
N SER C 399 -35.47 28.10 36.56
CA SER C 399 -36.92 28.12 36.64
C SER C 399 -37.44 29.53 36.84
N PHE C 400 -38.43 29.91 36.03
CA PHE C 400 -39.03 31.24 36.14
C PHE C 400 -40.42 31.20 35.53
N VAL C 401 -41.17 32.28 35.76
CA VAL C 401 -42.53 32.45 35.28
C VAL C 401 -42.57 33.61 34.29
N ILE C 402 -43.21 33.39 33.14
CA ILE C 402 -43.27 34.38 32.07
C ILE C 402 -44.71 34.45 31.56
N ARG C 403 -44.95 35.41 30.67
CA ARG C 403 -46.28 35.60 30.09
C ARG C 403 -46.25 35.36 28.59
N GLY C 404 -47.39 34.88 28.08
CA GLY C 404 -47.48 34.44 26.70
C GLY C 404 -47.02 35.49 25.70
N ASP C 405 -47.33 36.76 25.95
CA ASP C 405 -46.87 37.85 25.09
C ASP C 405 -45.36 37.98 25.06
N GLU C 406 -44.65 37.38 26.03
CA GLU C 406 -43.21 37.52 26.12
C GLU C 406 -42.49 36.18 26.02
N VAL C 407 -43.23 35.08 25.93
CA VAL C 407 -42.63 33.75 25.78
C VAL C 407 -41.76 33.67 24.54
N ARG C 408 -42.06 34.45 23.50
CA ARG C 408 -41.22 34.47 22.31
C ARG C 408 -39.82 34.99 22.59
N GLN C 409 -39.61 35.69 23.70
CA GLN C 409 -38.29 36.23 23.99
C GLN C 409 -37.30 35.15 24.45
N ILE C 410 -37.76 33.93 24.66
CA ILE C 410 -36.90 32.80 25.00
C ILE C 410 -36.34 32.18 23.73
N ALA C 411 -35.21 32.70 23.25
CA ALA C 411 -34.64 32.21 22.00
C ALA C 411 -33.20 32.68 21.80
N PRO C 412 -32.40 31.94 21.05
CA PRO C 412 -31.01 32.35 20.79
C PRO C 412 -30.93 33.66 20.01
N GLY C 413 -29.98 34.51 20.40
CA GLY C 413 -29.72 35.73 19.68
C GLY C 413 -30.81 36.78 19.69
N GLN C 414 -31.45 36.98 20.84
CA GLN C 414 -32.50 37.99 20.95
C GLN C 414 -31.99 39.16 21.77
N THR C 415 -32.56 40.34 21.50
CA THR C 415 -32.20 41.57 22.16
C THR C 415 -33.39 42.15 22.92
N GLY C 416 -33.10 43.04 23.85
CA GLY C 416 -34.13 43.64 24.69
C GLY C 416 -33.74 43.77 26.14
N LYS C 417 -34.59 44.44 26.92
CA LYS C 417 -34.28 44.69 28.34
C LYS C 417 -34.03 43.39 29.08
N ILE C 418 -34.83 42.36 28.79
CA ILE C 418 -34.68 41.08 29.48
C ILE C 418 -33.43 40.36 29.02
N ALA C 419 -33.22 40.27 27.69
CA ALA C 419 -32.07 39.57 27.17
C ALA C 419 -30.76 40.24 27.56
N ASP C 420 -30.77 41.56 27.72
CA ASP C 420 -29.56 42.32 28.04
C ASP C 420 -29.30 42.47 29.53
N TYR C 421 -30.36 42.54 30.36
CA TYR C 421 -30.20 42.77 31.79
C TYR C 421 -30.66 41.62 32.66
N ASN C 422 -31.44 40.68 32.12
CA ASN C 422 -32.02 39.58 32.90
C ASN C 422 -31.44 38.27 32.35
N TYR C 423 -32.06 37.16 32.76
CA TYR C 423 -31.62 35.81 32.38
C TYR C 423 -31.20 35.73 30.92
N LYS C 424 -29.94 35.37 30.69
CA LYS C 424 -29.31 35.36 29.38
C LYS C 424 -28.85 33.94 29.06
N LEU C 425 -29.23 33.45 27.85
CA LEU C 425 -28.78 32.12 27.48
C LEU C 425 -27.41 32.21 26.83
N PRO C 426 -26.55 31.20 27.01
CA PRO C 426 -25.22 31.26 26.40
C PRO C 426 -25.23 31.07 24.90
N ASP C 427 -24.13 31.48 24.29
CA ASP C 427 -23.95 31.42 22.84
C ASP C 427 -23.89 29.99 22.32
N ASP C 428 -23.38 29.06 23.11
CA ASP C 428 -23.15 27.69 22.69
C ASP C 428 -24.33 26.80 23.07
N PHE C 429 -24.11 25.48 23.06
CA PHE C 429 -25.15 24.50 23.30
C PHE C 429 -25.77 24.66 24.69
N THR C 430 -27.09 24.68 24.73
CA THR C 430 -27.87 24.73 25.96
C THR C 430 -28.74 23.47 25.98
N GLY C 431 -29.51 23.27 27.05
CA GLY C 431 -30.29 22.05 27.15
C GLY C 431 -31.65 22.12 26.46
N CYS C 432 -32.72 22.01 27.24
CA CYS C 432 -34.07 22.00 26.72
C CYS C 432 -34.92 23.02 27.46
N VAL C 433 -35.89 23.60 26.76
CA VAL C 433 -36.82 24.55 27.35
C VAL C 433 -38.18 23.88 27.47
N ILE C 434 -38.71 23.86 28.70
CA ILE C 434 -39.96 23.19 29.03
C ILE C 434 -40.90 24.25 29.57
N ALA C 435 -42.16 24.19 29.15
CA ALA C 435 -43.10 25.21 29.61
C ALA C 435 -44.48 24.60 29.75
N TRP C 436 -45.24 25.12 30.70
CA TRP C 436 -46.62 24.68 30.83
C TRP C 436 -47.50 25.78 31.39
N ASN C 437 -48.78 25.74 31.00
CA ASN C 437 -49.77 26.68 31.49
C ASN C 437 -50.12 26.38 32.94
N SER C 438 -50.07 27.39 33.79
CA SER C 438 -50.34 27.24 35.22
C SER C 438 -51.51 28.10 35.68
N ASN C 439 -52.48 28.33 34.80
CA ASN C 439 -53.60 29.19 35.14
C ASN C 439 -54.40 28.68 36.33
N ASN C 440 -54.52 27.35 36.48
CA ASN C 440 -55.30 26.81 37.58
C ASN C 440 -54.62 26.97 38.94
N LEU C 441 -53.30 27.13 38.97
CA LEU C 441 -52.57 27.25 40.23
C LEU C 441 -52.14 28.67 40.56
N ASP C 442 -51.69 29.45 39.57
CA ASP C 442 -51.17 30.78 39.83
C ASP C 442 -52.14 31.89 39.47
N SER C 443 -53.34 31.57 39.00
CA SER C 443 -54.33 32.59 38.68
C SER C 443 -55.74 32.00 38.67
N TYR C 449 -49.55 40.41 40.80
CA TYR C 449 -48.53 41.34 40.31
C TYR C 449 -47.20 41.09 41.02
N ASN C 450 -47.12 39.92 41.68
CA ASN C 450 -45.91 39.51 42.39
C ASN C 450 -44.74 39.27 41.46
N TYR C 451 -45.01 38.99 40.19
CA TYR C 451 -44.00 38.63 39.21
C TYR C 451 -43.61 39.87 38.41
N LEU C 452 -42.32 40.11 38.26
CA LEU C 452 -41.79 41.25 37.54
C LEU C 452 -40.83 40.81 36.44
N TYR C 453 -40.56 41.74 35.52
CA TYR C 453 -39.64 41.52 34.43
C TYR C 453 -38.91 42.82 34.13
N ARG C 454 -37.70 42.70 33.60
CA ARG C 454 -36.90 43.87 33.26
C ARG C 454 -37.28 44.45 31.91
N PRO C 491 -36.14 49.88 36.28
CA PRO C 491 -35.75 48.88 35.27
C PRO C 491 -36.64 47.63 35.31
N LEU C 492 -37.42 47.48 36.37
CA LEU C 492 -38.28 46.33 36.56
C LEU C 492 -39.72 46.69 36.23
N GLN C 493 -40.38 45.84 35.46
CA GLN C 493 -41.78 46.02 35.10
C GLN C 493 -42.58 44.81 35.54
N SER C 494 -43.86 45.03 35.83
CA SER C 494 -44.76 44.01 36.34
C SER C 494 -45.62 43.44 35.22
N TYR C 495 -45.89 42.14 35.30
CA TYR C 495 -46.78 41.50 34.34
C TYR C 495 -48.22 41.68 34.77
N GLY C 496 -49.09 41.95 33.80
CA GLY C 496 -50.48 42.24 34.12
C GLY C 496 -51.29 40.97 34.15
N PHE C 497 -51.02 40.12 35.13
CA PHE C 497 -51.74 38.87 35.33
C PHE C 497 -53.11 39.16 35.92
N GLN C 498 -54.14 39.07 35.09
CA GLN C 498 -55.49 39.32 35.57
C GLN C 498 -56.30 38.04 35.60
N PRO C 499 -57.15 37.86 36.61
CA PRO C 499 -57.89 36.59 36.77
C PRO C 499 -59.06 36.48 35.79
N THR C 500 -58.74 36.48 34.50
CA THR C 500 -59.74 36.34 33.45
C THR C 500 -59.11 35.81 32.17
N VAL C 503 -56.87 34.49 28.25
CA VAL C 503 -56.05 33.29 28.32
C VAL C 503 -54.65 33.57 27.75
N GLY C 504 -54.59 34.45 26.74
CA GLY C 504 -53.33 34.81 26.12
C GLY C 504 -52.33 35.46 27.05
N TYR C 505 -52.80 36.04 28.16
CA TYR C 505 -51.93 36.68 29.13
C TYR C 505 -51.71 35.84 30.39
N GLN C 506 -52.27 34.64 30.45
CA GLN C 506 -52.11 33.80 31.62
C GLN C 506 -50.64 33.44 31.82
N PRO C 507 -50.21 33.22 33.06
CA PRO C 507 -48.79 32.92 33.31
C PRO C 507 -48.43 31.51 32.89
N TYR C 508 -47.19 31.35 32.41
CA TYR C 508 -46.65 30.06 32.04
C TYR C 508 -45.37 29.84 32.81
N ARG C 509 -45.19 28.62 33.29
CA ARG C 509 -43.99 28.23 34.02
C ARG C 509 -42.98 27.64 33.06
N VAL C 510 -41.77 28.22 33.01
CA VAL C 510 -40.72 27.81 32.10
C VAL C 510 -39.50 27.34 32.90
N VAL C 511 -38.99 26.16 32.54
CA VAL C 511 -37.77 25.60 33.13
C VAL C 511 -36.80 25.28 32.00
N VAL C 512 -35.60 25.83 32.08
CA VAL C 512 -34.54 25.60 31.10
C VAL C 512 -33.51 24.67 31.73
N LEU C 513 -33.25 23.53 31.07
CA LEU C 513 -32.27 22.56 31.52
C LEU C 513 -30.97 22.78 30.74
N SER C 514 -29.97 23.32 31.42
CA SER C 514 -28.64 23.57 30.87
C SER C 514 -27.71 22.45 31.32
N PHE C 515 -27.02 21.84 30.37
CA PHE C 515 -26.18 20.68 30.67
C PHE C 515 -24.71 21.04 30.60
N GLU C 516 -23.97 20.73 31.66
CA GLU C 516 -22.52 20.90 31.72
C GLU C 516 -21.93 19.52 31.48
N LEU C 517 -21.33 19.32 30.30
CA LEU C 517 -20.77 18.04 29.93
C LEU C 517 -19.24 17.96 29.96
N LEU C 518 -18.52 19.07 30.11
CA LEU C 518 -17.06 19.02 30.22
C LEU C 518 -16.53 19.82 31.39
N HIS C 519 -17.32 19.96 32.45
CA HIS C 519 -16.87 20.71 33.62
C HIS C 519 -16.03 19.86 34.57
N ALA C 520 -16.23 18.54 34.55
CA ALA C 520 -15.66 17.63 35.54
C ALA C 520 -15.84 16.19 35.07
N PRO C 521 -15.31 15.18 35.77
CA PRO C 521 -15.66 13.80 35.43
C PRO C 521 -17.17 13.58 35.55
N ALA C 522 -17.72 12.85 34.58
CA ALA C 522 -19.17 12.69 34.51
C ALA C 522 -19.68 11.77 35.59
N THR C 523 -20.81 12.14 36.19
CA THR C 523 -21.36 11.43 37.35
C THR C 523 -22.83 11.08 37.25
N VAL C 524 -23.60 11.70 36.36
CA VAL C 524 -25.03 11.44 36.23
C VAL C 524 -25.32 10.77 34.90
N CYS C 525 -26.18 9.75 34.93
CA CYS C 525 -26.53 8.93 33.79
C CYS C 525 -27.98 8.49 33.94
N GLY C 526 -28.63 8.22 32.82
CA GLY C 526 -30.01 7.81 32.85
C GLY C 526 -30.23 6.40 33.35
N PRO C 527 -31.50 6.05 33.57
CA PRO C 527 -31.84 4.73 34.10
C PRO C 527 -31.87 3.62 33.06
N LYS C 528 -30.75 2.97 32.79
CA LYS C 528 -30.75 1.89 31.81
C LYS C 528 -31.66 0.78 32.30
N LYS C 529 -32.56 0.33 31.41
CA LYS C 529 -33.54 -0.67 31.78
C LYS C 529 -32.93 -2.06 31.90
N SER C 530 -33.44 -2.83 32.86
CA SER C 530 -33.00 -4.19 33.12
C SER C 530 -33.75 -5.17 32.24
N THR C 531 -33.19 -6.37 32.13
CA THR C 531 -33.79 -7.43 31.32
C THR C 531 -33.88 -8.67 32.21
N ASN C 532 -34.61 -9.68 31.75
CA ASN C 532 -34.63 -10.92 32.51
C ASN C 532 -33.34 -11.70 32.25
N LEU C 533 -33.03 -12.60 33.18
CA LEU C 533 -31.84 -13.44 33.08
C LEU C 533 -32.24 -14.84 32.63
N VAL C 534 -31.47 -15.39 31.70
CA VAL C 534 -31.72 -16.72 31.17
C VAL C 534 -30.56 -17.65 31.55
N LYS C 535 -30.91 -18.82 32.04
CA LYS C 535 -29.95 -19.82 32.49
C LYS C 535 -29.68 -20.87 31.41
N ASN C 536 -28.45 -21.36 31.38
CA ASN C 536 -28.04 -22.52 30.59
C ASN C 536 -28.34 -22.37 29.10
N LYS C 537 -28.36 -21.15 28.58
CA LYS C 537 -28.55 -20.95 27.15
C LYS C 537 -27.59 -19.88 26.66
N CYS C 538 -27.18 -19.99 25.40
CA CYS C 538 -26.23 -19.05 24.84
C CYS C 538 -26.90 -17.70 24.68
N VAL C 539 -26.40 -16.70 25.41
CA VAL C 539 -26.97 -15.37 25.45
C VAL C 539 -25.86 -14.36 25.25
N ASN C 540 -26.20 -13.19 24.73
CA ASN C 540 -25.26 -12.08 24.60
C ASN C 540 -25.53 -11.11 25.74
N PHE C 541 -24.68 -11.14 26.76
CA PHE C 541 -24.92 -10.38 27.97
C PHE C 541 -24.11 -9.08 28.02
N ASN C 542 -24.63 -8.16 28.83
CA ASN C 542 -24.00 -6.88 29.14
C ASN C 542 -24.29 -6.60 30.62
N PHE C 543 -23.31 -6.86 31.47
CA PHE C 543 -23.40 -6.65 32.91
C PHE C 543 -22.61 -5.41 33.30
N ASN C 544 -23.33 -4.34 33.61
CA ASN C 544 -22.74 -3.08 34.06
C ASN C 544 -21.62 -2.59 33.14
N GLY C 545 -21.85 -2.73 31.82
CA GLY C 545 -20.88 -2.33 30.83
C GLY C 545 -19.94 -3.42 30.35
N LEU C 546 -19.90 -4.57 31.02
CA LEU C 546 -19.09 -5.69 30.58
C LEU C 546 -19.88 -6.52 29.58
N THR C 547 -19.36 -6.66 28.37
CA THR C 547 -20.10 -7.31 27.29
C THR C 547 -19.47 -8.67 26.99
N GLY C 548 -20.28 -9.55 26.42
CA GLY C 548 -19.77 -10.85 26.05
C GLY C 548 -20.89 -11.78 25.65
N THR C 549 -20.48 -12.98 25.25
CA THR C 549 -21.41 -14.03 24.85
C THR C 549 -21.08 -15.29 25.63
N GLY C 550 -22.13 -15.96 26.12
CA GLY C 550 -21.90 -17.17 26.88
C GLY C 550 -23.18 -17.66 27.51
N VAL C 551 -23.07 -18.80 28.17
CA VAL C 551 -24.17 -19.38 28.94
C VAL C 551 -23.98 -19.02 30.41
N LEU C 552 -25.03 -18.50 31.02
CA LEU C 552 -25.01 -18.05 32.40
C LEU C 552 -25.58 -19.16 33.28
N THR C 553 -24.80 -19.62 34.24
CA THR C 553 -25.18 -20.74 35.08
C THR C 553 -25.02 -20.39 36.55
N GLU C 554 -25.60 -21.21 37.41
CA GLU C 554 -25.44 -21.05 38.85
C GLU C 554 -23.99 -21.33 39.24
N SER C 555 -23.55 -20.70 40.33
CA SER C 555 -22.17 -20.86 40.76
C SER C 555 -22.12 -20.99 42.28
N ASN C 556 -21.00 -21.53 42.76
CA ASN C 556 -20.77 -21.71 44.19
C ASN C 556 -19.53 -20.96 44.67
N LYS C 557 -19.08 -19.95 43.94
CA LYS C 557 -17.91 -19.19 44.33
C LYS C 557 -18.34 -18.04 45.23
N LYS C 558 -17.85 -18.04 46.47
CA LYS C 558 -18.27 -17.05 47.47
C LYS C 558 -17.56 -15.72 47.21
N PHE C 559 -18.19 -14.89 46.37
CA PHE C 559 -17.67 -13.58 46.06
C PHE C 559 -17.78 -12.69 47.29
N LEU C 560 -16.80 -11.82 47.48
CA LEU C 560 -16.90 -10.89 48.59
C LEU C 560 -17.85 -9.74 48.24
N PRO C 561 -18.44 -9.08 49.25
CA PRO C 561 -19.38 -7.98 48.99
C PRO C 561 -18.89 -6.85 48.11
N PHE C 562 -17.59 -6.64 48.02
CA PHE C 562 -17.08 -5.51 47.25
C PHE C 562 -16.70 -5.87 45.82
N GLN C 563 -16.59 -7.16 45.51
CA GLN C 563 -16.21 -7.61 44.18
C GLN C 563 -17.44 -7.83 43.31
N GLN C 564 -17.34 -7.42 42.04
CA GLN C 564 -18.47 -7.51 41.11
C GLN C 564 -18.37 -8.67 40.14
N PHE C 565 -17.19 -8.94 39.59
CA PHE C 565 -17.03 -10.06 38.66
C PHE C 565 -15.73 -10.77 38.96
N GLY C 566 -15.67 -12.05 38.61
CA GLY C 566 -14.48 -12.85 38.81
C GLY C 566 -13.74 -13.19 37.53
N ARG C 567 -12.43 -13.35 37.67
CA ARG C 567 -11.54 -13.58 36.55
C ARG C 567 -10.83 -14.91 36.73
N ASP C 568 -10.60 -15.60 35.63
CA ASP C 568 -9.84 -16.82 35.59
C ASP C 568 -8.45 -16.54 35.03
N ILE C 569 -7.55 -17.49 35.24
CA ILE C 569 -6.18 -17.42 34.76
C ILE C 569 -6.11 -16.92 33.32
N ALA C 570 -5.10 -16.09 33.04
CA ALA C 570 -4.83 -15.53 31.72
C ALA C 570 -5.96 -14.64 31.21
N ASP C 571 -6.40 -13.70 32.05
CA ASP C 571 -7.21 -12.55 31.65
C ASP C 571 -8.49 -12.94 30.91
N THR C 572 -9.39 -13.59 31.64
CA THR C 572 -10.69 -13.96 31.07
C THR C 572 -11.73 -13.92 32.18
N THR C 573 -12.98 -13.66 31.80
CA THR C 573 -14.06 -13.60 32.77
C THR C 573 -14.53 -15.02 33.08
N ASP C 574 -14.59 -15.37 34.35
CA ASP C 574 -15.14 -16.65 34.77
C ASP C 574 -16.53 -16.51 35.38
N ALA C 575 -16.76 -15.46 36.15
CA ALA C 575 -18.04 -15.28 36.83
C ALA C 575 -18.26 -13.81 37.08
N VAL C 576 -19.51 -13.48 37.42
CA VAL C 576 -19.95 -12.11 37.67
C VAL C 576 -21.11 -12.21 38.65
N ARG C 577 -21.39 -11.11 39.35
CA ARG C 577 -22.57 -11.08 40.20
C ARG C 577 -23.64 -10.25 39.49
N ASP C 578 -24.84 -10.79 39.41
CA ASP C 578 -25.88 -10.07 38.72
C ASP C 578 -26.37 -8.94 39.62
N PRO C 579 -26.94 -7.88 39.05
CA PRO C 579 -27.60 -6.88 39.87
C PRO C 579 -29.02 -7.31 40.26
N GLN C 580 -29.60 -6.54 41.16
CA GLN C 580 -30.97 -6.73 41.65
C GLN C 580 -31.10 -7.96 42.54
N THR C 581 -30.37 -9.02 42.23
CA THR C 581 -30.51 -10.26 42.97
C THR C 581 -29.22 -10.70 43.68
N LEU C 582 -28.12 -10.00 43.46
CA LEU C 582 -26.85 -10.24 44.15
C LEU C 582 -26.33 -11.66 43.95
N GLU C 583 -26.97 -12.44 43.09
CA GLU C 583 -26.56 -13.82 42.86
C GLU C 583 -25.28 -13.84 42.03
N ILE C 584 -24.58 -14.96 42.08
CA ILE C 584 -23.28 -15.13 41.43
C ILE C 584 -23.48 -16.08 40.24
N LEU C 585 -23.35 -15.54 39.03
CA LEU C 585 -23.52 -16.31 37.81
C LEU C 585 -22.16 -16.61 37.18
N ASP C 586 -21.94 -17.89 36.90
CA ASP C 586 -20.77 -18.34 36.16
C ASP C 586 -21.02 -18.17 34.67
N ILE C 587 -20.00 -17.77 33.93
CA ILE C 587 -20.10 -17.52 32.49
C ILE C 587 -19.26 -18.56 31.75
N THR C 588 -19.92 -19.44 31.00
CA THR C 588 -19.23 -20.48 30.26
C THR C 588 -19.36 -20.17 28.78
N PRO C 589 -18.25 -20.05 28.04
CA PRO C 589 -18.35 -19.76 26.60
C PRO C 589 -19.24 -20.75 25.88
N CYS C 590 -20.01 -20.25 24.91
CA CYS C 590 -20.93 -21.11 24.19
C CYS C 590 -20.16 -22.17 23.42
N SER C 591 -20.73 -23.37 23.37
CA SER C 591 -20.10 -24.52 22.75
C SER C 591 -19.66 -24.26 21.31
N PHE C 592 -18.43 -24.65 21.00
CA PHE C 592 -17.89 -24.51 19.66
C PHE C 592 -16.84 -25.59 19.47
N GLY C 593 -16.49 -25.82 18.21
CA GLY C 593 -15.46 -26.79 17.91
C GLY C 593 -15.39 -27.05 16.43
N GLY C 594 -14.30 -27.69 16.03
CA GLY C 594 -14.12 -28.03 14.63
C GLY C 594 -15.08 -29.11 14.17
N VAL C 595 -15.34 -29.13 12.87
CA VAL C 595 -16.18 -30.13 12.25
C VAL C 595 -15.31 -30.94 11.30
N SER C 596 -15.32 -32.25 11.47
CA SER C 596 -14.54 -33.16 10.64
C SER C 596 -15.47 -34.04 9.83
N VAL C 597 -15.06 -34.37 8.62
CA VAL C 597 -15.86 -35.20 7.71
C VAL C 597 -15.14 -36.53 7.51
N ILE C 598 -15.86 -37.62 7.75
CA ILE C 598 -15.36 -38.97 7.56
C ILE C 598 -15.93 -39.45 6.23
N THR C 599 -15.03 -39.84 5.31
CA THR C 599 -15.49 -40.32 4.02
C THR C 599 -14.66 -41.52 3.56
N PRO C 600 -15.31 -42.53 2.98
CA PRO C 600 -14.55 -43.64 2.42
C PRO C 600 -13.79 -43.27 1.16
N GLY C 601 -14.36 -42.39 0.35
CA GLY C 601 -13.73 -41.89 -0.85
C GLY C 601 -14.78 -41.82 -1.94
N THR C 602 -14.65 -40.81 -2.80
CA THR C 602 -15.65 -40.64 -3.85
C THR C 602 -15.60 -41.76 -4.89
N ASN C 603 -14.57 -42.60 -4.86
CA ASN C 603 -14.50 -43.75 -5.75
C ASN C 603 -15.15 -44.98 -5.14
N THR C 604 -15.66 -44.87 -3.91
CA THR C 604 -16.28 -45.97 -3.20
C THR C 604 -17.72 -45.67 -2.81
N SER C 605 -17.96 -44.55 -2.14
CA SER C 605 -19.31 -44.18 -1.74
C SER C 605 -19.34 -42.70 -1.43
N ASN C 606 -20.51 -42.10 -1.60
CA ASN C 606 -20.73 -40.69 -1.26
C ASN C 606 -21.31 -40.53 0.12
N GLN C 607 -21.28 -41.59 0.93
CA GLN C 607 -21.77 -41.51 2.31
C GLN C 607 -20.72 -40.87 3.19
N VAL C 608 -21.15 -39.97 4.08
CA VAL C 608 -20.23 -39.19 4.89
C VAL C 608 -20.73 -39.18 6.33
N ALA C 609 -19.79 -39.01 7.24
CA ALA C 609 -20.07 -38.87 8.66
C ALA C 609 -19.49 -37.54 9.14
N VAL C 610 -20.12 -36.94 10.14
CA VAL C 610 -19.69 -35.64 10.64
C VAL C 610 -19.30 -35.82 12.10
N LEU C 611 -18.11 -35.34 12.44
CA LEU C 611 -17.60 -35.38 13.80
C LEU C 611 -17.56 -33.97 14.37
N TYR C 612 -18.24 -33.78 15.50
CA TYR C 612 -18.20 -32.54 16.25
C TYR C 612 -17.17 -32.78 17.35
N GLN C 613 -16.02 -32.11 17.26
CA GLN C 613 -14.87 -32.47 18.08
C GLN C 613 -15.00 -32.10 19.56
N ASP C 614 -15.35 -30.87 19.89
CA ASP C 614 -15.45 -30.58 21.33
C ASP C 614 -16.79 -30.01 21.71
N VAL C 615 -17.85 -30.50 21.08
CA VAL C 615 -19.20 -30.08 21.42
C VAL C 615 -20.01 -31.36 21.53
N ASN C 616 -21.02 -31.35 22.38
CA ASN C 616 -21.89 -32.50 22.45
C ASN C 616 -22.99 -32.31 21.42
N CYS C 617 -23.50 -33.41 20.92
CA CYS C 617 -24.58 -33.36 19.93
C CYS C 617 -25.95 -33.39 20.59
N THR C 618 -26.16 -32.34 21.37
CA THR C 618 -27.43 -32.05 22.03
C THR C 618 -27.82 -30.62 21.72
N GLU C 619 -27.13 -29.99 20.76
CA GLU C 619 -27.44 -28.66 20.28
C GLU C 619 -27.30 -28.72 18.76
N VAL C 620 -28.43 -28.63 18.06
CA VAL C 620 -28.43 -28.67 16.60
C VAL C 620 -27.71 -27.46 16.02
N SER C 640 -27.15 -41.41 10.28
CA SER C 640 -28.39 -41.49 11.04
C SER C 640 -28.11 -41.71 12.53
N ASN C 641 -27.21 -42.64 12.82
CA ASN C 641 -26.88 -42.95 14.19
C ASN C 641 -26.02 -41.86 14.81
N VAL C 642 -26.11 -41.73 16.13
CA VAL C 642 -25.34 -40.77 16.91
C VAL C 642 -24.52 -41.53 17.94
N PHE C 643 -23.19 -41.35 17.89
CA PHE C 643 -22.29 -42.03 18.82
C PHE C 643 -21.43 -40.98 19.52
N GLN C 644 -21.55 -40.90 20.84
CA GLN C 644 -20.78 -39.96 21.64
C GLN C 644 -19.45 -40.58 22.01
N THR C 645 -18.35 -39.90 21.68
CA THR C 645 -17.01 -40.38 21.96
C THR C 645 -16.24 -39.31 22.72
N ARG C 646 -15.07 -39.70 23.22
CA ARG C 646 -14.22 -38.76 23.93
C ARG C 646 -13.59 -37.76 22.98
N ALA C 647 -13.67 -38.03 21.68
CA ALA C 647 -13.22 -37.11 20.66
C ALA C 647 -14.32 -36.17 20.19
N GLY C 648 -15.57 -36.43 20.58
CA GLY C 648 -16.69 -35.62 20.15
C GLY C 648 -17.85 -36.51 19.75
N CYS C 649 -18.88 -35.90 19.20
CA CYS C 649 -20.07 -36.65 18.79
C CYS C 649 -19.98 -36.92 17.31
N LEU C 650 -19.98 -38.19 16.93
CA LEU C 650 -19.94 -38.61 15.54
C LEU C 650 -21.36 -38.94 15.09
N ILE C 651 -21.81 -38.29 14.04
CA ILE C 651 -23.14 -38.48 13.47
C ILE C 651 -22.99 -39.08 12.09
N GLY C 652 -23.72 -40.15 11.83
CA GLY C 652 -23.73 -40.80 10.54
C GLY C 652 -23.05 -42.15 10.53
N ALA C 653 -22.24 -42.44 11.54
CA ALA C 653 -21.58 -43.74 11.66
C ALA C 653 -22.28 -44.60 12.70
N GLU C 654 -22.47 -45.87 12.37
CA GLU C 654 -23.04 -46.82 13.30
C GLU C 654 -21.97 -47.34 14.25
N HIS C 655 -22.28 -47.38 15.53
CA HIS C 655 -21.36 -47.92 16.52
C HIS C 655 -21.47 -49.44 16.54
N VAL C 656 -20.36 -50.14 16.29
CA VAL C 656 -20.33 -51.59 16.28
C VAL C 656 -19.50 -52.06 17.46
N ASN C 657 -20.00 -53.06 18.18
CA ASN C 657 -19.34 -53.54 19.39
C ASN C 657 -18.04 -54.26 19.08
N ASN C 658 -17.96 -54.96 17.95
CA ASN C 658 -16.76 -55.73 17.62
C ASN C 658 -15.64 -54.80 17.14
N SER C 659 -14.43 -55.08 17.62
CA SER C 659 -13.26 -54.28 17.28
C SER C 659 -12.63 -54.77 15.98
N TYR C 660 -11.95 -53.85 15.30
CA TYR C 660 -11.28 -54.13 14.03
C TYR C 660 -10.01 -53.31 13.98
N GLU C 661 -9.21 -53.56 12.95
CA GLU C 661 -7.99 -52.78 12.78
C GLU C 661 -8.38 -51.36 12.38
N CYS C 662 -7.65 -50.38 12.90
CA CYS C 662 -8.04 -48.99 12.68
C CYS C 662 -7.86 -48.64 11.21
N ASP C 663 -8.85 -47.95 10.64
CA ASP C 663 -8.77 -47.50 9.25
C ASP C 663 -8.72 -45.97 9.18
N ILE C 664 -9.80 -45.29 9.48
CA ILE C 664 -9.86 -43.83 9.50
C ILE C 664 -9.80 -43.40 10.97
N PRO C 665 -8.71 -42.80 11.43
CA PRO C 665 -8.64 -42.43 12.85
C PRO C 665 -9.54 -41.25 13.16
N ILE C 666 -10.23 -41.35 14.29
CA ILE C 666 -11.06 -40.28 14.81
C ILE C 666 -10.43 -39.66 16.06
N GLY C 667 -10.01 -40.49 16.99
CA GLY C 667 -9.42 -40.04 18.24
C GLY C 667 -9.95 -40.83 19.41
N ALA C 668 -9.21 -40.81 20.51
CA ALA C 668 -9.55 -41.52 21.73
C ALA C 668 -9.76 -43.01 21.48
N GLY C 669 -8.98 -43.57 20.57
CA GLY C 669 -9.03 -45.00 20.32
C GLY C 669 -10.09 -45.46 19.33
N ILE C 670 -10.93 -44.55 18.84
CA ILE C 670 -12.03 -44.92 17.95
C ILE C 670 -11.65 -44.59 16.51
N CYS C 671 -11.90 -45.54 15.62
CA CYS C 671 -11.68 -45.40 14.19
C CYS C 671 -12.92 -45.82 13.44
N ALA C 672 -12.97 -45.45 12.16
CA ALA C 672 -14.15 -45.69 11.35
C ALA C 672 -13.85 -45.66 9.86
N VAL C 684 -15.73 -47.89 6.21
CA VAL C 684 -16.92 -48.39 5.54
C VAL C 684 -16.89 -49.92 5.50
N ALA C 685 -18.04 -50.53 5.77
CA ALA C 685 -18.16 -51.97 5.81
C ALA C 685 -19.63 -52.32 5.90
N SER C 686 -20.00 -53.46 5.29
CA SER C 686 -21.38 -53.92 5.23
C SER C 686 -22.30 -52.85 4.64
N GLN C 687 -21.82 -52.19 3.58
CA GLN C 687 -22.54 -51.17 2.81
C GLN C 687 -22.86 -49.90 3.59
N SER C 688 -22.19 -49.65 4.71
CA SER C 688 -22.49 -48.44 5.49
C SER C 688 -21.26 -48.08 6.32
N ILE C 689 -21.28 -46.86 6.86
CA ILE C 689 -20.19 -46.36 7.69
C ILE C 689 -20.37 -46.90 9.10
N ILE C 690 -19.31 -47.46 9.67
CA ILE C 690 -19.34 -48.00 11.03
C ILE C 690 -18.24 -47.34 11.83
N ALA C 691 -18.43 -47.29 13.14
CA ALA C 691 -17.46 -46.71 14.07
C ALA C 691 -17.19 -47.74 15.16
N TYR C 692 -15.93 -47.85 15.57
CA TYR C 692 -15.54 -48.91 16.48
C TYR C 692 -14.28 -48.52 17.22
N THR C 693 -14.01 -49.23 18.31
CA THR C 693 -12.76 -49.08 19.04
C THR C 693 -11.69 -49.88 18.31
N MET C 694 -10.52 -49.26 18.12
CA MET C 694 -9.47 -49.90 17.34
C MET C 694 -8.95 -51.13 18.06
N SER C 695 -8.65 -52.16 17.28
CA SER C 695 -7.88 -53.30 17.78
C SER C 695 -6.40 -52.98 17.65
N LEU C 696 -5.63 -53.47 18.59
CA LEU C 696 -4.19 -53.23 18.60
C LEU C 696 -3.42 -54.34 17.91
N GLY C 697 -4.13 -55.33 17.37
CA GLY C 697 -3.52 -56.49 16.74
C GLY C 697 -4.13 -57.77 17.26
N ALA C 698 -3.80 -58.85 16.57
CA ALA C 698 -4.33 -60.14 16.98
C ALA C 698 -3.76 -60.51 18.34
N GLU C 699 -4.57 -61.19 19.14
CA GLU C 699 -4.14 -61.61 20.46
C GLU C 699 -3.40 -62.92 20.30
N ASN C 700 -2.22 -63.02 20.91
CA ASN C 700 -1.40 -64.21 20.72
C ASN C 700 -0.58 -64.48 21.98
N SER C 701 -1.03 -65.44 22.77
CA SER C 701 -0.24 -65.87 23.92
C SER C 701 0.90 -66.74 23.41
N VAL C 702 2.01 -66.73 24.13
CA VAL C 702 3.16 -67.54 23.78
C VAL C 702 3.18 -68.74 24.71
N ALA C 703 3.40 -69.93 24.16
CA ALA C 703 3.36 -71.15 24.96
C ALA C 703 4.63 -71.25 25.79
N TYR C 704 4.74 -70.31 26.73
CA TYR C 704 5.91 -70.23 27.58
C TYR C 704 5.92 -71.35 28.61
N SER C 705 7.10 -71.90 28.83
CA SER C 705 7.34 -72.81 29.93
C SER C 705 8.76 -72.56 30.40
N ASN C 706 9.16 -73.27 31.44
CA ASN C 706 10.54 -73.17 31.93
C ASN C 706 11.45 -74.24 31.33
N ASN C 707 11.00 -74.96 30.32
CA ASN C 707 11.76 -76.04 29.72
C ASN C 707 11.22 -76.30 28.32
N SER C 708 10.97 -75.25 27.54
CA SER C 708 10.52 -75.41 26.17
C SER C 708 11.04 -74.27 25.30
N ILE C 709 11.62 -74.61 24.16
CA ILE C 709 12.16 -73.62 23.24
C ILE C 709 11.57 -73.91 21.87
N ALA C 710 11.21 -72.87 21.14
CA ALA C 710 10.75 -73.03 19.78
C ALA C 710 11.88 -72.60 18.86
N ILE C 711 12.28 -73.50 17.95
CA ILE C 711 13.35 -73.23 17.00
C ILE C 711 12.78 -73.37 15.60
N PRO C 712 13.00 -72.39 14.73
CA PRO C 712 12.52 -72.51 13.35
C PRO C 712 13.25 -73.60 12.61
N THR C 713 12.50 -74.38 11.84
CA THR C 713 13.12 -75.45 11.08
C THR C 713 13.36 -75.08 9.64
N ASN C 714 12.74 -73.99 9.15
CA ASN C 714 12.91 -73.56 7.79
C ASN C 714 13.10 -72.05 7.84
N PHE C 715 13.21 -71.40 6.69
CA PHE C 715 13.50 -69.97 6.72
C PHE C 715 13.02 -69.32 5.44
N THR C 716 12.66 -68.04 5.54
CA THR C 716 12.29 -67.29 4.34
C THR C 716 13.08 -66.00 4.28
N ILE C 717 13.57 -65.68 3.09
CA ILE C 717 14.25 -64.43 2.83
C ILE C 717 13.26 -63.46 2.22
N SER C 718 13.09 -62.33 2.88
CA SER C 718 12.15 -61.32 2.44
C SER C 718 12.90 -60.04 2.08
N VAL C 719 12.30 -59.27 1.17
CA VAL C 719 12.84 -57.98 0.77
C VAL C 719 11.78 -56.94 1.01
N THR C 720 12.14 -55.91 1.76
CA THR C 720 11.24 -54.82 2.10
C THR C 720 11.80 -53.55 1.49
N THR C 721 10.95 -52.56 1.29
CA THR C 721 11.37 -51.33 0.68
C THR C 721 11.20 -50.20 1.68
N GLU C 722 12.26 -49.46 1.92
CA GLU C 722 12.20 -48.28 2.76
C GLU C 722 12.51 -47.08 1.88
N ILE C 723 11.62 -46.09 1.91
CA ILE C 723 11.73 -44.93 1.05
C ILE C 723 12.03 -43.72 1.94
N LEU C 724 13.11 -43.01 1.64
CA LEU C 724 13.49 -41.84 2.43
C LEU C 724 13.74 -40.63 1.52
N PRO C 725 13.16 -39.48 1.82
CA PRO C 725 13.53 -38.27 1.10
C PRO C 725 14.95 -37.89 1.44
N VAL C 726 15.65 -37.30 0.47
CA VAL C 726 17.01 -36.82 0.67
C VAL C 726 17.13 -35.32 0.41
N SER C 727 16.44 -34.80 -0.60
CA SER C 727 16.58 -33.40 -0.95
C SER C 727 15.24 -32.87 -1.40
N MET C 728 15.16 -31.55 -1.53
CA MET C 728 13.99 -30.88 -2.08
C MET C 728 14.48 -29.83 -3.07
N THR C 729 13.56 -29.38 -3.91
CA THR C 729 13.90 -28.42 -4.97
C THR C 729 14.58 -27.19 -4.41
N LYS C 730 15.72 -26.84 -5.01
CA LYS C 730 16.53 -25.70 -4.60
C LYS C 730 15.85 -24.42 -5.09
N THR C 731 14.84 -23.99 -4.35
CA THR C 731 14.16 -22.77 -4.71
C THR C 731 14.97 -21.56 -4.28
N SER C 732 14.74 -20.44 -4.98
CA SER C 732 15.36 -19.17 -4.64
C SER C 732 14.38 -18.09 -5.07
N VAL C 733 14.17 -17.11 -4.20
CA VAL C 733 13.26 -16.01 -4.48
C VAL C 733 14.04 -14.70 -4.40
N ASP C 734 13.88 -13.86 -5.40
CA ASP C 734 14.45 -12.52 -5.39
C ASP C 734 13.53 -11.64 -4.57
N CYS C 735 14.00 -11.22 -3.39
CA CYS C 735 13.16 -10.43 -2.49
C CYS C 735 12.66 -9.16 -3.18
N THR C 736 13.51 -8.53 -3.99
CA THR C 736 13.15 -7.26 -4.59
C THR C 736 12.09 -7.44 -5.67
N MET C 737 12.29 -8.39 -6.58
CA MET C 737 11.30 -8.61 -7.63
C MET C 737 10.01 -9.19 -7.07
N TYR C 738 10.10 -10.09 -6.08
CA TYR C 738 8.89 -10.66 -5.51
C TYR C 738 8.06 -9.62 -4.78
N ILE C 739 8.69 -8.88 -3.87
CA ILE C 739 7.92 -7.96 -3.03
C ILE C 739 7.47 -6.76 -3.82
N CYS C 740 8.34 -6.19 -4.63
CA CYS C 740 7.97 -4.92 -5.22
C CYS C 740 7.94 -4.94 -6.74
N GLY C 741 8.87 -5.63 -7.37
CA GLY C 741 8.93 -5.67 -8.83
C GLY C 741 9.63 -4.56 -9.57
N ASP C 742 9.09 -4.25 -10.74
CA ASP C 742 9.57 -3.20 -11.66
C ASP C 742 9.12 -1.80 -11.29
N SER C 743 9.20 -1.38 -10.04
CA SER C 743 8.77 -0.04 -9.65
C SER C 743 9.86 0.62 -8.81
N THR C 744 10.47 1.69 -9.35
CA THR C 744 11.50 2.40 -8.61
C THR C 744 10.90 3.15 -7.42
N GLU C 745 9.71 3.73 -7.59
CA GLU C 745 9.07 4.44 -6.49
C GLU C 745 8.85 3.49 -5.32
N CYS C 746 8.44 2.27 -5.66
CA CYS C 746 8.30 1.19 -4.69
C CYS C 746 9.66 0.66 -4.20
N SER C 747 10.63 0.55 -5.10
CA SER C 747 11.95 0.04 -4.71
C SER C 747 12.57 0.90 -3.61
N ASN C 748 12.39 2.22 -3.71
CA ASN C 748 12.93 3.11 -2.69
C ASN C 748 12.34 2.84 -1.32
N LEU C 749 11.06 2.47 -1.26
CA LEU C 749 10.47 2.10 0.04
C LEU C 749 10.95 0.73 0.49
N LEU C 750 11.15 -0.20 -0.43
CA LEU C 750 11.67 -1.49 -0.01
C LEU C 750 13.07 -1.34 0.57
N LEU C 751 13.85 -0.40 0.03
CA LEU C 751 15.22 -0.17 0.50
C LEU C 751 15.29 0.35 1.93
N GLN C 752 14.21 0.89 2.48
CA GLN C 752 14.30 1.39 3.86
C GLN C 752 14.21 0.30 4.91
N TYR C 753 14.02 -0.96 4.52
CA TYR C 753 13.94 -2.06 5.47
C TYR C 753 15.28 -2.75 5.67
N GLY C 754 16.35 -2.15 5.18
CA GLY C 754 17.68 -2.69 5.40
C GLY C 754 17.97 -4.01 4.71
N SER C 755 18.48 -4.94 5.50
CA SER C 755 19.03 -6.21 5.06
C SER C 755 18.03 -7.36 4.92
N PHE C 756 16.72 -7.13 5.08
CA PHE C 756 15.79 -8.25 4.98
C PHE C 756 15.93 -9.05 3.69
N CYS C 757 16.17 -8.38 2.57
CA CYS C 757 16.27 -9.15 1.34
C CYS C 757 17.58 -9.92 1.27
N THR C 758 18.65 -9.36 1.82
CA THR C 758 19.90 -10.10 1.77
C THR C 758 19.90 -11.25 2.76
N GLN C 759 19.21 -11.12 3.89
CA GLN C 759 19.13 -12.24 4.81
C GLN C 759 18.17 -13.31 4.33
N LEU C 760 17.18 -12.94 3.51
CA LEU C 760 16.32 -13.99 2.98
C LEU C 760 17.01 -14.72 1.83
N ASN C 761 17.76 -13.99 1.02
CA ASN C 761 18.56 -14.65 0.00
C ASN C 761 19.64 -15.53 0.64
N ARG C 762 20.20 -15.09 1.78
CA ARG C 762 21.15 -15.92 2.49
C ARG C 762 20.51 -17.20 3.00
N ALA C 763 19.32 -17.10 3.59
CA ALA C 763 18.66 -18.31 4.09
C ALA C 763 18.34 -19.27 2.95
N LEU C 764 17.85 -18.74 1.83
CA LEU C 764 17.48 -19.63 0.72
C LEU C 764 18.70 -20.23 0.06
N THR C 765 19.79 -19.48 -0.08
CA THR C 765 21.02 -20.06 -0.60
C THR C 765 21.56 -21.12 0.35
N GLY C 766 21.46 -20.90 1.67
CA GLY C 766 21.89 -21.91 2.62
C GLY C 766 21.13 -23.21 2.42
N ILE C 767 19.82 -23.10 2.21
CA ILE C 767 19.04 -24.33 1.99
C ILE C 767 19.45 -24.99 0.69
N ALA C 768 19.60 -24.18 -0.36
CA ALA C 768 19.97 -24.73 -1.67
C ALA C 768 21.30 -25.47 -1.60
N VAL C 769 22.28 -24.91 -0.88
CA VAL C 769 23.57 -25.58 -0.77
C VAL C 769 23.47 -26.85 0.08
N GLU C 770 22.72 -26.81 1.18
CA GLU C 770 22.62 -28.02 1.97
C GLU C 770 21.90 -29.12 1.22
N GLN C 771 21.04 -28.80 0.24
CA GLN C 771 20.38 -29.88 -0.48
C GLN C 771 21.38 -30.66 -1.33
N ASP C 772 22.38 -29.96 -1.87
CA ASP C 772 23.40 -30.65 -2.66
C ASP C 772 24.35 -31.39 -1.73
N LYS C 773 24.59 -30.83 -0.54
CA LYS C 773 25.36 -31.56 0.47
C LYS C 773 24.63 -32.84 0.88
N ASN C 774 23.32 -32.79 1.02
CA ASN C 774 22.53 -33.97 1.37
C ASN C 774 22.69 -35.05 0.30
N THR C 775 22.52 -34.67 -0.96
CA THR C 775 22.63 -35.66 -2.02
C THR C 775 24.04 -36.23 -2.07
N GLN C 776 25.05 -35.37 -1.91
CA GLN C 776 26.43 -35.84 -1.95
C GLN C 776 26.74 -36.81 -0.81
N GLU C 777 26.28 -36.51 0.40
CA GLU C 777 26.54 -37.39 1.52
C GLU C 777 25.78 -38.70 1.40
N VAL C 778 24.57 -38.68 0.85
CA VAL C 778 23.81 -39.92 0.77
C VAL C 778 24.32 -40.83 -0.34
N PHE C 779 24.60 -40.28 -1.51
CA PHE C 779 24.99 -41.11 -2.65
C PHE C 779 26.49 -41.22 -2.89
N ALA C 780 27.25 -40.14 -2.67
CA ALA C 780 28.68 -40.15 -3.00
C ALA C 780 29.50 -40.73 -1.85
N GLN C 781 29.27 -42.00 -1.57
CA GLN C 781 30.00 -42.70 -0.52
C GLN C 781 31.09 -43.60 -1.05
N VAL C 782 31.30 -43.64 -2.37
CA VAL C 782 32.32 -44.47 -2.99
C VAL C 782 33.31 -43.58 -3.71
N LYS C 783 34.60 -43.80 -3.45
CA LYS C 783 35.63 -43.01 -4.07
C LYS C 783 35.81 -43.36 -5.54
N GLN C 784 35.36 -44.52 -5.96
CA GLN C 784 35.54 -44.98 -7.33
C GLN C 784 34.21 -45.50 -7.87
N ILE C 785 34.09 -45.49 -9.19
CA ILE C 785 32.90 -45.99 -9.87
C ILE C 785 33.17 -47.44 -10.24
N TYR C 786 32.49 -48.35 -9.56
CA TYR C 786 32.61 -49.77 -9.81
C TYR C 786 31.64 -50.18 -10.89
N LYS C 787 31.96 -51.28 -11.57
CA LYS C 787 31.11 -51.74 -12.66
C LYS C 787 30.98 -53.25 -12.59
N THR C 788 29.78 -53.72 -12.87
CA THR C 788 29.46 -55.13 -12.78
C THR C 788 30.06 -55.86 -13.98
N PRO C 789 30.37 -57.15 -13.84
CA PRO C 789 30.91 -57.89 -14.98
C PRO C 789 29.85 -58.13 -16.04
N PRO C 790 30.25 -58.36 -17.28
CA PRO C 790 29.26 -58.61 -18.34
C PRO C 790 28.52 -59.93 -18.20
N ILE C 791 29.07 -60.90 -17.47
CA ILE C 791 28.44 -62.20 -17.30
C ILE C 791 27.84 -62.27 -15.90
N LYS C 792 26.53 -62.48 -15.83
CA LYS C 792 25.80 -62.48 -14.56
C LYS C 792 25.75 -63.89 -13.97
N ASP C 793 26.93 -64.42 -13.64
CA ASP C 793 27.01 -65.73 -13.00
C ASP C 793 27.10 -65.56 -11.49
N PHE C 794 25.97 -65.14 -10.91
CA PHE C 794 25.90 -64.86 -9.48
C PHE C 794 25.30 -66.00 -8.68
N GLY C 795 25.51 -67.24 -9.11
CA GLY C 795 25.03 -68.36 -8.33
C GLY C 795 23.53 -68.55 -8.33
N GLY C 796 22.82 -68.04 -9.32
CA GLY C 796 21.39 -68.13 -9.36
C GLY C 796 20.66 -66.91 -8.87
N PHE C 797 21.39 -65.91 -8.36
CA PHE C 797 20.76 -64.70 -7.86
C PHE C 797 20.57 -63.74 -9.03
N ASN C 798 19.34 -63.27 -9.19
CA ASN C 798 18.93 -62.47 -10.33
C ASN C 798 18.82 -61.00 -9.93
N PHE C 799 19.72 -60.18 -10.46
CA PHE C 799 19.75 -58.76 -10.12
C PHE C 799 19.30 -57.91 -11.29
N SER C 800 18.82 -58.54 -12.38
CA SER C 800 18.42 -57.78 -13.55
C SER C 800 17.37 -56.74 -13.24
N GLN C 801 16.71 -56.84 -12.09
CA GLN C 801 15.68 -55.89 -11.72
C GLN C 801 16.21 -54.73 -10.91
N ILE C 802 17.46 -54.77 -10.48
CA ILE C 802 18.06 -53.66 -9.75
C ILE C 802 19.30 -53.10 -10.44
N LEU C 803 19.92 -53.83 -11.36
CA LEU C 803 21.07 -53.32 -12.11
C LEU C 803 20.61 -52.47 -13.28
N PRO C 804 21.43 -51.51 -13.71
CA PRO C 804 21.02 -50.66 -14.83
C PRO C 804 20.77 -51.49 -16.08
N ASP C 805 19.81 -51.03 -16.88
CA ASP C 805 19.45 -51.69 -18.11
C ASP C 805 20.18 -50.98 -19.24
N PRO C 806 21.18 -51.61 -19.88
CA PRO C 806 21.94 -50.91 -20.92
C PRO C 806 21.10 -50.50 -22.12
N SER C 807 19.91 -51.07 -22.29
CA SER C 807 19.10 -50.75 -23.46
C SER C 807 18.26 -49.49 -23.27
N LYS C 808 18.23 -48.94 -22.09
CA LYS C 808 17.39 -47.78 -21.82
C LYS C 808 18.13 -46.48 -22.09
N PRO C 809 17.40 -45.44 -22.49
CA PRO C 809 18.03 -44.14 -22.78
C PRO C 809 18.77 -43.47 -21.62
N SER C 810 18.56 -43.89 -20.36
CA SER C 810 19.27 -43.24 -19.27
C SER C 810 19.98 -44.22 -18.34
N LYS C 811 20.15 -45.46 -18.77
CA LYS C 811 20.74 -46.54 -17.96
C LYS C 811 20.14 -46.55 -16.55
N ARG C 812 18.87 -46.91 -16.50
CA ARG C 812 18.14 -47.09 -15.26
C ARG C 812 17.75 -48.55 -15.09
N SER C 813 17.61 -48.97 -13.85
CA SER C 813 17.13 -50.31 -13.58
C SER C 813 15.60 -50.32 -13.70
N PRO C 814 15.01 -51.50 -13.84
CA PRO C 814 13.53 -51.54 -13.90
C PRO C 814 12.88 -50.88 -12.70
N ILE C 815 13.34 -51.18 -11.49
CA ILE C 815 12.74 -50.61 -10.29
C ILE C 815 12.91 -49.11 -10.28
N GLU C 816 14.11 -48.62 -10.61
CA GLU C 816 14.33 -47.18 -10.58
C GLU C 816 13.51 -46.47 -11.66
N ASP C 817 13.37 -47.10 -12.83
CA ASP C 817 12.50 -46.55 -13.86
C ASP C 817 11.06 -46.49 -13.40
N LEU C 818 10.62 -47.51 -12.66
CA LEU C 818 9.27 -47.49 -12.12
C LEU C 818 9.10 -46.37 -11.09
N LEU C 819 10.12 -46.14 -10.26
CA LEU C 819 10.03 -45.07 -9.27
C LEU C 819 10.01 -43.69 -9.90
N PHE C 820 10.80 -43.47 -10.95
CA PHE C 820 10.74 -42.18 -11.64
C PHE C 820 9.41 -41.99 -12.37
N ASN C 821 8.70 -43.06 -12.69
CA ASN C 821 7.42 -42.98 -13.37
C ASN C 821 6.24 -43.03 -12.41
N LYS C 822 6.48 -43.16 -11.11
CA LYS C 822 5.38 -43.21 -10.15
C LYS C 822 5.18 -41.93 -9.36
N VAL C 823 6.24 -41.18 -9.07
CA VAL C 823 6.11 -39.90 -8.40
C VAL C 823 6.08 -38.80 -9.46
N THR C 824 5.08 -37.95 -9.40
CA THR C 824 4.88 -36.90 -10.39
C THR C 824 5.09 -35.54 -9.73
N LEU C 825 5.76 -34.65 -10.45
CA LEU C 825 6.06 -33.33 -9.92
C LEU C 825 5.13 -32.27 -10.50
N GLN C 850 4.65 -20.69 -12.66
CA GLN C 850 5.11 -21.35 -11.46
C GLN C 850 6.48 -20.81 -11.04
N LYS C 851 7.10 -20.05 -11.93
CA LYS C 851 8.40 -19.44 -11.66
C LYS C 851 8.53 -18.13 -12.43
N PHE C 852 7.49 -17.31 -12.40
CA PHE C 852 7.44 -16.10 -13.21
C PHE C 852 7.45 -14.80 -12.41
N ASN C 853 7.38 -14.84 -11.10
CA ASN C 853 7.33 -13.64 -10.27
C ASN C 853 8.63 -13.42 -9.50
N GLY C 854 9.76 -13.65 -10.14
CA GLY C 854 11.06 -13.47 -9.51
C GLY C 854 11.56 -14.66 -8.74
N LEU C 855 10.80 -15.75 -8.68
CA LEU C 855 11.18 -16.96 -7.99
C LEU C 855 11.60 -17.99 -9.02
N THR C 856 12.80 -18.53 -8.86
CA THR C 856 13.36 -19.54 -9.75
C THR C 856 13.82 -20.74 -8.95
N VAL C 857 14.04 -21.85 -9.65
CA VAL C 857 14.49 -23.08 -9.03
C VAL C 857 15.78 -23.49 -9.72
N LEU C 858 16.77 -23.70 -8.96
CA LEU C 858 18.12 -24.03 -9.39
C LEU C 858 18.23 -25.53 -9.61
N PRO C 859 19.05 -25.96 -10.57
CA PRO C 859 19.20 -27.39 -10.79
C PRO C 859 20.07 -27.99 -9.71
N PRO C 860 19.91 -29.26 -9.40
CA PRO C 860 20.82 -29.90 -8.44
C PRO C 860 22.20 -30.08 -9.06
N LEU C 861 23.19 -30.19 -8.20
CA LEU C 861 24.54 -30.40 -8.69
C LEU C 861 24.70 -31.79 -9.29
N LEU C 862 24.08 -32.78 -8.67
CA LEU C 862 24.11 -34.15 -9.17
C LEU C 862 22.85 -34.39 -10.00
N THR C 863 23.03 -34.63 -11.29
CA THR C 863 21.88 -34.92 -12.13
C THR C 863 21.38 -36.34 -11.89
N ASP C 864 20.16 -36.60 -12.35
CA ASP C 864 19.57 -37.93 -12.15
C ASP C 864 20.42 -39.01 -12.79
N GLU C 865 21.04 -38.72 -13.93
CA GLU C 865 21.95 -39.67 -14.55
C GLU C 865 23.15 -39.94 -13.66
N MET C 866 23.72 -38.90 -13.06
CA MET C 866 24.89 -39.06 -12.21
C MET C 866 24.55 -39.76 -10.91
N ILE C 867 23.37 -39.46 -10.35
CA ILE C 867 22.93 -40.15 -9.14
C ILE C 867 22.70 -41.63 -9.44
N ALA C 868 22.09 -41.92 -10.60
CA ALA C 868 21.91 -43.30 -11.01
C ALA C 868 23.25 -43.99 -11.18
N GLN C 869 24.25 -43.28 -11.70
CA GLN C 869 25.57 -43.87 -11.83
C GLN C 869 26.19 -44.17 -10.47
N TYR C 870 25.96 -43.30 -9.48
CA TYR C 870 26.44 -43.61 -8.13
C TYR C 870 25.74 -44.82 -7.54
N THR C 871 24.43 -44.95 -7.74
CA THR C 871 23.75 -46.13 -7.21
C THR C 871 24.18 -47.38 -7.93
N SER C 872 24.48 -47.27 -9.23
CA SER C 872 25.03 -48.42 -9.96
C SER C 872 26.39 -48.79 -9.41
N ALA C 873 27.23 -47.81 -9.11
CA ALA C 873 28.54 -48.11 -8.53
C ALA C 873 28.40 -48.79 -7.18
N LEU C 874 27.49 -48.31 -6.34
CA LEU C 874 27.30 -48.92 -5.03
C LEU C 874 26.76 -50.33 -5.15
N LEU C 875 25.83 -50.56 -6.07
CA LEU C 875 25.25 -51.87 -6.21
C LEU C 875 26.24 -52.86 -6.81
N ALA C 876 27.01 -52.43 -7.82
CA ALA C 876 28.04 -53.30 -8.37
C ALA C 876 29.10 -53.62 -7.34
N GLY C 877 29.46 -52.64 -6.50
CA GLY C 877 30.43 -52.90 -5.45
C GLY C 877 29.91 -53.91 -4.45
N THR C 878 28.70 -53.71 -3.93
CA THR C 878 28.15 -54.66 -2.97
C THR C 878 27.99 -56.05 -3.58
N ILE C 879 27.63 -56.13 -4.86
CA ILE C 879 27.46 -57.44 -5.50
C ILE C 879 28.79 -58.16 -5.67
N THR C 880 29.83 -57.45 -6.10
CA THR C 880 31.07 -58.11 -6.45
C THR C 880 32.07 -58.22 -5.30
N SER C 881 31.95 -57.39 -4.27
CA SER C 881 32.94 -57.38 -3.20
C SER C 881 32.36 -57.35 -1.79
N GLY C 882 31.04 -57.48 -1.63
CA GLY C 882 30.45 -57.43 -0.31
C GLY C 882 30.63 -56.08 0.35
N TRP C 883 31.10 -56.09 1.59
CA TRP C 883 31.33 -54.86 2.32
C TRP C 883 32.77 -54.40 2.24
N THR C 884 33.62 -55.15 1.56
CA THR C 884 35.05 -54.83 1.55
C THR C 884 35.33 -53.54 0.82
N PHE C 885 34.51 -53.17 -0.16
CA PHE C 885 34.74 -51.92 -0.87
C PHE C 885 34.42 -50.71 -0.01
N GLY C 886 33.64 -50.89 1.05
CA GLY C 886 33.40 -49.78 1.97
C GLY C 886 34.59 -49.49 2.86
N ALA C 887 35.21 -50.52 3.42
CA ALA C 887 36.32 -50.33 4.35
C ALA C 887 37.60 -49.90 3.64
N GLY C 888 37.90 -50.47 2.49
CA GLY C 888 39.09 -50.12 1.76
C GLY C 888 38.97 -50.41 0.28
N PRO C 889 39.86 -51.25 -0.24
CA PRO C 889 39.80 -51.59 -1.66
C PRO C 889 38.77 -52.69 -1.90
N ALA C 890 38.24 -52.70 -3.11
CA ALA C 890 37.20 -53.67 -3.47
C ALA C 890 37.86 -55.02 -3.73
N LEU C 891 37.55 -55.98 -2.87
CA LEU C 891 38.07 -57.33 -2.98
C LEU C 891 36.97 -58.24 -3.52
N GLN C 892 37.16 -58.78 -4.72
CA GLN C 892 36.12 -59.63 -5.28
C GLN C 892 35.95 -60.89 -4.44
N ILE C 893 34.72 -61.35 -4.38
CA ILE C 893 34.35 -62.59 -3.70
C ILE C 893 33.15 -63.15 -4.43
N PRO C 894 33.07 -64.46 -4.66
CA PRO C 894 31.87 -65.01 -5.29
C PRO C 894 30.63 -64.64 -4.49
N PHE C 895 29.56 -64.30 -5.20
CA PHE C 895 28.37 -63.84 -4.49
C PHE C 895 27.77 -64.88 -3.57
N PRO C 896 27.69 -66.17 -3.93
CA PRO C 896 27.18 -67.14 -2.94
C PRO C 896 28.05 -67.20 -1.70
N MET C 897 29.36 -67.05 -1.84
CA MET C 897 30.21 -67.05 -0.66
C MET C 897 30.02 -65.79 0.16
N GLN C 898 29.76 -64.66 -0.50
CA GLN C 898 29.43 -63.43 0.20
C GLN C 898 28.15 -63.60 1.02
N MET C 899 27.11 -64.13 0.40
CA MET C 899 25.86 -64.33 1.12
C MET C 899 26.03 -65.36 2.23
N ALA C 900 26.90 -66.35 2.04
CA ALA C 900 27.17 -67.31 3.10
C ALA C 900 27.81 -66.63 4.30
N TYR C 901 28.71 -65.69 4.06
CA TYR C 901 29.28 -64.95 5.19
C TYR C 901 28.22 -64.06 5.82
N ARG C 902 27.37 -63.42 5.02
CA ARG C 902 26.31 -62.61 5.59
C ARG C 902 25.36 -63.46 6.44
N PHE C 903 25.16 -64.72 6.06
CA PHE C 903 24.40 -65.65 6.89
C PHE C 903 25.15 -65.96 8.18
N ASN C 904 26.46 -66.15 8.08
CA ASN C 904 27.25 -66.41 9.27
C ASN C 904 27.17 -65.22 10.23
N GLY C 905 27.05 -64.02 9.69
CA GLY C 905 26.97 -62.82 10.51
C GLY C 905 25.71 -62.71 11.36
N ILE C 906 24.68 -63.49 11.07
CA ILE C 906 23.44 -63.43 11.83
C ILE C 906 23.22 -64.71 12.64
N GLY C 907 24.26 -65.49 12.86
CA GLY C 907 24.15 -66.66 13.70
C GLY C 907 23.62 -67.89 13.02
N VAL C 908 23.74 -67.98 11.70
CA VAL C 908 23.37 -69.17 10.95
C VAL C 908 24.62 -69.64 10.24
N THR C 909 25.04 -70.85 10.52
CA THR C 909 26.26 -71.37 9.91
C THR C 909 26.14 -71.40 8.41
N GLN C 910 27.24 -71.04 7.74
CA GLN C 910 27.28 -70.90 6.29
C GLN C 910 26.87 -72.16 5.54
N ASN C 911 26.92 -73.33 6.17
CA ASN C 911 26.49 -74.52 5.46
C ASN C 911 25.01 -74.51 5.15
N VAL C 912 24.22 -73.73 5.90
CA VAL C 912 22.80 -73.64 5.63
C VAL C 912 22.55 -73.03 4.26
N LEU C 913 23.33 -72.02 3.89
CA LEU C 913 23.15 -71.43 2.57
C LEU C 913 23.55 -72.42 1.47
N TYR C 914 24.70 -73.06 1.61
CA TYR C 914 25.19 -73.92 0.54
C TYR C 914 24.29 -75.11 0.32
N GLU C 915 23.78 -75.72 1.39
CA GLU C 915 22.85 -76.82 1.20
C GLU C 915 21.51 -76.34 0.64
N ASN C 916 21.12 -75.10 0.91
CA ASN C 916 19.85 -74.56 0.44
C ASN C 916 20.03 -73.46 -0.61
N GLN C 917 21.15 -73.46 -1.33
CA GLN C 917 21.47 -72.36 -2.23
C GLN C 917 20.39 -72.13 -3.28
N LYS C 918 19.84 -73.20 -3.85
CA LYS C 918 18.82 -73.03 -4.88
C LYS C 918 17.55 -72.42 -4.30
N LEU C 919 17.15 -72.87 -3.12
CA LEU C 919 15.95 -72.32 -2.48
C LEU C 919 16.16 -70.85 -2.14
N ILE C 920 17.34 -70.51 -1.60
CA ILE C 920 17.64 -69.13 -1.25
C ILE C 920 17.63 -68.23 -2.48
N ALA C 921 18.25 -68.70 -3.56
CA ALA C 921 18.27 -67.89 -4.78
C ALA C 921 16.86 -67.70 -5.31
N ASN C 922 16.04 -68.74 -5.27
CA ASN C 922 14.67 -68.62 -5.78
C ASN C 922 13.84 -67.68 -4.91
N GLN C 923 14.03 -67.73 -3.59
CA GLN C 923 13.30 -66.84 -2.70
C GLN C 923 13.72 -65.40 -2.91
N PHE C 924 15.02 -65.17 -3.08
CA PHE C 924 15.50 -63.81 -3.33
C PHE C 924 14.94 -63.27 -4.64
N ASN C 925 14.98 -64.08 -5.70
CA ASN C 925 14.45 -63.64 -6.99
C ASN C 925 12.96 -63.39 -6.92
N SER C 926 12.22 -64.23 -6.20
CA SER C 926 10.78 -64.02 -6.09
C SER C 926 10.45 -62.76 -5.30
N ALA C 927 11.17 -62.52 -4.21
CA ALA C 927 10.92 -61.31 -3.44
C ALA C 927 11.24 -60.07 -4.25
N ILE C 928 12.34 -60.09 -5.01
CA ILE C 928 12.68 -58.93 -5.83
C ILE C 928 11.60 -58.72 -6.90
N GLY C 929 11.14 -59.80 -7.51
CA GLY C 929 10.05 -59.66 -8.48
C GLY C 929 8.78 -59.11 -7.85
N LYS C 930 8.50 -59.52 -6.62
CA LYS C 930 7.31 -59.03 -5.92
C LYS C 930 7.41 -57.55 -5.64
N ILE C 931 8.62 -57.03 -5.48
CA ILE C 931 8.79 -55.63 -5.10
C ILE C 931 8.23 -54.71 -6.19
N GLN C 932 8.50 -55.02 -7.46
CA GLN C 932 8.00 -54.18 -8.54
C GLN C 932 6.47 -54.22 -8.60
N ASP C 933 5.88 -55.40 -8.42
CA ASP C 933 4.43 -55.52 -8.45
C ASP C 933 3.81 -54.74 -7.30
N SER C 934 4.46 -54.78 -6.13
CA SER C 934 3.93 -54.06 -4.98
C SER C 934 3.98 -52.56 -5.22
N LEU C 935 5.13 -52.05 -5.68
CA LEU C 935 5.25 -50.62 -5.93
C LEU C 935 4.33 -50.15 -7.05
N SER C 936 4.11 -50.99 -8.06
CA SER C 936 3.21 -50.67 -9.17
C SER C 936 1.74 -50.89 -8.86
N SER C 937 1.40 -51.56 -7.76
CA SER C 937 0.01 -51.89 -7.48
C SER C 937 -0.55 -51.29 -6.20
N THR C 938 0.30 -50.97 -5.23
CA THR C 938 -0.17 -50.39 -3.98
C THR C 938 0.17 -48.90 -3.97
N PRO C 939 -0.78 -48.02 -4.21
CA PRO C 939 -0.48 -46.58 -4.18
C PRO C 939 -0.09 -46.14 -2.78
N SER C 940 0.32 -44.87 -2.69
CA SER C 940 0.76 -44.25 -1.45
C SER C 940 2.09 -44.85 -0.99
N ALA C 941 2.58 -45.89 -1.68
CA ALA C 941 3.86 -46.50 -1.33
C ALA C 941 5.00 -45.49 -1.40
N LEU C 942 4.90 -44.53 -2.32
CA LEU C 942 5.91 -43.49 -2.49
C LEU C 942 5.44 -42.19 -1.85
N GLY C 943 4.53 -42.27 -0.90
CA GLY C 943 4.02 -41.09 -0.24
C GLY C 943 5.07 -40.22 0.43
N LYS C 944 6.13 -40.84 0.95
CA LYS C 944 7.14 -40.03 1.64
C LYS C 944 7.82 -39.02 0.71
N LEU C 945 7.91 -39.33 -0.58
CA LEU C 945 8.46 -38.41 -1.58
C LEU C 945 7.38 -37.59 -2.27
N GLN C 946 6.20 -38.17 -2.48
CA GLN C 946 5.16 -37.39 -3.10
C GLN C 946 4.71 -36.28 -2.17
N ASP C 947 4.73 -36.54 -0.86
CA ASP C 947 4.35 -35.53 0.11
C ASP C 947 5.35 -34.38 0.14
N VAL C 948 6.65 -34.65 0.02
CA VAL C 948 7.61 -33.56 0.00
C VAL C 948 7.47 -32.75 -1.28
N VAL C 949 7.30 -33.42 -2.43
CA VAL C 949 7.12 -32.68 -3.68
C VAL C 949 5.86 -31.83 -3.61
N ASN C 950 4.78 -32.40 -3.08
CA ASN C 950 3.52 -31.67 -2.98
C ASN C 950 3.64 -30.51 -2.02
N GLN C 951 4.33 -30.69 -0.89
CA GLN C 951 4.47 -29.62 0.07
C GLN C 951 5.28 -28.46 -0.50
N ASN C 952 6.31 -28.77 -1.29
CA ASN C 952 7.09 -27.68 -1.87
C ASN C 952 6.30 -26.97 -2.97
N ALA C 953 5.55 -27.72 -3.78
CA ALA C 953 4.71 -27.10 -4.79
C ALA C 953 3.63 -26.25 -4.16
N GLN C 954 3.03 -26.73 -3.07
CA GLN C 954 2.02 -25.97 -2.37
C GLN C 954 2.59 -24.71 -1.74
N ALA C 955 3.80 -24.80 -1.20
CA ALA C 955 4.43 -23.60 -0.63
C ALA C 955 4.68 -22.55 -1.69
N LEU C 956 5.14 -22.97 -2.88
CA LEU C 956 5.37 -21.98 -3.93
C LEU C 956 4.07 -21.43 -4.48
N ASN C 957 3.05 -22.29 -4.61
CA ASN C 957 1.75 -21.83 -5.10
C ASN C 957 1.14 -20.83 -4.13
N THR C 958 1.28 -21.09 -2.84
CA THR C 958 0.78 -20.14 -1.84
C THR C 958 1.56 -18.85 -1.87
N LEU C 959 2.89 -18.94 -1.99
CA LEU C 959 3.70 -17.73 -2.04
C LEU C 959 3.31 -16.85 -3.23
N VAL C 960 3.06 -17.46 -4.39
CA VAL C 960 2.62 -16.68 -5.54
C VAL C 960 1.21 -16.15 -5.33
N LYS C 961 0.31 -16.97 -4.80
CA LYS C 961 -1.07 -16.54 -4.58
C LYS C 961 -1.15 -15.36 -3.62
N GLN C 962 -0.22 -15.26 -2.67
CA GLN C 962 -0.22 -14.13 -1.75
C GLN C 962 -0.03 -12.80 -2.47
N LEU C 963 0.45 -12.82 -3.71
CA LEU C 963 0.59 -11.58 -4.47
C LEU C 963 -0.75 -10.98 -4.86
N SER C 964 -1.82 -11.78 -4.87
CA SER C 964 -3.15 -11.27 -5.17
C SER C 964 -3.85 -10.68 -3.95
N SER C 965 -3.27 -10.79 -2.77
CA SER C 965 -3.89 -10.28 -1.56
C SER C 965 -3.67 -8.79 -1.41
N ASN C 966 -4.61 -8.14 -0.74
CA ASN C 966 -4.55 -6.69 -0.57
C ASN C 966 -3.76 -6.28 0.66
N PHE C 967 -3.81 -7.07 1.73
CA PHE C 967 -3.17 -6.75 3.00
C PHE C 967 -3.64 -5.41 3.54
N GLY C 968 -4.83 -4.98 3.15
CA GLY C 968 -5.39 -3.71 3.56
C GLY C 968 -5.26 -2.60 2.54
N ALA C 969 -4.47 -2.80 1.49
CA ALA C 969 -4.34 -1.78 0.47
C ALA C 969 -5.59 -1.77 -0.39
N ILE C 970 -5.80 -0.66 -1.10
CA ILE C 970 -7.00 -0.54 -1.93
C ILE C 970 -6.96 -1.50 -3.12
N SER C 971 -5.77 -1.93 -3.55
CA SER C 971 -5.68 -2.84 -4.68
C SER C 971 -4.36 -3.59 -4.60
N SER C 972 -4.38 -4.85 -5.00
CA SER C 972 -3.22 -5.73 -4.91
C SER C 972 -2.17 -5.46 -5.98
N VAL C 973 -2.55 -4.85 -7.10
CA VAL C 973 -1.60 -4.58 -8.19
C VAL C 973 -0.98 -3.21 -7.98
N LEU C 974 0.34 -3.19 -7.83
CA LEU C 974 1.05 -1.96 -7.50
C LEU C 974 0.91 -0.91 -8.61
N ASN C 975 0.89 -1.36 -9.86
CA ASN C 975 0.89 -0.39 -10.96
C ASN C 975 -0.41 0.40 -11.05
N ASP C 976 -1.56 -0.18 -10.70
CA ASP C 976 -2.77 0.62 -10.83
C ASP C 976 -2.91 1.63 -9.70
N ILE C 977 -2.46 1.29 -8.49
CA ILE C 977 -2.49 2.26 -7.40
C ILE C 977 -1.47 3.36 -7.66
N LEU C 978 -0.27 2.99 -8.11
CA LEU C 978 0.72 4.01 -8.41
C LEU C 978 0.28 4.89 -9.57
N SER C 979 -0.43 4.33 -10.55
CA SER C 979 -0.90 5.07 -11.72
C SER C 979 -2.18 5.85 -11.47
N ARG C 980 -2.89 5.64 -10.36
CA ARG C 980 -4.11 6.39 -10.13
C ARG C 980 -4.09 7.27 -8.88
N LEU C 981 -3.28 6.94 -7.88
CA LEU C 981 -3.21 7.71 -6.64
C LEU C 981 -1.95 8.56 -6.58
N ASP C 982 -2.08 9.75 -6.02
CA ASP C 982 -0.97 10.68 -5.95
C ASP C 982 0.09 10.16 -4.98
N PRO C 983 1.37 10.32 -5.30
CA PRO C 983 2.46 9.79 -4.45
C PRO C 983 2.29 10.07 -2.97
N PRO C 984 1.98 11.30 -2.52
CA PRO C 984 1.89 11.52 -1.08
C PRO C 984 0.89 10.66 -0.34
N GLU C 985 -0.12 10.12 -1.04
CA GLU C 985 -1.07 9.22 -0.41
C GLU C 985 -0.89 7.78 -0.87
N ALA C 986 -0.48 7.57 -2.13
CA ALA C 986 -0.23 6.21 -2.60
C ALA C 986 0.92 5.57 -1.85
N GLU C 987 1.87 6.37 -1.38
CA GLU C 987 3.04 5.80 -0.71
C GLU C 987 2.65 5.00 0.51
N VAL C 988 1.60 5.41 1.23
CA VAL C 988 1.15 4.68 2.39
C VAL C 988 0.57 3.33 1.99
N GLN C 989 -0.22 3.31 0.92
CA GLN C 989 -0.80 2.05 0.47
C GLN C 989 0.29 1.12 -0.03
N ILE C 990 1.33 1.69 -0.63
CA ILE C 990 2.46 0.90 -1.10
C ILE C 990 3.22 0.32 0.08
N ASP C 991 3.50 1.14 1.08
CA ASP C 991 4.20 0.65 2.27
C ASP C 991 3.41 -0.46 2.97
N ARG C 992 2.08 -0.32 3.03
CA ARG C 992 1.27 -1.37 3.65
C ARG C 992 1.33 -2.66 2.85
N LEU C 993 1.29 -2.55 1.53
CA LEU C 993 1.33 -3.76 0.72
C LEU C 993 2.71 -4.40 0.80
N ILE C 994 3.76 -3.57 0.85
CA ILE C 994 5.12 -4.09 0.98
C ILE C 994 5.28 -4.82 2.29
N THR C 995 4.76 -4.23 3.37
CA THR C 995 4.87 -4.89 4.67
C THR C 995 4.15 -6.23 4.67
N GLY C 996 2.94 -6.28 4.10
CA GLY C 996 2.22 -7.55 4.08
C GLY C 996 2.91 -8.59 3.22
N ARG C 997 3.44 -8.18 2.07
CA ARG C 997 4.11 -9.12 1.18
C ARG C 997 5.44 -9.57 1.74
N LEU C 998 6.15 -8.68 2.44
CA LEU C 998 7.41 -9.05 3.08
C LEU C 998 7.14 -10.03 4.21
N GLN C 999 6.05 -9.83 4.95
CA GLN C 999 5.70 -10.77 6.00
C GLN C 999 5.36 -12.14 5.40
N SER C 1000 4.71 -12.14 4.24
CA SER C 1000 4.44 -13.41 3.57
C SER C 1000 5.72 -14.11 3.16
N LEU C 1001 6.67 -13.36 2.59
CA LEU C 1001 7.96 -13.95 2.22
C LEU C 1001 8.71 -14.46 3.44
N GLN C 1002 8.68 -13.73 4.54
CA GLN C 1002 9.33 -14.20 5.76
C GLN C 1002 8.69 -15.49 6.27
N THR C 1003 7.37 -15.59 6.18
CA THR C 1003 6.71 -16.83 6.58
C THR C 1003 7.14 -17.99 5.68
N TYR C 1004 7.18 -17.75 4.36
CA TYR C 1004 7.66 -18.79 3.45
C TYR C 1004 9.08 -19.23 3.78
N VAL C 1005 9.98 -18.27 4.00
CA VAL C 1005 11.38 -18.62 4.29
C VAL C 1005 11.49 -19.40 5.59
N THR C 1006 10.77 -18.99 6.63
CA THR C 1006 10.83 -19.72 7.90
C THR C 1006 10.29 -21.15 7.73
N GLN C 1007 9.18 -21.30 7.01
CA GLN C 1007 8.65 -22.64 6.79
C GLN C 1007 9.64 -23.48 6.01
N GLN C 1008 10.34 -22.88 5.05
CA GLN C 1008 11.33 -23.62 4.30
C GLN C 1008 12.52 -23.98 5.16
N LEU C 1009 12.89 -23.12 6.11
CA LEU C 1009 14.02 -23.47 6.99
C LEU C 1009 13.66 -24.66 7.87
N ILE C 1010 12.43 -24.71 8.37
CA ILE C 1010 12.03 -25.86 9.18
C ILE C 1010 11.92 -27.12 8.32
N ARG C 1011 11.31 -27.00 7.13
CA ARG C 1011 11.19 -28.16 6.26
C ARG C 1011 12.55 -28.64 5.79
N ALA C 1012 13.49 -27.71 5.56
CA ALA C 1012 14.85 -28.08 5.23
C ALA C 1012 15.52 -28.81 6.37
N ALA C 1013 15.25 -28.41 7.61
CA ALA C 1013 15.82 -29.14 8.74
C ALA C 1013 15.26 -30.56 8.79
N GLU C 1014 13.97 -30.71 8.48
CA GLU C 1014 13.38 -32.05 8.46
C GLU C 1014 14.01 -32.91 7.36
N ILE C 1015 14.16 -32.33 6.18
CA ILE C 1015 14.78 -33.06 5.06
C ILE C 1015 16.24 -33.38 5.38
N ARG C 1016 16.95 -32.46 6.04
CA ARG C 1016 18.32 -32.73 6.45
C ARG C 1016 18.40 -33.89 7.43
N ALA C 1017 17.50 -33.93 8.40
CA ALA C 1017 17.49 -35.06 9.32
C ALA C 1017 17.22 -36.36 8.58
N SER C 1018 16.27 -36.32 7.63
CA SER C 1018 15.98 -37.52 6.85
C SER C 1018 17.17 -37.92 5.98
N ALA C 1019 17.84 -36.95 5.37
CA ALA C 1019 19.02 -37.23 4.55
C ALA C 1019 20.16 -37.80 5.38
N ASN C 1020 20.33 -37.30 6.61
CA ASN C 1020 21.37 -37.86 7.47
C ASN C 1020 21.02 -39.29 7.84
N LEU C 1021 19.74 -39.56 8.09
CA LEU C 1021 19.33 -40.94 8.36
C LEU C 1021 19.54 -41.82 7.13
N ALA C 1022 19.23 -41.30 5.95
CA ALA C 1022 19.43 -42.06 4.71
C ALA C 1022 20.90 -42.35 4.47
N ALA C 1023 21.78 -41.38 4.75
CA ALA C 1023 23.21 -41.62 4.58
C ALA C 1023 23.70 -42.64 5.60
N THR C 1024 23.19 -42.58 6.82
CA THR C 1024 23.55 -43.57 7.82
C THR C 1024 23.08 -44.96 7.40
N LYS C 1025 21.85 -45.06 6.90
CA LYS C 1025 21.34 -46.35 6.43
C LYS C 1025 22.15 -46.87 5.25
N MET C 1026 22.50 -46.00 4.31
CA MET C 1026 23.34 -46.41 3.19
C MET C 1026 24.67 -46.94 3.68
N SER C 1027 25.31 -46.23 4.60
CA SER C 1027 26.60 -46.69 5.08
C SER C 1027 26.50 -47.98 5.88
N GLU C 1028 25.49 -48.10 6.75
CA GLU C 1028 25.39 -49.24 7.65
C GLU C 1028 24.49 -50.35 7.17
N CYS C 1029 24.00 -50.30 5.94
CA CYS C 1029 23.09 -51.34 5.47
C CYS C 1029 23.57 -51.78 4.11
N VAL C 1030 23.90 -50.81 3.26
CA VAL C 1030 24.38 -51.09 1.91
C VAL C 1030 25.87 -51.34 1.89
N LEU C 1031 26.64 -50.50 2.57
CA LEU C 1031 28.08 -50.62 2.57
C LEU C 1031 28.58 -51.73 3.48
N GLY C 1032 27.80 -52.09 4.50
CA GLY C 1032 28.18 -53.13 5.43
C GLY C 1032 27.03 -54.09 5.67
N GLN C 1033 26.97 -54.60 6.90
CA GLN C 1033 25.87 -55.43 7.39
C GLN C 1033 25.60 -54.97 8.80
N SER C 1034 24.35 -54.65 9.09
CA SER C 1034 23.97 -54.05 10.36
C SER C 1034 23.46 -55.11 11.34
N LYS C 1035 23.98 -55.06 12.55
CA LYS C 1035 23.47 -55.85 13.65
C LYS C 1035 22.41 -55.10 14.44
N ARG C 1036 22.12 -53.87 14.01
CA ARG C 1036 21.14 -53.05 14.69
C ARG C 1036 19.76 -53.56 14.31
N VAL C 1037 18.99 -53.99 15.31
CA VAL C 1037 17.70 -54.59 15.04
C VAL C 1037 16.73 -53.56 14.48
N ASP C 1038 16.00 -53.94 13.45
CA ASP C 1038 14.97 -53.15 12.78
C ASP C 1038 15.50 -51.85 12.20
N PHE C 1039 16.83 -51.67 12.16
CA PHE C 1039 17.39 -50.50 11.50
C PHE C 1039 17.37 -50.66 9.99
N CYS C 1040 17.57 -51.88 9.50
CA CYS C 1040 17.60 -52.15 8.07
C CYS C 1040 16.46 -53.10 7.72
N GLY C 1041 15.24 -52.76 8.11
CA GLY C 1041 14.07 -53.57 7.86
C GLY C 1041 13.81 -54.63 8.91
N LYS C 1042 12.62 -55.20 8.83
CA LYS C 1042 12.20 -56.25 9.76
C LYS C 1042 12.97 -57.54 9.48
N GLY C 1043 13.45 -58.17 10.53
CA GLY C 1043 14.17 -59.42 10.41
C GLY C 1043 15.64 -59.25 10.70
N TYR C 1044 16.39 -60.33 10.51
CA TYR C 1044 17.83 -60.30 10.67
C TYR C 1044 18.41 -59.82 9.36
N HIS C 1045 19.11 -58.70 9.39
CA HIS C 1045 19.56 -58.06 8.16
C HIS C 1045 20.63 -58.89 7.47
N LEU C 1046 20.47 -59.08 6.17
CA LEU C 1046 21.49 -59.70 5.34
C LEU C 1046 22.18 -58.65 4.47
N MET C 1047 21.44 -57.99 3.59
CA MET C 1047 22.10 -57.05 2.70
C MET C 1047 21.10 -55.99 2.24
N SER C 1048 21.60 -54.90 1.68
CA SER C 1048 20.71 -53.85 1.21
C SER C 1048 21.15 -53.36 -0.16
N PHE C 1049 20.19 -52.85 -0.91
CA PHE C 1049 20.39 -52.36 -2.27
C PHE C 1049 19.87 -50.94 -2.39
N PRO C 1050 20.68 -49.97 -2.77
CA PRO C 1050 20.18 -48.61 -2.97
C PRO C 1050 19.59 -48.45 -4.35
N GLN C 1051 18.56 -47.62 -4.42
CA GLN C 1051 17.95 -47.25 -5.69
C GLN C 1051 17.66 -45.76 -5.61
N SER C 1052 17.87 -45.06 -6.71
CA SER C 1052 17.58 -43.64 -6.68
C SER C 1052 16.10 -43.40 -6.95
N ALA C 1053 15.61 -42.25 -6.49
CA ALA C 1053 14.25 -41.84 -6.75
C ALA C 1053 14.25 -40.32 -6.77
N PRO C 1054 13.26 -39.70 -7.40
CA PRO C 1054 13.20 -38.23 -7.41
C PRO C 1054 13.21 -37.67 -6.00
N HIS C 1055 14.25 -36.90 -5.70
CA HIS C 1055 14.43 -36.28 -4.39
C HIS C 1055 14.46 -37.30 -3.26
N GLY C 1056 14.99 -38.49 -3.51
CA GLY C 1056 15.06 -39.45 -2.42
C GLY C 1056 15.79 -40.71 -2.82
N VAL C 1057 15.84 -41.63 -1.87
CA VAL C 1057 16.50 -42.92 -2.05
C VAL C 1057 15.58 -44.01 -1.53
N VAL C 1058 15.60 -45.15 -2.20
CA VAL C 1058 14.81 -46.31 -1.84
C VAL C 1058 15.76 -47.44 -1.54
N PHE C 1059 15.62 -48.06 -0.39
CA PHE C 1059 16.48 -49.16 0.02
C PHE C 1059 15.67 -50.44 -0.07
N LEU C 1060 16.24 -51.43 -0.72
CA LEU C 1060 15.67 -52.76 -0.76
C LEU C 1060 16.46 -53.54 0.28
N HIS C 1061 15.81 -53.86 1.39
CA HIS C 1061 16.48 -54.54 2.49
C HIS C 1061 16.14 -56.02 2.37
N VAL C 1062 17.17 -56.85 2.24
CA VAL C 1062 17.04 -58.28 2.14
C VAL C 1062 17.37 -58.83 3.51
N THR C 1063 16.41 -59.50 4.12
CA THR C 1063 16.48 -59.95 5.49
C THR C 1063 16.08 -61.41 5.58
N TYR C 1064 16.61 -62.06 6.61
CA TYR C 1064 16.34 -63.46 6.92
C TYR C 1064 15.29 -63.50 8.00
N VAL C 1065 14.18 -64.20 7.76
CA VAL C 1065 13.07 -64.28 8.69
C VAL C 1065 12.83 -65.75 9.01
N PRO C 1066 12.88 -66.12 10.28
CA PRO C 1066 12.54 -67.49 10.67
C PRO C 1066 11.14 -67.89 10.24
N ALA C 1067 11.01 -69.14 9.81
CA ALA C 1067 9.86 -69.74 9.21
C ALA C 1067 9.35 -70.77 10.20
N GLN C 1068 8.53 -71.72 9.73
CA GLN C 1068 7.90 -72.72 10.60
C GLN C 1068 8.84 -73.14 11.71
N GLU C 1069 8.28 -73.33 12.90
CA GLU C 1069 9.09 -73.61 14.08
C GLU C 1069 8.50 -74.78 14.84
N LYS C 1070 9.35 -75.47 15.58
CA LYS C 1070 8.92 -76.60 16.37
C LYS C 1070 9.35 -76.42 17.82
N ASN C 1071 8.50 -76.92 18.72
CA ASN C 1071 8.75 -76.87 20.15
C ASN C 1071 9.59 -78.07 20.56
N PHE C 1072 10.63 -77.81 21.35
CA PHE C 1072 11.49 -78.85 21.88
C PHE C 1072 11.66 -78.61 23.37
N THR C 1073 11.93 -79.68 24.11
CA THR C 1073 12.25 -79.55 25.53
C THR C 1073 13.73 -79.22 25.68
N THR C 1074 14.06 -78.37 26.65
CA THR C 1074 15.41 -77.86 26.81
C THR C 1074 15.95 -78.11 28.20
N ALA C 1075 17.24 -77.84 28.32
CA ALA C 1075 17.99 -77.89 29.55
C ALA C 1075 19.21 -77.02 29.29
N PRO C 1076 19.65 -76.23 30.26
CA PRO C 1076 20.86 -75.42 30.06
C PRO C 1076 22.15 -76.20 30.09
N ALA C 1077 22.17 -77.40 30.65
CA ALA C 1077 23.42 -78.13 30.73
C ALA C 1077 23.12 -79.62 30.84
N ILE C 1078 24.14 -80.42 30.56
CA ILE C 1078 24.04 -81.87 30.57
C ILE C 1078 24.98 -82.40 31.64
N CYS C 1079 24.48 -83.31 32.47
CA CYS C 1079 25.31 -83.95 33.48
C CYS C 1079 25.93 -85.18 32.86
N HIS C 1080 27.26 -85.26 32.89
CA HIS C 1080 27.97 -86.45 32.44
C HIS C 1080 29.03 -86.77 33.47
N ASP C 1081 28.91 -87.93 34.10
CA ASP C 1081 29.85 -88.40 35.12
C ASP C 1081 30.12 -87.33 36.19
N GLY C 1082 29.18 -86.43 36.42
CA GLY C 1082 29.31 -85.42 37.45
C GLY C 1082 29.68 -84.04 36.93
N LYS C 1083 30.18 -83.96 35.72
CA LYS C 1083 30.57 -82.71 35.09
C LYS C 1083 29.38 -82.11 34.37
N ALA C 1084 29.26 -80.78 34.40
CA ALA C 1084 28.19 -80.06 33.74
C ALA C 1084 28.69 -79.48 32.41
N HIS C 1085 28.05 -79.89 31.32
CA HIS C 1085 28.40 -79.44 29.98
C HIS C 1085 27.40 -78.40 29.50
N PHE C 1086 27.92 -77.30 28.96
CA PHE C 1086 27.14 -76.22 28.40
C PHE C 1086 27.46 -76.11 26.92
N PRO C 1087 26.52 -75.68 26.09
CA PRO C 1087 26.81 -75.64 24.65
C PRO C 1087 27.79 -74.51 24.34
N ARG C 1088 28.72 -74.79 23.43
CA ARG C 1088 29.58 -73.72 22.96
C ARG C 1088 28.83 -72.79 22.04
N GLU C 1089 28.00 -73.35 21.16
CA GLU C 1089 27.13 -72.59 20.29
C GLU C 1089 25.81 -73.34 20.22
N GLY C 1090 24.71 -72.61 20.21
CA GLY C 1090 23.42 -73.25 20.13
C GLY C 1090 22.88 -73.64 21.49
N VAL C 1091 21.79 -74.41 21.46
CA VAL C 1091 21.07 -74.83 22.65
C VAL C 1091 20.80 -76.32 22.56
N PHE C 1092 20.53 -76.91 23.72
CA PHE C 1092 20.17 -78.32 23.80
C PHE C 1092 18.68 -78.48 23.57
N VAL C 1093 18.31 -79.45 22.73
CA VAL C 1093 16.91 -79.74 22.43
C VAL C 1093 16.69 -81.24 22.52
N SER C 1094 15.46 -81.62 22.76
CA SER C 1094 15.10 -83.03 22.78
C SER C 1094 13.93 -83.26 21.84
N ASN C 1095 13.99 -84.35 21.06
CA ASN C 1095 12.84 -84.76 20.28
C ASN C 1095 11.95 -85.70 21.08
N GLY C 1096 12.08 -85.67 22.41
CA GLY C 1096 11.38 -86.53 23.32
C GLY C 1096 12.27 -87.62 23.87
N THR C 1097 13.01 -88.29 22.99
CA THR C 1097 13.84 -89.42 23.39
C THR C 1097 15.33 -89.13 23.42
N HIS C 1098 15.83 -88.26 22.54
CA HIS C 1098 17.25 -88.00 22.42
C HIS C 1098 17.56 -86.51 22.48
N TRP C 1099 18.69 -86.18 23.08
CA TRP C 1099 19.17 -84.81 23.21
C TRP C 1099 20.19 -84.47 22.14
N PHE C 1100 20.05 -83.28 21.57
CA PHE C 1100 20.89 -82.79 20.50
C PHE C 1100 21.29 -81.35 20.79
N VAL C 1101 22.29 -80.87 20.07
CA VAL C 1101 22.75 -79.49 20.12
C VAL C 1101 22.42 -78.87 18.78
N THR C 1102 21.85 -77.66 18.79
CA THR C 1102 21.53 -77.03 17.52
C THR C 1102 21.64 -75.52 17.61
N GLN C 1103 21.97 -74.89 16.49
CA GLN C 1103 22.04 -73.44 16.45
C GLN C 1103 20.67 -72.86 16.69
N ARG C 1104 20.63 -71.73 17.40
CA ARG C 1104 19.35 -71.15 17.80
C ARG C 1104 18.48 -70.72 16.63
N ASN C 1105 19.06 -70.27 15.53
CA ASN C 1105 18.27 -69.67 14.46
C ASN C 1105 17.96 -70.63 13.31
N PHE C 1106 18.25 -71.92 13.46
CA PHE C 1106 17.90 -72.87 12.42
C PHE C 1106 18.01 -74.29 12.97
N TYR C 1107 16.93 -75.05 12.89
CA TYR C 1107 16.96 -76.40 13.46
C TYR C 1107 17.92 -77.26 12.68
N GLU C 1108 18.96 -77.73 13.35
CA GLU C 1108 19.93 -78.66 12.75
C GLU C 1108 20.56 -79.45 13.87
N PRO C 1109 19.90 -80.51 14.31
CA PRO C 1109 20.36 -81.23 15.49
C PRO C 1109 21.68 -81.94 15.22
N GLN C 1110 22.56 -81.91 16.21
CA GLN C 1110 23.83 -82.60 16.15
C GLN C 1110 24.00 -83.42 17.42
N ILE C 1111 24.78 -84.49 17.32
CA ILE C 1111 25.08 -85.29 18.50
C ILE C 1111 25.93 -84.46 19.46
N ILE C 1112 25.66 -84.61 20.75
CA ILE C 1112 26.40 -83.87 21.77
C ILE C 1112 27.78 -84.51 21.92
N THR C 1113 28.82 -83.70 21.72
CA THR C 1113 30.18 -84.18 21.82
C THR C 1113 31.01 -83.19 22.63
N THR C 1114 32.24 -83.58 22.92
CA THR C 1114 33.14 -82.68 23.63
C THR C 1114 33.63 -81.53 22.76
N ASP C 1115 33.40 -81.57 21.44
CA ASP C 1115 33.88 -80.51 20.56
C ASP C 1115 32.84 -79.46 20.24
N ASN C 1116 31.58 -79.64 20.64
CA ASN C 1116 30.59 -78.57 20.54
C ASN C 1116 30.16 -78.04 21.89
N THR C 1117 30.49 -78.72 22.98
CA THR C 1117 30.17 -78.27 24.33
C THR C 1117 31.45 -78.03 25.12
N PHE C 1118 31.31 -77.30 26.23
CA PHE C 1118 32.43 -77.04 27.12
C PHE C 1118 31.99 -77.32 28.55
N VAL C 1119 32.96 -77.61 29.40
CA VAL C 1119 32.71 -78.05 30.77
C VAL C 1119 33.02 -76.91 31.73
N SER C 1120 32.11 -76.69 32.68
CA SER C 1120 32.33 -75.67 33.70
C SER C 1120 31.56 -76.06 34.95
N GLY C 1121 32.28 -76.17 36.07
CA GLY C 1121 31.64 -76.50 37.32
C GLY C 1121 31.24 -77.97 37.42
N ASN C 1122 30.16 -78.21 38.16
CA ASN C 1122 29.62 -79.55 38.35
C ASN C 1122 28.11 -79.48 38.34
N CYS C 1123 27.48 -80.65 38.38
CA CYS C 1123 26.02 -80.77 38.29
C CYS C 1123 25.26 -80.19 39.47
N ASP C 1124 25.92 -79.90 40.58
CA ASP C 1124 25.20 -79.50 41.80
C ASP C 1124 24.92 -78.00 41.88
N VAL C 1125 25.30 -77.19 40.89
CA VAL C 1125 25.10 -75.76 40.95
C VAL C 1125 23.94 -75.30 40.06
N VAL C 1126 23.80 -75.87 38.87
CA VAL C 1126 22.76 -75.43 37.94
C VAL C 1126 21.44 -76.05 38.37
N ILE C 1127 20.40 -75.21 38.47
CA ILE C 1127 19.09 -75.70 38.92
C ILE C 1127 18.29 -76.42 37.84
N GLY C 1128 18.66 -76.31 36.59
CA GLY C 1128 17.93 -76.99 35.54
C GLY C 1128 18.64 -78.02 34.68
N ILE C 1129 19.19 -79.12 35.18
CA ILE C 1129 19.93 -79.97 34.26
C ILE C 1129 19.42 -81.41 34.28
N VAL C 1130 19.60 -82.06 33.14
CA VAL C 1130 19.25 -83.45 32.92
C VAL C 1130 20.53 -84.26 32.80
N ASN C 1131 20.38 -85.58 32.76
CA ASN C 1131 21.52 -86.49 32.69
C ASN C 1131 21.44 -87.15 31.32
N ASN C 1132 22.26 -86.65 30.39
CA ASN C 1132 22.45 -87.31 29.11
C ASN C 1132 23.92 -87.69 28.99
N THR C 1133 24.23 -88.52 28.01
CA THR C 1133 25.60 -88.90 27.74
C THR C 1133 26.18 -88.09 26.60
N VAL C 1134 27.46 -87.77 26.72
CA VAL C 1134 28.17 -86.91 25.77
C VAL C 1134 29.32 -87.72 25.22
N TYR C 1135 29.49 -87.71 23.91
CA TYR C 1135 30.44 -88.61 23.27
C TYR C 1135 31.74 -87.89 22.92
N ASP C 1136 32.86 -88.52 23.25
CA ASP C 1136 34.16 -87.94 22.95
C ASP C 1136 34.74 -88.65 21.73
N PRO C 1137 34.91 -87.97 20.60
CA PRO C 1137 35.40 -88.65 19.37
C PRO C 1137 36.69 -89.44 19.55
N LEU C 1138 37.43 -89.17 20.63
CA LEU C 1138 38.68 -89.88 20.85
C LEU C 1138 38.42 -91.34 21.19
N GLN C 1139 37.37 -91.63 21.95
CA GLN C 1139 37.05 -93.02 22.27
C GLN C 1139 36.88 -93.85 21.00
N PRO C 1140 35.96 -93.50 20.09
CA PRO C 1140 35.85 -94.30 18.86
C PRO C 1140 37.05 -94.16 17.94
N GLU C 1141 37.85 -93.09 18.07
CA GLU C 1141 38.99 -92.97 17.18
C GLU C 1141 40.15 -93.87 17.59
N LEU C 1142 40.33 -94.11 18.89
CA LEU C 1142 41.39 -95.00 19.33
C LEU C 1142 40.97 -96.46 19.40
N ASP C 1143 39.71 -96.72 19.68
CA ASP C 1143 39.21 -98.10 19.75
C ASP C 1143 39.12 -98.71 18.36
N GLU D 1 21.77 47.97 -23.91
CA GLU D 1 21.23 49.25 -23.47
C GLU D 1 19.72 49.32 -23.71
N VAL D 2 18.97 49.69 -22.67
CA VAL D 2 17.52 49.83 -22.81
C VAL D 2 17.22 51.04 -23.69
N GLN D 3 16.28 50.88 -24.61
CA GLN D 3 15.92 51.95 -25.53
C GLN D 3 14.43 51.86 -25.83
N LEU D 4 13.67 52.89 -25.47
CA LEU D 4 12.25 52.96 -25.77
C LEU D 4 12.02 54.09 -26.78
N VAL D 5 12.14 53.75 -28.06
CA VAL D 5 11.94 54.72 -29.12
C VAL D 5 10.46 54.82 -29.43
N GLU D 6 9.89 56.00 -29.22
CA GLU D 6 8.46 56.22 -29.38
C GLU D 6 8.17 56.93 -30.71
N SER D 7 6.98 56.64 -31.26
CA SER D 7 6.56 57.21 -32.53
C SER D 7 5.04 57.10 -32.61
N GLY D 8 4.48 57.63 -33.70
CA GLY D 8 3.06 57.58 -33.94
C GLY D 8 2.28 58.80 -33.50
N GLY D 9 2.91 59.75 -32.82
CA GLY D 9 2.24 60.98 -32.47
C GLY D 9 2.11 61.94 -33.64
N GLY D 10 1.18 62.88 -33.51
CA GLY D 10 0.94 63.84 -34.57
C GLY D 10 -0.32 64.63 -34.33
N LEU D 11 -0.87 65.17 -35.41
CA LEU D 11 -2.01 66.07 -35.35
C LEU D 11 -3.30 65.32 -35.65
N VAL D 12 -4.28 65.46 -34.77
CA VAL D 12 -5.57 64.80 -34.91
C VAL D 12 -6.67 65.79 -34.56
N GLN D 13 -7.76 65.76 -35.34
CA GLN D 13 -8.93 66.54 -35.01
C GLN D 13 -9.63 65.94 -33.80
N PRO D 14 -10.36 66.75 -33.03
CA PRO D 14 -11.13 66.20 -31.91
C PRO D 14 -12.13 65.16 -32.37
N GLY D 15 -12.27 64.10 -31.58
CA GLY D 15 -13.12 62.98 -31.91
C GLY D 15 -12.49 61.94 -32.81
N GLY D 16 -11.25 62.13 -33.23
CA GLY D 16 -10.57 61.18 -34.10
C GLY D 16 -9.84 60.11 -33.31
N SER D 17 -9.01 59.36 -34.03
CA SER D 17 -8.24 58.27 -33.45
C SER D 17 -6.78 58.36 -33.88
N LEU D 18 -5.90 57.79 -33.06
CA LEU D 18 -4.48 57.79 -33.34
C LEU D 18 -3.84 56.65 -32.55
N ARG D 19 -2.88 55.96 -33.18
CA ARG D 19 -2.16 54.86 -32.56
C ARG D 19 -0.70 55.24 -32.35
N LEU D 20 -0.23 55.07 -31.12
CA LEU D 20 1.16 55.34 -30.77
C LEU D 20 1.93 54.02 -30.67
N SER D 21 3.23 54.09 -30.98
CA SER D 21 4.09 52.92 -30.94
C SER D 21 5.26 53.20 -30.02
N CYS D 22 5.72 52.15 -29.34
CA CYS D 22 6.87 52.24 -28.43
C CYS D 22 7.72 50.98 -28.59
N ALA D 23 8.70 51.06 -29.48
CA ALA D 23 9.60 49.93 -29.70
C ALA D 23 10.58 49.78 -28.55
N ALA D 24 11.03 48.55 -28.34
CA ALA D 24 11.93 48.22 -27.25
C ALA D 24 13.09 47.38 -27.78
N SER D 25 14.28 47.63 -27.25
CA SER D 25 15.46 46.88 -27.65
C SER D 25 16.49 46.94 -26.53
N GLY D 26 17.20 45.83 -26.33
CA GLY D 26 18.23 45.72 -25.32
C GLY D 26 17.81 45.00 -24.05
N PHE D 27 16.59 44.50 -23.98
CA PHE D 27 16.10 43.81 -22.79
C PHE D 27 14.92 42.94 -23.20
N THR D 28 14.55 42.03 -22.28
CA THR D 28 13.46 41.09 -22.52
C THR D 28 12.13 41.83 -22.43
N PHE D 29 11.55 42.14 -23.58
CA PHE D 29 10.31 42.91 -23.63
C PHE D 29 9.14 42.14 -23.01
N SER D 30 9.07 40.83 -23.24
CA SER D 30 7.91 40.05 -22.83
C SER D 30 7.86 39.81 -21.33
N SER D 31 8.90 40.19 -20.58
CA SER D 31 8.97 39.93 -19.16
C SER D 31 8.83 41.19 -18.31
N TYR D 32 8.51 42.33 -18.91
CA TYR D 32 8.37 43.56 -18.18
C TYR D 32 6.96 44.11 -18.34
N ALA D 33 6.58 45.00 -17.43
CA ALA D 33 5.29 45.68 -17.50
C ALA D 33 5.46 47.08 -18.09
N MET D 34 4.60 47.43 -19.03
CA MET D 34 4.71 48.69 -19.75
C MET D 34 3.54 49.61 -19.43
N HIS D 35 3.84 50.91 -19.36
CA HIS D 35 2.89 51.94 -18.97
C HIS D 35 2.89 53.06 -20.01
N TRP D 36 1.82 53.85 -19.98
CA TRP D 36 1.75 55.10 -20.73
C TRP D 36 1.43 56.24 -19.76
N VAL D 37 2.20 57.32 -19.86
CA VAL D 37 2.03 58.51 -19.02
C VAL D 37 2.09 59.74 -19.91
N ARG D 38 1.16 60.68 -19.70
CA ARG D 38 1.10 61.90 -20.49
C ARG D 38 1.22 63.12 -19.59
N GLN D 39 1.62 64.23 -20.20
CA GLN D 39 1.80 65.51 -19.51
C GLN D 39 1.23 66.63 -20.37
N ALA D 40 0.24 67.34 -19.84
CA ALA D 40 -0.30 68.48 -20.56
C ALA D 40 0.74 69.58 -20.67
N PRO D 41 0.67 70.40 -21.72
CA PRO D 41 1.67 71.47 -21.91
C PRO D 41 1.75 72.42 -20.73
N GLY D 42 2.90 72.41 -20.06
CA GLY D 42 3.13 73.26 -18.91
C GLY D 42 2.50 72.79 -17.62
N LYS D 43 1.91 71.60 -17.60
CA LYS D 43 1.24 71.08 -16.42
C LYS D 43 2.01 69.88 -15.87
N GLY D 44 1.45 69.25 -14.83
CA GLY D 44 2.11 68.14 -14.18
C GLY D 44 1.83 66.80 -14.85
N LEU D 45 2.51 65.79 -14.33
CA LEU D 45 2.36 64.43 -14.83
C LEU D 45 1.04 63.80 -14.43
N GLU D 46 0.47 63.02 -15.36
CA GLU D 46 -0.77 62.29 -15.14
C GLU D 46 -0.64 60.93 -15.80
N TRP D 47 -0.88 59.88 -15.01
CA TRP D 47 -0.79 58.53 -15.53
C TRP D 47 -1.93 58.26 -16.51
N VAL D 48 -1.68 57.36 -17.47
CA VAL D 48 -2.68 57.06 -18.49
C VAL D 48 -3.15 55.63 -18.35
N SER D 49 -2.24 54.67 -18.53
CA SER D 49 -2.63 53.27 -18.59
C SER D 49 -1.44 52.39 -18.23
N ALA D 50 -1.70 51.10 -18.09
CA ALA D 50 -0.67 50.13 -17.81
C ALA D 50 -1.15 48.75 -18.26
N ILE D 51 -0.24 47.97 -18.83
CA ILE D 51 -0.51 46.59 -19.20
C ILE D 51 0.61 45.70 -18.66
N TRP D 52 0.26 44.73 -17.83
CA TRP D 52 1.27 43.90 -17.16
C TRP D 52 1.44 42.57 -17.89
N GLY D 53 1.84 42.66 -19.16
CA GLY D 53 2.05 41.45 -19.94
C GLY D 53 0.85 40.75 -20.54
N SER D 54 -0.15 40.42 -19.72
CA SER D 54 -1.32 39.75 -20.24
C SER D 54 -2.16 40.71 -21.06
N GLY D 55 -2.94 40.16 -21.99
CA GLY D 55 -3.77 40.97 -22.85
C GLY D 55 -5.14 41.25 -22.28
N SER D 56 -5.28 41.02 -20.97
CA SER D 56 -6.53 41.24 -20.27
C SER D 56 -6.37 42.05 -18.99
N ASN D 57 -5.17 42.08 -18.41
CA ASN D 57 -4.93 42.82 -17.17
C ASN D 57 -4.41 44.22 -17.46
N THR D 58 -5.26 44.98 -18.15
CA THR D 58 -4.97 46.36 -18.51
C THR D 58 -5.73 47.31 -17.59
N TYR D 59 -5.06 48.36 -17.17
CA TYR D 59 -5.64 49.32 -16.24
C TYR D 59 -5.39 50.72 -16.76
N TYR D 60 -6.38 51.59 -16.58
CA TYR D 60 -6.35 52.93 -17.14
C TYR D 60 -6.67 53.95 -16.05
N ALA D 61 -6.18 55.17 -16.25
CA ALA D 61 -6.53 56.25 -15.34
C ALA D 61 -7.99 56.66 -15.49
N ASP D 62 -8.53 57.25 -14.43
CA ASP D 62 -9.95 57.61 -14.42
C ASP D 62 -10.30 58.59 -15.54
N SER D 63 -9.37 59.45 -15.92
CA SER D 63 -9.63 60.45 -16.94
C SER D 63 -9.68 59.88 -18.36
N VAL D 64 -9.27 58.64 -18.55
CA VAL D 64 -9.20 58.06 -19.89
C VAL D 64 -9.90 56.70 -19.92
N LYS D 65 -10.58 56.36 -18.82
CA LYS D 65 -11.29 55.08 -18.76
C LYS D 65 -12.35 55.00 -19.86
N GLY D 66 -12.30 53.93 -20.65
CA GLY D 66 -13.25 53.72 -21.71
C GLY D 66 -12.81 54.25 -23.06
N ARG D 67 -12.05 55.34 -23.08
CA ARG D 67 -11.64 55.98 -24.31
C ARG D 67 -10.33 55.43 -24.86
N PHE D 68 -9.40 55.06 -23.99
CA PHE D 68 -8.06 54.63 -24.39
C PHE D 68 -7.93 53.12 -24.27
N THR D 69 -7.27 52.51 -25.25
CA THR D 69 -7.04 51.07 -25.28
C THR D 69 -5.55 50.80 -25.45
N ILE D 70 -5.00 49.94 -24.61
CA ILE D 70 -3.58 49.61 -24.61
C ILE D 70 -3.41 48.19 -25.16
N SER D 71 -2.29 47.98 -25.84
CA SER D 71 -1.97 46.71 -26.49
C SER D 71 -0.47 46.63 -26.67
N ARG D 72 0.03 45.40 -26.87
CA ARG D 72 1.46 45.17 -26.97
C ARG D 72 1.73 44.24 -28.14
N ASP D 73 2.98 43.79 -28.26
CA ASP D 73 3.39 42.98 -29.39
C ASP D 73 4.55 42.07 -29.02
N ASN D 74 4.57 40.88 -29.64
CA ASN D 74 5.66 39.92 -29.45
C ASN D 74 6.70 40.18 -30.54
N SER D 75 7.27 39.11 -31.11
CA SER D 75 8.19 39.19 -32.24
C SER D 75 9.08 40.41 -32.19
N LYS D 76 8.71 41.44 -32.95
CA LYS D 76 9.51 42.65 -33.09
C LYS D 76 9.57 43.44 -31.77
N ASN D 77 8.66 43.15 -30.83
CA ASN D 77 8.69 43.75 -29.50
C ASN D 77 8.38 45.25 -29.48
N THR D 78 7.11 45.60 -29.64
CA THR D 78 6.69 46.99 -29.62
C THR D 78 5.43 47.11 -28.76
N LEU D 79 5.14 48.35 -28.36
CA LEU D 79 3.98 48.68 -27.53
C LEU D 79 3.09 49.68 -28.25
N TYR D 80 1.78 49.50 -28.12
CA TYR D 80 0.80 50.30 -28.84
C TYR D 80 -0.18 50.96 -27.86
N LEU D 81 -0.79 52.05 -28.33
CA LEU D 81 -1.76 52.80 -27.53
C LEU D 81 -2.85 53.34 -28.46
N GLN D 82 -4.06 52.79 -28.33
CA GLN D 82 -5.20 53.22 -29.12
C GLN D 82 -5.94 54.35 -28.40
N MET D 83 -6.19 55.44 -29.12
CA MET D 83 -6.86 56.61 -28.58
C MET D 83 -8.15 56.86 -29.34
N ASN D 84 -9.26 56.99 -28.59
CA ASN D 84 -10.57 57.21 -29.19
C ASN D 84 -11.29 58.33 -28.46
N SER D 85 -12.12 59.06 -29.20
CA SER D 85 -12.94 60.14 -28.67
C SER D 85 -12.09 61.17 -27.92
N LEU D 86 -11.15 61.75 -28.64
CA LEU D 86 -10.24 62.73 -28.05
C LEU D 86 -10.94 64.07 -27.89
N ARG D 87 -10.56 64.79 -26.84
CA ARG D 87 -11.06 66.14 -26.57
C ARG D 87 -9.89 67.11 -26.50
N ALA D 88 -10.21 68.40 -26.36
CA ALA D 88 -9.17 69.42 -26.26
C ALA D 88 -8.32 69.24 -25.02
N GLU D 89 -8.89 68.63 -23.98
CA GLU D 89 -8.16 68.39 -22.74
C GLU D 89 -7.17 67.24 -22.86
N ASP D 90 -7.20 66.49 -23.96
CA ASP D 90 -6.33 65.33 -24.13
C ASP D 90 -4.99 65.68 -24.75
N THR D 91 -4.75 66.94 -25.10
CA THR D 91 -3.48 67.33 -25.69
C THR D 91 -2.37 67.20 -24.65
N ALA D 92 -1.38 66.36 -24.93
CA ALA D 92 -0.30 66.08 -24.00
C ALA D 92 0.78 65.31 -24.73
N VAL D 93 1.97 65.26 -24.12
CA VAL D 93 3.08 64.47 -24.62
C VAL D 93 3.06 63.12 -23.92
N TYR D 94 2.96 62.05 -24.68
CA TYR D 94 2.76 60.72 -24.13
C TYR D 94 4.08 59.98 -24.06
N TYR D 95 4.38 59.42 -22.88
CA TYR D 95 5.60 58.66 -22.67
C TYR D 95 5.26 57.20 -22.39
N CYS D 96 6.10 56.29 -22.87
CA CYS D 96 6.02 54.89 -22.48
C CYS D 96 7.17 54.60 -21.55
N ALA D 97 6.88 53.94 -20.43
CA ALA D 97 7.89 53.70 -19.42
C ALA D 97 8.02 52.19 -19.18
N ARG D 98 8.93 51.82 -18.28
CA ARG D 98 9.18 50.41 -18.02
C ARG D 98 8.51 50.04 -16.71
N GLY D 99 9.03 49.02 -16.03
CA GLY D 99 8.40 48.54 -14.81
C GLY D 99 8.60 47.05 -14.64
N ARG D 100 9.03 46.63 -13.45
CA ARG D 100 9.25 45.23 -13.16
C ARG D 100 8.50 44.83 -11.90
N ASP D 101 7.34 45.45 -11.69
CA ASP D 101 6.51 45.14 -10.53
C ASP D 101 6.16 43.65 -10.48
N LEU D 102 6.20 42.98 -11.64
CA LEU D 102 5.95 41.55 -11.78
C LEU D 102 6.60 40.80 -10.62
N ALA D 103 7.92 40.71 -10.60
CA ALA D 103 8.62 39.95 -9.57
C ALA D 103 9.31 40.90 -8.60
N ALA D 104 10.26 41.69 -9.10
CA ALA D 104 10.94 42.72 -8.34
C ALA D 104 9.96 43.62 -7.59
N PHE D 105 10.08 43.68 -6.28
CA PHE D 105 9.34 44.65 -5.47
C PHE D 105 10.22 45.81 -5.03
N THR D 106 11.36 45.99 -5.66
CA THR D 106 12.28 47.07 -5.36
C THR D 106 12.23 48.10 -6.48
N LYS D 107 12.54 47.70 -7.71
CA LYS D 107 12.42 48.59 -8.86
C LYS D 107 10.94 48.67 -9.31
N THR D 108 10.09 49.12 -8.40
CA THR D 108 8.69 49.39 -8.72
C THR D 108 8.55 50.62 -9.62
N ALA D 109 9.53 51.51 -9.59
CA ALA D 109 9.52 52.76 -10.33
C ALA D 109 9.66 52.50 -11.83
N PHE D 110 9.66 53.59 -12.61
CA PHE D 110 9.69 53.48 -14.07
C PHE D 110 11.16 53.63 -14.45
N ASP D 111 11.82 52.48 -14.61
CA ASP D 111 13.27 52.41 -14.77
C ASP D 111 13.84 53.30 -15.87
N VAL D 112 13.16 53.44 -17.01
CA VAL D 112 13.74 54.12 -18.17
C VAL D 112 13.04 55.45 -18.49
N TRP D 113 11.74 55.41 -18.81
CA TRP D 113 10.99 56.59 -19.28
C TRP D 113 11.43 56.96 -20.70
N GLY D 114 10.75 56.44 -21.72
CA GLY D 114 11.01 56.86 -23.09
C GLY D 114 11.04 58.36 -23.34
N GLN D 115 11.49 58.79 -24.53
CA GLN D 115 11.56 60.22 -24.81
C GLN D 115 10.21 60.87 -25.07
N GLY D 116 9.18 60.11 -25.42
CA GLY D 116 7.91 60.78 -25.57
C GLY D 116 7.58 61.18 -26.98
N THR D 117 6.27 61.25 -27.27
CA THR D 117 5.72 61.70 -28.53
C THR D 117 4.64 62.74 -28.28
N LEU D 118 4.55 63.72 -29.17
CA LEU D 118 3.62 64.83 -29.01
C LEU D 118 2.36 64.54 -29.80
N VAL D 119 1.22 64.65 -29.13
CA VAL D 119 -0.09 64.50 -29.75
C VAL D 119 -0.88 65.77 -29.47
N THR D 120 -1.36 66.41 -30.53
CA THR D 120 -2.15 67.63 -30.41
C THR D 120 -3.55 67.36 -30.97
N VAL D 121 -4.56 67.60 -30.14
CA VAL D 121 -5.95 67.42 -30.53
C VAL D 121 -6.47 68.82 -30.89
N SER D 122 -6.53 69.10 -32.19
CA SER D 122 -6.96 70.40 -32.68
C SER D 122 -7.36 70.24 -34.14
N SER D 123 -8.30 71.08 -34.57
CA SER D 123 -8.74 71.07 -35.95
C SER D 123 -7.91 71.97 -36.86
N ALA D 124 -6.95 72.70 -36.32
CA ALA D 124 -6.10 73.56 -37.13
C ALA D 124 -5.20 72.71 -38.03
N SER D 125 -4.89 73.25 -39.20
CA SER D 125 -4.07 72.57 -40.19
C SER D 125 -2.62 73.03 -40.12
N THR D 126 -1.74 72.18 -40.66
CA THR D 126 -0.31 72.50 -40.69
C THR D 126 -0.04 73.72 -41.55
N LYS D 127 0.82 74.62 -41.06
CA LYS D 127 1.11 75.85 -41.77
C LYS D 127 2.54 76.27 -41.47
N GLY D 128 3.22 76.80 -42.49
CA GLY D 128 4.58 77.26 -42.35
C GLY D 128 4.67 78.61 -41.66
N PRO D 129 5.86 78.98 -41.19
CA PRO D 129 6.02 80.20 -40.40
C PRO D 129 6.22 81.46 -41.24
N SER D 130 5.86 82.58 -40.62
CA SER D 130 6.16 83.92 -41.13
C SER D 130 7.12 84.58 -40.15
N VAL D 131 8.18 85.19 -40.68
CA VAL D 131 9.27 85.73 -39.89
C VAL D 131 9.30 87.25 -40.00
N PHE D 132 9.42 87.93 -38.86
CA PHE D 132 9.53 89.39 -38.81
C PHE D 132 10.69 89.78 -37.91
N PRO D 133 11.47 90.79 -38.30
CA PRO D 133 12.57 91.26 -37.48
C PRO D 133 12.08 92.12 -36.32
N LEU D 134 12.92 92.21 -35.29
CA LEU D 134 12.69 93.11 -34.16
C LEU D 134 13.72 94.24 -34.21
N ALA D 135 13.30 95.40 -34.68
CA ALA D 135 14.14 96.56 -34.90
C ALA D 135 14.34 97.33 -33.60
N PRO D 136 15.53 97.90 -33.36
CA PRO D 136 15.74 98.70 -32.15
C PRO D 136 15.42 100.16 -32.36
N SER D 137 15.50 100.95 -31.29
CA SER D 137 15.48 102.40 -31.42
C SER D 137 16.89 102.91 -31.71
N SER D 138 17.02 103.77 -32.71
CA SER D 138 18.34 104.26 -33.11
C SER D 138 18.90 105.26 -32.12
N LYS D 139 18.06 106.06 -31.48
CA LYS D 139 18.50 107.05 -30.52
C LYS D 139 18.62 106.47 -29.11
N SER D 140 18.74 105.16 -28.98
CA SER D 140 18.86 104.54 -27.66
C SER D 140 20.19 104.90 -27.03
N THR D 141 20.15 105.62 -25.92
CA THR D 141 21.34 105.99 -25.17
C THR D 141 21.31 105.45 -23.74
N SER D 142 20.45 104.45 -23.49
CA SER D 142 20.34 103.89 -22.15
C SER D 142 21.57 103.08 -21.77
N GLY D 143 22.28 102.56 -22.74
CA GLY D 143 23.47 101.77 -22.46
C GLY D 143 24.22 101.45 -23.74
N GLY D 144 25.36 100.81 -23.56
CA GLY D 144 26.18 100.38 -24.68
C GLY D 144 25.71 99.12 -25.35
N THR D 145 24.64 98.52 -24.85
CA THR D 145 24.09 97.29 -25.39
C THR D 145 22.71 97.56 -25.98
N ALA D 146 22.49 97.08 -27.20
CA ALA D 146 21.20 97.17 -27.88
C ALA D 146 20.65 95.77 -28.10
N ALA D 147 19.33 95.64 -28.00
CA ALA D 147 18.68 94.34 -28.14
C ALA D 147 18.08 94.20 -29.52
N LEU D 148 18.38 93.08 -30.18
CA LEU D 148 17.88 92.75 -31.50
C LEU D 148 17.36 91.33 -31.50
N GLY D 149 16.44 91.04 -32.42
CA GLY D 149 15.89 89.70 -32.52
C GLY D 149 15.01 89.56 -33.74
N CYS D 150 14.62 88.32 -34.00
CA CYS D 150 13.74 87.98 -35.09
C CYS D 150 12.52 87.27 -34.52
N LEU D 151 11.33 87.62 -35.03
CA LEU D 151 10.09 87.06 -34.54
C LEU D 151 9.55 86.06 -35.55
N VAL D 152 9.53 84.78 -35.17
CA VAL D 152 9.00 83.72 -36.00
C VAL D 152 7.56 83.50 -35.61
N LYS D 153 6.64 83.69 -36.55
CA LYS D 153 5.22 83.73 -36.25
C LYS D 153 4.46 82.69 -37.06
N ASP D 154 3.48 82.05 -36.42
CA ASP D 154 2.48 81.21 -37.06
C ASP D 154 3.11 80.00 -37.76
N TYR D 155 3.81 79.19 -36.97
CA TYR D 155 4.30 77.91 -37.45
C TYR D 155 3.59 76.80 -36.69
N PHE D 156 3.54 75.63 -37.31
CA PHE D 156 2.87 74.49 -36.71
C PHE D 156 3.30 73.23 -37.45
N PRO D 157 3.84 72.20 -36.77
CA PRO D 157 4.21 72.10 -35.36
C PRO D 157 5.69 72.36 -35.04
N GLU D 158 6.07 72.01 -33.82
CA GLU D 158 7.44 72.16 -33.33
C GLU D 158 8.34 71.13 -33.99
N PRO D 159 9.68 71.29 -33.90
CA PRO D 159 10.48 72.34 -33.25
C PRO D 159 11.20 73.26 -34.23
N VAL D 160 11.94 74.24 -33.69
CA VAL D 160 12.71 75.17 -34.50
C VAL D 160 14.13 75.26 -33.94
N THR D 161 15.05 75.68 -34.81
CA THR D 161 16.44 75.90 -34.46
C THR D 161 16.86 77.27 -34.98
N VAL D 162 17.77 77.92 -34.24
CA VAL D 162 18.19 79.28 -34.55
C VAL D 162 19.72 79.30 -34.64
N SER D 163 20.23 79.84 -35.74
CA SER D 163 21.66 80.11 -35.89
C SER D 163 21.83 81.54 -36.37
N TRP D 164 23.08 82.00 -36.39
CA TRP D 164 23.37 83.38 -36.76
C TRP D 164 24.62 83.45 -37.63
N ASN D 165 24.51 84.17 -38.75
CA ASN D 165 25.62 84.47 -39.63
C ASN D 165 26.42 83.22 -40.02
N SER D 166 25.70 82.13 -40.30
CA SER D 166 26.31 80.86 -40.69
C SER D 166 27.32 80.36 -39.66
N GLY D 167 27.13 80.70 -38.39
CA GLY D 167 28.02 80.28 -37.34
C GLY D 167 29.18 81.21 -37.05
N ALA D 168 29.36 82.27 -37.83
CA ALA D 168 30.47 83.18 -37.60
C ALA D 168 30.21 84.13 -36.44
N LEU D 169 28.95 84.31 -36.05
CA LEU D 169 28.56 85.19 -34.95
C LEU D 169 27.59 84.44 -34.07
N THR D 170 28.05 83.98 -32.90
CA THR D 170 27.23 83.19 -32.00
C THR D 170 27.14 83.82 -30.61
N SER D 171 27.83 84.93 -30.37
CA SER D 171 27.85 85.54 -29.05
C SER D 171 26.49 86.13 -28.72
N GLY D 172 26.00 85.79 -27.52
CA GLY D 172 24.79 86.40 -27.01
C GLY D 172 23.49 85.92 -27.62
N VAL D 173 23.48 84.74 -28.24
CA VAL D 173 22.28 84.23 -28.86
C VAL D 173 21.36 83.68 -27.76
N HIS D 174 20.11 84.13 -27.77
CA HIS D 174 19.12 83.72 -26.78
C HIS D 174 17.83 83.31 -27.48
N THR D 175 17.44 82.06 -27.31
CA THR D 175 16.20 81.55 -27.91
C THR D 175 15.18 81.35 -26.81
N PHE D 176 13.99 81.92 -27.01
CA PHE D 176 12.89 81.88 -26.06
C PHE D 176 11.93 80.75 -26.39
N PRO D 177 11.27 80.18 -25.37
CA PRO D 177 10.26 79.14 -25.63
C PRO D 177 9.08 79.70 -26.40
N ALA D 178 8.46 78.84 -27.20
CA ALA D 178 7.33 79.25 -28.02
C ALA D 178 6.09 79.45 -27.14
N VAL D 179 5.18 80.30 -27.63
CA VAL D 179 3.93 80.57 -26.94
C VAL D 179 2.77 80.40 -27.92
N LEU D 180 1.58 80.17 -27.35
CA LEU D 180 0.37 79.97 -28.12
C LEU D 180 -0.46 81.24 -28.09
N GLN D 181 -0.99 81.62 -29.24
CA GLN D 181 -1.80 82.83 -29.37
C GLN D 181 -3.28 82.48 -29.36
N SER D 182 -4.11 83.53 -29.32
CA SER D 182 -5.56 83.35 -29.36
C SER D 182 -6.03 82.93 -30.75
N SER D 183 -5.21 83.12 -31.77
CA SER D 183 -5.56 82.75 -33.14
C SER D 183 -5.41 81.25 -33.41
N GLY D 184 -4.90 80.49 -32.46
CA GLY D 184 -4.70 79.07 -32.64
C GLY D 184 -3.37 78.66 -33.25
N LEU D 185 -2.52 79.62 -33.60
CA LEU D 185 -1.22 79.33 -34.17
C LEU D 185 -0.13 79.77 -33.20
N TYR D 186 0.99 79.06 -33.22
CA TYR D 186 2.04 79.27 -32.25
C TYR D 186 2.95 80.42 -32.68
N SER D 187 3.68 80.96 -31.71
CA SER D 187 4.59 82.08 -31.94
C SER D 187 5.86 81.86 -31.14
N LEU D 188 6.97 82.39 -31.67
CA LEU D 188 8.26 82.26 -31.02
C LEU D 188 9.13 83.45 -31.41
N SER D 189 9.96 83.88 -30.45
CA SER D 189 10.88 84.99 -30.67
C SER D 189 12.28 84.59 -30.23
N SER D 190 13.27 84.84 -31.09
CA SER D 190 14.67 84.57 -30.80
C SER D 190 15.42 85.89 -30.89
N VAL D 191 16.19 86.21 -29.85
CA VAL D 191 16.83 87.51 -29.73
C VAL D 191 18.33 87.31 -29.49
N VAL D 192 19.08 88.39 -29.66
CA VAL D 192 20.51 88.41 -29.42
C VAL D 192 20.89 89.72 -28.76
N THR D 193 21.78 89.65 -27.77
CA THR D 193 22.31 90.83 -27.11
C THR D 193 23.68 91.16 -27.69
N VAL D 194 23.85 92.41 -28.13
CA VAL D 194 25.04 92.81 -28.89
C VAL D 194 25.46 94.20 -28.45
N PRO D 195 26.73 94.55 -28.68
CA PRO D 195 27.14 95.95 -28.52
C PRO D 195 26.37 96.87 -29.46
N SER D 196 26.08 98.08 -28.96
CA SER D 196 25.30 99.02 -29.76
C SER D 196 26.11 99.60 -30.90
N SER D 197 27.43 99.74 -30.72
CA SER D 197 28.29 100.39 -31.69
C SER D 197 28.46 99.59 -32.98
N SER D 198 28.05 98.32 -33.01
CA SER D 198 28.20 97.48 -34.18
C SER D 198 26.94 97.37 -35.01
N LEU D 199 25.91 98.17 -34.72
CA LEU D 199 24.66 98.09 -35.46
C LEU D 199 24.86 98.52 -36.91
N GLY D 200 25.50 99.67 -37.12
CA GLY D 200 25.69 100.24 -38.43
C GLY D 200 26.90 99.77 -39.21
N THR D 201 27.75 98.93 -38.63
CA THR D 201 28.95 98.45 -39.31
C THR D 201 28.87 96.96 -39.62
N GLN D 202 28.65 96.13 -38.60
CA GLN D 202 28.55 94.69 -38.81
C GLN D 202 27.14 94.32 -39.26
N THR D 203 27.05 93.42 -40.22
CA THR D 203 25.76 92.98 -40.76
C THR D 203 25.23 91.86 -39.89
N TYR D 204 24.03 92.03 -39.36
CA TYR D 204 23.41 91.06 -38.48
C TYR D 204 22.33 90.29 -39.24
N ILE D 205 22.57 89.00 -39.44
CA ILE D 205 21.67 88.13 -40.18
C ILE D 205 21.27 86.99 -39.26
N CYS D 206 19.97 86.85 -39.00
CA CYS D 206 19.46 85.77 -38.17
C CYS D 206 18.96 84.63 -39.06
N ASN D 207 19.30 83.41 -38.66
CA ASN D 207 18.98 82.21 -39.42
C ASN D 207 18.00 81.37 -38.64
N VAL D 208 16.87 81.03 -39.26
CA VAL D 208 15.82 80.25 -38.64
C VAL D 208 15.58 79.00 -39.48
N ASN D 209 15.59 77.83 -38.83
CA ASN D 209 15.38 76.57 -39.50
C ASN D 209 14.25 75.82 -38.80
N HIS D 210 13.38 75.21 -39.60
CA HIS D 210 12.24 74.43 -39.08
C HIS D 210 12.26 73.09 -39.79
N LYS D 211 12.60 72.03 -39.06
CA LYS D 211 12.72 70.71 -39.67
C LYS D 211 11.42 70.21 -40.27
N PRO D 212 10.26 70.28 -39.61
CA PRO D 212 9.04 69.74 -40.22
C PRO D 212 8.66 70.41 -41.54
N SER D 213 9.13 71.63 -41.81
CA SER D 213 8.82 72.30 -43.06
C SER D 213 10.04 72.63 -43.91
N ASN D 214 11.25 72.34 -43.41
CA ASN D 214 12.50 72.54 -44.16
C ASN D 214 12.61 73.98 -44.67
N THR D 215 12.28 74.94 -43.81
CA THR D 215 12.29 76.36 -44.18
C THR D 215 13.48 77.04 -43.51
N LYS D 216 14.26 77.76 -44.30
CA LYS D 216 15.40 78.52 -43.80
C LYS D 216 15.32 79.94 -44.32
N VAL D 217 15.43 80.91 -43.41
CA VAL D 217 15.23 82.33 -43.72
C VAL D 217 16.40 83.13 -43.16
N ASP D 218 16.89 84.08 -43.95
CA ASP D 218 17.93 85.01 -43.54
C ASP D 218 17.42 86.43 -43.70
N LYS D 219 17.51 87.21 -42.62
CA LYS D 219 17.02 88.58 -42.58
C LYS D 219 18.06 89.47 -41.94
N ARG D 220 18.26 90.65 -42.53
CA ARG D 220 19.20 91.63 -42.01
C ARG D 220 18.45 92.74 -41.29
N VAL D 221 19.07 93.26 -40.23
CA VAL D 221 18.48 94.29 -39.39
C VAL D 221 19.30 95.56 -39.52
N GLU D 222 18.63 96.67 -39.79
CA GLU D 222 19.29 97.97 -39.92
C GLU D 222 18.58 98.99 -39.05
N PRO D 223 19.32 99.87 -38.37
CA PRO D 223 18.67 100.90 -37.54
C PRO D 223 17.86 101.88 -38.38
N LYS D 224 16.82 102.43 -37.77
CA LYS D 224 15.89 103.32 -38.44
C LYS D 224 16.39 104.76 -38.35
N SER D 225 16.25 105.48 -39.47
CA SER D 225 16.63 106.88 -39.55
C SER D 225 18.07 107.13 -39.12
N ASP E 1 -8.84 58.37 -4.43
CA ASP E 1 -7.44 58.49 -4.83
C ASP E 1 -6.56 58.92 -3.65
N ILE E 2 -5.26 59.06 -3.91
CA ILE E 2 -4.29 59.50 -2.92
C ILE E 2 -3.87 60.92 -3.29
N GLN E 3 -4.03 61.85 -2.35
CA GLN E 3 -3.71 63.25 -2.56
C GLN E 3 -2.39 63.60 -1.87
N MET E 4 -1.58 64.41 -2.56
CA MET E 4 -0.32 64.92 -2.03
C MET E 4 -0.35 66.43 -1.93
N THR E 5 -0.20 66.95 -0.72
CA THR E 5 -0.05 68.39 -0.52
C THR E 5 1.44 68.70 -0.45
N GLN E 6 2.09 68.61 -1.61
CA GLN E 6 3.53 68.86 -1.68
C GLN E 6 3.84 70.34 -1.47
N SER E 7 4.59 70.63 -0.42
CA SER E 7 4.85 72.01 -0.02
C SER E 7 6.30 72.17 0.37
N PRO E 8 6.88 73.37 0.19
CA PRO E 8 6.31 74.54 -0.50
C PRO E 8 6.18 74.31 -2.01
N SER E 9 5.38 75.13 -2.68
CA SER E 9 5.28 75.03 -4.14
C SER E 9 6.57 75.44 -4.82
N SER E 10 7.34 76.33 -4.19
CA SER E 10 8.64 76.73 -4.73
C SER E 10 9.48 77.31 -3.61
N LEU E 11 10.79 77.08 -3.69
CA LEU E 11 11.72 77.54 -2.67
C LEU E 11 13.04 77.90 -3.31
N SER E 12 13.77 78.82 -2.68
CA SER E 12 15.04 79.33 -3.19
C SER E 12 16.18 78.92 -2.27
N ALA E 13 17.23 78.34 -2.84
CA ALA E 13 18.41 77.92 -2.10
C ALA E 13 19.64 78.15 -2.96
N SER E 14 20.80 78.24 -2.32
CA SER E 14 22.04 78.54 -3.01
C SER E 14 22.83 77.27 -3.28
N VAL E 15 23.95 77.43 -3.99
CA VAL E 15 24.81 76.30 -4.32
C VAL E 15 25.38 75.70 -3.03
N GLY E 16 25.22 74.38 -2.90
CA GLY E 16 25.69 73.67 -1.73
C GLY E 16 24.68 73.54 -0.60
N ASP E 17 23.56 74.24 -0.70
CA ASP E 17 22.56 74.22 0.37
C ASP E 17 21.85 72.87 0.42
N ARG E 18 21.28 72.58 1.57
CA ARG E 18 20.53 71.34 1.77
C ARG E 18 19.05 71.60 1.44
N VAL E 19 18.47 70.72 0.63
CA VAL E 19 17.13 70.91 0.09
C VAL E 19 16.23 69.81 0.62
N THR E 20 15.05 70.18 1.10
CA THR E 20 14.04 69.26 1.58
C THR E 20 12.71 69.57 0.92
N ILE E 21 12.07 68.55 0.38
CA ILE E 21 10.77 68.70 -0.28
C ILE E 21 9.83 67.66 0.32
N THR E 22 8.78 68.12 0.98
CA THR E 22 7.84 67.23 1.65
C THR E 22 6.79 66.71 0.68
N CYS E 23 6.42 65.44 0.86
CA CYS E 23 5.41 64.78 0.03
C CYS E 23 4.56 63.92 0.95
N GLN E 24 3.30 64.31 1.13
CA GLN E 24 2.44 63.64 2.08
C GLN E 24 1.81 62.40 1.43
N ALA E 25 0.82 61.82 2.10
CA ALA E 25 0.12 60.65 1.60
C ALA E 25 -1.31 60.69 2.14
N SER E 26 -2.04 59.59 1.94
CA SER E 26 -3.42 59.49 2.40
C SER E 26 -3.57 58.42 3.47
N GLN E 27 -3.25 57.17 3.15
CA GLN E 27 -3.44 56.04 4.07
C GLN E 27 -2.18 55.16 4.07
N ASP E 28 -1.27 55.47 5.00
CA ASP E 28 -0.11 54.64 5.37
C ASP E 28 0.49 53.86 4.21
N ILE E 29 0.97 54.56 3.19
CA ILE E 29 1.43 53.95 1.95
C ILE E 29 2.83 53.37 2.12
N SER E 30 3.32 53.37 3.37
CA SER E 30 4.61 52.78 3.71
C SER E 30 5.76 53.41 2.94
N ASN E 31 6.38 52.64 2.04
CA ASN E 31 7.51 53.12 1.26
C ASN E 31 7.27 52.90 -0.23
N TYR E 32 6.02 52.91 -0.66
CA TYR E 32 5.70 52.78 -2.07
C TYR E 32 5.55 54.16 -2.72
N LEU E 33 6.63 54.93 -2.64
CA LEU E 33 6.67 56.27 -3.22
C LEU E 33 7.98 56.45 -3.96
N ASN E 34 7.93 57.12 -5.11
CA ASN E 34 9.09 57.37 -5.94
C ASN E 34 9.29 58.86 -6.13
N TRP E 35 10.52 59.23 -6.51
CA TRP E 35 10.90 60.62 -6.74
C TRP E 35 11.47 60.77 -8.14
N TYR E 36 11.16 61.90 -8.79
CA TYR E 36 11.55 62.13 -10.18
C TYR E 36 12.14 63.51 -10.39
N GLN E 37 13.20 63.57 -11.19
CA GLN E 37 13.84 64.81 -11.60
C GLN E 37 13.56 65.05 -13.07
N GLN E 38 13.05 66.24 -13.39
CA GLN E 38 12.67 66.57 -14.76
C GLN E 38 13.25 67.92 -15.16
N LYS E 39 13.90 67.96 -16.32
CA LYS E 39 14.44 69.18 -16.87
C LYS E 39 13.59 69.64 -18.05
N PRO E 40 13.58 70.93 -18.36
CA PRO E 40 12.73 71.41 -19.47
C PRO E 40 13.05 70.71 -20.77
N GLY E 41 12.01 70.22 -21.44
CA GLY E 41 12.20 69.49 -22.68
C GLY E 41 12.76 68.10 -22.55
N LYS E 42 12.99 67.62 -21.32
CA LYS E 42 13.59 66.32 -21.09
C LYS E 42 12.61 65.40 -20.37
N ALA E 43 12.81 64.10 -20.58
CA ALA E 43 11.98 63.09 -19.94
C ALA E 43 12.30 63.00 -18.44
N PRO E 44 11.33 62.61 -17.63
CA PRO E 44 11.60 62.48 -16.19
C PRO E 44 12.64 61.41 -15.91
N LYS E 45 13.41 61.61 -14.84
CA LYS E 45 14.45 60.69 -14.41
C LYS E 45 14.21 60.31 -12.96
N LEU E 46 14.30 59.01 -12.68
CA LEU E 46 14.13 58.51 -11.32
C LEU E 46 15.16 59.14 -10.40
N LEU E 47 14.74 59.43 -9.16
CA LEU E 47 15.67 59.99 -8.20
C LEU E 47 15.76 59.15 -6.93
N ILE E 48 14.64 58.80 -6.32
CA ILE E 48 14.61 57.92 -5.16
C ILE E 48 13.44 56.95 -5.30
N TYR E 49 13.72 55.65 -5.21
CA TYR E 49 12.66 54.66 -5.25
C TYR E 49 12.56 53.94 -3.90
N ASP E 50 11.34 53.55 -3.54
CA ASP E 50 11.03 52.95 -2.26
C ASP E 50 11.43 53.86 -1.09
N ALA E 51 11.52 55.15 -1.38
CA ALA E 51 11.69 56.23 -0.40
C ALA E 51 13.08 56.26 0.23
N SER E 52 13.91 55.25 -0.02
CA SER E 52 15.26 55.28 0.53
C SER E 52 16.35 54.81 -0.43
N ASN E 53 16.04 54.00 -1.43
CA ASN E 53 17.05 53.35 -2.25
C ASN E 53 17.42 54.22 -3.45
N LEU E 54 18.69 54.61 -3.53
CA LEU E 54 19.14 55.41 -4.67
C LEU E 54 19.27 54.51 -5.91
N GLU E 55 18.93 55.07 -7.07
CA GLU E 55 19.10 54.33 -8.32
C GLU E 55 20.57 54.19 -8.68
N THR E 56 20.87 53.16 -9.48
CA THR E 56 22.20 52.97 -10.01
C THR E 56 22.49 54.02 -11.08
N GLY E 57 23.77 54.37 -11.20
CA GLY E 57 24.21 55.36 -12.17
C GLY E 57 23.93 56.80 -11.77
N VAL E 58 23.47 57.02 -10.55
CA VAL E 58 23.13 58.35 -10.05
C VAL E 58 24.23 58.76 -9.07
N PRO E 59 24.72 60.00 -9.11
CA PRO E 59 25.74 60.42 -8.16
C PRO E 59 25.23 60.33 -6.73
N SER E 60 26.15 60.05 -5.80
CA SER E 60 25.82 59.75 -4.41
C SER E 60 25.29 60.95 -3.65
N ARG E 61 25.40 62.18 -4.19
CA ARG E 61 24.93 63.35 -3.47
C ARG E 61 23.41 63.40 -3.33
N PHE E 62 22.68 62.55 -4.05
CA PHE E 62 21.23 62.50 -3.97
C PHE E 62 20.81 61.43 -2.98
N SER E 63 19.86 61.77 -2.11
CA SER E 63 19.43 60.84 -1.07
C SER E 63 17.97 61.11 -0.71
N GLY E 64 17.28 60.04 -0.31
CA GLY E 64 15.90 60.14 0.10
C GLY E 64 15.67 59.44 1.43
N SER E 65 14.58 59.84 2.09
CA SER E 65 14.20 59.24 3.37
C SER E 65 12.70 59.41 3.57
N GLY E 66 12.21 58.83 4.66
CA GLY E 66 10.81 58.90 5.03
C GLY E 66 10.08 57.59 4.76
N SER E 67 8.97 57.41 5.47
CA SER E 67 8.15 56.21 5.31
C SER E 67 6.77 56.47 5.89
N GLY E 68 5.80 55.67 5.45
CA GLY E 68 4.44 55.79 5.92
C GLY E 68 3.64 56.85 5.20
N THR E 69 3.41 57.98 5.86
CA THR E 69 2.65 59.08 5.29
C THR E 69 3.43 60.38 5.20
N ASP E 70 4.70 60.39 5.62
CA ASP E 70 5.55 61.57 5.53
C ASP E 70 6.87 61.18 4.88
N PHE E 71 7.30 61.98 3.91
CA PHE E 71 8.55 61.73 3.19
C PHE E 71 9.37 63.01 3.20
N THR E 72 10.58 62.94 3.76
CA THR E 72 11.38 64.14 4.02
C THR E 72 12.12 64.61 2.78
N PHE E 73 12.99 63.75 2.22
CA PHE E 73 13.82 64.03 1.05
C PHE E 73 14.89 65.06 1.37
N THR E 74 16.15 64.73 1.07
CA THR E 74 17.30 65.52 1.47
C THR E 74 18.32 65.60 0.33
N ILE E 75 18.67 66.82 -0.06
CA ILE E 75 19.77 67.07 -0.99
C ILE E 75 20.97 67.58 -0.22
N SER E 76 22.15 67.05 -0.56
CA SER E 76 23.37 67.37 0.18
C SER E 76 24.17 68.51 -0.45
N SER E 77 24.50 68.40 -1.73
CA SER E 77 25.37 69.37 -2.40
C SER E 77 24.74 69.75 -3.74
N LEU E 78 24.33 71.01 -3.86
CA LEU E 78 23.76 71.47 -5.12
C LEU E 78 24.84 71.59 -6.19
N GLN E 79 24.52 71.11 -7.39
CA GLN E 79 25.38 71.19 -8.55
C GLN E 79 24.65 71.95 -9.65
N PRO E 80 25.35 72.71 -10.50
CA PRO E 80 24.63 73.57 -11.46
C PRO E 80 23.79 72.79 -12.46
N GLU E 81 24.05 71.51 -12.68
CA GLU E 81 23.19 70.69 -13.53
C GLU E 81 22.00 70.11 -12.79
N ASP E 82 21.85 70.42 -11.50
CA ASP E 82 20.76 69.86 -10.71
C ASP E 82 19.52 70.74 -10.73
N ILE E 83 19.53 71.84 -11.49
CA ILE E 83 18.36 72.70 -11.59
C ILE E 83 17.28 71.97 -12.38
N ALA E 84 16.11 71.79 -11.76
CA ALA E 84 15.03 71.02 -12.36
C ALA E 84 13.81 71.15 -11.47
N THR E 85 12.71 70.53 -11.90
CA THR E 85 11.49 70.43 -11.12
C THR E 85 11.29 68.97 -10.71
N TYR E 86 11.02 68.75 -9.42
CA TYR E 86 10.97 67.43 -8.83
C TYR E 86 9.55 67.02 -8.48
N TYR E 87 9.21 65.78 -8.78
CA TYR E 87 7.87 65.24 -8.63
C TYR E 87 7.95 63.96 -7.81
N CYS E 88 7.03 63.82 -6.86
CA CYS E 88 6.90 62.61 -6.06
C CYS E 88 5.67 61.83 -6.55
N GLN E 89 5.87 60.54 -6.80
CA GLN E 89 4.85 59.70 -7.42
C GLN E 89 4.54 58.52 -6.52
N GLN E 90 3.30 58.45 -6.04
CA GLN E 90 2.84 57.31 -5.25
C GLN E 90 2.71 56.07 -6.11
N HIS E 91 3.12 54.93 -5.57
CA HIS E 91 3.07 53.69 -6.33
C HIS E 91 2.47 52.57 -5.50
N ASP E 92 1.56 52.90 -4.58
CA ASP E 92 0.89 51.85 -3.81
C ASP E 92 -0.43 51.42 -4.42
N ALA E 93 -1.50 52.14 -4.09
CA ALA E 93 -2.86 51.76 -4.51
C ALA E 93 -3.05 52.02 -6.00
N LEU E 94 -2.86 50.98 -6.82
CA LEU E 94 -3.11 51.05 -8.26
C LEU E 94 -2.46 52.31 -8.82
N PRO E 95 -1.13 52.37 -8.90
CA PRO E 95 -0.47 53.67 -9.01
C PRO E 95 -0.99 54.58 -10.11
N TRP E 96 -1.62 55.68 -9.70
CA TRP E 96 -2.16 56.68 -10.60
C TRP E 96 -1.51 58.04 -10.43
N THR E 97 -1.41 58.54 -9.21
CA THR E 97 -1.15 59.95 -8.97
C THR E 97 0.34 60.25 -8.86
N PHE E 98 0.68 61.48 -9.26
CA PHE E 98 1.97 62.11 -9.10
C PHE E 98 1.84 63.20 -8.05
N GLY E 99 2.88 64.02 -7.91
CA GLY E 99 2.82 65.20 -7.08
C GLY E 99 2.64 66.44 -7.95
N GLN E 100 2.20 67.53 -7.32
CA GLN E 100 2.05 68.77 -8.06
C GLN E 100 3.39 69.33 -8.50
N GLY E 101 4.44 69.07 -7.74
CA GLY E 101 5.78 69.49 -8.12
C GLY E 101 6.23 70.77 -7.47
N THR E 102 7.51 70.84 -7.16
CA THR E 102 8.13 72.03 -6.58
C THR E 102 9.31 72.42 -7.45
N LYS E 103 9.38 73.69 -7.82
CA LYS E 103 10.48 74.18 -8.64
C LYS E 103 11.61 74.63 -7.74
N VAL E 104 12.77 73.97 -7.86
CA VAL E 104 13.95 74.28 -7.06
C VAL E 104 14.95 75.03 -7.94
N GLU E 105 15.29 76.24 -7.52
CA GLU E 105 16.21 77.08 -8.28
C GLU E 105 17.31 77.60 -7.38
N ILE E 106 18.37 78.08 -8.00
CA ILE E 106 19.55 78.54 -7.26
C ILE E 106 19.32 79.97 -6.78
N LYS E 107 19.53 80.19 -5.49
CA LYS E 107 19.48 81.54 -4.95
C LYS E 107 20.69 82.33 -5.42
N ARG E 108 20.46 83.58 -5.78
CA ARG E 108 21.50 84.46 -6.29
C ARG E 108 21.30 85.86 -5.73
N THR E 109 22.15 86.78 -6.15
CA THR E 109 22.00 88.17 -5.75
C THR E 109 21.01 88.88 -6.67
N VAL E 110 20.19 89.74 -6.08
CA VAL E 110 19.17 90.45 -6.85
C VAL E 110 19.84 91.28 -7.94
N ALA E 111 19.31 91.17 -9.17
CA ALA E 111 19.89 91.83 -10.33
C ALA E 111 18.82 92.63 -11.05
N ALA E 112 19.13 93.89 -11.36
CA ALA E 112 18.18 94.76 -12.03
C ALA E 112 18.01 94.34 -13.49
N PRO E 113 16.80 94.39 -14.02
CA PRO E 113 16.59 94.01 -15.43
C PRO E 113 16.93 95.14 -16.37
N SER E 114 17.22 94.76 -17.61
CA SER E 114 17.40 95.70 -18.71
C SER E 114 16.09 95.80 -19.48
N VAL E 115 15.55 97.00 -19.59
CA VAL E 115 14.23 97.24 -20.19
C VAL E 115 14.43 97.85 -21.57
N PHE E 116 13.75 97.28 -22.56
CA PHE E 116 13.83 97.78 -23.93
C PHE E 116 12.52 97.45 -24.64
N ILE E 117 12.21 98.25 -25.66
CA ILE E 117 10.98 98.11 -26.43
C ILE E 117 11.33 97.99 -27.91
N PHE E 118 10.61 97.11 -28.61
CA PHE E 118 10.83 96.88 -30.04
C PHE E 118 9.65 97.42 -30.83
N PRO E 119 9.84 98.45 -31.66
CA PRO E 119 8.77 98.89 -32.55
C PRO E 119 8.57 97.89 -33.68
N PRO E 120 7.40 97.89 -34.32
CA PRO E 120 7.16 96.93 -35.40
C PRO E 120 8.04 97.21 -36.60
N SER E 121 8.53 96.14 -37.22
CA SER E 121 9.37 96.27 -38.39
C SER E 121 8.53 96.62 -39.62
N ASP E 122 9.18 97.24 -40.61
CA ASP E 122 8.49 97.56 -41.85
C ASP E 122 8.12 96.31 -42.63
N GLU E 123 8.95 95.27 -42.56
CA GLU E 123 8.62 94.01 -43.20
C GLU E 123 7.38 93.38 -42.59
N GLN E 124 7.19 93.55 -41.29
CA GLN E 124 5.99 93.04 -40.62
C GLN E 124 4.74 93.81 -40.99
N LEU E 125 4.88 95.08 -41.41
CA LEU E 125 3.72 95.89 -41.72
C LEU E 125 3.05 95.48 -43.03
N LYS E 126 3.83 95.10 -44.04
CA LYS E 126 3.23 94.65 -45.29
C LYS E 126 2.48 93.33 -45.13
N SER E 127 2.75 92.57 -44.08
CA SER E 127 1.95 91.39 -43.78
C SER E 127 0.66 91.73 -43.04
N GLY E 128 0.52 92.96 -42.55
CA GLY E 128 -0.70 93.39 -41.89
C GLY E 128 -0.72 93.26 -40.38
N THR E 129 0.41 92.95 -39.75
CA THR E 129 0.48 92.74 -38.32
C THR E 129 1.51 93.70 -37.73
N ALA E 130 1.24 94.18 -36.52
CA ALA E 130 2.17 94.99 -35.75
C ALA E 130 2.31 94.41 -34.36
N SER E 131 3.55 94.13 -33.95
CA SER E 131 3.86 93.55 -32.65
C SER E 131 4.84 94.46 -31.92
N VAL E 132 4.52 94.79 -30.67
CA VAL E 132 5.37 95.61 -29.82
C VAL E 132 5.87 94.74 -28.68
N VAL E 133 7.18 94.53 -28.64
CA VAL E 133 7.79 93.59 -27.70
C VAL E 133 8.63 94.38 -26.70
N CYS E 134 8.52 93.99 -25.42
CA CYS E 134 9.34 94.55 -24.35
C CYS E 134 10.15 93.41 -23.75
N LEU E 135 11.45 93.65 -23.56
CA LEU E 135 12.38 92.61 -23.14
C LEU E 135 12.80 92.84 -21.69
N LEU E 136 12.69 91.79 -20.88
CA LEU E 136 13.17 91.79 -19.50
C LEU E 136 14.33 90.79 -19.42
N ASN E 137 15.56 91.30 -19.39
CA ASN E 137 16.75 90.48 -19.56
C ASN E 137 17.56 90.43 -18.27
N ASN E 138 17.88 89.21 -17.84
CA ASN E 138 18.84 88.96 -16.77
C ASN E 138 18.43 89.65 -15.46
N PHE E 139 17.30 89.21 -14.92
CA PHE E 139 16.78 89.72 -13.66
C PHE E 139 16.57 88.58 -12.68
N TYR E 140 16.63 88.92 -11.39
CA TYR E 140 16.37 87.99 -10.30
C TYR E 140 15.99 88.79 -9.06
N PRO E 141 14.93 88.39 -8.33
CA PRO E 141 14.12 87.19 -8.52
C PRO E 141 13.20 87.22 -9.74
N ARG E 142 12.53 86.09 -9.99
CA ARG E 142 11.64 86.00 -11.16
C ARG E 142 10.48 86.98 -11.07
N GLU E 143 10.14 87.43 -9.87
CA GLU E 143 9.03 88.36 -9.69
C GLU E 143 9.31 89.68 -10.40
N ALA E 144 8.43 90.04 -11.33
CA ALA E 144 8.55 91.29 -12.06
C ALA E 144 7.16 91.70 -12.53
N LYS E 145 6.92 93.01 -12.56
CA LYS E 145 5.64 93.58 -12.92
C LYS E 145 5.80 94.43 -14.17
N VAL E 146 4.92 94.21 -15.15
CA VAL E 146 4.98 94.90 -16.43
C VAL E 146 3.75 95.79 -16.55
N GLN E 147 3.98 97.08 -16.75
CA GLN E 147 2.91 98.06 -16.92
C GLN E 147 3.04 98.68 -18.30
N TRP E 148 2.11 98.33 -19.20
CA TRP E 148 2.07 98.91 -20.53
C TRP E 148 1.26 100.21 -20.51
N LYS E 149 1.84 101.27 -21.06
CA LYS E 149 1.19 102.57 -21.13
C LYS E 149 1.17 103.05 -22.58
N VAL E 150 -0.03 103.32 -23.10
CA VAL E 150 -0.22 103.92 -24.41
C VAL E 150 -0.99 105.21 -24.22
N ASP E 151 -0.40 106.32 -24.66
CA ASP E 151 -0.96 107.66 -24.42
C ASP E 151 -1.21 107.89 -22.93
N ASN E 152 -0.28 107.41 -22.11
CA ASN E 152 -0.30 107.55 -20.65
C ASN E 152 -1.50 106.82 -20.04
N ALA E 153 -2.08 105.87 -20.78
CA ALA E 153 -3.19 105.05 -20.31
C ALA E 153 -2.68 103.65 -20.00
N LEU E 154 -3.02 103.14 -18.82
CA LEU E 154 -2.58 101.81 -18.43
C LEU E 154 -3.29 100.76 -19.28
N GLN E 155 -2.50 99.85 -19.85
CA GLN E 155 -3.00 98.84 -20.76
C GLN E 155 -3.20 97.50 -20.03
N SER E 156 -4.15 96.72 -20.53
CA SER E 156 -4.45 95.42 -19.94
C SER E 156 -5.28 94.61 -20.94
N GLY E 157 -5.00 93.31 -21.01
CA GLY E 157 -5.72 92.43 -21.89
C GLY E 157 -5.27 92.43 -23.33
N ASN E 158 -4.23 93.20 -23.67
CA ASN E 158 -3.72 93.25 -25.03
C ASN E 158 -2.25 92.90 -25.14
N SER E 159 -1.65 92.31 -24.10
CA SER E 159 -0.24 91.98 -24.10
C SER E 159 -0.04 90.54 -23.65
N GLN E 160 1.02 89.92 -24.17
CA GLN E 160 1.38 88.55 -23.86
C GLN E 160 2.84 88.51 -23.41
N GLU E 161 3.13 87.64 -22.44
CA GLU E 161 4.47 87.52 -21.89
C GLU E 161 5.02 86.11 -22.10
N SER E 162 6.34 85.99 -21.94
CA SER E 162 7.03 84.71 -22.04
C SER E 162 8.29 84.78 -21.19
N VAL E 163 8.53 83.72 -20.42
CA VAL E 163 9.63 83.67 -19.46
C VAL E 163 10.53 82.51 -19.81
N THR E 164 11.84 82.78 -19.90
CA THR E 164 12.82 81.74 -20.15
C THR E 164 13.12 80.98 -18.85
N GLU E 165 13.44 79.70 -18.99
CA GLU E 165 13.79 78.86 -17.85
C GLU E 165 15.14 79.30 -17.28
N GLN E 166 15.53 78.65 -16.18
CA GLN E 166 16.78 79.00 -15.51
C GLN E 166 17.96 78.72 -16.43
N ASP E 167 18.82 79.70 -16.59
CA ASP E 167 19.96 79.58 -17.50
C ASP E 167 21.00 78.63 -16.92
N SER E 168 21.69 77.92 -17.82
CA SER E 168 22.73 76.98 -17.39
C SER E 168 24.00 77.68 -16.97
N LYS E 169 24.27 78.88 -17.48
CA LYS E 169 25.55 79.55 -17.22
C LYS E 169 25.49 80.39 -15.95
N ASP E 170 24.48 81.25 -15.82
CA ASP E 170 24.40 82.16 -14.67
C ASP E 170 23.15 81.97 -13.84
N SER E 171 22.31 80.98 -14.17
CA SER E 171 21.12 80.65 -13.38
C SER E 171 20.15 81.84 -13.29
N THR E 172 20.23 82.78 -14.23
CA THR E 172 19.37 83.94 -14.23
C THR E 172 18.35 83.79 -15.37
N TYR E 173 17.19 84.41 -15.17
CA TYR E 173 16.07 84.28 -16.09
C TYR E 173 15.99 85.47 -17.05
N SER E 174 15.29 85.24 -18.15
CA SER E 174 14.99 86.27 -19.13
C SER E 174 13.50 86.23 -19.43
N LEU E 175 12.93 87.39 -19.72
CA LEU E 175 11.49 87.50 -19.94
C LEU E 175 11.25 88.37 -21.16
N SER E 176 10.23 88.00 -21.94
CA SER E 176 9.81 88.77 -23.08
C SER E 176 8.32 89.06 -22.96
N SER E 177 7.95 90.33 -23.14
CA SER E 177 6.57 90.77 -23.12
C SER E 177 6.21 91.31 -24.49
N THR E 178 5.10 90.85 -25.05
CA THR E 178 4.71 91.19 -26.41
C THR E 178 3.35 91.86 -26.38
N LEU E 179 3.27 93.04 -26.99
CA LEU E 179 2.01 93.77 -27.15
C LEU E 179 1.63 93.76 -28.63
N THR E 180 0.39 93.40 -28.92
CA THR E 180 -0.08 93.23 -30.28
C THR E 180 -1.22 94.18 -30.57
N LEU E 181 -1.16 94.81 -31.75
CA LEU E 181 -2.24 95.67 -32.21
C LEU E 181 -2.18 95.74 -33.73
N SER E 182 -3.29 96.15 -34.33
CA SER E 182 -3.38 96.20 -35.77
C SER E 182 -2.72 97.47 -36.32
N LYS E 183 -2.44 97.45 -37.62
CA LYS E 183 -1.82 98.62 -38.25
C LYS E 183 -2.77 99.82 -38.22
N ALA E 184 -4.06 99.58 -38.39
CA ALA E 184 -5.04 100.67 -38.29
C ALA E 184 -5.02 101.30 -36.90
N ASP E 185 -4.94 100.48 -35.86
CA ASP E 185 -4.82 101.01 -34.50
C ASP E 185 -3.44 101.62 -34.26
N TYR E 186 -2.43 101.17 -35.01
CA TYR E 186 -1.10 101.75 -34.89
C TYR E 186 -1.10 103.21 -35.28
N GLU E 187 -1.85 103.57 -36.33
CA GLU E 187 -1.91 104.95 -36.79
C GLU E 187 -2.74 105.84 -35.88
N LYS E 188 -3.59 105.24 -35.02
CA LYS E 188 -4.53 105.99 -34.20
C LYS E 188 -3.98 106.34 -32.82
N HIS E 189 -2.76 105.93 -32.50
CA HIS E 189 -2.13 106.25 -31.22
C HIS E 189 -0.71 106.74 -31.47
N LYS E 190 -0.15 107.43 -30.47
CA LYS E 190 1.16 108.06 -30.63
C LYS E 190 2.22 107.48 -29.72
N VAL E 191 1.91 107.26 -28.44
CA VAL E 191 2.90 106.88 -27.44
C VAL E 191 2.77 105.40 -27.15
N TYR E 192 3.88 104.67 -27.26
CA TYR E 192 3.93 103.26 -26.89
C TYR E 192 5.08 103.07 -25.91
N ALA E 193 4.79 102.46 -24.77
CA ALA E 193 5.78 102.33 -23.71
C ALA E 193 5.48 101.12 -22.83
N CYS E 194 6.55 100.51 -22.32
CA CYS E 194 6.44 99.41 -21.38
CA CYS E 194 6.44 99.41 -21.38
C CYS E 194 7.22 99.77 -20.11
N GLU E 195 6.63 99.48 -18.96
CA GLU E 195 7.21 99.78 -17.66
C GLU E 195 7.45 98.49 -16.89
N VAL E 196 8.65 98.35 -16.33
CA VAL E 196 9.05 97.15 -15.62
C VAL E 196 9.33 97.51 -14.17
N THR E 197 8.73 96.77 -13.25
CA THR E 197 8.98 96.89 -11.82
C THR E 197 9.72 95.65 -11.35
N HIS E 198 10.80 95.84 -10.62
CA HIS E 198 11.61 94.72 -10.17
C HIS E 198 12.27 95.07 -8.84
N GLN E 199 12.64 94.02 -8.10
CA GLN E 199 13.21 94.20 -6.78
C GLN E 199 14.54 94.94 -6.85
N GLY E 200 15.35 94.68 -7.88
CA GLY E 200 16.63 95.34 -8.03
C GLY E 200 16.55 96.80 -8.43
N LEU E 201 15.36 97.28 -8.78
CA LEU E 201 15.15 98.68 -9.10
C LEU E 201 14.43 99.35 -7.93
N SER E 202 15.02 100.44 -7.43
CA SER E 202 14.38 101.19 -6.34
C SER E 202 13.03 101.72 -6.79
N SER E 203 12.95 102.23 -8.02
CA SER E 203 11.70 102.64 -8.65
C SER E 203 11.60 101.98 -10.02
N PRO E 204 10.38 101.71 -10.48
CA PRO E 204 10.22 101.08 -11.79
C PRO E 204 10.78 101.94 -12.91
N VAL E 205 11.34 101.26 -13.92
CA VAL E 205 11.97 101.92 -15.06
C VAL E 205 11.02 101.85 -16.25
N THR E 206 10.79 102.99 -16.87
CA THR E 206 9.86 103.11 -18.00
C THR E 206 10.64 103.40 -19.27
N LYS E 207 10.37 102.62 -20.32
CA LYS E 207 10.94 102.83 -21.64
C LYS E 207 9.81 103.18 -22.60
N SER E 208 9.96 104.29 -23.32
CA SER E 208 8.89 104.83 -24.14
C SER E 208 9.37 105.06 -25.57
N PHE E 209 8.42 105.04 -26.50
CA PHE E 209 8.69 105.32 -27.91
C PHE E 209 7.47 105.98 -28.52
N ASN E 210 7.73 106.82 -29.52
CA ASN E 210 6.71 107.52 -30.27
C ASN E 210 6.76 107.03 -31.71
N ARG E 211 5.60 106.66 -32.27
CA ARG E 211 5.57 106.12 -33.61
C ARG E 211 6.10 107.13 -34.62
N GLY E 212 6.79 106.62 -35.63
CA GLY E 212 7.37 107.49 -36.64
C GLY E 212 8.65 108.17 -36.19
N GLU E 213 9.22 107.74 -35.07
CA GLU E 213 10.45 108.30 -34.53
C GLU E 213 10.31 109.81 -34.34
N CYS E 214 9.38 110.17 -33.45
CA CYS E 214 9.09 111.56 -33.14
C CYS E 214 9.75 111.99 -31.83
N GLU F 1 -57.60 22.70 -25.72
CA GLU F 1 -57.65 22.88 -27.16
C GLU F 1 -57.49 24.35 -27.55
N VAL F 2 -56.57 24.63 -28.47
CA VAL F 2 -56.38 25.99 -28.93
C VAL F 2 -57.58 26.42 -29.76
N GLN F 3 -58.05 27.64 -29.53
CA GLN F 3 -59.22 28.15 -30.24
C GLN F 3 -59.02 29.65 -30.46
N LEU F 4 -58.97 30.06 -31.72
CA LEU F 4 -58.86 31.48 -32.07
C LEU F 4 -60.16 31.89 -32.76
N VAL F 5 -61.13 32.27 -31.95
CA VAL F 5 -62.44 32.69 -32.47
C VAL F 5 -62.34 34.16 -32.86
N GLU F 6 -62.58 34.44 -34.13
CA GLU F 6 -62.44 35.79 -34.66
C GLU F 6 -63.79 36.46 -34.82
N SER F 7 -63.79 37.79 -34.66
CA SER F 7 -64.99 38.60 -34.77
C SER F 7 -64.56 40.04 -35.01
N GLY F 8 -65.55 40.92 -35.19
CA GLY F 8 -65.30 42.33 -35.40
C GLY F 8 -65.24 42.75 -36.85
N GLY F 9 -65.27 41.81 -37.79
CA GLY F 9 -65.33 42.16 -39.19
C GLY F 9 -66.70 42.61 -39.64
N GLY F 10 -66.74 43.30 -40.76
CA GLY F 10 -67.99 43.82 -41.28
C GLY F 10 -67.79 44.79 -42.42
N LEU F 11 -68.79 45.63 -42.63
CA LEU F 11 -68.85 46.54 -43.76
C LEU F 11 -68.38 47.94 -43.37
N VAL F 12 -67.43 48.47 -44.13
CA VAL F 12 -66.87 49.80 -43.90
C VAL F 12 -66.74 50.53 -45.22
N GLN F 13 -67.08 51.82 -45.21
CA GLN F 13 -66.84 52.65 -46.37
C GLN F 13 -65.34 52.91 -46.49
N PRO F 14 -64.84 53.17 -47.70
CA PRO F 14 -63.42 53.50 -47.86
C PRO F 14 -63.06 54.73 -47.05
N GLY F 15 -61.88 54.70 -46.43
CA GLY F 15 -61.45 55.78 -45.56
C GLY F 15 -61.94 55.70 -44.14
N GLY F 16 -62.72 54.67 -43.80
CA GLY F 16 -63.26 54.51 -42.46
C GLY F 16 -62.32 53.74 -41.54
N SER F 17 -62.87 53.36 -40.38
CA SER F 17 -62.11 52.63 -39.38
C SER F 17 -62.92 51.43 -38.90
N LEU F 18 -62.21 50.41 -38.42
CA LEU F 18 -62.84 49.20 -37.92
C LEU F 18 -61.87 48.48 -36.98
N ARG F 19 -62.41 47.92 -35.92
CA ARG F 19 -61.61 47.18 -34.94
C ARG F 19 -61.96 45.71 -35.01
N LEU F 20 -60.94 44.87 -35.17
CA LEU F 20 -61.07 43.42 -35.22
C LEU F 20 -60.68 42.79 -33.89
N SER F 21 -61.31 41.66 -33.58
CA SER F 21 -61.04 40.94 -32.35
C SER F 21 -60.65 39.50 -32.69
N CYS F 22 -59.74 38.95 -31.90
CA CYS F 22 -59.32 37.55 -32.06
C CYS F 22 -59.13 36.99 -30.65
N ALA F 23 -60.20 36.40 -30.12
CA ALA F 23 -60.16 35.82 -28.79
C ALA F 23 -59.36 34.52 -28.77
N ALA F 24 -58.78 34.22 -27.61
CA ALA F 24 -57.94 33.04 -27.44
C ALA F 24 -58.36 32.29 -26.18
N SER F 25 -58.32 30.96 -26.26
CA SER F 25 -58.67 30.11 -25.12
C SER F 25 -57.98 28.77 -25.30
N GLY F 26 -57.51 28.21 -24.18
CA GLY F 26 -56.85 26.92 -24.18
C GLY F 26 -55.33 26.96 -24.13
N PHE F 27 -54.75 28.15 -24.07
CA PHE F 27 -53.29 28.28 -24.06
C PHE F 27 -52.91 29.63 -23.47
N THR F 28 -51.63 29.77 -23.11
CA THR F 28 -51.11 31.00 -22.53
C THR F 28 -50.97 32.06 -23.62
N PHE F 29 -51.93 32.97 -23.70
CA PHE F 29 -51.90 33.98 -24.76
C PHE F 29 -50.72 34.93 -24.58
N SER F 30 -50.43 35.31 -23.33
CA SER F 30 -49.45 36.35 -23.06
C SER F 30 -48.01 35.88 -23.26
N SER F 31 -47.79 34.59 -23.50
CA SER F 31 -46.44 34.06 -23.64
C SER F 31 -46.13 33.66 -25.08
N TYR F 32 -47.02 34.00 -26.01
CA TYR F 32 -46.87 33.67 -27.42
C TYR F 32 -46.84 34.96 -28.24
N ALA F 33 -46.35 34.83 -29.46
CA ALA F 33 -46.33 35.94 -30.41
C ALA F 33 -47.54 35.78 -31.33
N MET F 34 -48.27 36.87 -31.55
CA MET F 34 -49.52 36.79 -32.30
C MET F 34 -49.38 37.55 -33.63
N HIS F 35 -50.01 37.04 -34.69
CA HIS F 35 -49.88 37.60 -36.03
C HIS F 35 -51.23 37.85 -36.69
N TRP F 36 -51.23 38.70 -37.72
CA TRP F 36 -52.35 38.87 -38.63
C TRP F 36 -51.92 38.63 -40.08
N VAL F 37 -52.70 37.81 -40.79
CA VAL F 37 -52.45 37.50 -42.19
C VAL F 37 -53.77 37.58 -42.95
N ARG F 38 -53.77 38.22 -44.13
CA ARG F 38 -54.97 38.37 -44.94
C ARG F 38 -54.77 37.77 -46.32
N GLN F 39 -55.89 37.46 -46.98
CA GLN F 39 -55.91 36.88 -48.32
C GLN F 39 -56.99 37.57 -49.13
N ALA F 40 -56.58 38.23 -50.22
CA ALA F 40 -57.54 38.86 -51.12
C ALA F 40 -58.41 37.82 -51.82
N PRO F 41 -59.64 38.17 -52.18
CA PRO F 41 -60.53 37.20 -52.85
C PRO F 41 -59.92 36.66 -54.13
N GLY F 42 -59.65 35.36 -54.13
CA GLY F 42 -59.06 34.70 -55.28
C GLY F 42 -57.58 34.92 -55.48
N LYS F 43 -56.91 35.59 -54.54
CA LYS F 43 -55.49 35.90 -54.63
C LYS F 43 -54.71 35.13 -53.58
N GLY F 44 -53.41 35.40 -53.50
CA GLY F 44 -52.55 34.69 -52.58
C GLY F 44 -52.53 35.32 -51.19
N LEU F 45 -51.83 34.64 -50.29
CA LEU F 45 -51.69 35.10 -48.92
C LEU F 45 -50.76 36.30 -48.84
N GLU F 46 -51.09 37.24 -47.96
CA GLU F 46 -50.26 38.41 -47.74
C GLU F 46 -50.26 38.72 -46.25
N TRP F 47 -49.07 38.81 -45.66
CA TRP F 47 -48.95 39.09 -44.24
C TRP F 47 -49.36 40.54 -43.95
N VAL F 48 -49.85 40.76 -42.74
CA VAL F 48 -50.34 42.09 -42.37
C VAL F 48 -49.51 42.72 -41.26
N SER F 49 -49.50 42.11 -40.09
CA SER F 49 -48.90 42.74 -38.91
C SER F 49 -48.53 41.66 -37.91
N ALA F 50 -47.82 42.09 -36.86
CA ALA F 50 -47.43 41.18 -35.79
C ALA F 50 -47.16 41.97 -34.52
N ILE F 51 -47.57 41.42 -33.38
CA ILE F 51 -47.26 41.98 -32.07
C ILE F 51 -46.70 40.84 -31.23
N TRP F 52 -45.46 41.02 -30.77
CA TRP F 52 -44.76 39.95 -30.07
C TRP F 52 -44.84 40.11 -28.55
N GLY F 53 -46.06 40.12 -28.05
CA GLY F 53 -46.26 40.26 -26.60
C GLY F 53 -46.13 41.66 -26.05
N SER F 54 -45.01 42.31 -26.32
CA SER F 54 -44.78 43.67 -25.84
C SER F 54 -45.64 44.67 -26.63
N GLY F 55 -45.93 45.80 -25.99
CA GLY F 55 -46.74 46.83 -26.61
C GLY F 55 -45.91 47.80 -27.41
N SER F 56 -44.67 47.41 -27.70
CA SER F 56 -43.73 48.23 -28.46
C SER F 56 -43.04 47.49 -29.59
N ASN F 57 -42.99 46.16 -29.55
CA ASN F 57 -42.33 45.36 -30.58
C ASN F 57 -43.33 44.91 -31.66
N THR F 58 -43.92 45.90 -32.33
CA THR F 58 -44.88 45.67 -33.38
C THR F 58 -44.26 45.85 -34.76
N TYR F 59 -44.62 44.96 -35.68
CA TYR F 59 -44.06 44.97 -37.03
C TYR F 59 -45.18 44.81 -38.05
N TYR F 60 -45.07 45.52 -39.18
CA TYR F 60 -46.12 45.56 -40.18
C TYR F 60 -45.54 45.27 -41.55
N ALA F 61 -46.40 44.77 -42.45
CA ALA F 61 -46.01 44.57 -43.83
C ALA F 61 -45.88 45.90 -44.55
N ASP F 62 -45.09 45.90 -45.63
CA ASP F 62 -44.84 47.16 -46.35
C ASP F 62 -46.12 47.77 -46.90
N SER F 63 -47.09 46.94 -47.28
CA SER F 63 -48.32 47.43 -47.88
C SER F 63 -49.27 48.05 -46.86
N VAL F 64 -48.99 47.88 -45.57
CA VAL F 64 -49.88 48.36 -44.52
C VAL F 64 -49.10 49.16 -43.50
N LYS F 65 -47.83 49.43 -43.80
CA LYS F 65 -46.99 50.20 -42.90
C LYS F 65 -47.57 51.59 -42.67
N GLY F 66 -47.74 51.95 -41.41
CA GLY F 66 -48.25 53.25 -41.04
C GLY F 66 -49.76 53.32 -40.85
N ARG F 67 -50.52 52.53 -41.62
CA ARG F 67 -51.97 52.59 -41.59
C ARG F 67 -52.60 51.65 -40.57
N PHE F 68 -52.02 50.48 -40.34
CA PHE F 68 -52.61 49.48 -39.47
C PHE F 68 -51.90 49.42 -38.12
N THR F 69 -52.68 49.27 -37.06
CA THR F 69 -52.16 49.19 -35.70
C THR F 69 -52.68 47.94 -35.01
N ILE F 70 -51.78 47.18 -34.41
CA ILE F 70 -52.10 45.92 -33.73
C ILE F 70 -51.98 46.12 -32.21
N SER F 71 -52.81 45.40 -31.47
CA SER F 71 -52.83 45.51 -30.01
C SER F 71 -53.42 44.23 -29.44
N ARG F 72 -53.14 44.00 -28.15
CA ARG F 72 -53.55 42.78 -27.47
C ARG F 72 -54.09 43.14 -26.08
N ASP F 73 -54.31 42.10 -25.27
CA ASP F 73 -54.92 42.21 -23.96
C ASP F 73 -54.43 41.10 -23.05
N ASN F 74 -54.32 41.41 -21.77
CA ASN F 74 -53.97 40.43 -20.75
C ASN F 74 -55.30 39.88 -20.26
N SER F 75 -55.45 39.67 -18.95
CA SER F 75 -56.72 39.25 -18.36
C SER F 75 -57.52 38.31 -19.26
N LYS F 76 -58.50 38.84 -19.98
CA LYS F 76 -59.36 38.01 -20.81
C LYS F 76 -58.64 37.38 -22.00
N ASN F 77 -57.47 37.91 -22.40
CA ASN F 77 -56.67 37.31 -23.48
C ASN F 77 -57.32 37.42 -24.84
N THR F 78 -57.30 38.62 -25.44
CA THR F 78 -57.87 38.83 -26.76
C THR F 78 -56.90 39.67 -27.60
N LEU F 79 -57.11 39.64 -28.90
CA LEU F 79 -56.28 40.37 -29.85
C LEU F 79 -57.07 41.35 -30.70
N TYR F 80 -56.47 42.52 -30.94
CA TYR F 80 -57.10 43.61 -31.67
C TYR F 80 -56.22 44.02 -32.85
N LEU F 81 -56.88 44.65 -33.83
CA LEU F 81 -56.21 45.13 -35.03
C LEU F 81 -56.91 46.42 -35.45
N GLN F 82 -56.23 47.55 -35.32
CA GLN F 82 -56.83 48.81 -35.73
C GLN F 82 -56.49 49.03 -37.20
N MET F 83 -57.52 49.29 -38.00
CA MET F 83 -57.37 49.50 -39.43
C MET F 83 -57.85 50.90 -39.77
N ASN F 84 -57.01 51.68 -40.45
CA ASN F 84 -57.30 53.07 -40.77
C ASN F 84 -56.99 53.40 -42.22
N SER F 85 -57.76 54.36 -42.77
CA SER F 85 -57.58 54.86 -44.13
C SER F 85 -57.60 53.73 -45.17
N LEU F 86 -58.73 53.06 -45.21
CA LEU F 86 -58.89 51.93 -46.11
C LEU F 86 -59.13 52.37 -47.55
N ARG F 87 -58.63 51.55 -48.47
CA ARG F 87 -58.80 51.72 -49.90
C ARG F 87 -59.48 50.45 -50.45
N ALA F 88 -59.81 50.49 -51.74
CA ALA F 88 -60.44 49.34 -52.39
C ALA F 88 -59.54 48.12 -52.42
N GLU F 89 -58.22 48.32 -52.39
CA GLU F 89 -57.29 47.19 -52.40
C GLU F 89 -57.22 46.45 -51.07
N ASP F 90 -57.83 46.96 -50.01
CA ASP F 90 -57.73 46.33 -48.70
C ASP F 90 -58.81 45.28 -48.47
N THR F 91 -59.71 45.09 -49.43
CA THR F 91 -60.76 44.08 -49.29
C THR F 91 -60.13 42.69 -49.32
N ALA F 92 -60.29 41.95 -48.23
CA ALA F 92 -59.70 40.64 -48.06
C ALA F 92 -60.33 39.97 -46.85
N VAL F 93 -60.12 38.67 -46.73
CA VAL F 93 -60.57 37.91 -45.57
C VAL F 93 -59.38 37.86 -44.61
N TYR F 94 -59.58 38.37 -43.40
CA TYR F 94 -58.48 38.56 -42.46
C TYR F 94 -58.45 37.40 -41.48
N TYR F 95 -57.27 36.81 -41.32
CA TYR F 95 -57.04 35.70 -40.42
C TYR F 95 -56.10 36.15 -39.30
N CYS F 96 -56.33 35.65 -38.09
CA CYS F 96 -55.39 35.81 -37.00
C CYS F 96 -54.74 34.44 -36.83
N ALA F 97 -53.42 34.42 -36.70
CA ALA F 97 -52.66 33.18 -36.66
C ALA F 97 -51.91 33.10 -35.34
N ARG F 98 -51.16 32.02 -35.15
CA ARG F 98 -50.49 31.84 -33.87
C ARG F 98 -49.04 32.23 -34.04
N GLY F 99 -48.17 31.65 -33.25
CA GLY F 99 -46.78 32.02 -33.23
C GLY F 99 -46.28 31.82 -31.82
N ARG F 100 -45.15 31.14 -31.78
CA ARG F 100 -44.40 30.77 -30.60
C ARG F 100 -42.96 31.24 -30.79
N ASP F 101 -42.82 32.40 -31.43
CA ASP F 101 -41.53 33.03 -31.68
C ASP F 101 -40.69 33.28 -30.42
N LEU F 102 -41.30 33.36 -29.22
CA LEU F 102 -40.57 33.52 -27.95
C LEU F 102 -39.24 32.65 -27.82
N ALA F 103 -39.15 31.08 -27.64
CA ALA F 103 -38.31 29.66 -27.43
C ALA F 103 -38.19 28.68 -28.59
N ALA F 104 -39.31 28.13 -29.06
CA ALA F 104 -39.32 27.28 -30.24
C ALA F 104 -38.67 27.88 -31.47
N PHE F 105 -37.62 27.24 -31.99
CA PHE F 105 -37.10 27.57 -33.31
C PHE F 105 -37.48 26.49 -34.31
N THR F 106 -38.43 25.65 -33.93
CA THR F 106 -38.95 24.59 -34.76
C THR F 106 -40.35 24.97 -35.21
N LYS F 107 -41.27 25.19 -34.27
CA LYS F 107 -42.60 25.69 -34.61
C LYS F 107 -42.51 27.20 -34.83
N THR F 108 -41.67 27.58 -35.80
CA THR F 108 -41.62 28.97 -36.23
C THR F 108 -42.89 29.32 -36.97
N ALA F 109 -43.55 28.31 -37.51
CA ALA F 109 -44.75 28.43 -38.32
C ALA F 109 -45.93 28.83 -37.45
N PHE F 110 -47.08 28.98 -38.10
CA PHE F 110 -48.30 29.44 -37.46
C PHE F 110 -49.09 28.17 -37.11
N ASP F 111 -48.93 27.71 -35.87
CA ASP F 111 -49.44 26.41 -35.44
C ASP F 111 -50.91 26.17 -35.74
N VAL F 112 -51.77 27.18 -35.62
CA VAL F 112 -53.22 26.96 -35.70
C VAL F 112 -53.84 27.58 -36.96
N TRP F 113 -53.75 28.91 -37.11
CA TRP F 113 -54.45 29.64 -38.17
C TRP F 113 -55.94 29.65 -37.86
N GLY F 114 -56.43 30.70 -37.18
CA GLY F 114 -57.86 30.87 -36.98
C GLY F 114 -58.71 30.75 -38.24
N GLN F 115 -60.03 30.72 -38.07
CA GLN F 115 -60.92 30.57 -39.20
C GLN F 115 -61.05 31.84 -40.03
N GLY F 116 -60.70 32.99 -39.49
CA GLY F 116 -60.75 34.16 -40.35
C GLY F 116 -62.02 34.96 -40.20
N THR F 117 -61.92 36.25 -40.47
CA THR F 117 -63.06 37.17 -40.47
C THR F 117 -63.02 37.96 -41.76
N LEU F 118 -64.20 38.26 -42.30
CA LEU F 118 -64.32 38.95 -43.58
C LEU F 118 -64.50 40.44 -43.38
N VAL F 119 -63.67 41.22 -44.06
CA VAL F 119 -63.77 42.67 -44.07
C VAL F 119 -63.89 43.11 -45.52
N THR F 120 -64.94 43.86 -45.82
CA THR F 120 -65.17 44.37 -47.18
C THR F 120 -65.14 45.89 -47.11
N VAL F 121 -64.27 46.50 -47.91
CA VAL F 121 -64.15 47.94 -47.98
C VAL F 121 -64.93 48.37 -49.22
N SER F 122 -66.14 48.86 -49.01
CA SER F 122 -67.02 49.26 -50.10
C SER F 122 -68.09 50.19 -49.54
N SER F 123 -68.56 51.09 -50.39
CA SER F 123 -69.61 52.03 -50.02
C SER F 123 -71.01 51.49 -50.27
N ALA F 124 -71.12 50.28 -50.85
CA ALA F 124 -72.43 49.70 -51.08
C ALA F 124 -73.11 49.35 -49.77
N SER F 125 -74.44 49.44 -49.77
CA SER F 125 -75.24 49.19 -48.59
C SER F 125 -75.82 47.77 -48.62
N THR F 126 -76.20 47.30 -47.44
CA THR F 126 -76.79 45.97 -47.31
C THR F 126 -78.12 45.91 -48.06
N LYS F 127 -78.34 44.81 -48.79
CA LYS F 127 -79.53 44.65 -49.59
C LYS F 127 -79.87 43.17 -49.67
N GLY F 128 -81.17 42.85 -49.61
CA GLY F 128 -81.61 41.48 -49.68
C GLY F 128 -81.58 40.95 -51.09
N PRO F 129 -81.65 39.63 -51.24
CA PRO F 129 -81.51 39.02 -52.55
C PRO F 129 -82.80 38.95 -53.35
N SER F 130 -82.63 38.91 -54.67
CA SER F 130 -83.71 38.63 -55.60
C SER F 130 -83.43 37.31 -56.27
N VAL F 131 -84.44 36.44 -56.34
CA VAL F 131 -84.29 35.08 -56.81
C VAL F 131 -85.07 34.92 -58.12
N PHE F 132 -84.43 34.33 -59.11
CA PHE F 132 -85.05 34.07 -60.40
C PHE F 132 -84.82 32.63 -60.83
N PRO F 133 -85.83 31.97 -61.38
CA PRO F 133 -85.66 30.60 -61.84
C PRO F 133 -84.91 30.55 -63.16
N LEU F 134 -84.31 29.39 -63.42
CA LEU F 134 -83.68 29.10 -64.71
C LEU F 134 -84.51 28.03 -65.40
N ALA F 135 -85.31 28.44 -66.38
CA ALA F 135 -86.22 27.54 -67.06
C ALA F 135 -85.48 26.78 -68.15
N PRO F 136 -85.82 25.51 -68.37
CA PRO F 136 -85.18 24.74 -69.45
C PRO F 136 -85.93 24.87 -70.77
N SER F 137 -85.39 24.29 -71.84
CA SER F 137 -86.15 24.12 -73.06
C SER F 137 -87.00 22.86 -73.00
N SER F 138 -88.29 22.99 -73.35
CA SER F 138 -89.21 21.86 -73.26
C SER F 138 -88.97 20.84 -74.36
N LYS F 139 -88.55 21.30 -75.54
CA LYS F 139 -88.30 20.44 -76.68
C LYS F 139 -86.87 19.89 -76.68
N SER F 140 -86.20 19.89 -75.53
CA SER F 140 -84.84 19.38 -75.46
C SER F 140 -84.83 17.89 -75.67
N THR F 141 -84.18 17.45 -76.75
CA THR F 141 -84.02 16.03 -77.05
C THR F 141 -82.55 15.62 -77.12
N SER F 142 -81.66 16.43 -76.56
CA SER F 142 -80.24 16.12 -76.60
C SER F 142 -79.87 14.93 -75.72
N GLY F 143 -80.66 14.66 -74.68
CA GLY F 143 -80.36 13.55 -73.80
C GLY F 143 -81.47 13.33 -72.81
N GLY F 144 -81.32 12.27 -72.02
CA GLY F 144 -82.28 11.94 -70.99
C GLY F 144 -82.15 12.73 -69.71
N THR F 145 -81.18 13.64 -69.62
CA THR F 145 -80.96 14.46 -68.43
C THR F 145 -81.22 15.92 -68.77
N ALA F 146 -81.99 16.59 -67.93
CA ALA F 146 -82.27 18.02 -68.07
C ALA F 146 -81.69 18.77 -66.88
N ALA F 147 -81.19 19.98 -67.15
CA ALA F 147 -80.56 20.81 -66.13
C ALA F 147 -81.55 21.88 -65.66
N LEU F 148 -81.70 22.01 -64.35
CA LEU F 148 -82.58 23.00 -63.75
C LEU F 148 -81.83 23.72 -62.63
N GLY F 149 -82.26 24.94 -62.33
CA GLY F 149 -81.62 25.69 -61.27
C GLY F 149 -82.36 26.97 -60.96
N CYS F 150 -81.91 27.61 -59.87
CA CYS F 150 -82.45 28.89 -59.41
C CYS F 150 -81.30 29.90 -59.32
N LEU F 151 -81.55 31.12 -59.78
CA LEU F 151 -80.54 32.17 -59.83
C LEU F 151 -80.81 33.18 -58.71
N VAL F 152 -79.91 33.23 -57.74
CA VAL F 152 -79.99 34.17 -56.63
C VAL F 152 -79.19 35.41 -57.00
N LYS F 153 -79.85 36.56 -57.06
CA LYS F 153 -79.24 37.77 -57.59
C LYS F 153 -79.29 38.90 -56.57
N ASP F 154 -78.21 39.66 -56.52
CA ASP F 154 -78.14 40.93 -55.80
C ASP F 154 -78.36 40.77 -54.30
N TYR F 155 -77.50 39.94 -53.69
CA TYR F 155 -77.48 39.83 -52.24
C TYR F 155 -76.16 40.38 -51.72
N PHE F 156 -76.17 40.80 -50.45
CA PHE F 156 -74.99 41.37 -49.83
C PHE F 156 -75.18 41.41 -48.32
N PRO F 157 -74.27 40.83 -47.52
CA PRO F 157 -73.09 40.03 -47.87
C PRO F 157 -73.33 38.52 -47.83
N GLU F 158 -72.23 37.76 -47.87
CA GLU F 158 -72.26 36.31 -47.83
C GLU F 158 -72.64 35.84 -46.42
N PRO F 159 -73.00 34.55 -46.25
CA PRO F 159 -73.14 33.45 -47.20
C PRO F 159 -74.58 33.03 -47.45
N VAL F 160 -74.77 32.04 -48.32
CA VAL F 160 -76.10 31.51 -48.62
C VAL F 160 -76.05 29.98 -48.53
N THR F 161 -77.22 29.39 -48.31
CA THR F 161 -77.38 27.94 -48.27
C THR F 161 -78.56 27.53 -49.14
N VAL F 162 -78.45 26.36 -49.76
CA VAL F 162 -79.44 25.86 -50.71
C VAL F 162 -79.88 24.46 -50.28
N SER F 163 -81.20 24.27 -50.18
CA SER F 163 -81.81 22.96 -49.98
C SER F 163 -82.91 22.77 -51.00
N TRP F 164 -83.44 21.55 -51.06
CA TRP F 164 -84.46 21.21 -52.07
C TRP F 164 -85.56 20.36 -51.48
N ASN F 165 -86.81 20.77 -51.73
CA ASN F 165 -88.01 20.02 -51.37
C ASN F 165 -88.01 19.57 -49.92
N SER F 166 -87.57 20.46 -49.03
CA SER F 166 -87.50 20.20 -47.59
C SER F 166 -86.70 18.96 -47.25
N GLY F 167 -85.72 18.61 -48.09
CA GLY F 167 -84.90 17.44 -47.87
C GLY F 167 -85.42 16.16 -48.48
N ALA F 168 -86.61 16.17 -49.08
CA ALA F 168 -87.16 14.96 -49.67
C ALA F 168 -86.53 14.63 -51.02
N LEU F 169 -85.90 15.61 -51.67
CA LEU F 169 -85.26 15.43 -52.97
C LEU F 169 -83.89 16.08 -52.88
N THR F 170 -82.85 15.25 -52.78
CA THR F 170 -81.48 15.75 -52.61
C THR F 170 -80.54 15.23 -53.69
N SER F 171 -81.01 14.40 -54.61
CA SER F 171 -80.12 13.83 -55.61
C SER F 171 -79.66 14.90 -56.59
N GLY F 172 -78.35 14.99 -56.79
CA GLY F 172 -77.76 15.83 -57.82
C GLY F 172 -77.74 17.32 -57.58
N VAL F 173 -77.84 17.78 -56.32
CA VAL F 173 -77.83 19.20 -56.05
C VAL F 173 -76.39 19.70 -56.13
N HIS F 174 -76.15 20.74 -56.92
CA HIS F 174 -74.81 21.30 -57.10
C HIS F 174 -74.89 22.81 -56.93
N THR F 175 -74.17 23.34 -55.94
CA THR F 175 -74.12 24.77 -55.66
C THR F 175 -72.77 25.33 -56.12
N PHE F 176 -72.83 26.49 -56.94
CA PHE F 176 -71.75 27.22 -57.58
C PHE F 176 -71.27 28.39 -56.72
N PRO F 177 -69.97 28.72 -56.83
CA PRO F 177 -69.44 29.88 -56.11
C PRO F 177 -70.05 31.18 -56.59
N ALA F 178 -70.13 32.14 -55.68
CA ALA F 178 -70.70 33.44 -56.02
C ALA F 178 -69.72 34.24 -56.87
N VAL F 179 -70.26 35.15 -57.68
CA VAL F 179 -69.48 36.02 -58.52
C VAL F 179 -69.92 37.47 -58.30
N LEU F 180 -69.03 38.40 -58.62
CA LEU F 180 -69.29 39.82 -58.48
C LEU F 180 -69.61 40.42 -59.83
N GLN F 181 -70.65 41.25 -59.89
CA GLN F 181 -71.08 41.88 -61.12
C GLN F 181 -70.56 43.31 -61.20
N SER F 182 -70.78 43.93 -62.36
CA SER F 182 -70.38 45.33 -62.56
C SER F 182 -71.27 46.30 -61.79
N SER F 183 -72.44 45.85 -61.34
CA SER F 183 -73.36 46.70 -60.59
C SER F 183 -72.95 46.87 -59.13
N GLY F 184 -71.92 46.15 -58.68
CA GLY F 184 -71.47 46.23 -57.30
C GLY F 184 -72.15 45.26 -56.36
N LEU F 185 -73.12 44.48 -56.83
CA LEU F 185 -73.81 43.51 -56.01
C LEU F 185 -73.46 42.10 -56.49
N TYR F 186 -73.45 41.16 -55.55
CA TYR F 186 -72.99 39.82 -55.84
C TYR F 186 -74.09 38.99 -56.47
N SER F 187 -73.69 37.90 -57.12
CA SER F 187 -74.63 37.01 -57.80
C SER F 187 -74.20 35.57 -57.60
N LEU F 188 -75.18 34.67 -57.58
CA LEU F 188 -74.92 33.25 -57.39
C LEU F 188 -76.03 32.47 -58.07
N SER F 189 -75.66 31.32 -58.62
CA SER F 189 -76.60 30.43 -59.29
C SER F 189 -76.41 29.03 -58.74
N SER F 190 -77.52 28.41 -58.36
CA SER F 190 -77.54 27.03 -57.86
C SER F 190 -78.41 26.19 -58.77
N VAL F 191 -77.87 25.07 -59.24
CA VAL F 191 -78.53 24.24 -60.24
C VAL F 191 -78.60 22.81 -59.71
N VAL F 192 -79.44 22.02 -60.38
CA VAL F 192 -79.60 20.60 -60.08
C VAL F 192 -79.73 19.83 -61.39
N THR F 193 -79.09 18.66 -61.45
CA THR F 193 -79.20 17.78 -62.60
C THR F 193 -80.20 16.66 -62.30
N VAL F 194 -81.18 16.49 -63.18
CA VAL F 194 -82.31 15.60 -62.94
C VAL F 194 -82.66 14.87 -64.23
N PRO F 195 -83.35 13.73 -64.11
CA PRO F 195 -83.93 13.11 -65.31
C PRO F 195 -84.94 14.03 -65.97
N SER F 196 -84.98 13.99 -67.30
CA SER F 196 -85.88 14.88 -68.04
C SER F 196 -87.34 14.47 -67.91
N SER F 197 -87.62 13.18 -67.75
CA SER F 197 -89.00 12.70 -67.74
C SER F 197 -89.78 13.12 -66.51
N SER F 198 -89.12 13.64 -65.47
CA SER F 198 -89.80 14.03 -64.25
C SER F 198 -90.07 15.54 -64.16
N LEU F 199 -89.82 16.28 -65.24
CA LEU F 199 -90.04 17.72 -65.21
C LEU F 199 -91.51 18.08 -65.02
N GLY F 200 -92.39 17.47 -65.83
CA GLY F 200 -93.80 17.75 -65.82
C GLY F 200 -94.66 17.01 -64.82
N THR F 201 -94.11 16.08 -64.05
CA THR F 201 -94.87 15.30 -63.09
C THR F 201 -94.49 15.64 -61.65
N GLN F 202 -93.20 15.52 -61.32
CA GLN F 202 -92.75 15.83 -59.97
C GLN F 202 -92.53 17.32 -59.83
N THR F 203 -92.95 17.87 -58.70
CA THR F 203 -92.82 19.30 -58.44
C THR F 203 -91.44 19.59 -57.88
N TYR F 204 -90.70 20.47 -58.54
CA TYR F 204 -89.34 20.81 -58.16
C TYR F 204 -89.34 22.18 -57.49
N ILE F 205 -89.02 22.21 -56.20
CA ILE F 205 -89.00 23.43 -55.40
C ILE F 205 -87.60 23.59 -54.84
N CYS F 206 -86.95 24.71 -55.18
CA CYS F 206 -85.63 25.04 -54.68
C CYS F 206 -85.75 25.97 -53.49
N ASN F 207 -84.96 25.69 -52.44
CA ASN F 207 -85.01 26.44 -51.20
C ASN F 207 -83.70 27.20 -51.03
N VAL F 208 -83.80 28.51 -50.83
CA VAL F 208 -82.64 29.38 -50.67
C VAL F 208 -82.76 30.07 -49.31
N ASN F 209 -81.70 29.99 -48.52
CA ASN F 209 -81.66 30.59 -47.20
C ASN F 209 -80.44 31.50 -47.10
N HIS F 210 -80.63 32.67 -46.49
CA HIS F 210 -79.57 33.65 -46.30
C HIS F 210 -79.58 34.05 -44.82
N LYS F 211 -78.56 33.61 -44.09
CA LYS F 211 -78.50 33.86 -42.65
C LYS F 211 -78.48 35.35 -42.30
N PRO F 212 -77.66 36.20 -42.93
CA PRO F 212 -77.65 37.62 -42.52
C PRO F 212 -78.99 38.33 -42.69
N SER F 213 -79.88 37.82 -43.53
CA SER F 213 -81.19 38.44 -43.72
C SER F 213 -82.36 37.54 -43.35
N ASN F 214 -82.10 36.29 -42.97
CA ASN F 214 -83.16 35.36 -42.54
C ASN F 214 -84.27 35.25 -43.58
N THR F 215 -83.86 35.15 -44.85
CA THR F 215 -84.80 35.09 -45.97
C THR F 215 -84.83 33.68 -46.54
N LYS F 216 -86.04 33.14 -46.70
CA LYS F 216 -86.24 31.82 -47.28
C LYS F 216 -87.29 31.91 -48.39
N VAL F 217 -86.95 31.37 -49.56
CA VAL F 217 -87.80 31.48 -50.75
C VAL F 217 -87.98 30.10 -51.35
N ASP F 218 -89.20 29.79 -51.76
CA ASP F 218 -89.53 28.55 -52.46
C ASP F 218 -90.20 28.88 -53.79
N LYS F 219 -89.66 28.32 -54.87
CA LYS F 219 -90.15 28.58 -56.22
C LYS F 219 -90.26 27.25 -56.97
N ARG F 220 -91.37 27.09 -57.69
CA ARG F 220 -91.60 25.90 -58.50
C ARG F 220 -91.34 26.20 -59.97
N VAL F 221 -90.82 25.21 -60.67
CA VAL F 221 -90.44 25.32 -62.08
C VAL F 221 -91.30 24.39 -62.93
N GLU F 222 -91.87 24.94 -64.00
CA GLU F 222 -92.69 24.19 -64.93
C GLU F 222 -92.19 24.45 -66.35
N PRO F 223 -92.14 23.42 -67.20
CA PRO F 223 -91.69 23.63 -68.57
C PRO F 223 -92.65 24.53 -69.34
N LYS F 224 -92.10 25.24 -70.31
CA LYS F 224 -92.87 26.21 -71.08
C LYS F 224 -93.54 25.53 -72.28
N SER F 225 -94.79 25.90 -72.53
CA SER F 225 -95.56 25.39 -73.66
C SER F 225 -95.62 23.87 -73.68
N ASP G 1 -37.07 42.75 -50.61
CA ASP G 1 -37.79 41.59 -50.10
C ASP G 1 -37.26 40.30 -50.73
N ILE G 2 -37.84 39.16 -50.36
CA ILE G 2 -37.48 37.86 -50.90
C ILE G 2 -38.58 37.39 -51.82
N GLN G 3 -38.22 37.09 -53.07
CA GLN G 3 -39.15 36.63 -54.08
C GLN G 3 -39.01 35.13 -54.29
N MET G 4 -40.14 34.45 -54.44
CA MET G 4 -40.19 33.03 -54.73
C MET G 4 -40.87 32.81 -56.07
N THR G 5 -40.14 32.22 -57.02
CA THR G 5 -40.70 31.83 -58.31
C THR G 5 -41.10 30.35 -58.25
N GLN G 6 -42.19 30.11 -57.52
CA GLN G 6 -42.69 28.76 -57.33
C GLN G 6 -43.28 28.23 -58.63
N SER G 7 -42.70 27.14 -59.14
CA SER G 7 -43.04 26.61 -60.45
C SER G 7 -43.14 25.08 -60.35
N PRO G 8 -43.97 24.46 -61.20
CA PRO G 8 -44.94 25.08 -62.12
C PRO G 8 -46.10 25.77 -61.40
N SER G 9 -46.81 26.64 -62.12
CA SER G 9 -48.00 27.27 -61.57
C SER G 9 -49.12 26.26 -61.35
N SER G 10 -49.15 25.19 -62.13
CA SER G 10 -50.14 24.13 -61.98
C SER G 10 -49.60 22.87 -62.63
N LEU G 11 -49.95 21.73 -62.03
CA LEU G 11 -49.49 20.44 -62.53
C LEU G 11 -50.56 19.40 -62.29
N SER G 12 -50.56 18.37 -63.15
CA SER G 12 -51.57 17.31 -63.10
C SER G 12 -50.91 15.98 -62.76
N ALA G 13 -51.48 15.29 -61.76
CA ALA G 13 -51.00 13.98 -61.35
C ALA G 13 -52.19 13.13 -60.94
N SER G 14 -51.99 11.81 -60.95
CA SER G 14 -53.07 10.87 -60.68
C SER G 14 -53.00 10.40 -59.22
N VAL G 15 -53.98 9.61 -58.82
CA VAL G 15 -54.02 9.08 -57.46
C VAL G 15 -52.81 8.19 -57.24
N GLY G 16 -52.08 8.46 -56.16
CA GLY G 16 -50.89 7.71 -55.84
C GLY G 16 -49.60 8.25 -56.42
N ASP G 17 -49.68 9.23 -57.31
CA ASP G 17 -48.50 9.77 -57.96
C ASP G 17 -47.66 10.57 -56.97
N ARG G 18 -46.38 10.72 -57.30
CA ARG G 18 -45.45 11.50 -56.50
C ARG G 18 -45.43 12.94 -57.00
N VAL G 19 -45.57 13.89 -56.07
CA VAL G 19 -45.72 15.31 -56.40
C VAL G 19 -44.53 16.06 -55.84
N THR G 20 -43.95 16.94 -56.67
CA THR G 20 -42.83 17.80 -56.28
C THR G 20 -43.17 19.23 -56.67
N ILE G 21 -43.01 20.16 -55.73
CA ILE G 21 -43.28 21.57 -55.96
C ILE G 21 -42.06 22.36 -55.51
N THR G 22 -41.40 23.04 -56.45
CA THR G 22 -40.19 23.79 -56.16
C THR G 22 -40.51 25.18 -55.63
N CYS G 23 -39.72 25.63 -54.66
CA CYS G 23 -39.86 26.95 -54.05
C CYS G 23 -38.47 27.51 -53.85
N GLN G 24 -38.14 28.57 -54.59
CA GLN G 24 -36.80 29.12 -54.57
C GLN G 24 -36.67 30.09 -53.39
N ALA G 25 -35.58 30.86 -53.36
CA ALA G 25 -35.35 31.84 -52.31
C ALA G 25 -34.51 32.97 -52.89
N SER G 26 -34.04 33.86 -52.02
CA SER G 26 -33.22 35.00 -52.45
C SER G 26 -31.81 34.91 -51.90
N GLN G 27 -31.63 34.86 -50.58
CA GLN G 27 -30.30 34.86 -49.97
C GLN G 27 -30.24 33.80 -48.87
N ASP G 28 -29.82 32.59 -49.26
CA ASP G 28 -29.45 31.49 -48.38
C ASP G 28 -30.28 31.44 -47.09
N ILE G 29 -31.59 31.26 -47.23
CA ILE G 29 -32.51 31.35 -46.10
C ILE G 29 -32.49 30.06 -45.29
N SER G 30 -31.57 29.16 -45.63
CA SER G 30 -31.35 27.92 -44.90
C SER G 30 -32.61 27.06 -44.86
N ASN G 31 -33.21 26.91 -43.68
CA ASN G 31 -34.40 26.09 -43.52
C ASN G 31 -35.52 26.87 -42.82
N TYR G 32 -35.55 28.18 -42.99
CA TYR G 32 -36.63 29.01 -42.43
C TYR G 32 -37.73 29.23 -43.45
N LEU G 33 -38.31 28.11 -43.90
CA LEU G 33 -39.41 28.14 -44.86
C LEU G 33 -40.49 27.17 -44.39
N ASN G 34 -41.74 27.55 -44.57
CA ASN G 34 -42.87 26.74 -44.16
C ASN G 34 -43.75 26.42 -45.37
N TRP G 35 -44.56 25.37 -45.23
CA TRP G 35 -45.46 24.89 -46.27
C TRP G 35 -46.89 24.84 -45.73
N TYR G 36 -47.85 25.21 -46.58
CA TYR G 36 -49.25 25.30 -46.20
C TYR G 36 -50.16 24.65 -47.23
N GLN G 37 -51.16 23.93 -46.73
CA GLN G 37 -52.20 23.31 -47.53
C GLN G 37 -53.51 24.05 -47.28
N GLN G 38 -54.16 24.49 -48.35
CA GLN G 38 -55.39 25.28 -48.25
C GLN G 38 -56.46 24.70 -49.15
N LYS G 39 -57.64 24.50 -48.59
CA LYS G 39 -58.80 24.04 -49.31
C LYS G 39 -59.78 25.19 -49.50
N PRO G 40 -60.62 25.14 -50.53
CA PRO G 40 -61.54 26.26 -50.79
C PRO G 40 -62.42 26.55 -49.58
N GLY G 41 -62.49 27.82 -49.19
CA GLY G 41 -63.26 28.22 -48.05
C GLY G 41 -62.66 27.85 -46.71
N LYS G 42 -61.47 27.26 -46.68
CA LYS G 42 -60.86 26.79 -45.43
C LYS G 42 -59.57 27.56 -45.17
N ALA G 43 -59.22 27.66 -43.89
CA ALA G 43 -58.00 28.32 -43.48
C ALA G 43 -56.79 27.46 -43.84
N PRO G 44 -55.64 28.07 -44.10
CA PRO G 44 -54.44 27.28 -44.41
C PRO G 44 -54.05 26.40 -43.24
N LYS G 45 -53.47 25.25 -43.59
CA LYS G 45 -53.00 24.25 -42.63
C LYS G 45 -51.53 23.97 -42.91
N LEU G 46 -50.73 23.96 -41.85
CA LEU G 46 -49.32 23.68 -41.97
C LEU G 46 -49.09 22.31 -42.61
N LEU G 47 -48.06 22.22 -43.45
CA LEU G 47 -47.72 20.95 -44.07
C LEU G 47 -46.29 20.53 -43.78
N ILE G 48 -45.32 21.42 -44.00
CA ILE G 48 -43.91 21.14 -43.67
C ILE G 48 -43.30 22.39 -43.04
N TYR G 49 -42.73 22.26 -41.85
CA TYR G 49 -42.03 23.38 -41.22
C TYR G 49 -40.54 23.04 -41.10
N ASP G 50 -39.72 24.08 -41.19
CA ASP G 50 -38.26 23.96 -41.19
C ASP G 50 -37.76 23.06 -42.32
N ALA G 51 -38.59 22.90 -43.35
CA ALA G 51 -38.27 22.25 -44.63
C ALA G 51 -38.13 20.74 -44.49
N SER G 52 -38.13 20.22 -43.25
CA SER G 52 -38.04 18.78 -43.07
C SER G 52 -38.96 18.20 -42.00
N ASN G 53 -39.37 18.97 -41.01
CA ASN G 53 -40.09 18.42 -39.86
C ASN G 53 -41.59 18.41 -40.10
N LEU G 54 -42.18 17.23 -40.08
CA LEU G 54 -43.63 17.13 -40.26
C LEU G 54 -44.35 17.57 -38.98
N GLU G 55 -45.48 18.25 -39.14
CA GLU G 55 -46.30 18.64 -38.00
C GLU G 55 -46.96 17.43 -37.37
N THR G 56 -47.30 17.57 -36.09
CA THR G 56 -48.05 16.55 -35.40
C THR G 56 -49.49 16.51 -35.90
N GLY G 57 -50.10 15.32 -35.88
CA GLY G 57 -51.46 15.16 -36.33
C GLY G 57 -51.64 15.11 -37.84
N VAL G 58 -50.55 15.09 -38.60
CA VAL G 58 -50.58 15.07 -40.05
C VAL G 58 -50.19 13.65 -40.50
N PRO G 59 -50.88 13.05 -41.48
CA PRO G 59 -50.48 11.73 -41.92
C PRO G 59 -49.07 11.68 -42.51
N SER G 60 -48.43 10.53 -42.32
CA SER G 60 -47.02 10.37 -42.65
C SER G 60 -46.76 10.39 -44.16
N ARG G 61 -47.80 10.32 -44.98
CA ARG G 61 -47.61 10.34 -46.43
C ARG G 61 -47.12 11.69 -46.92
N PHE G 62 -47.17 12.71 -46.08
CA PHE G 62 -46.72 14.06 -46.42
C PHE G 62 -45.28 14.24 -45.98
N SER G 63 -44.45 14.79 -46.87
CA SER G 63 -43.03 14.97 -46.56
C SER G 63 -42.47 16.17 -47.29
N GLY G 64 -41.47 16.80 -46.67
CA GLY G 64 -40.79 17.93 -47.26
C GLY G 64 -39.29 17.75 -47.22
N SER G 65 -38.60 18.47 -48.10
CA SER G 65 -37.15 18.43 -48.15
C SER G 65 -36.63 19.73 -48.75
N GLY G 66 -35.31 19.87 -48.80
CA GLY G 66 -34.65 21.03 -49.35
C GLY G 66 -34.09 21.94 -48.28
N SER G 67 -33.10 22.75 -48.68
CA SER G 67 -32.47 23.68 -47.76
C SER G 67 -31.72 24.72 -48.56
N GLY G 68 -31.47 25.87 -47.92
CA GLY G 68 -30.75 26.95 -48.55
C GLY G 68 -31.64 27.83 -49.42
N THR G 69 -31.52 27.67 -50.73
CA THR G 69 -32.30 28.45 -51.69
C THR G 69 -33.16 27.58 -52.60
N ASP G 70 -33.13 26.25 -52.42
CA ASP G 70 -33.94 25.33 -53.20
C ASP G 70 -34.65 24.39 -52.25
N PHE G 71 -35.95 24.20 -52.45
CA PHE G 71 -36.77 23.34 -51.62
C PHE G 71 -37.55 22.39 -52.51
N THR G 72 -37.34 21.09 -52.30
CA THR G 72 -37.85 20.08 -53.24
C THR G 72 -39.32 19.77 -52.99
N PHE G 73 -39.64 19.29 -51.78
CA PHE G 73 -41.01 18.91 -51.38
C PHE G 73 -41.49 17.66 -52.11
N THR G 74 -41.96 16.66 -51.37
CA THR G 74 -42.26 15.36 -51.94
C THR G 74 -43.56 14.82 -51.35
N ILE G 75 -44.51 14.48 -52.21
CA ILE G 75 -45.73 13.76 -51.83
C ILE G 75 -45.58 12.32 -52.28
N SER G 76 -45.97 11.38 -51.41
CA SER G 76 -45.77 9.96 -51.69
C SER G 76 -47.02 9.30 -52.28
N SER G 77 -48.17 9.43 -51.62
CA SER G 77 -49.39 8.76 -52.03
C SER G 77 -50.54 9.76 -52.01
N LEU G 78 -51.07 10.07 -53.18
CA LEU G 78 -52.20 10.99 -53.25
C LEU G 78 -53.46 10.35 -52.70
N GLN G 79 -54.18 11.11 -51.88
CA GLN G 79 -55.44 10.69 -51.30
C GLN G 79 -56.52 11.69 -51.72
N PRO G 80 -57.78 11.25 -51.91
CA PRO G 80 -58.78 12.16 -52.47
C PRO G 80 -59.09 13.38 -51.61
N GLU G 81 -58.76 13.35 -50.32
CA GLU G 81 -58.91 14.52 -49.47
C GLU G 81 -57.71 15.44 -49.52
N ASP G 82 -56.70 15.13 -50.34
CA ASP G 82 -55.48 15.93 -50.43
C ASP G 82 -55.57 17.02 -51.49
N ILE G 83 -56.70 17.15 -52.16
CA ILE G 83 -56.88 18.19 -53.17
C ILE G 83 -56.93 19.55 -52.47
N ALA G 84 -56.01 20.43 -52.84
CA ALA G 84 -55.86 21.73 -52.20
C ALA G 84 -54.84 22.55 -52.98
N THR G 85 -54.61 23.78 -52.53
CA THR G 85 -53.58 24.65 -53.05
C THR G 85 -52.48 24.84 -52.01
N TYR G 86 -51.22 24.66 -52.43
CA TYR G 86 -50.10 24.64 -51.51
C TYR G 86 -49.26 25.91 -51.65
N TYR G 87 -48.86 26.48 -50.51
CA TYR G 87 -48.13 27.74 -50.48
C TYR G 87 -46.85 27.60 -49.67
N CYS G 88 -45.75 28.12 -50.21
CA CYS G 88 -44.48 28.17 -49.50
C CYS G 88 -44.19 29.60 -49.03
N GLN G 89 -43.85 29.76 -47.75
CA GLN G 89 -43.66 31.06 -47.14
C GLN G 89 -42.27 31.17 -46.53
N GLN G 90 -41.47 32.12 -47.01
CA GLN G 90 -40.17 32.35 -46.41
C GLN G 90 -40.38 32.93 -45.02
N HIS G 91 -39.56 32.46 -44.06
CA HIS G 91 -39.71 32.89 -42.67
C HIS G 91 -38.38 33.29 -42.03
N ASP G 92 -37.44 33.82 -42.81
CA ASP G 92 -36.20 34.27 -42.20
C ASP G 92 -36.29 35.75 -41.81
N ALA G 93 -35.98 36.64 -42.75
CA ALA G 93 -35.92 38.07 -42.50
C ALA G 93 -37.31 38.66 -42.33
N LEU G 94 -37.77 38.80 -41.08
CA LEU G 94 -39.05 39.45 -40.78
C LEU G 94 -40.18 38.91 -41.66
N PRO G 95 -40.63 37.68 -41.43
CA PRO G 95 -41.40 36.96 -42.46
C PRO G 95 -42.56 37.78 -43.03
N TRP G 96 -42.46 38.15 -44.30
CA TRP G 96 -43.50 38.92 -44.97
C TRP G 96 -44.15 38.16 -46.12
N THR G 97 -43.36 37.61 -47.03
CA THR G 97 -43.84 37.19 -48.33
C THR G 97 -44.31 35.74 -48.32
N PHE G 98 -45.27 35.44 -49.20
CA PHE G 98 -45.74 34.10 -49.49
C PHE G 98 -45.30 33.68 -50.89
N GLY G 99 -45.83 32.54 -51.34
CA GLY G 99 -45.64 32.09 -52.70
C GLY G 99 -46.88 32.35 -53.54
N GLN G 100 -46.70 32.32 -54.87
CA GLN G 100 -47.83 32.51 -55.77
C GLN G 100 -48.82 31.36 -55.69
N GLY G 101 -48.35 30.16 -55.37
CA GLY G 101 -49.24 29.03 -55.20
C GLY G 101 -49.34 28.15 -56.43
N THR G 102 -49.45 26.84 -56.23
CA THR G 102 -49.62 25.88 -57.31
C THR G 102 -50.87 25.05 -57.04
N LYS G 103 -51.73 24.92 -58.04
CA LYS G 103 -52.95 24.13 -57.89
C LYS G 103 -52.66 22.69 -58.27
N VAL G 104 -52.83 21.78 -57.32
CA VAL G 104 -52.59 20.36 -57.53
C VAL G 104 -53.94 19.65 -57.63
N GLU G 105 -54.19 19.02 -58.76
CA GLU G 105 -55.45 18.33 -59.00
C GLU G 105 -55.17 16.92 -59.49
N ILE G 106 -56.20 16.08 -59.43
CA ILE G 106 -56.07 14.67 -59.79
C ILE G 106 -56.19 14.54 -61.30
N LYS G 107 -55.22 13.86 -61.92
CA LYS G 107 -55.32 13.55 -63.34
C LYS G 107 -56.38 12.48 -63.57
N ARG G 108 -57.18 12.66 -64.62
CA ARG G 108 -58.26 11.74 -64.96
C ARG G 108 -58.33 11.59 -66.47
N THR G 109 -59.30 10.81 -66.92
CA THR G 109 -59.55 10.65 -68.35
C THR G 109 -60.43 11.78 -68.87
N VAL G 110 -60.12 12.25 -70.07
CA VAL G 110 -60.86 13.35 -70.68
C VAL G 110 -62.33 12.97 -70.83
N ALA G 111 -63.22 13.88 -70.41
CA ALA G 111 -64.65 13.63 -70.43
C ALA G 111 -65.34 14.77 -71.15
N ALA G 112 -66.23 14.45 -72.09
CA ALA G 112 -66.92 15.48 -72.83
C ALA G 112 -67.97 16.14 -71.93
N PRO G 113 -68.13 17.45 -72.02
CA PRO G 113 -69.14 18.13 -71.20
C PRO G 113 -70.53 18.05 -71.81
N SER G 114 -71.54 18.19 -70.96
CA SER G 114 -72.92 18.32 -71.40
C SER G 114 -73.26 19.81 -71.43
N VAL G 115 -73.67 20.29 -72.60
CA VAL G 115 -73.90 21.70 -72.86
C VAL G 115 -75.41 21.95 -72.91
N PHE G 116 -75.85 22.98 -72.19
CA PHE G 116 -77.26 23.34 -72.18
C PHE G 116 -77.36 24.84 -71.92
N ILE G 117 -78.45 25.44 -72.36
CA ILE G 117 -78.69 26.88 -72.25
C ILE G 117 -80.02 27.12 -71.57
N PHE G 118 -80.07 28.11 -70.70
CA PHE G 118 -81.28 28.46 -69.96
C PHE G 118 -81.83 29.78 -70.44
N PRO G 119 -83.02 29.81 -71.05
CA PRO G 119 -83.66 31.08 -71.39
C PRO G 119 -84.16 31.78 -70.15
N PRO G 120 -84.38 33.09 -70.21
CA PRO G 120 -84.84 33.80 -69.01
C PRO G 120 -86.26 33.42 -68.62
N SER G 121 -86.47 33.31 -67.31
CA SER G 121 -87.79 32.96 -66.80
C SER G 121 -88.72 34.16 -66.89
N ASP G 122 -90.02 33.88 -66.94
CA ASP G 122 -90.99 34.96 -66.97
C ASP G 122 -91.01 35.73 -65.65
N GLU G 123 -90.78 35.05 -64.53
CA GLU G 123 -90.69 35.75 -63.24
C GLU G 123 -89.53 36.73 -63.19
N GLN G 124 -88.42 36.41 -63.85
CA GLN G 124 -87.29 37.32 -63.90
C GLN G 124 -87.56 38.54 -64.80
N LEU G 125 -88.47 38.41 -65.76
CA LEU G 125 -88.73 39.51 -66.69
C LEU G 125 -89.48 40.66 -66.02
N LYS G 126 -90.42 40.38 -65.13
CA LYS G 126 -91.13 41.45 -64.43
C LYS G 126 -90.23 42.24 -63.50
N SER G 127 -89.07 41.69 -63.12
CA SER G 127 -88.08 42.45 -62.37
C SER G 127 -87.24 43.36 -63.26
N GLY G 128 -87.30 43.19 -64.57
CA GLY G 128 -86.58 44.04 -65.49
C GLY G 128 -85.23 43.52 -65.94
N THR G 129 -84.90 42.27 -65.61
CA THR G 129 -83.61 41.69 -65.94
C THR G 129 -83.83 40.43 -66.76
N ALA G 130 -82.93 40.18 -67.71
CA ALA G 130 -82.93 38.95 -68.48
C ALA G 130 -81.53 38.36 -68.44
N SER G 131 -81.43 37.09 -68.03
CA SER G 131 -80.15 36.40 -67.92
C SER G 131 -80.20 35.13 -68.75
N VAL G 132 -79.19 34.93 -69.58
CA VAL G 132 -79.06 33.73 -70.40
C VAL G 132 -77.84 32.97 -69.90
N VAL G 133 -78.08 31.77 -69.38
CA VAL G 133 -77.05 30.97 -68.73
C VAL G 133 -76.75 29.74 -69.56
N CYS G 134 -75.45 29.44 -69.72
CA CYS G 134 -75.00 28.22 -70.37
C CYS G 134 -74.22 27.43 -69.33
N LEU G 135 -74.51 26.14 -69.21
CA LEU G 135 -73.96 25.32 -68.14
C LEU G 135 -72.94 24.36 -68.71
N LEU G 136 -71.75 24.33 -68.10
CA LEU G 136 -70.71 23.36 -68.43
C LEU G 136 -70.47 22.42 -67.24
N ASN G 137 -71.01 21.21 -67.33
CA ASN G 137 -71.07 20.29 -66.21
C ASN G 137 -70.18 19.08 -66.44
N ASN G 138 -69.33 18.78 -65.45
CA ASN G 138 -68.57 17.53 -65.41
C ASN G 138 -67.68 17.36 -66.65
N PHE G 139 -66.71 18.27 -66.76
CA PHE G 139 -65.74 18.24 -67.85
C PHE G 139 -64.32 18.19 -67.29
N TYR G 140 -63.42 17.64 -68.10
CA TYR G 140 -61.99 17.57 -67.80
C TYR G 140 -61.20 17.38 -69.09
N PRO G 141 -60.11 18.12 -69.31
CA PRO G 141 -59.46 19.07 -68.40
C PRO G 141 -60.22 20.38 -68.23
N ARG G 142 -59.72 21.25 -67.35
CA ARG G 142 -60.39 22.51 -67.08
C ARG G 142 -60.43 23.39 -68.32
N GLU G 143 -59.53 23.16 -69.27
CA GLU G 143 -59.48 23.97 -70.49
C GLU G 143 -60.76 23.82 -71.29
N ALA G 144 -61.45 24.92 -71.52
CA ALA G 144 -62.66 24.93 -72.32
C ALA G 144 -62.85 26.31 -72.91
N LYS G 145 -63.40 26.35 -74.13
CA LYS G 145 -63.62 27.59 -74.85
C LYS G 145 -65.12 27.77 -75.07
N VAL G 146 -65.62 28.95 -74.74
CA VAL G 146 -67.05 29.26 -74.84
C VAL G 146 -67.23 30.33 -75.91
N GLN G 147 -68.04 30.01 -76.92
CA GLN G 147 -68.35 30.95 -77.99
C GLN G 147 -69.84 31.27 -77.98
N TRP G 148 -70.18 32.49 -77.58
CA TRP G 148 -71.55 32.96 -77.59
C TRP G 148 -71.90 33.54 -78.95
N LYS G 149 -73.01 33.10 -79.53
CA LYS G 149 -73.46 33.58 -80.82
C LYS G 149 -74.90 34.07 -80.69
N VAL G 150 -75.13 35.34 -81.03
CA VAL G 150 -76.47 35.92 -81.10
C VAL G 150 -76.68 36.43 -82.52
N ASP G 151 -77.73 35.93 -83.18
CA ASP G 151 -77.98 36.21 -84.60
C ASP G 151 -76.76 35.86 -85.45
N ASN G 152 -76.12 34.74 -85.11
CA ASN G 152 -74.94 34.20 -85.79
C ASN G 152 -73.75 35.14 -85.70
N ALA G 153 -73.76 36.06 -84.73
CA ALA G 153 -72.65 36.97 -84.49
C ALA G 153 -71.92 36.53 -83.23
N LEU G 154 -70.61 36.40 -83.32
CA LEU G 154 -69.82 35.99 -82.16
C LEU G 154 -69.85 37.09 -81.11
N GLN G 155 -70.17 36.72 -79.87
CA GLN G 155 -70.31 37.67 -78.79
C GLN G 155 -69.06 37.70 -77.93
N SER G 156 -68.81 38.86 -77.31
CA SER G 156 -67.66 39.05 -76.44
C SER G 156 -67.88 40.31 -75.61
N GLY G 157 -67.47 40.26 -74.35
CA GLY G 157 -67.59 41.38 -73.44
C GLY G 157 -68.94 41.58 -72.80
N ASN G 158 -69.91 40.70 -73.08
CA ASN G 158 -71.24 40.80 -72.50
C ASN G 158 -71.65 39.53 -71.76
N SER G 159 -70.71 38.64 -71.46
CA SER G 159 -70.99 37.39 -70.79
C SER G 159 -70.03 37.19 -69.63
N GLN G 160 -70.51 36.49 -68.60
CA GLN G 160 -69.72 36.20 -67.41
C GLN G 160 -69.72 34.71 -67.13
N GLU G 161 -68.60 34.20 -66.63
CA GLU G 161 -68.44 32.78 -66.36
C GLU G 161 -68.15 32.57 -64.88
N SER G 162 -68.32 31.32 -64.45
CA SER G 162 -68.04 30.90 -63.08
C SER G 162 -67.69 29.42 -63.09
N VAL G 163 -66.64 29.05 -62.36
CA VAL G 163 -66.10 27.70 -62.37
C VAL G 163 -66.15 27.16 -60.93
N THR G 164 -66.73 25.96 -60.78
CA THR G 164 -66.75 25.30 -59.49
C THR G 164 -65.41 24.62 -59.21
N GLU G 165 -65.05 24.55 -57.93
CA GLU G 165 -63.82 23.88 -57.52
C GLU G 165 -63.92 22.37 -57.75
N GLN G 166 -62.82 21.69 -57.48
CA GLN G 166 -62.76 20.24 -57.67
C GLN G 166 -63.72 19.52 -56.73
N ASP G 167 -64.54 18.64 -57.30
CA ASP G 167 -65.54 17.91 -56.53
C ASP G 167 -64.89 16.88 -55.62
N SER G 168 -65.53 16.65 -54.47
CA SER G 168 -65.00 15.67 -53.51
C SER G 168 -65.25 14.24 -53.93
N LYS G 169 -66.29 13.99 -54.74
CA LYS G 169 -66.67 12.63 -55.08
C LYS G 169 -65.94 12.12 -56.32
N ASP G 170 -65.93 12.89 -57.41
CA ASP G 170 -65.33 12.45 -58.65
C ASP G 170 -64.20 13.36 -59.14
N SER G 171 -63.85 14.39 -58.37
CA SER G 171 -62.73 15.28 -58.69
C SER G 171 -62.92 15.99 -60.02
N THR G 172 -64.16 16.12 -60.50
CA THR G 172 -64.45 16.78 -61.75
C THR G 172 -65.07 18.14 -61.49
N TYR G 173 -64.86 19.05 -62.43
CA TYR G 173 -65.28 20.44 -62.30
C TYR G 173 -66.60 20.70 -63.02
N SER G 174 -67.24 21.80 -62.63
CA SER G 174 -68.45 22.29 -63.27
C SER G 174 -68.26 23.78 -63.56
N LEU G 175 -68.85 24.24 -64.65
CA LEU G 175 -68.68 25.61 -65.09
C LEU G 175 -70.03 26.17 -65.49
N SER G 176 -70.25 27.44 -65.17
CA SER G 176 -71.45 28.15 -65.57
C SER G 176 -71.07 29.44 -66.29
N SER G 177 -71.68 29.66 -67.45
CA SER G 177 -71.46 30.87 -68.22
C SER G 177 -72.78 31.62 -68.28
N THR G 178 -72.74 32.92 -67.96
CA THR G 178 -73.94 33.73 -67.86
C THR G 178 -73.85 34.90 -68.83
N LEU G 179 -74.88 35.05 -69.65
CA LEU G 179 -75.00 36.17 -70.57
C LEU G 179 -76.16 37.05 -70.10
N THR G 180 -75.92 38.35 -70.01
CA THR G 180 -76.87 39.30 -69.47
C THR G 180 -77.23 40.31 -70.54
N LEU G 181 -78.52 40.60 -70.67
CA LEU G 181 -78.98 41.62 -71.60
C LEU G 181 -80.34 42.13 -71.12
N SER G 182 -80.71 43.32 -71.61
CA SER G 182 -81.96 43.94 -71.15
C SER G 182 -83.18 43.35 -71.86
N LYS G 183 -84.35 43.58 -71.25
CA LYS G 183 -85.58 43.10 -71.86
C LYS G 183 -85.89 43.80 -73.17
N ALA G 184 -85.60 45.11 -73.25
CA ALA G 184 -85.80 45.85 -74.51
C ALA G 184 -84.92 45.29 -75.62
N ASP G 185 -83.66 45.00 -75.32
CA ASP G 185 -82.78 44.38 -76.30
C ASP G 185 -83.17 42.93 -76.54
N TYR G 186 -83.82 42.30 -75.56
CA TYR G 186 -84.28 40.92 -75.72
C TYR G 186 -85.30 40.82 -76.84
N GLU G 187 -86.19 41.82 -76.92
CA GLU G 187 -87.21 41.80 -77.95
C GLU G 187 -86.64 42.12 -79.33
N LYS G 188 -85.44 42.70 -79.38
CA LYS G 188 -84.83 43.17 -80.62
C LYS G 188 -83.94 42.14 -81.28
N HIS G 189 -83.80 40.95 -80.70
CA HIS G 189 -82.99 39.88 -81.27
C HIS G 189 -83.79 38.58 -81.22
N LYS G 190 -83.38 37.62 -82.04
CA LYS G 190 -84.13 36.37 -82.17
C LYS G 190 -83.36 35.14 -81.71
N VAL G 191 -82.09 35.00 -82.09
CA VAL G 191 -81.33 33.78 -81.87
C VAL G 191 -80.38 33.96 -80.71
N TYR G 192 -80.46 33.05 -79.73
CA TYR G 192 -79.54 33.01 -78.61
C TYR G 192 -78.94 31.61 -78.53
N ALA G 193 -77.61 31.53 -78.50
CA ALA G 193 -76.93 30.25 -78.53
C ALA G 193 -75.56 30.36 -77.88
N CYS G 194 -75.13 29.28 -77.23
CA CYS G 194 -73.80 29.20 -76.65
CA CYS G 194 -73.79 29.20 -76.66
C CYS G 194 -73.08 27.99 -77.24
N GLU G 195 -71.81 28.18 -77.59
CA GLU G 195 -70.98 27.14 -78.19
C GLU G 195 -69.79 26.87 -77.29
N VAL G 196 -69.54 25.59 -77.01
CA VAL G 196 -68.47 25.17 -76.13
C VAL G 196 -67.47 24.32 -76.91
N THR G 197 -66.20 24.66 -76.79
CA THR G 197 -65.12 23.87 -77.37
C THR G 197 -64.35 23.23 -76.21
N HIS G 198 -64.12 21.92 -76.31
CA HIS G 198 -63.46 21.19 -75.24
C HIS G 198 -62.68 20.03 -75.81
N GLN G 199 -61.70 19.57 -75.02
CA GLN G 199 -60.82 18.49 -75.46
C GLN G 199 -61.59 17.21 -75.68
N GLY G 200 -62.60 16.94 -74.84
CA GLY G 200 -63.39 15.73 -74.98
C GLY G 200 -64.33 15.73 -76.16
N LEU G 201 -64.49 16.86 -76.83
CA LEU G 201 -65.30 16.95 -78.04
C LEU G 201 -64.39 17.04 -79.25
N SER G 202 -64.58 16.14 -80.22
CA SER G 202 -63.78 16.19 -81.44
C SER G 202 -64.02 17.51 -82.18
N SER G 203 -65.27 17.94 -82.26
CA SER G 203 -65.64 19.24 -82.80
C SER G 203 -66.52 19.95 -81.79
N PRO G 204 -66.49 21.27 -81.74
CA PRO G 204 -67.32 21.99 -80.77
C PRO G 204 -68.80 21.72 -81.00
N VAL G 205 -69.54 21.66 -79.90
CA VAL G 205 -70.98 21.37 -79.92
C VAL G 205 -71.72 22.67 -79.68
N THR G 206 -72.70 22.97 -80.55
CA THR G 206 -73.46 24.22 -80.45
C THR G 206 -74.88 23.92 -80.03
N LYS G 207 -75.36 24.63 -79.02
CA LYS G 207 -76.73 24.57 -78.54
C LYS G 207 -77.40 25.92 -78.77
N SER G 208 -78.56 25.90 -79.43
CA SER G 208 -79.22 27.13 -79.85
C SER G 208 -80.65 27.15 -79.37
N PHE G 209 -81.18 28.37 -79.22
CA PHE G 209 -82.57 28.58 -78.84
C PHE G 209 -83.08 29.86 -79.48
N ASN G 210 -84.37 29.88 -79.77
CA ASN G 210 -85.05 31.04 -80.35
C ASN G 210 -86.08 31.56 -79.35
N ARG G 211 -86.05 32.87 -79.11
CA ARG G 211 -86.94 33.47 -78.12
C ARG G 211 -88.39 33.26 -78.53
N GLY G 212 -89.26 33.05 -77.54
CA GLY G 212 -90.65 32.81 -77.81
C GLY G 212 -90.98 31.42 -78.30
N GLU G 213 -90.04 30.49 -78.17
CA GLU G 213 -90.20 29.10 -78.60
C GLU G 213 -90.63 29.04 -80.06
N CYS G 214 -89.74 29.50 -80.93
CA CYS G 214 -90.00 29.53 -82.36
C CYS G 214 -89.29 28.37 -83.07
C1 NAG H . -11.87 -2.34 -36.01
C2 NAG H . -12.18 -3.71 -36.63
C3 NAG H . -11.09 -4.07 -37.62
C4 NAG H . -10.99 -2.98 -38.67
C5 NAG H . -10.72 -1.63 -37.99
C6 NAG H . -10.65 -0.48 -38.96
C7 NAG H . -13.47 -5.19 -35.16
C8 NAG H . -14.70 -4.60 -35.77
N2 NAG H . -12.30 -4.72 -35.59
O3 NAG H . -11.41 -5.32 -38.21
O4 NAG H . -9.91 -3.30 -39.55
O5 NAG H . -11.76 -1.34 -37.05
O6 NAG H . -11.95 -0.11 -39.43
O7 NAG H . -13.53 -6.06 -34.29
C1 NAG H . -10.44 -3.59 -40.86
C2 NAG H . -9.25 -3.63 -41.82
C3 NAG H . -9.74 -3.92 -43.24
C4 NAG H . -10.51 -5.23 -43.24
C5 NAG H . -11.67 -5.15 -42.24
C6 NAG H . -12.43 -6.45 -42.12
C7 NAG H . -7.32 -2.26 -41.17
C8 NAG H . -6.69 -0.91 -41.23
N2 NAG H . -8.50 -2.39 -41.78
O3 NAG H . -8.63 -4.00 -44.13
O4 NAG H . -11.05 -5.47 -44.54
O5 NAG H . -11.15 -4.85 -40.93
O6 NAG H . -11.58 -7.53 -41.75
O7 NAG H . -6.79 -3.20 -40.59
C1 NAG I . 53.66 -54.12 4.79
C2 NAG I . 54.95 -54.79 4.34
C3 NAG I . 56.11 -54.16 5.09
C4 NAG I . 56.13 -52.65 4.80
C5 NAG I . 54.79 -52.06 5.24
C6 NAG I . 54.67 -50.59 4.94
C7 NAG I . 54.50 -57.10 3.66
C8 NAG I . 54.52 -58.53 4.09
N2 NAG I . 54.90 -56.21 4.58
O3 NAG I . 57.33 -54.74 4.64
O4 NAG I . 57.19 -52.04 5.54
O5 NAG I . 53.73 -52.71 4.53
O6 NAG I . 53.31 -50.18 4.90
O7 NAG I . 54.13 -56.75 2.55
C1 NAG I . 58.16 -51.53 4.61
C2 NAG I . 58.87 -50.33 5.23
C3 NAG I . 59.90 -49.80 4.24
C4 NAG I . 60.87 -50.92 3.87
C5 NAG I . 60.09 -52.10 3.29
C6 NAG I . 60.96 -53.28 2.98
C7 NAG I . 57.50 -49.13 6.85
C8 NAG I . 56.53 -48.00 7.06
N2 NAG I . 57.94 -49.29 5.59
O3 NAG I . 60.61 -48.72 4.84
O4 NAG I . 61.80 -50.46 2.91
O5 NAG I . 59.12 -52.54 4.26
O6 NAG I . 61.05 -54.17 4.09
O7 NAG I . 57.87 -49.84 7.77
C1 NAG J . 29.38 -61.05 44.47
C2 NAG J . 29.74 -61.98 45.61
C3 NAG J . 28.47 -62.40 46.34
C4 NAG J . 27.74 -61.16 46.84
C5 NAG J . 27.45 -60.25 45.64
C6 NAG J . 26.79 -58.95 46.04
C7 NAG J . 31.80 -63.19 45.05
C8 NAG J . 32.39 -64.46 44.52
N2 NAG J . 30.47 -63.14 45.12
O3 NAG J . 28.82 -63.24 47.44
O4 NAG J . 26.52 -61.55 47.44
O5 NAG J . 28.67 -59.91 44.99
O6 NAG J . 26.80 -58.02 44.97
O7 NAG J . 32.51 -62.24 45.39
C1 NAG J . 26.53 -61.20 48.84
C2 NAG J . 25.10 -61.07 49.33
C3 NAG J . 25.10 -60.67 50.80
C4 NAG J . 25.88 -61.72 51.59
C5 NAG J . 27.29 -61.83 51.01
C6 NAG J . 28.11 -62.90 51.71
C7 NAG J . 23.37 -60.42 47.70
C8 NAG J . 22.72 -59.29 46.98
N2 NAG J . 24.36 -60.09 48.54
O3 NAG J . 23.77 -60.58 51.27
O4 NAG J . 25.95 -61.34 52.95
O5 NAG J . 27.22 -62.20 49.63
O6 NAG J . 27.76 -63.02 53.08
O7 NAG J . 23.01 -61.59 47.55
C1 NAG K . 7.73 -60.05 43.44
C2 NAG K . 7.04 -61.16 44.22
C3 NAG K . 5.77 -60.61 44.85
C4 NAG K . 6.08 -59.40 45.71
C5 NAG K . 6.81 -58.34 44.88
C6 NAG K . 7.27 -57.15 45.68
C7 NAG K . 7.13 -63.53 43.63
C8 NAG K . 6.73 -64.58 42.62
N2 NAG K . 6.74 -62.29 43.36
O3 NAG K . 5.17 -61.62 45.64
O4 NAG K . 4.87 -58.84 46.19
O5 NAG K . 7.98 -58.93 44.29
O6 NAG K . 8.41 -57.49 46.47
O7 NAG K . 7.79 -63.80 44.63
C1 NAG K . 4.85 -58.86 47.63
C2 NAG K . 3.62 -58.09 48.10
C3 NAG K . 3.57 -58.08 49.62
C4 NAG K . 3.55 -59.52 50.12
C5 NAG K . 4.77 -60.26 49.59
C6 NAG K . 4.81 -61.71 49.97
C7 NAG K . 4.55 -55.81 47.82
C8 NAG K . 4.35 -54.47 47.18
N2 NAG K . 3.61 -56.72 47.57
O3 NAG K . 2.40 -57.40 50.05
O4 NAG K . 3.57 -59.55 51.54
O5 NAG K . 4.79 -60.20 48.15
O6 NAG K . 5.52 -62.49 49.01
O7 NAG K . 5.52 -56.04 48.55
C1 NAG L . 15.05 -88.59 18.02
C2 NAG L . 14.04 -89.68 17.71
C3 NAG L . 14.69 -91.04 17.88
C4 NAG L . 15.91 -91.14 16.97
C5 NAG L . 16.87 -89.99 17.31
C6 NAG L . 18.08 -89.95 16.39
C7 NAG L . 11.63 -89.86 18.15
C8 NAG L . 10.54 -89.68 19.17
N2 NAG L . 12.86 -89.57 18.56
O3 NAG L . 13.76 -92.06 17.56
O4 NAG L . 16.56 -92.37 17.27
O5 NAG L . 16.19 -88.73 17.15
O6 NAG L . 17.70 -89.70 15.04
O7 NAG L . 11.40 -90.25 17.01
C1 NAG L . 16.85 -93.30 16.18
C2 NAG L . 16.01 -93.06 14.90
C3 NAG L . 16.48 -93.98 13.79
C4 NAG L . 17.98 -93.83 13.55
C5 NAG L . 18.76 -94.05 14.84
C6 NAG L . 20.24 -93.77 14.70
C7 NAG L . 13.63 -92.64 14.50
C8 NAG L . 12.23 -92.99 14.89
N2 NAG L . 14.60 -93.28 15.17
O3 NAG L . 15.76 -93.69 12.60
O4 NAG L . 18.42 -94.78 12.58
O5 NAG L . 18.26 -93.16 15.87
O6 NAG L . 20.92 -94.88 14.14
O7 NAG L . 13.88 -91.84 13.60
C1 NAG M . 11.16 -73.91 3.29
C2 NAG M . 10.51 -75.24 2.90
C3 NAG M . 10.50 -75.40 1.38
C4 NAG M . 9.79 -74.22 0.75
C5 NAG M . 10.46 -72.92 1.21
C6 NAG M . 9.74 -71.69 0.71
C7 NAG M . 12.27 -76.99 3.43
C8 NAG M . 13.26 -76.35 2.50
N2 NAG M . 11.06 -76.41 3.58
O3 NAG M . 9.85 -76.61 1.03
O4 NAG M . 9.90 -74.32 -0.66
O5 NAG M . 10.47 -72.83 2.63
O6 NAG M . 9.22 -70.94 1.79
O7 NAG M . 12.56 -78.00 4.07
C1 NAG M . 8.66 -74.79 -1.25
C2 NAG M . 8.56 -74.22 -2.66
C3 NAG M . 7.28 -74.71 -3.32
C4 NAG M . 7.25 -76.22 -3.30
C5 NAG M . 7.39 -76.72 -1.87
C6 NAG M . 7.46 -78.23 -1.77
C7 NAG M . 9.71 -72.08 -2.98
C8 NAG M . 9.60 -70.59 -2.92
N2 NAG M . 8.62 -72.77 -2.65
O3 NAG M . 7.22 -74.22 -4.66
O4 NAG M . 6.04 -76.70 -3.87
O5 NAG M . 8.61 -76.22 -1.30
O6 NAG M . 8.75 -78.73 -2.09
O7 NAG M . 10.76 -72.64 -3.30
C1 NAG N . -18.75 21.29 -37.59
C2 NAG N . -17.80 20.35 -36.83
C3 NAG N . -16.36 20.80 -37.02
C4 NAG N . -16.03 20.88 -38.51
C5 NAG N . -17.02 21.80 -39.20
C6 NAG N . -16.83 21.85 -40.70
C7 NAG N . -18.30 19.15 -34.75
C8 NAG N . -18.12 17.89 -35.54
N2 NAG N . -18.15 20.30 -35.42
O3 NAG N . -15.48 19.87 -36.38
O4 NAG N . -14.71 21.39 -38.69
O5 NAG N . -18.36 21.34 -38.97
O6 NAG N . -17.23 20.63 -41.31
O7 NAG N . -18.58 19.13 -33.56
C1 NAG O . 38.78 4.86 -23.60
C2 NAG O . 39.84 5.07 -24.68
C3 NAG O . 40.08 3.78 -25.45
C4 NAG O . 40.42 2.64 -24.50
C5 NAG O . 39.34 2.51 -23.43
C6 NAG O . 39.68 1.50 -22.36
C7 NAG O . 38.41 6.22 -26.33
C8 NAG O . 38.25 7.43 -27.20
N2 NAG O . 39.51 6.17 -25.58
O3 NAG O . 41.13 3.96 -26.39
O4 NAG O . 40.52 1.42 -25.20
O5 NAG O . 39.14 3.76 -22.75
O6 NAG O . 38.74 1.55 -21.30
O7 NAG O . 37.55 5.33 -26.32
C1 NAG P . 22.17 25.76 -16.63
C2 NAG P . 20.67 25.79 -16.89
C3 NAG P . 20.33 24.82 -18.01
C4 NAG P . 21.13 25.18 -19.26
C5 NAG P . 22.62 25.17 -18.93
C6 NAG P . 23.48 25.62 -20.09
C7 NAG P . 19.52 26.38 -14.81
C8 NAG P . 18.76 25.87 -13.62
N2 NAG P . 19.93 25.45 -15.68
O3 NAG P . 18.94 24.88 -18.31
O4 NAG P . 20.87 24.23 -20.30
O5 NAG P . 22.89 26.08 -17.85
O6 NAG P . 22.75 25.61 -21.32
O7 NAG P . 19.75 27.57 -14.97
C1 NAG Q . 48.64 6.38 12.67
C2 NAG Q . 49.81 5.86 11.82
C3 NAG Q . 50.95 5.39 12.70
C4 NAG Q . 51.38 6.51 13.63
C5 NAG Q . 50.17 7.01 14.43
C6 NAG Q . 50.49 8.22 15.30
C7 NAG Q . 48.75 3.70 11.22
C8 NAG Q . 48.42 2.76 10.10
N2 NAG Q . 49.38 4.82 10.88
O3 NAG Q . 52.03 5.02 11.87
O4 NAG Q . 52.41 6.07 14.51
O5 NAG Q . 49.12 7.42 13.55
O6 NAG Q . 51.47 7.91 16.27
O7 NAG Q . 48.48 3.42 12.39
C1 NAG R . 18.38 -21.21 -25.65
C2 NAG R . 17.00 -21.39 -26.29
C3 NAG R . 16.86 -22.78 -26.91
C4 NAG R . 18.01 -23.07 -27.87
C5 NAG R . 19.35 -22.84 -27.18
C6 NAG R . 20.52 -22.95 -28.13
C7 NAG R . 15.25 -20.01 -25.26
C8 NAG R . 14.19 -19.94 -24.21
N2 NAG R . 15.94 -21.16 -25.33
O3 NAG R . 15.61 -22.87 -27.60
O4 NAG R . 17.94 -24.42 -28.31
O5 NAG R . 19.41 -21.54 -26.59
O6 NAG R . 20.75 -21.73 -28.81
O7 NAG R . 15.48 -19.07 -26.02
C1 NAG S . 32.58 -71.35 -12.38
C2 NAG S . 31.94 -72.75 -12.27
C3 NAG S . 32.29 -73.59 -13.49
C4 NAG S . 31.86 -72.87 -14.75
C5 NAG S . 32.50 -71.48 -14.79
C6 NAG S . 32.06 -70.66 -15.98
C7 NAG S . 31.62 -73.50 -9.95
C8 NAG S . 32.23 -74.23 -8.80
N2 NAG S . 32.37 -73.42 -11.05
O3 NAG S . 31.62 -74.85 -13.40
O4 NAG S . 32.28 -73.61 -15.89
O5 NAG S . 32.16 -70.73 -13.61
O6 NAG S . 31.57 -71.49 -17.02
O7 NAG S . 30.50 -73.01 -9.89
C1 NAG T . 57.34 -39.77 20.68
C2 NAG T . 58.82 -40.04 20.96
C3 NAG T . 59.56 -38.74 21.31
C4 NAG T . 59.25 -37.64 20.30
C5 NAG T . 57.75 -37.51 20.12
C6 NAG T . 57.37 -36.50 19.08
C7 NAG T . 58.59 -40.86 23.28
C8 NAG T . 58.86 -42.00 24.21
N2 NAG T . 58.99 -41.03 22.02
O3 NAG T . 60.95 -38.98 21.36
O4 NAG T . 59.78 -36.41 20.75
O5 NAG T . 57.21 -38.77 19.69
O6 NAG T . 58.48 -35.70 18.70
O7 NAG T . 58.03 -39.83 23.66
C1 NAG U . 35.71 -86.04 -6.16
C2 NAG U . 35.47 -85.81 -7.65
C3 NAG U . 34.20 -86.53 -8.09
C4 NAG U . 34.28 -88.01 -7.73
C5 NAG U . 34.55 -88.17 -6.23
C6 NAG U . 34.74 -89.61 -5.81
C7 NAG U . 35.68 -83.88 -9.15
C8 NAG U . 35.53 -82.40 -9.28
N2 NAG U . 35.40 -84.40 -7.95
O3 NAG U . 34.00 -86.38 -9.48
O4 NAG U . 33.06 -88.67 -8.06
O5 NAG U . 35.74 -87.45 -5.88
O6 NAG U . 35.72 -89.70 -4.78
O7 NAG U . 36.04 -84.59 -10.08
C1 NAG V . 51.60 -73.16 -2.55
C2 NAG V . 52.79 -73.34 -3.48
C3 NAG V . 53.53 -74.63 -3.13
C4 NAG V . 53.94 -74.61 -1.67
C5 NAG V . 52.71 -74.38 -0.79
C6 NAG V . 53.07 -74.23 0.67
C7 NAG V . 52.40 -72.23 -5.63
C8 NAG V . 51.96 -72.41 -7.05
N2 NAG V . 52.38 -73.34 -4.87
O3 NAG V . 54.66 -74.78 -3.97
O4 NAG V . 54.57 -75.83 -1.31
O5 NAG V . 52.04 -73.16 -1.18
O6 NAG V . 54.09 -73.25 0.85
O7 NAG V . 52.78 -71.16 -5.20
C1 NAG W . 43.15 -60.64 -10.18
C2 NAG W . 44.04 -59.41 -10.09
C3 NAG W . 43.48 -58.31 -10.99
C4 NAG W . 43.34 -58.82 -12.42
C5 NAG W . 42.48 -60.07 -12.43
C6 NAG W . 42.40 -60.71 -13.80
C7 NAG W . 45.24 -58.38 -8.22
C8 NAG W . 45.16 -57.95 -6.78
N2 NAG W . 44.13 -58.93 -8.72
O3 NAG W . 44.36 -57.18 -10.96
O4 NAG W . 42.74 -57.82 -13.24
O5 NAG W . 43.04 -61.06 -11.55
O6 NAG W . 41.83 -59.82 -14.75
O7 NAG W . 46.26 -58.25 -8.88
C1 NAG X . 7.25 42.00 14.25
C2 NAG X . 8.08 41.14 15.21
C3 NAG X . 7.31 40.90 16.49
C4 NAG X . 6.91 42.23 17.11
C5 NAG X . 6.11 43.05 16.10
C6 NAG X . 5.78 44.44 16.62
C7 NAG X . 9.73 39.39 14.76
C8 NAG X . 10.00 38.08 14.08
N2 NAG X . 8.49 39.88 14.61
O3 NAG X . 8.12 40.17 17.41
O4 NAG X . 6.12 42.02 18.28
O5 NAG X . 6.88 43.23 14.90
O6 NAG X . 6.02 44.54 18.01
O7 NAG X . 10.60 39.98 15.39
C1 NAG Y . 35.13 31.16 22.04
C2 NAG Y . 35.05 30.56 23.45
C3 NAG Y . 36.45 30.42 24.05
C4 NAG Y . 37.35 29.63 23.12
C5 NAG Y . 37.36 30.25 21.72
C6 NAG Y . 38.12 29.41 20.71
C7 NAG Y . 33.36 30.80 25.21
C8 NAG Y . 32.55 31.77 26.02
N2 NAG Y . 34.19 31.35 24.32
O3 NAG Y . 36.36 29.77 25.31
O4 NAG Y . 38.68 29.62 23.62
O5 NAG Y . 36.02 30.38 21.21
O6 NAG Y . 38.10 28.04 21.06
O7 NAG Y . 33.26 29.59 25.35
C1 NAG Z . 57.88 -54.07 31.06
C2 NAG Z . 58.89 -54.83 30.21
C3 NAG Z . 60.21 -54.95 30.95
C4 NAG Z . 60.72 -53.58 31.35
C5 NAG Z . 59.65 -52.85 32.17
C6 NAG Z . 60.04 -51.43 32.50
C7 NAG Z . 57.58 -56.37 28.83
C8 NAG Z . 57.14 -57.79 28.65
N2 NAG Z . 58.38 -56.15 29.88
O3 NAG Z . 61.16 -55.60 30.11
O4 NAG Z . 61.91 -53.69 32.12
O5 NAG Z . 58.43 -52.78 31.43
O6 NAG Z . 61.45 -51.32 32.68
O7 NAG Z . 57.22 -55.49 28.07
C1 NAG AA . 62.31 -69.19 27.77
C2 NAG AA . 63.15 -68.18 28.54
C3 NAG AA . 64.31 -67.70 27.69
C4 NAG AA . 65.14 -68.89 27.21
C5 NAG AA . 64.23 -69.87 26.48
C6 NAG AA . 64.95 -71.14 26.07
C7 NAG AA . 62.14 -66.74 30.26
C8 NAG AA . 61.28 -65.54 30.51
N2 NAG AA . 62.35 -67.05 28.98
O3 NAG AA . 65.13 -66.84 28.47
O4 NAG AA . 66.15 -68.45 26.31
O5 NAG AA . 63.15 -70.27 27.32
O6 NAG AA . 66.21 -70.85 25.49
O7 NAG AA . 62.58 -67.42 31.18
C1 NAG BA . 47.96 -69.72 42.47
C2 NAG BA . 47.69 -69.87 43.96
C3 NAG BA . 48.06 -71.28 44.43
C4 NAG BA . 47.31 -72.31 43.60
C5 NAG BA . 47.59 -72.08 42.12
C6 NAG BA . 46.81 -73.01 41.23
C7 NAG BA . 49.72 -68.73 44.79
C8 NAG BA . 50.23 -67.61 45.65
N2 NAG BA . 48.38 -68.86 44.74
O3 NAG BA . 47.74 -71.42 45.81
O4 NAG BA . 47.73 -73.62 43.97
O5 NAG BA . 47.25 -70.74 41.74
O6 NAG BA . 47.28 -74.35 41.34
O7 NAG BA . 50.48 -69.46 44.17
C1 NAG CA . -33.16 -3.97 43.83
C2 NAG CA . -34.16 -5.11 44.04
C3 NAG CA . -34.11 -5.57 45.49
C4 NAG CA . -32.68 -6.00 45.82
C5 NAG CA . -31.73 -4.84 45.54
C6 NAG CA . -30.29 -5.20 45.79
C7 NAG CA . -36.01 -4.86 42.46
C8 NAG CA . -37.42 -4.36 42.27
N2 NAG CA . -35.50 -4.69 43.69
O3 NAG CA . -35.00 -6.67 45.66
O4 NAG CA . -32.60 -6.36 47.19
O5 NAG CA . -31.83 -4.42 44.17
O6 NAG CA . -30.01 -6.53 45.37
O7 NAG CA . -35.39 -5.39 41.55
C1 NAG DA . 10.28 -76.43 35.31
C2 NAG DA . 11.32 -76.80 36.37
C3 NAG DA . 10.84 -77.97 37.22
C4 NAG DA . 9.49 -77.64 37.82
C5 NAG DA . 8.49 -77.26 36.73
C6 NAG DA . 7.14 -76.83 37.25
C7 NAG DA . 12.83 -78.13 34.95
C8 NAG DA . 14.23 -78.27 34.44
N2 NAG DA . 12.61 -77.10 35.77
O3 NAG DA . 11.77 -78.29 38.24
O4 NAG DA . 8.99 -78.77 38.53
O5 NAG DA . 9.02 -76.17 35.95
O6 NAG DA . 6.12 -76.93 36.26
O7 NAG DA . 11.94 -78.91 34.61
C1 NAG EA . 20.30 -87.92 37.36
C2 NAG EA . 21.43 -88.10 38.35
C3 NAG EA . 20.87 -88.09 39.76
C4 NAG EA . 20.10 -86.80 40.00
C5 NAG EA . 19.00 -86.66 38.95
C6 NAG EA . 18.26 -85.34 39.06
C7 NAG EA . 23.34 -89.37 37.47
C8 NAG EA . 23.95 -90.73 37.30
N2 NAG EA . 22.16 -89.33 38.10
O3 NAG EA . 21.94 -88.20 40.70
O4 NAG EA . 19.51 -86.83 41.29
O5 NAG EA . 19.59 -86.69 37.63
O6 NAG EA . 17.57 -85.03 37.85
O7 NAG EA . 23.90 -88.35 37.07
C1 NAG FA . 16.47 -62.78 -14.42
C2 NAG FA . 16.99 -63.55 -15.63
C3 NAG FA . 16.55 -62.86 -16.91
C4 NAG FA . 15.04 -62.74 -16.93
C5 NAG FA . 14.57 -61.99 -15.69
C6 NAG FA . 13.07 -61.88 -15.57
C7 NAG FA . 19.11 -64.80 -15.44
C8 NAG FA . 20.60 -64.67 -15.40
N2 NAG FA . 18.44 -63.64 -15.58
O3 NAG FA . 17.00 -63.62 -18.03
O4 NAG FA . 14.63 -62.01 -18.09
O5 NAG FA . 15.04 -62.65 -14.51
O6 NAG FA . 12.67 -61.30 -14.34
O7 NAG FA . 18.54 -65.87 -15.34
#